data_6CAQ
#
_entry.id   6CAQ
#
_cell.length_a   400.970
_cell.length_b   400.970
_cell.length_c   175.050
_cell.angle_alpha   90.000
_cell.angle_beta   90.000
_cell.angle_gamma   90.000
#
_symmetry.space_group_name_H-M   'P 41 21 2'
#
loop_
_entity.id
_entity.type
_entity.pdbx_description
1 polymer '16S Ribosomal RNA rRNA'
2 polymer '30S ribosomal protein S2'
3 polymer '30S ribosomal protein S3'
4 polymer '30S ribosomal protein S4'
5 polymer '30S ribosomal protein S5'
6 polymer '30S ribosomal protein S6'
7 polymer '30S ribosomal protein S7'
8 polymer '30S ribosomal protein S8'
9 polymer '30S ribosomal protein S9'
10 polymer '30S ribosomal protein S10'
11 polymer '30S ribosomal protein S11'
12 polymer '30S ribosomal protein S12'
13 polymer '30S ribosomal protein S13'
14 polymer '30S ribosomal protein S14 type Z'
15 polymer '30S ribosomal protein S15'
16 polymer '30S ribosomal protein S16'
17 polymer '30S ribosomal protein S17'
18 polymer '30S ribosomal protein S18'
19 polymer '30S ribosomal protein S19'
20 polymer '30S ribosomal protein S20'
21 polymer '30S ribosomal protein Thx'
22 polymer "RNA (5'-R(*UP*UP*UP*UP*UP*U)-3')"
23 polymer "RNA (5'-R(*GP*GP*GP*AP*UP*UP*GP*AP*AP*AP*AP*UP*CP*CP*C)-3')"
24 non-polymer 'MAGNESIUM ION'
25 non-polymer N-[(1R,2S,3S,4R,5S)-5-amino-4-{[(2S,3R)-3-amino-6-(aminomethyl)-3,4-dihydro-2H-pyran-2-yl]oxy}-2-{[3-deoxy-4-C-methyl-3-(methylamino)-beta-L-arabinopyranosyl]oxy}-3-hydroxycyclohexyl]methanesulfonamide
26 non-polymer 'ZINC ION'
27 water water
#
loop_
_entity_poly.entity_id
_entity_poly.type
_entity_poly.pdbx_seq_one_letter_code
_entity_poly.pdbx_strand_id
1 'polyribonucleotide'
;UUUGUUGGAGAGUCUGAUCCUGGCUCAGGGUGAACGCUGGCGGCGUGCCUAAGACAUGCAAGUCGUGCGGGCCGCGGGGU
UUUACUCCGUGGUCAGCGGCGGACGGGUGAGUAACGCGUGGGUGACCUACCCGGAAGAGGGGGACAACCCGGGGAAACUC
GGGCUAAUCCCCCAUGUGGACCCGCCCCUUGGGGUGUGUCCAAAGGGCUUUGCCCGCUUCCGGAUGGGCCCGCGUCCCAU
CAGCUAGUUGGUGGGGUAAUGGCCCACCAAGGCGACGACGGGUAGCCGGUCUGAGAGGAUGGCCGGCCACAGGGGCACUG
AGACACGGGCCCCACUCCUACGGGAGGCAGCAGUUAGGAAUCUUCCGCAAUGGGCGCAAGCCUGACGGAGCGACGCCGCU
UGGAGGAAGAAGCCCUUCGGGGUGUAAACUCCUGAACCCGGGACGAAACCCCCGACGAGGGGACUGACGGUACCGGGGUA
AUAGCGCCGGCCAACUCCG(PSU)GCCAGCAGCC(G7M)CGGUAAUACGGAGGGCGCGAGCGUUACCCGGAUUCACUGGG
CGUAAAGGGCGUGUAGGCGGCCUGGGGCGUCCCAUGUGAAAGACCACGGCUCAACCGUGGGGGAGCGUGGGAUACGCUCA
GGCUAGACGGUGGGAGAGGGUGGUGGAAUUCCCGGAGUAGCGGUGAAAUGCGCAGAUACCGGGAGGAACGCCGAUGGCGA
AGGCAGCCACCUGGUCCACCCGUGACGCUGAGGCGCGAAAGCGUGGGGAGCAAACCGGAUUAGAUACCCGGGUAGUCCAC
GCCCUAAACGAUGCGCGCUAGGUCUCUGGGUCUCCUGGGGGCCGAAGCUAACGCGUUAAGCGCGCCGCCUGGGGAGUACG
GCCGCAAGGCUGAAACUCAAAGGAAUUGACGGGGGCCCGCACAAGCGGUGGAGCAUGUGGUUUAAUUCGAA(M2G)
(5MC)AACGCGAAGAACCUUACCAGGCCUUGACAUGCUAGGGAACCCGGGUGAAAGCCUGGGGUGCCCCGCGAGGGGAGC
CCUAGCACAGGUGCUGCAUGGCCGUCGUCAGCUCGUGCCGUGAGGUGUUGGGUUAAGUCCCGCAACGAGCGCAACCCCCG
CCGUUAGUUGCCAGCGGUUCGGCCGGGCACUCUAACGGGACUGCCCGCGAAAGCGGGAGGAAGGAGGGGACGACGUCUGG
UCAGCAUG(2MG)CCCUUACGGCCUGGGCGACACACGUGCUACAAUGCCCACUACAAAGCGAUGCCACCCGGCAACGGGG
AGCUAAUCGCAAAAAGGUGGGCCCAGUUCGGAUUGGGGUCUGCAACCCGACCCCAUGAAGCCGGAAUCGCUAGUAAUCGC
GGAUCAGCCAUGCCGCGGUGAAUACGUUCCCGGGCCUUGUACACAC(5MC)G(4OC)C(5MC)GU(5MC)ACGCCAUGGG
AGCGGGCUCUACCCGAAGUCGCCGGGAGCCUACGGGCAGGCGCCGAGGGUAGGGCCCGUGACUGGGGCGAAGUCG(UR3)
AACAAGGUAGCUGUACCGG(MA6)(MA6)GGUGCGGCUGGAUCACCUCC(PSU)(PSU)UCU
;
A
2 'polypeptide(L)'
;VKELLEAGVHFGHERKRWNPKFARYIYAERNGIHIIDLQKTMEELERTFRFIEDLAMRGGTILFVGTKKQAQDIVRMEAE
RAGMPYVNQRWLGGMLTNFKTISQRVHRLEELEALFASPEIEERPKKEQVRLKHELERLQKYLSGFRLLKRLPDAIFVVD
PTKEAIAVREARKLFIPVIALADTDSDPDLVDYIIPGNDDAIRSIQLILSRAVDLIIQARGGVVEPSPSYALVQ
;
B
3 'polypeptide(L)'
;GNKIHPIGFRLGITRDWESRWYAGKKQYRHLLLEDQRIRGLLEKELYSAGLARVDIERAADNVAVTVHVAKPGVVIGRGG
ERIRVLREELAKLTGKNVALNVQEVQNPNLSAPLVAQRVAEQIERRFAVRRAIKQAVQRVMESGAKGAKVIVSGRIGGAE
QARTEWAAQGRVPLHTLRANIDYGFALARTTYGVLGVKAYIFLGEV
;
C
4 'polypeptide(L)'
;GRYIGPVCRLCRREGVKLYLKGERCYSPKCAMERRPYPPGQHGQKRARRPSDYAVRLREKQKLRRIYGISERQFRNLFEE
ASKKKGVTGSVFLGLLESRLDNVVYRLGFAVSRRQARQLVRHGHITVNGRRVDLPSYRVRPGDEIAVAEKSRNLELIRQN
LEAMKGRKVGPWLSLDVEGMKGKFLRLPDREDLALPVNEQLVIEFYSR
;
D
5 'polypeptide(L)'
;DFEEKMILIRRTARMQAGGRRFRFGALVVVGDRQGRVGLGFGKAPEVPLAVQKAGYYARRNMVEVPLQNGTIPHEIEVEF
GASKIVLKPAAPGTGVIAGAVPRAILELAGVTDILTKELGSRNPINIAYATMEALRQLRTKADVERLRKG
;
E
6 'polypeptide(L)'
;MRRYEVNIVLNPNLDQSQLALEKEIIQRALENYGARVEKVEELGLRRLAYPIAKDPQGYFLWYQVEMPEDRVNDLARELR
IRDNVRRVMVVKSQEPFLANA
;
F
7 'polypeptide(L)'
;ARRRRAEVRQLQPDLVYGDVLVTAFINKIMRDGKKNLAARIFYDACKIIQEKTGQEPLKVFKQAVENVKPRMEVRSRRVG
GANYQVPMEVSPRRQQSLALRWLVQAANQRPERRAAVRIAHELMDAAEGKGGAVKKKEDVERMAEANRAYAHYRW
;
G
8 'polypeptide(L)'
;MLTDPIADMLTRIRNATRVYKESTDVPASRFKEEILRILAREGFIKGYERVDVDGKPYLRVYLKYGPRRQGPDPRPEQVI
HHIRRISKPGRRVYVGVKEIPRVRRGLGIAILSTSKGVLTDREARKLGVGGELICEVW
;
H
9 'polypeptide(L)'
;EQYYGTGRRKEAVARVFLRPGNGKVTVNGQDFNEYFQGLVRAVAALEPLRAVDALGHFDAYITVRGGGKSGQIDAIKLGI
ARALVQYNPDYRAKLKPLGFLTRDARVVERKKYGKHKARRAPQYSKR
;
I
10 'polypeptide(L)'
;KIRIKLRGFDHKTLDASAQKIVEAARRSGAQVSGPIPLPTRVRRFTVIRGPFKHKDSREHFELRTHNRLVDIINPNRKTI
EQLMTLDLPTGVEIEIKT
;
J
11 'polypeptide(L)'
;KRQVASGRAYIHASYNNTIVTITDPDGNPITWSSGGVIGYKGSRKGTPYAAQLAALDAAKKAMAYGMQSVDVIVRGTGAG
REQAIRALQASGLQVKSIVDDTPVPHNGCRPKKKFR
;
K
12 'polypeptide(L)'
;PTINQLVRKGREKVRKKSKVPALKGAPFRRGVCTVVRTVTPKKPNSALRKVAKVRLTSGYEVTAYIPGEGHNLQEHSVVL
IRGGRVK(0TD)LPGVRYHIVRGVYDAAGVKDRKKSRSKYGTKKPKEA
;
L
13 'polypeptide(L)'
;ARIAGVEIPRNKRVDVALTYIYGIGKARAKEALEKTGINPATRVKDLTEAEVVRLREYVENTWKLEGELRAEVAANIKRL
MDIGCYRGLRHRRGLPVRGQRTRTNARTRKGPRKTVAG
;
M
14 'polypeptide(L)' ARKALIEKAKRTPKFKVRAYTRCVRCGRARSVYRFFGLCRICLRELAHKGQLPGVRKASW N
15 'polypeptide(L)'
;PITKEEKQKVIQEFARFPGDTGSTEVQVALLTLRINRLSEHLKVHKKDHHSHRGLLMMVGQRRRLLRYLQREDPERYRAL
IEKLGIR
;
O
16 'polypeptide(L)'
;MVKIRLARFGSKHNPHYRIVVTDARRKRDGKYIEKIGYYDPRKTTPDWLKVDVERARYWLSVGAQPTDTARRLLRQAGVF
RQE
;
P
17 'polypeptide(L)'
;PKKVLTGVVVSDKMQKTVTVLVERQFPHPLYGKVIKRSKKYLAHDPEEKYKLGDVVEIIESRPISKRKRFRVLRLVESGR
MDLVEKYLIRRQNYQSLSK
;
Q
18 'polypeptide(L)' KAKVKATLGEFDLRDYRNVEVLKRFLSETGKILPRRRTGLSAKEQRILAKTIKRARILGLLPFTEKLVRK R
19 'polypeptide(L)' PRSLKKGVFVDDHLLEKVLELNAKGEKRLIKTWSRRSTIVPEMVGHTIAVYNGKQHVPVYITENMVGHKLGEFAPTRTYR S
20 'polypeptide(L)'
;RNLSALKRHRQSLKRRLRNKAKKSAIKTLSKKAIQLAQEGKAEEALKIMRKAESLIDKAAKGSTLHKNAAARRKSRLMRK
VRQLLEAAGAPLIGGGLSA
;
T
21 'polypeptide(L)' GKGDRRTRRGKIWRGTYGKYRPRK U
22 'polyribonucleotide' UUUUUU Y
23 'polyribonucleotide' GGGAUUGAAAAUCCC W
#
loop_
_chem_comp.id
_chem_comp.type
_chem_comp.name
_chem_comp.formula
2MG RNA linking 2N-METHYLGUANOSINE-5'-MONOPHOSPHATE 'C11 H16 N5 O8 P'
4OC RNA linking 4N,O2'-METHYLCYTIDINE-5'-MONOPHOSPHATE 'C11 H18 N3 O8 P'
5MC RNA linking 5-METHYLCYTIDINE-5'-MONOPHOSPHATE 'C10 H16 N3 O8 P'
A RNA linking ADENOSINE-5'-MONOPHOSPHATE 'C10 H14 N5 O7 P'
C RNA linking CYTIDINE-5'-MONOPHOSPHATE 'C9 H14 N3 O8 P'
EUS saccharide N-[(1R,2S,3S,4R,5S)-5-amino-4-{[(2S,3R)-3-amino-6-(aminomethyl)-3,4-dihydro-2H-pyran-2-yl]oxy}-2-{[3-deoxy-4-C-methyl-3-(methylamino)-beta-L-arabinopyranosyl]oxy}-3-hydroxycyclohexyl]methanesulfonamide 'C20 H39 N5 O9 S'
G RNA linking GUANOSINE-5'-MONOPHOSPHATE 'C10 H14 N5 O8 P'
G7M RNA linking N7-METHYL-GUANOSINE-5'-MONOPHOSPHATE 'C11 H17 N5 O8 P 1'
M2G RNA linking N2-DIMETHYLGUANOSINE-5'-MONOPHOSPHATE 'C12 H18 N5 O8 P'
MA6 RNA linking 6N-DIMETHYLADENOSINE-5'-MONOPHOSHATE 'C12 H18 N5 O7 P'
MG non-polymer 'MAGNESIUM ION' 'Mg 2'
PSU RNA linking PSEUDOURIDINE-5'-MONOPHOSPHATE 'C9 H13 N2 O9 P'
U RNA linking URIDINE-5'-MONOPHOSPHATE 'C9 H13 N2 O9 P'
UR3 RNA linking 3-METHYLURIDINE-5'-MONOPHOSHATE 'C10 H15 N2 O9 P'
ZN non-polymer 'ZINC ION' 'Zn 2'
#
# COMPACT_ATOMS: atom_id res chain seq x y z
N1 PSU A 500 28.47 5.42 -28.78
C2 PSU A 500 27.30 5.57 -28.07
N3 PSU A 500 27.16 6.63 -27.20
C4 PSU A 500 28.19 7.54 -27.05
C5 PSU A 500 29.38 7.38 -27.75
C6 PSU A 500 29.49 6.30 -28.63
O2 PSU A 500 26.36 4.77 -28.20
O4 PSU A 500 28.04 8.48 -26.27
C1' PSU A 500 30.51 8.36 -27.59
C2' PSU A 500 31.29 8.24 -26.27
O2' PSU A 500 31.60 9.54 -25.81
C3' PSU A 500 32.56 7.53 -26.73
C4' PSU A 500 32.76 8.03 -28.15
O3' PSU A 500 33.69 7.83 -25.91
O4' PSU A 500 31.41 8.21 -28.65
C5' PSU A 500 33.51 7.10 -29.07
O5' PSU A 500 32.81 5.87 -29.23
P PSU A 500 32.95 5.01 -30.57
OP1 PSU A 500 34.41 4.79 -30.51
OP2 PSU A 500 31.96 3.91 -30.55
P G7M A 511 12.75 13.66 -10.87
OP1 G7M A 511 12.36 12.47 -10.08
OP2 G7M A 511 13.87 14.55 -10.47
O5' G7M A 511 13.02 13.19 -12.36
C5' G7M A 511 14.29 12.83 -12.85
C4' G7M A 511 14.18 12.65 -14.33
O4' G7M A 511 14.27 13.95 -14.98
C3' G7M A 511 15.24 11.79 -15.00
O3' G7M A 511 14.86 10.43 -15.08
C2' G7M A 511 15.38 12.45 -16.37
O2' G7M A 511 14.31 12.07 -17.22
C1' G7M A 511 15.21 13.90 -16.01
N9 G7M A 511 16.47 14.46 -15.49
C8 G7M A 511 16.89 14.54 -14.20
N7 G7M A 511 18.11 15.11 -14.18
CN7 G7M A 511 18.86 15.36 -13.00
C5 G7M A 511 18.47 15.41 -15.50
C6 G7M A 511 19.60 16.01 -16.17
O6 G7M A 511 20.57 16.42 -15.54
N1 G7M A 511 19.58 16.15 -17.54
C2 G7M A 511 18.52 15.70 -18.26
N2 G7M A 511 18.49 15.83 -19.68
N3 G7M A 511 17.48 15.15 -17.68
C4 G7M A 511 17.43 15.00 -16.30
P M2G A 944 28.97 -16.14 -0.66
OP1 M2G A 944 27.66 -16.54 -1.23
OP2 M2G A 944 29.01 -15.14 0.42
O5' M2G A 944 29.78 -17.44 -0.22
C5' M2G A 944 30.46 -17.57 1.02
C4' M2G A 944 29.55 -17.88 2.18
O4' M2G A 944 28.99 -16.70 2.75
C3' M2G A 944 28.33 -18.74 1.91
O3' M2G A 944 28.64 -20.10 1.67
C2' M2G A 944 27.48 -18.49 3.16
O2' M2G A 944 27.87 -19.35 4.21
C1' M2G A 944 27.87 -17.06 3.54
N9 M2G A 944 26.77 -16.10 3.33
C8 M2G A 944 26.71 -15.03 2.42
N7 M2G A 944 25.56 -14.35 2.50
C5 M2G A 944 24.84 -14.99 3.49
C6 M2G A 944 23.53 -14.67 3.98
O6 M2G A 944 22.74 -13.77 3.65
N1 M2G A 944 23.11 -15.57 5.02
C2 M2G A 944 23.91 -16.63 5.49
N2 M2G A 944 23.33 -17.40 6.50
N3 M2G A 944 25.13 -16.94 5.04
C4 M2G A 944 25.57 -16.08 4.02
CM1 M2G A 944 24.05 -18.51 7.10
CM2 M2G A 944 21.96 -17.15 6.99
P 5MC A 945 27.59 -21.05 0.89
OP1 5MC A 945 28.17 -22.41 0.67
OP2 5MC A 945 27.05 -20.27 -0.27
O5' 5MC A 945 26.40 -21.22 1.93
C5' 5MC A 945 26.57 -21.95 3.14
C4' 5MC A 945 25.31 -21.90 3.94
O4' 5MC A 945 24.89 -20.54 4.02
C3' 5MC A 945 24.13 -22.59 3.27
O3' 5MC A 945 24.08 -23.97 3.61
C2' 5MC A 945 22.90 -21.80 3.72
O2' 5MC A 945 22.27 -22.43 4.83
C1' 5MC A 945 23.50 -20.47 4.18
N1 5MC A 945 23.02 -19.30 3.42
C2 5MC A 945 21.77 -18.70 3.76
O2 5MC A 945 21.09 -19.14 4.66
N3 5MC A 945 21.35 -17.56 3.03
C4 5MC A 945 22.13 -17.10 2.05
N4 5MC A 945 21.62 -15.99 1.39
C5 5MC A 945 23.40 -17.70 1.70
C6 5MC A 945 23.79 -18.79 2.42
CM5 5MC A 945 24.24 -17.11 0.56
P 2MG A 1189 24.14 -9.97 -33.80
OP1 2MG A 1189 23.70 -9.15 -34.97
OP2 2MG A 1189 24.89 -11.22 -34.02
O5' 2MG A 1189 24.94 -9.03 -32.81
C5' 2MG A 1189 24.43 -7.76 -32.46
C4' 2MG A 1189 25.25 -7.09 -31.40
O4' 2MG A 1189 25.15 -7.84 -30.17
C3' 2MG A 1189 26.74 -7.00 -31.65
O3' 2MG A 1189 27.09 -5.93 -32.50
C2' 2MG A 1189 27.30 -6.87 -30.25
O2' 2MG A 1189 27.08 -5.56 -29.76
C1' 2MG A 1189 26.39 -7.84 -29.50
N9 2MG A 1189 26.93 -9.20 -29.50
C8 2MG A 1189 26.48 -10.33 -30.25
N7 2MG A 1189 27.22 -11.42 -30.02
C5 2MG A 1189 28.17 -11.00 -29.08
C6 2MG A 1189 29.21 -11.79 -28.50
O6 2MG A 1189 29.50 -12.97 -28.66
N1 2MG A 1189 30.02 -11.05 -27.59
C2 2MG A 1189 29.80 -9.69 -27.32
N2 2MG A 1189 30.66 -9.10 -26.40
CM2 2MG A 1189 30.37 -7.85 -25.70
N3 2MG A 1189 28.82 -8.94 -27.86
C4 2MG A 1189 28.02 -9.63 -28.75
P 5MC A 1383 19.43 -6.53 9.62
OP1 5MC A 1383 18.80 -7.69 8.92
OP2 5MC A 1383 20.19 -6.78 10.88
O5' 5MC A 1383 20.42 -5.82 8.59
C5' 5MC A 1383 20.76 -4.44 8.70
C4' 5MC A 1383 21.79 -4.03 7.68
O4' 5MC A 1383 22.69 -5.15 7.45
C3' 5MC A 1383 21.24 -3.63 6.31
O3' 5MC A 1383 22.08 -2.62 5.76
C2' 5MC A 1383 21.43 -4.90 5.49
O2' 5MC A 1383 21.53 -4.67 4.10
C1' 5MC A 1383 22.72 -5.46 6.07
N1 5MC A 1383 22.91 -6.91 5.92
C2 5MC A 1383 23.81 -7.43 4.90
O2 5MC A 1383 24.40 -6.69 4.14
N3 5MC A 1383 23.98 -8.82 4.79
C4 5MC A 1383 23.33 -9.62 5.63
N4 5MC A 1383 23.56 -10.95 5.45
C5 5MC A 1383 22.44 -9.15 6.65
C6 5MC A 1383 22.27 -7.79 6.76
CM5 5MC A 1383 21.75 -10.16 7.56
P 4OC A 1385 19.19 2.91 3.68
OP1 4OC A 1385 19.21 3.54 2.33
OP2 4OC A 1385 20.48 2.64 4.38
O5' 4OC A 1385 18.27 3.77 4.65
CM2 4OC A 1385 14.48 7.57 8.30
C5' 4OC A 1385 17.15 4.50 4.16
C4' 4OC A 1385 16.36 5.09 5.29
O4' 4OC A 1385 16.40 4.17 6.41
C3' 4OC A 1385 16.87 6.40 5.87
C2' 4OC A 1385 16.26 6.39 7.27
O2' 4OC A 1385 14.89 6.76 7.23
C1' 4OC A 1385 16.33 4.90 7.62
N1 4OC A 1385 17.53 4.58 8.43
C2 4OC A 1385 17.59 4.98 9.80
O2 4OC A 1385 16.67 5.56 10.28
N3 4OC A 1385 18.74 4.67 10.55
C4 4OC A 1385 19.74 4.03 9.95
N4 4OC A 1385 20.86 3.73 10.72
C5 4OC A 1385 19.71 3.62 8.59
C6 4OC A 1385 18.58 3.93 7.87
CM4 4OC A 1385 21.10 4.34 12.03
O3' 4OC A 1385 16.51 7.53 5.10
P 5MC A 1387 19.02 13.57 8.66
OP1 5MC A 1387 18.28 14.75 8.13
OP2 5MC A 1387 20.19 13.07 7.91
O5' 5MC A 1387 19.47 13.92 10.14
C5' 5MC A 1387 18.50 14.17 11.14
C4' 5MC A 1387 19.14 14.35 12.48
O4' 5MC A 1387 19.61 13.07 12.95
C3' 5MC A 1387 20.38 15.23 12.52
O3' 5MC A 1387 20.09 16.61 12.54
C2' 5MC A 1387 21.07 14.74 13.78
O2' 5MC A 1387 20.40 15.24 14.93
C1' 5MC A 1387 20.79 13.24 13.70
N1 5MC A 1387 21.88 12.49 13.04
C2 5MC A 1387 23.03 12.08 13.80
O2 5MC A 1387 23.11 12.36 14.99
N3 5MC A 1387 24.05 11.36 13.17
C4 5MC A 1387 23.91 11.08 11.87
N4 5MC A 1387 24.97 10.37 11.34
C5 5MC A 1387 22.79 11.46 11.08
C6 5MC A 1387 21.80 12.16 11.71
CM5 5MC A 1387 22.73 11.08 9.61
P 5MC A 1390 31.27 22.71 13.92
OP1 5MC A 1390 31.85 24.01 14.35
OP2 5MC A 1390 30.39 22.63 12.73
O5' 5MC A 1390 32.49 21.73 13.68
C5' 5MC A 1390 33.59 21.70 14.57
C4' 5MC A 1390 34.60 20.65 14.16
O4' 5MC A 1390 33.95 19.35 14.03
C3' 5MC A 1390 35.23 20.85 12.79
O3' 5MC A 1390 36.23 21.85 12.76
C2' 5MC A 1390 35.72 19.46 12.45
O2' 5MC A 1390 36.89 19.15 13.18
C1' 5MC A 1390 34.57 18.61 13.01
N1 5MC A 1390 33.56 18.31 11.96
C2 5MC A 1390 33.80 17.29 10.97
O2 5MC A 1390 34.82 16.64 10.97
N3 5MC A 1390 32.82 17.04 9.98
C4 5MC A 1390 31.70 17.76 9.99
N4 5MC A 1390 30.82 17.45 8.99
C5 5MC A 1390 31.43 18.79 10.97
C6 5MC A 1390 32.40 19.02 11.92
CM5 5MC A 1390 30.12 19.58 10.91
P UR3 A 1476 28.00 4.84 20.18
OP1 UR3 A 1476 27.81 4.24 21.51
OP2 UR3 A 1476 28.33 4.00 19.02
O5' UR3 A 1476 26.57 5.48 19.85
C5' UR3 A 1476 26.14 6.71 20.41
C4' UR3 A 1476 24.70 6.95 20.07
O4' UR3 A 1476 24.60 7.50 18.73
C1' UR3 A 1476 23.84 6.67 17.88
N1 UR3 A 1476 24.63 6.48 16.65
C6 UR3 A 1476 25.98 6.28 16.69
C2 UR3 A 1476 23.97 6.56 15.40
O2 UR3 A 1476 22.77 6.76 15.29
N3 UR3 A 1476 24.75 6.41 14.23
C3U UR3 A 1476 24.03 6.48 12.97
C4 UR3 A 1476 26.14 6.18 14.25
O4 UR3 A 1476 26.75 6.05 13.18
C5 UR3 A 1476 26.72 6.13 15.56
C2' UR3 A 1476 23.53 5.37 18.63
O2' UR3 A 1476 22.22 4.91 18.38
C3' UR3 A 1476 23.86 5.69 20.11
O3' UR3 A 1476 22.75 5.78 21.03
C2 MA6 A 1496 28.07 11.95 19.70
C2 MA6 A 1496 28.92 16.20 20.29
C4 MA6 A 1496 28.51 14.03 20.32
C4 MA6 A 1496 28.53 18.31 21.00
C5 MA6 A 1496 28.87 13.59 21.62
C5 MA6 A 1496 29.08 17.99 22.30
P MA6 A 1496 29.49 19.52 23.23
P MA6 A 1496 28.00 24.63 23.03
OP1 MA6 A 1496 29.21 20.97 23.32
OP1 MA6 A 1496 27.16 25.82 22.74
OP2 MA6 A 1496 29.10 18.61 24.31
OP2 MA6 A 1496 28.04 24.07 24.39
O5' MA6 A 1496 28.83 18.93 21.92
O5' MA6 A 1496 27.59 23.47 22.00
C5' MA6 A 1496 29.29 19.31 20.63
C5' MA6 A 1496 26.69 23.72 20.94
C4' MA6 A 1496 28.54 18.56 19.58
C4' MA6 A 1496 26.53 22.52 20.06
O4' MA6 A 1496 29.28 17.35 19.22
O4' MA6 A 1496 27.77 21.77 20.07
C1' MA6 A 1496 28.41 16.26 19.14
C1' MA6 A 1496 27.50 20.39 19.93
N9 MA6 A 1496 28.67 15.39 20.30
N9 MA6 A 1496 28.13 19.65 21.05
N3 MA6 A 1496 28.10 13.22 19.32
N3 MA6 A 1496 28.43 17.42 19.97
N1 MA6 A 1496 28.38 11.40 20.90
N1 MA6 A 1496 29.48 15.75 21.47
C6 MA6 A 1496 28.79 12.22 21.88
C6 MA6 A 1496 29.58 16.67 22.50
N6 MA6 A 1496 29.09 11.62 23.09
N6 MA6 A 1496 30.15 16.18 23.69
C9 MA6 A 1496 28.92 10.18 23.26
C9 MA6 A 1496 30.33 14.75 23.93
C10 MA6 A 1496 29.56 12.34 24.28
C10 MA6 A 1496 30.61 17.04 24.79
N7 MA6 A 1496 29.24 14.69 22.39
N7 MA6 A 1496 29.01 19.15 23.11
C8 MA6 A 1496 29.12 15.74 21.58
C8 MA6 A 1496 28.45 20.11 22.35
C2' MA6 A 1496 26.99 16.81 19.15
C2' MA6 A 1496 25.99 20.20 19.88
O2' MA6 A 1496 26.67 17.17 17.81
O2' MA6 A 1496 25.59 20.07 18.53
C3' MA6 A 1496 27.17 18.07 20.00
C3' MA6 A 1496 25.47 21.50 20.48
O3' MA6 A 1496 26.17 19.07 19.82
O3' MA6 A 1496 24.18 21.86 20.02
C2 MA6 A 1497 25.00 10.42 19.76
C2 MA6 A 1497 26.95 13.64 22.30
C4 MA6 A 1497 24.56 12.59 19.95
C4 MA6 A 1497 25.59 15.37 21.80
C5 MA6 A 1497 24.86 12.54 21.34
C5 MA6 A 1497 25.68 15.85 23.16
P MA6 A 1497 24.69 18.92 20.42
P MA6 A 1497 22.86 21.15 20.63
OP1 MA6 A 1497 23.92 20.11 20.05
OP1 MA6 A 1497 21.69 21.70 19.91
OP2 MA6 A 1497 24.73 18.48 21.82
OP2 MA6 A 1497 22.92 21.24 22.10
O5' MA6 A 1497 24.12 17.75 19.55
O5' MA6 A 1497 23.02 19.61 20.20
C5' MA6 A 1497 22.73 17.52 19.36
C5' MA6 A 1497 22.59 19.16 18.93
C4' MA6 A 1497 22.62 16.40 18.37
C4' MA6 A 1497 22.91 17.70 18.71
O4' MA6 A 1497 23.94 15.76 18.29
O4' MA6 A 1497 24.27 17.44 19.17
C1' MA6 A 1497 23.81 14.37 18.32
C1' MA6 A 1497 24.36 16.15 19.71
N9 MA6 A 1497 24.22 13.90 19.65
N9 MA6 A 1497 24.75 16.25 21.13
N3 MA6 A 1497 24.63 11.52 19.11
N3 MA6 A 1497 26.23 14.23 21.33
N1 MA6 A 1497 25.31 10.22 21.08
N1 MA6 A 1497 27.14 13.97 23.62
C6 MA6 A 1497 25.24 11.29 21.88
C6 MA6 A 1497 26.49 15.11 24.06
N6 MA6 A 1497 25.54 11.04 23.20
N6 MA6 A 1497 26.65 15.48 25.39
C9 MA6 A 1497 25.43 9.69 23.73
C9 MA6 A 1497 26.34 14.55 26.47
C10 MA6 A 1497 25.96 12.07 24.15
C10 MA6 A 1497 27.10 16.81 25.80
N7 MA6 A 1497 24.67 13.82 21.88
N7 MA6 A 1497 24.91 17.02 23.30
C8 MA6 A 1497 24.29 14.60 20.86
C8 MA6 A 1497 24.36 17.23 22.08
C2' MA6 A 1497 22.34 14.07 18.05
C2' MA6 A 1497 22.99 15.48 19.56
O2' MA6 A 1497 22.15 14.10 16.65
O2' MA6 A 1497 22.99 14.73 18.35
C3' MA6 A 1497 21.67 15.26 18.72
C3' MA6 A 1497 22.07 16.68 19.46
O3' MA6 A 1497 20.37 15.51 18.24
O3' MA6 A 1497 20.84 16.40 18.82
N1 PSU A 1518 24.20 -6.18 28.48
C2 PSU A 1518 25.48 -6.40 28.06
N3 PSU A 1518 26.36 -5.34 27.98
C4 PSU A 1518 25.95 -4.07 28.31
C5 PSU A 1518 24.64 -3.84 28.74
C6 PSU A 1518 23.78 -4.93 28.81
O2 PSU A 1518 25.86 -7.53 27.75
O4 PSU A 1518 26.75 -3.14 28.22
C1' PSU A 1518 24.16 -2.46 29.11
C2' PSU A 1518 24.14 -1.53 27.90
O2' PSU A 1518 24.45 -0.22 28.33
C3' PSU A 1518 22.67 -1.63 27.47
C4' PSU A 1518 21.95 -1.74 28.82
O3' PSU A 1518 22.25 -0.51 26.69
O4' PSU A 1518 22.85 -2.51 29.65
C5' PSU A 1518 20.59 -2.41 28.79
O5' PSU A 1518 20.68 -3.78 28.43
P PSU A 1518 19.41 -4.75 28.50
OP1 PSU A 1518 18.22 -4.02 27.99
OP2 PSU A 1518 19.78 -6.03 27.85
N1 PSU A 1519 21.77 -5.79 25.28
C2 PSU A 1519 22.11 -7.02 25.81
N3 PSU A 1519 23.40 -7.49 25.69
C4 PSU A 1519 24.35 -6.73 25.05
C5 PSU A 1519 24.02 -5.48 24.52
C6 PSU A 1519 22.71 -5.04 24.66
O2 PSU A 1519 21.24 -7.70 26.36
O4 PSU A 1519 25.50 -7.16 24.96
C1' PSU A 1519 25.06 -4.64 23.83
C2' PSU A 1519 24.79 -4.47 22.33
O2' PSU A 1519 26.02 -4.53 21.63
C3' PSU A 1519 24.22 -3.05 22.26
C4' PSU A 1519 24.91 -2.34 23.42
O3' PSU A 1519 24.44 -2.41 21.01
O4' PSU A 1519 25.15 -3.36 24.41
C5' PSU A 1519 24.13 -1.21 24.06
O5' PSU A 1519 22.89 -1.71 24.56
P PSU A 1519 21.78 -0.74 25.17
OP1 PSU A 1519 21.71 0.58 24.49
OP2 PSU A 1519 20.56 -1.57 25.26
N VAL B 1 -61.27 -12.46 0.68
CA VAL B 1 -59.83 -12.26 0.79
C VAL B 1 -59.52 -11.02 1.59
N LYS B 2 -59.85 -11.01 2.87
CA LYS B 2 -59.57 -9.85 3.71
C LYS B 2 -59.61 -10.29 5.17
N GLU B 3 -59.24 -9.36 6.05
CA GLU B 3 -59.43 -9.55 7.48
C GLU B 3 -59.57 -8.19 8.15
N LEU B 4 -60.37 -8.15 9.21
CA LEU B 4 -60.65 -6.93 9.97
C LEU B 4 -60.29 -7.05 11.44
N LEU B 5 -60.73 -8.13 12.09
CA LEU B 5 -60.63 -8.36 13.51
C LEU B 5 -59.29 -8.93 13.92
N GLU B 6 -58.25 -8.66 13.15
CA GLU B 6 -56.96 -9.23 13.47
C GLU B 6 -56.18 -8.43 14.48
N ALA B 7 -56.84 -7.50 15.17
CA ALA B 7 -56.31 -7.01 16.44
C ALA B 7 -56.15 -8.14 17.44
N GLY B 8 -56.90 -9.23 17.28
CA GLY B 8 -56.78 -10.42 18.09
C GLY B 8 -55.54 -11.25 17.86
N VAL B 9 -54.62 -10.80 17.00
CA VAL B 9 -53.34 -11.47 16.82
C VAL B 9 -52.15 -10.50 16.89
N HIS B 10 -52.24 -9.39 16.15
CA HIS B 10 -51.09 -8.70 15.57
C HIS B 10 -50.85 -7.29 16.09
N PHE B 11 -51.35 -6.95 17.29
CA PHE B 11 -51.44 -5.55 17.72
C PHE B 11 -50.13 -4.76 17.52
N GLY B 12 -49.04 -5.19 18.13
CA GLY B 12 -47.80 -4.42 18.10
C GLY B 12 -46.61 -5.28 18.44
N HIS B 13 -45.45 -4.63 18.56
CA HIS B 13 -44.19 -5.34 18.75
C HIS B 13 -43.12 -4.37 19.27
N GLU B 14 -41.95 -4.94 19.63
CA GLU B 14 -40.69 -4.17 19.69
C GLU B 14 -40.65 -2.98 20.64
N ARG B 15 -40.48 -3.23 21.95
CA ARG B 15 -40.74 -2.25 23.01
C ARG B 15 -40.22 -0.83 22.74
N LYS B 16 -38.90 -0.59 22.71
CA LYS B 16 -38.41 0.65 22.08
C LYS B 16 -36.96 0.46 21.64
N ARG B 17 -36.80 -0.10 20.43
CA ARG B 17 -35.60 -0.03 19.60
C ARG B 17 -36.00 0.54 18.24
N TRP B 18 -37.13 1.25 18.24
CA TRP B 18 -37.83 1.64 17.04
C TRP B 18 -36.91 2.34 16.06
N ASN B 19 -37.18 2.13 14.78
CA ASN B 19 -36.70 3.04 13.76
C ASN B 19 -37.63 4.24 13.74
N PRO B 20 -37.14 5.47 13.90
CA PRO B 20 -38.06 6.61 13.99
C PRO B 20 -38.85 6.84 12.70
N LYS B 21 -38.33 6.43 11.55
CA LYS B 21 -39.09 6.55 10.31
C LYS B 21 -40.39 5.75 10.36
N PHE B 22 -40.46 4.75 11.22
CA PHE B 22 -41.63 3.92 11.39
C PHE B 22 -42.70 4.59 12.26
N ALA B 23 -42.48 5.84 12.68
CA ALA B 23 -43.40 6.48 13.62
C ALA B 23 -44.77 6.75 13.02
N ARG B 24 -44.86 6.84 11.69
CA ARG B 24 -46.16 7.08 11.07
C ARG B 24 -47.13 5.93 11.32
N TYR B 25 -46.61 4.72 11.56
CA TYR B 25 -47.43 3.53 11.73
C TYR B 25 -47.63 3.14 13.19
N ILE B 26 -47.11 3.92 14.13
CA ILE B 26 -47.20 3.59 15.55
C ILE B 26 -48.45 4.23 16.13
N TYR B 27 -49.28 3.43 16.80
CA TYR B 27 -50.45 3.99 17.48
C TYR B 27 -50.03 4.70 18.76
N ALA B 28 -49.46 3.97 19.71
CA ALA B 28 -49.04 4.54 20.99
C ALA B 28 -48.05 3.58 21.64
N GLU B 29 -47.70 3.88 22.90
CA GLU B 29 -46.78 3.04 23.68
C GLU B 29 -47.53 2.53 24.91
N ARG B 30 -48.09 1.32 24.80
CA ARG B 30 -48.89 0.71 25.86
C ARG B 30 -48.02 -0.31 26.59
N ASN B 31 -47.91 -0.14 27.91
CA ASN B 31 -47.08 -1.00 28.77
C ASN B 31 -45.63 -1.03 28.30
N GLY B 32 -45.15 0.08 27.74
CA GLY B 32 -43.78 0.15 27.26
C GLY B 32 -43.51 -0.60 25.97
N ILE B 33 -44.51 -0.85 25.15
CA ILE B 33 -44.33 -1.50 23.85
C ILE B 33 -44.99 -0.63 22.79
N HIS B 34 -44.33 -0.50 21.65
CA HIS B 34 -44.90 0.20 20.52
C HIS B 34 -46.00 -0.65 19.87
N ILE B 35 -47.19 -0.08 19.74
CA ILE B 35 -48.33 -0.80 19.19
C ILE B 35 -48.71 -0.16 17.85
N ILE B 36 -48.81 -1.01 16.83
CA ILE B 36 -48.99 -0.55 15.45
C ILE B 36 -50.43 -0.11 15.25
N ASP B 37 -50.62 1.04 14.59
CA ASP B 37 -51.96 1.48 14.24
C ASP B 37 -52.60 0.46 13.32
N LEU B 38 -53.68 -0.16 13.80
CA LEU B 38 -54.23 -1.33 13.11
C LEU B 38 -54.94 -0.92 11.83
N GLN B 39 -55.65 0.21 11.83
CA GLN B 39 -56.30 0.67 10.62
C GLN B 39 -55.28 0.99 9.54
N LYS B 40 -54.20 1.67 9.92
CA LYS B 40 -53.13 1.94 8.98
C LYS B 40 -52.56 0.66 8.40
N THR B 41 -52.66 -0.45 9.13
CA THR B 41 -52.23 -1.73 8.58
C THR B 41 -53.08 -2.11 7.38
N MET B 42 -54.40 -2.13 7.56
CA MET B 42 -55.31 -2.55 6.49
C MET B 42 -55.19 -1.63 5.28
N GLU B 43 -54.99 -0.33 5.52
CA GLU B 43 -54.81 0.59 4.42
C GLU B 43 -53.64 0.18 3.54
N GLU B 44 -52.48 -0.04 4.16
CA GLU B 44 -51.33 -0.50 3.38
C GLU B 44 -51.48 -1.92 2.89
N LEU B 45 -52.35 -2.72 3.52
CA LEU B 45 -52.58 -4.08 3.06
C LEU B 45 -53.35 -4.11 1.74
N GLU B 46 -54.37 -3.26 1.61
CA GLU B 46 -55.10 -3.17 0.35
C GLU B 46 -54.17 -2.83 -0.79
N ARG B 47 -53.39 -1.74 -0.64
CA ARG B 47 -52.46 -1.33 -1.68
C ARG B 47 -51.46 -2.43 -1.98
N THR B 48 -51.01 -3.14 -0.96
CA THR B 48 -50.09 -4.25 -1.17
C THR B 48 -50.77 -5.39 -1.91
N PHE B 49 -51.95 -5.81 -1.44
CA PHE B 49 -52.64 -6.95 -2.04
C PHE B 49 -53.07 -6.65 -3.47
N ARG B 50 -53.45 -5.40 -3.77
CA ARG B 50 -53.79 -5.07 -5.16
C ARG B 50 -52.58 -5.25 -6.06
N PHE B 51 -51.39 -4.88 -5.57
CA PHE B 51 -50.19 -5.12 -6.35
C PHE B 51 -49.92 -6.61 -6.52
N ILE B 52 -50.23 -7.41 -5.50
CA ILE B 52 -50.02 -8.85 -5.58
C ILE B 52 -50.92 -9.46 -6.65
N GLU B 53 -52.24 -9.29 -6.50
CA GLU B 53 -53.20 -9.88 -7.43
C GLU B 53 -52.88 -9.51 -8.87
N ASP B 54 -52.56 -8.23 -9.11
CA ASP B 54 -52.18 -7.78 -10.44
C ASP B 54 -50.92 -8.51 -10.92
N LEU B 55 -49.87 -8.51 -10.10
CA LEU B 55 -48.65 -9.23 -10.46
C LEU B 55 -48.87 -10.74 -10.48
N ALA B 56 -49.81 -11.23 -9.68
CA ALA B 56 -50.13 -12.65 -9.68
C ALA B 56 -50.80 -13.06 -10.99
N MET B 57 -51.95 -12.47 -11.29
CA MET B 57 -52.69 -12.86 -12.48
C MET B 57 -51.96 -12.50 -13.77
N ARG B 58 -50.98 -11.60 -13.69
CA ARG B 58 -50.11 -11.35 -14.83
C ARG B 58 -49.16 -12.50 -15.09
N GLY B 59 -48.88 -13.31 -14.07
CA GLY B 59 -47.97 -14.42 -14.18
C GLY B 59 -46.62 -14.23 -13.52
N GLY B 60 -46.47 -13.20 -12.68
CA GLY B 60 -45.18 -12.91 -12.10
C GLY B 60 -44.73 -13.98 -11.12
N THR B 61 -43.43 -13.97 -10.85
CA THR B 61 -42.83 -14.83 -9.84
C THR B 61 -42.45 -13.97 -8.63
N ILE B 62 -42.71 -14.50 -7.44
CA ILE B 62 -42.47 -13.79 -6.19
C ILE B 62 -41.52 -14.62 -5.34
N LEU B 63 -40.40 -14.04 -4.93
CA LEU B 63 -39.46 -14.70 -4.05
C LEU B 63 -39.79 -14.34 -2.61
N PHE B 64 -40.21 -15.34 -1.83
CA PHE B 64 -40.46 -15.19 -0.41
C PHE B 64 -39.16 -15.43 0.35
N VAL B 65 -38.79 -14.48 1.20
CA VAL B 65 -37.55 -14.54 1.92
C VAL B 65 -37.86 -14.40 3.40
N GLY B 66 -37.63 -15.47 4.16
CA GLY B 66 -37.73 -15.43 5.60
C GLY B 66 -36.73 -16.35 6.27
N THR B 67 -35.84 -15.76 7.07
CA THR B 67 -34.78 -16.51 7.73
C THR B 67 -34.91 -16.52 9.24
N LYS B 68 -35.83 -15.74 9.80
CA LYS B 68 -36.07 -15.79 11.24
C LYS B 68 -36.36 -17.21 11.68
N LYS B 69 -36.02 -17.52 12.94
CA LYS B 69 -36.39 -18.82 13.49
C LYS B 69 -37.91 -18.96 13.62
N GLN B 70 -38.64 -17.84 13.54
CA GLN B 70 -40.09 -17.86 13.61
C GLN B 70 -40.73 -18.11 12.25
N ALA B 71 -40.16 -17.58 11.18
CA ALA B 71 -40.77 -17.64 9.87
C ALA B 71 -40.17 -18.71 8.96
N GLN B 72 -39.22 -19.50 9.44
CA GLN B 72 -38.55 -20.46 8.57
C GLN B 72 -39.55 -21.42 7.94
N ASP B 73 -40.25 -22.20 8.76
CA ASP B 73 -41.08 -23.26 8.22
C ASP B 73 -42.40 -22.76 7.65
N ILE B 74 -42.81 -21.53 7.96
CA ILE B 74 -44.00 -20.98 7.32
C ILE B 74 -43.69 -20.62 5.87
N VAL B 75 -42.57 -19.93 5.65
CA VAL B 75 -42.16 -19.58 4.30
C VAL B 75 -41.98 -20.83 3.45
N ARG B 76 -41.48 -21.91 4.07
CA ARG B 76 -41.35 -23.17 3.34
C ARG B 76 -42.67 -23.60 2.75
N MET B 77 -43.72 -23.67 3.56
CA MET B 77 -44.97 -24.28 3.12
C MET B 77 -45.79 -23.35 2.24
N GLU B 78 -45.94 -22.08 2.64
CA GLU B 78 -46.79 -21.17 1.88
C GLU B 78 -46.19 -20.86 0.51
N ALA B 79 -44.86 -20.88 0.39
CA ALA B 79 -44.25 -20.69 -0.91
C ALA B 79 -44.45 -21.91 -1.80
N GLU B 80 -44.50 -23.10 -1.21
CA GLU B 80 -44.81 -24.31 -1.96
C GLU B 80 -46.30 -24.42 -2.24
N ARG B 81 -47.14 -23.85 -1.37
CA ARG B 81 -48.56 -23.73 -1.69
C ARG B 81 -48.77 -22.98 -2.99
N ALA B 82 -47.92 -21.99 -3.25
CA ALA B 82 -47.86 -21.35 -4.55
C ALA B 82 -46.75 -22.00 -5.38
N GLY B 83 -46.55 -21.49 -6.59
CA GLY B 83 -45.45 -21.96 -7.41
C GLY B 83 -44.26 -21.05 -7.23
N MET B 84 -44.13 -20.49 -6.03
CA MET B 84 -43.14 -19.46 -5.80
C MET B 84 -41.88 -20.04 -5.16
N PRO B 85 -40.72 -19.52 -5.53
CA PRO B 85 -39.48 -19.86 -4.82
C PRO B 85 -39.43 -19.19 -3.45
N TYR B 86 -38.61 -19.77 -2.59
CA TYR B 86 -38.43 -19.22 -1.25
C TYR B 86 -36.99 -19.36 -0.82
N VAL B 87 -36.56 -18.46 0.06
CA VAL B 87 -35.28 -18.56 0.73
C VAL B 87 -35.53 -18.82 2.20
N ASN B 88 -34.92 -19.89 2.72
CA ASN B 88 -35.29 -20.45 4.01
C ASN B 88 -34.17 -20.42 5.02
N GLN B 89 -32.98 -20.91 4.65
CA GLN B 89 -31.92 -21.16 5.63
C GLN B 89 -30.95 -20.00 5.77
N ARG B 90 -30.48 -19.47 4.65
CA ARG B 90 -29.57 -18.32 4.66
C ARG B 90 -29.67 -17.63 3.31
N TRP B 91 -29.70 -16.30 3.32
CA TRP B 91 -29.74 -15.55 2.07
C TRP B 91 -28.30 -15.27 1.63
N LEU B 92 -27.90 -15.90 0.54
CA LEU B 92 -26.50 -15.86 0.12
C LEU B 92 -26.18 -14.56 -0.62
N GLY B 93 -24.93 -14.12 -0.46
CA GLY B 93 -24.50 -12.90 -1.11
C GLY B 93 -24.49 -13.06 -2.60
N GLY B 94 -25.32 -12.29 -3.30
CA GLY B 94 -25.37 -12.32 -4.74
C GLY B 94 -26.48 -13.14 -5.35
N MET B 95 -27.41 -13.64 -4.53
CA MET B 95 -28.48 -14.47 -5.07
C MET B 95 -29.23 -13.76 -6.19
N LEU B 96 -29.34 -12.44 -6.12
CA LEU B 96 -29.92 -11.66 -7.20
C LEU B 96 -28.86 -11.02 -8.10
N THR B 97 -27.89 -10.31 -7.50
CA THR B 97 -26.94 -9.54 -8.31
C THR B 97 -25.91 -10.45 -8.98
N ASN B 98 -25.57 -11.55 -8.35
CA ASN B 98 -24.69 -12.56 -8.95
C ASN B 98 -25.49 -13.75 -9.45
N PHE B 99 -26.76 -13.55 -9.78
CA PHE B 99 -27.68 -14.64 -10.06
C PHE B 99 -27.13 -15.60 -11.12
N LYS B 100 -26.37 -15.10 -12.09
CA LYS B 100 -25.75 -16.00 -13.07
C LYS B 100 -24.88 -17.04 -12.38
N THR B 101 -24.10 -16.63 -11.38
CA THR B 101 -23.19 -17.55 -10.71
C THR B 101 -23.91 -18.47 -9.73
N ILE B 102 -24.76 -17.91 -8.87
CA ILE B 102 -25.51 -18.73 -7.94
C ILE B 102 -26.35 -19.75 -8.69
N SER B 103 -26.84 -19.38 -9.88
CA SER B 103 -27.60 -20.32 -10.69
C SER B 103 -26.78 -21.54 -11.07
N GLN B 104 -25.47 -21.37 -11.27
CA GLN B 104 -24.63 -22.51 -11.62
C GLN B 104 -24.59 -23.55 -10.51
N ARG B 105 -24.77 -23.14 -9.26
CA ARG B 105 -24.89 -24.09 -8.17
C ARG B 105 -26.19 -24.87 -8.26
N VAL B 106 -27.22 -24.32 -8.90
CA VAL B 106 -28.40 -25.15 -9.17
C VAL B 106 -28.09 -26.14 -10.29
N HIS B 107 -27.30 -25.74 -11.29
CA HIS B 107 -26.94 -26.66 -12.36
C HIS B 107 -26.12 -27.82 -11.83
N ARG B 108 -25.36 -27.63 -10.75
CA ARG B 108 -24.66 -28.74 -10.12
C ARG B 108 -25.62 -29.60 -9.31
N LEU B 109 -26.58 -28.97 -8.64
CA LEU B 109 -27.60 -29.73 -7.89
C LEU B 109 -28.34 -30.69 -8.80
N GLU B 110 -28.95 -30.17 -9.86
CA GLU B 110 -29.66 -31.01 -10.83
C GLU B 110 -28.75 -32.05 -11.44
N GLU B 111 -27.47 -31.71 -11.65
CA GLU B 111 -26.53 -32.66 -12.20
C GLU B 111 -26.30 -33.84 -11.25
N LEU B 112 -26.22 -33.56 -9.94
CA LEU B 112 -25.93 -34.62 -8.98
C LEU B 112 -27.19 -35.42 -8.62
N GLU B 113 -28.34 -34.76 -8.53
CA GLU B 113 -29.59 -35.50 -8.38
C GLU B 113 -29.78 -36.50 -9.51
N ALA B 114 -29.52 -36.07 -10.75
CA ALA B 114 -29.64 -36.96 -11.90
C ALA B 114 -28.65 -38.11 -11.80
N LEU B 115 -27.40 -37.82 -11.42
CA LEU B 115 -26.41 -38.86 -11.25
C LEU B 115 -26.59 -39.66 -9.97
N PHE B 116 -27.53 -39.28 -9.11
CA PHE B 116 -27.90 -40.07 -7.94
C PHE B 116 -29.16 -40.90 -8.17
N ALA B 117 -29.85 -40.69 -9.29
CA ALA B 117 -30.93 -41.58 -9.70
C ALA B 117 -30.45 -42.63 -10.70
N SER B 118 -29.27 -42.46 -11.27
CA SER B 118 -28.72 -43.40 -12.24
C SER B 118 -28.08 -44.57 -11.53
N PRO B 119 -27.80 -45.66 -12.25
CA PRO B 119 -27.07 -46.79 -11.63
C PRO B 119 -25.61 -46.48 -11.33
N GLU B 120 -25.12 -45.30 -11.70
CA GLU B 120 -23.70 -44.99 -11.64
C GLU B 120 -23.27 -44.34 -10.34
N ILE B 121 -24.13 -44.33 -9.31
CA ILE B 121 -23.71 -43.82 -8.01
C ILE B 121 -22.66 -44.74 -7.39
N GLU B 122 -22.85 -46.05 -7.49
CA GLU B 122 -21.89 -47.02 -6.98
C GLU B 122 -20.75 -47.28 -7.96
N GLU B 123 -20.75 -46.65 -9.13
CA GLU B 123 -19.67 -46.81 -10.09
C GLU B 123 -18.44 -45.99 -9.71
N ARG B 124 -18.60 -44.97 -8.87
CA ARG B 124 -17.51 -44.17 -8.34
C ARG B 124 -17.03 -44.78 -7.02
N PRO B 125 -15.77 -44.50 -6.63
CA PRO B 125 -15.24 -45.10 -5.41
C PRO B 125 -16.05 -44.70 -4.17
N LYS B 126 -15.82 -45.44 -3.08
CA LYS B 126 -16.56 -45.19 -1.84
C LYS B 126 -16.33 -43.77 -1.34
N LYS B 127 -15.12 -43.24 -1.53
CA LYS B 127 -14.81 -41.91 -1.01
C LYS B 127 -15.57 -40.83 -1.76
N GLU B 128 -15.52 -40.86 -3.10
CA GLU B 128 -16.30 -39.90 -3.88
C GLU B 128 -17.78 -40.05 -3.62
N GLN B 129 -18.23 -41.26 -3.25
CA GLN B 129 -19.64 -41.48 -2.96
C GLN B 129 -20.06 -40.74 -1.70
N VAL B 130 -19.13 -40.47 -0.79
CA VAL B 130 -19.44 -39.73 0.42
C VAL B 130 -19.29 -38.22 0.21
N ARG B 131 -18.29 -37.79 -0.59
CA ARG B 131 -18.15 -36.37 -0.89
C ARG B 131 -19.36 -35.85 -1.65
N LEU B 132 -19.66 -36.48 -2.79
CA LEU B 132 -20.81 -36.07 -3.59
C LEU B 132 -22.10 -36.19 -2.78
N LYS B 133 -22.14 -37.11 -1.82
CA LYS B 133 -23.25 -37.14 -0.86
C LYS B 133 -23.38 -35.81 -0.13
N HIS B 134 -22.28 -35.32 0.45
CA HIS B 134 -22.33 -34.07 1.21
C HIS B 134 -22.71 -32.89 0.33
N GLU B 135 -22.22 -32.87 -0.92
CA GLU B 135 -22.62 -31.82 -1.84
C GLU B 135 -24.13 -31.77 -2.00
N LEU B 136 -24.75 -32.92 -2.31
CA LEU B 136 -26.20 -32.96 -2.49
C LEU B 136 -26.94 -32.56 -1.23
N GLU B 137 -26.45 -32.99 -0.06
CA GLU B 137 -27.16 -32.71 1.18
C GLU B 137 -27.23 -31.22 1.45
N ARG B 138 -26.10 -30.52 1.33
CA ARG B 138 -26.10 -29.09 1.62
C ARG B 138 -26.70 -28.28 0.49
N LEU B 139 -26.48 -28.70 -0.77
CA LEU B 139 -27.07 -27.99 -1.90
C LEU B 139 -28.59 -27.96 -1.78
N GLN B 140 -29.19 -29.02 -1.26
CA GLN B 140 -30.62 -29.03 -1.05
C GLN B 140 -31.03 -28.24 0.18
N LYS B 141 -30.14 -28.05 1.15
CA LYS B 141 -30.51 -27.34 2.37
C LYS B 141 -30.89 -25.89 2.06
N TYR B 142 -30.02 -25.18 1.34
CA TYR B 142 -30.21 -23.76 1.06
C TYR B 142 -31.06 -23.50 -0.18
N LEU B 143 -30.95 -24.34 -1.21
CA LEU B 143 -31.52 -24.02 -2.50
C LEU B 143 -32.83 -24.75 -2.79
N SER B 144 -33.43 -25.42 -1.80
CA SER B 144 -34.68 -26.14 -2.03
C SER B 144 -35.80 -25.22 -2.52
N GLY B 145 -35.80 -23.98 -2.05
CA GLY B 145 -36.75 -23.00 -2.53
C GLY B 145 -36.18 -22.16 -3.65
N PHE B 146 -34.86 -21.98 -3.66
CA PHE B 146 -34.21 -21.28 -4.76
C PHE B 146 -34.08 -22.14 -6.00
N ARG B 147 -34.52 -23.40 -5.93
CA ARG B 147 -34.50 -24.30 -7.09
C ARG B 147 -35.23 -23.71 -8.29
N LEU B 148 -36.42 -23.17 -8.07
CA LEU B 148 -37.38 -22.90 -9.14
C LEU B 148 -37.23 -21.51 -9.75
N LEU B 149 -36.21 -20.75 -9.38
CA LEU B 149 -36.00 -19.44 -9.98
C LEU B 149 -35.28 -19.61 -11.31
N LYS B 150 -36.02 -19.49 -12.41
CA LYS B 150 -35.42 -19.61 -13.73
C LYS B 150 -34.77 -18.31 -14.17
N ARG B 151 -35.39 -17.17 -13.86
CA ARG B 151 -34.80 -15.85 -14.04
C ARG B 151 -34.99 -15.05 -12.76
N LEU B 152 -34.50 -13.81 -12.76
CA LEU B 152 -34.66 -12.96 -11.60
C LEU B 152 -36.14 -12.68 -11.36
N PRO B 153 -36.60 -12.72 -10.10
CA PRO B 153 -38.03 -12.68 -9.84
C PRO B 153 -38.61 -11.31 -10.12
N ASP B 154 -39.92 -11.28 -10.28
CA ASP B 154 -40.61 -10.04 -10.57
C ASP B 154 -40.96 -9.26 -9.32
N ALA B 155 -40.90 -9.89 -8.14
CA ALA B 155 -41.14 -9.22 -6.88
C ALA B 155 -40.50 -10.03 -5.77
N ILE B 156 -40.32 -9.38 -4.62
CA ILE B 156 -39.69 -9.98 -3.46
C ILE B 156 -40.57 -9.74 -2.24
N PHE B 157 -40.82 -10.79 -1.48
CA PHE B 157 -41.60 -10.72 -0.24
C PHE B 157 -40.69 -11.13 0.90
N VAL B 158 -40.54 -10.25 1.88
CA VAL B 158 -39.69 -10.52 3.03
C VAL B 158 -40.50 -10.34 4.30
N VAL B 159 -40.03 -10.98 5.38
CA VAL B 159 -40.74 -10.96 6.66
C VAL B 159 -39.97 -10.22 7.76
N ASP B 160 -38.70 -9.88 7.55
CA ASP B 160 -38.04 -8.87 8.36
C ASP B 160 -37.01 -8.18 7.51
N PRO B 161 -37.37 -7.06 6.88
CA PRO B 161 -36.42 -6.33 6.03
C PRO B 161 -35.22 -5.80 6.79
N THR B 162 -35.24 -5.86 8.12
CA THR B 162 -34.06 -5.54 8.92
C THR B 162 -33.12 -6.73 9.01
N LYS B 163 -33.66 -7.93 9.20
CA LYS B 163 -32.80 -9.10 9.20
C LYS B 163 -32.44 -9.53 7.79
N GLU B 164 -33.30 -9.23 6.82
CA GLU B 164 -33.06 -9.57 5.43
C GLU B 164 -32.54 -8.40 4.63
N ALA B 165 -31.90 -7.43 5.29
CA ALA B 165 -31.51 -6.20 4.60
C ALA B 165 -30.52 -6.46 3.47
N ILE B 166 -29.66 -7.47 3.62
CA ILE B 166 -28.75 -7.85 2.54
C ILE B 166 -29.53 -8.23 1.29
N ALA B 167 -30.70 -8.85 1.48
CA ALA B 167 -31.56 -9.22 0.36
C ALA B 167 -32.27 -8.01 -0.23
N VAL B 168 -32.85 -7.16 0.63
CA VAL B 168 -33.57 -5.97 0.17
C VAL B 168 -32.65 -5.11 -0.67
N ARG B 169 -31.42 -4.89 -0.19
CA ARG B 169 -30.47 -4.05 -0.91
C ARG B 169 -30.22 -4.58 -2.32
N GLU B 170 -30.19 -5.91 -2.48
CA GLU B 170 -29.96 -6.50 -3.78
C GLU B 170 -31.14 -6.26 -4.72
N ALA B 171 -32.37 -6.51 -4.23
CA ALA B 171 -33.56 -6.25 -5.04
C ALA B 171 -33.64 -4.77 -5.42
N ARG B 172 -33.46 -3.90 -4.44
CA ARG B 172 -33.30 -2.46 -4.66
C ARG B 172 -32.38 -2.18 -5.85
N LYS B 173 -31.18 -2.74 -5.82
CA LYS B 173 -30.17 -2.43 -6.83
C LYS B 173 -30.60 -2.85 -8.21
N LEU B 174 -31.40 -3.91 -8.32
CA LEU B 174 -31.86 -4.45 -9.59
C LEU B 174 -33.23 -3.95 -9.98
N PHE B 175 -33.78 -2.99 -9.23
CA PHE B 175 -35.11 -2.41 -9.47
C PHE B 175 -36.22 -3.46 -9.30
N ILE B 176 -35.96 -4.48 -8.48
CA ILE B 176 -36.98 -5.48 -8.20
C ILE B 176 -37.85 -4.97 -7.07
N PRO B 177 -39.16 -4.85 -7.28
CA PRO B 177 -40.04 -4.36 -6.22
C PRO B 177 -39.95 -5.22 -4.97
N VAL B 178 -40.10 -4.57 -3.82
CA VAL B 178 -39.89 -5.18 -2.53
C VAL B 178 -41.19 -5.12 -1.74
N ILE B 179 -41.66 -6.29 -1.29
CA ILE B 179 -42.81 -6.41 -0.41
C ILE B 179 -42.29 -6.88 0.94
N ALA B 180 -42.89 -6.37 2.02
CA ALA B 180 -42.34 -6.71 3.31
C ALA B 180 -43.42 -6.78 4.37
N LEU B 181 -43.22 -7.71 5.30
CA LEU B 181 -43.86 -7.67 6.61
C LEU B 181 -42.87 -6.99 7.53
N ALA B 182 -43.20 -5.80 8.01
CA ALA B 182 -42.23 -4.94 8.69
C ALA B 182 -42.81 -4.43 10.00
N ASP B 183 -42.16 -4.77 11.11
CA ASP B 183 -42.57 -4.24 12.39
C ASP B 183 -41.73 -3.00 12.74
N THR B 184 -41.74 -2.61 14.00
CA THR B 184 -41.32 -1.27 14.41
C THR B 184 -39.84 -0.99 14.13
N ASP B 185 -38.98 -2.00 14.13
CA ASP B 185 -37.55 -1.74 13.99
C ASP B 185 -37.11 -1.52 12.54
N SER B 186 -38.01 -1.62 11.57
CA SER B 186 -37.65 -1.59 10.16
C SER B 186 -37.71 -0.18 9.61
N ASP B 187 -36.95 0.06 8.53
CA ASP B 187 -36.99 1.34 7.84
C ASP B 187 -38.04 1.26 6.74
N PRO B 188 -39.19 1.92 6.89
CA PRO B 188 -40.24 1.76 5.88
C PRO B 188 -39.85 2.28 4.51
N ASP B 189 -38.94 3.25 4.44
CA ASP B 189 -38.63 3.90 3.18
C ASP B 189 -38.10 2.92 2.13
N LEU B 190 -37.42 1.85 2.57
CA LEU B 190 -36.84 0.90 1.62
C LEU B 190 -37.86 -0.09 1.06
N VAL B 191 -39.04 -0.17 1.65
CA VAL B 191 -40.06 -1.12 1.24
C VAL B 191 -41.02 -0.44 0.28
N ASP B 192 -41.14 -0.99 -0.92
CA ASP B 192 -42.08 -0.44 -1.89
C ASP B 192 -43.52 -0.63 -1.44
N TYR B 193 -43.90 -1.87 -1.09
CA TYR B 193 -45.23 -2.18 -0.58
C TYR B 193 -45.08 -2.88 0.76
N ILE B 194 -45.59 -2.24 1.80
CA ILE B 194 -45.25 -2.59 3.18
C ILE B 194 -46.49 -3.06 3.91
N ILE B 195 -46.33 -4.13 4.68
CA ILE B 195 -47.37 -4.63 5.57
C ILE B 195 -46.87 -4.48 7.00
N PRO B 196 -47.25 -3.41 7.70
CA PRO B 196 -46.76 -3.23 9.09
C PRO B 196 -47.34 -4.26 10.03
N GLY B 197 -46.48 -4.92 10.81
CA GLY B 197 -46.90 -5.95 11.75
C GLY B 197 -45.72 -6.75 12.26
N ASN B 198 -45.97 -7.48 13.36
CA ASN B 198 -45.00 -8.31 14.05
C ASN B 198 -44.15 -9.14 13.09
N ASP B 199 -42.84 -8.91 13.11
CA ASP B 199 -41.92 -9.78 12.38
C ASP B 199 -41.67 -11.08 13.15
N ASP B 200 -41.78 -11.03 14.48
CA ASP B 200 -41.79 -12.21 15.33
C ASP B 200 -43.24 -12.64 15.51
N ALA B 201 -43.52 -13.50 16.50
CA ALA B 201 -44.89 -13.93 16.81
C ALA B 201 -45.57 -14.69 15.67
N ILE B 202 -45.13 -15.94 15.44
CA ILE B 202 -45.63 -16.83 14.39
C ILE B 202 -47.13 -16.70 14.18
N ARG B 203 -47.89 -16.55 15.26
CA ARG B 203 -49.35 -16.46 15.18
C ARG B 203 -49.80 -15.47 14.11
N SER B 204 -49.08 -14.36 13.96
CA SER B 204 -49.41 -13.32 12.99
C SER B 204 -48.60 -13.40 11.70
N ILE B 205 -47.53 -14.18 11.67
CA ILE B 205 -46.84 -14.40 10.40
C ILE B 205 -47.64 -15.35 9.52
N GLN B 206 -48.15 -16.44 10.12
CA GLN B 206 -48.94 -17.40 9.35
C GLN B 206 -50.18 -16.74 8.77
N LEU B 207 -50.81 -15.85 9.54
CA LEU B 207 -52.00 -15.17 9.04
C LEU B 207 -51.70 -14.41 7.77
N ILE B 208 -50.61 -13.63 7.76
CA ILE B 208 -50.33 -12.74 6.65
C ILE B 208 -49.89 -13.53 5.42
N LEU B 209 -48.96 -14.47 5.61
CA LEU B 209 -48.47 -15.24 4.47
C LEU B 209 -49.54 -16.15 3.90
N SER B 210 -50.37 -16.76 4.75
CA SER B 210 -51.46 -17.59 4.24
C SER B 210 -52.40 -16.77 3.36
N ARG B 211 -52.95 -15.68 3.91
CA ARG B 211 -53.82 -14.81 3.12
C ARG B 211 -53.10 -14.29 1.88
N ALA B 212 -51.79 -14.08 1.97
CA ALA B 212 -51.04 -13.63 0.81
C ALA B 212 -51.01 -14.69 -0.28
N VAL B 213 -50.82 -15.96 0.08
CA VAL B 213 -50.85 -17.01 -0.93
C VAL B 213 -52.29 -17.30 -1.35
N ASP B 214 -53.25 -17.18 -0.43
CA ASP B 214 -54.66 -17.36 -0.79
C ASP B 214 -55.07 -16.38 -1.89
N LEU B 215 -54.61 -15.14 -1.79
CA LEU B 215 -54.91 -14.14 -2.80
C LEU B 215 -54.17 -14.43 -4.11
N ILE B 216 -53.01 -15.07 -4.03
CA ILE B 216 -52.26 -15.40 -5.25
C ILE B 216 -53.02 -16.41 -6.08
N ILE B 217 -53.39 -17.54 -5.48
CA ILE B 217 -54.04 -18.60 -6.23
C ILE B 217 -55.45 -18.21 -6.63
N GLN B 218 -56.14 -17.41 -5.79
CA GLN B 218 -57.45 -16.90 -6.17
C GLN B 218 -57.37 -16.07 -7.46
N ALA B 219 -56.35 -15.23 -7.58
CA ALA B 219 -56.18 -14.45 -8.81
C ALA B 219 -55.94 -15.35 -10.02
N ARG B 220 -55.39 -16.55 -9.80
CA ARG B 220 -55.14 -17.49 -10.88
C ARG B 220 -56.22 -18.55 -11.02
N GLY B 221 -57.26 -18.51 -10.16
CA GLY B 221 -58.42 -19.35 -10.36
C GLY B 221 -58.29 -20.79 -9.94
N GLY B 222 -57.41 -21.10 -9.00
CA GLY B 222 -57.25 -22.44 -8.50
C GLY B 222 -57.62 -22.57 -7.04
N VAL B 223 -58.75 -21.96 -6.66
CA VAL B 223 -59.08 -21.68 -5.26
C VAL B 223 -58.83 -22.89 -4.37
N VAL B 224 -58.33 -22.62 -3.17
CA VAL B 224 -57.65 -23.61 -2.34
C VAL B 224 -58.39 -23.77 -1.02
N GLU B 225 -58.20 -24.95 -0.42
CA GLU B 225 -58.67 -25.24 0.92
C GLU B 225 -57.82 -24.47 1.95
N PRO B 226 -58.22 -24.50 3.23
CA PRO B 226 -57.38 -23.87 4.26
C PRO B 226 -55.93 -24.34 4.20
N SER B 227 -55.05 -23.46 4.67
CA SER B 227 -53.62 -23.69 4.54
C SER B 227 -53.15 -24.79 5.49
N PRO B 228 -52.21 -25.64 5.07
CA PRO B 228 -51.66 -26.64 6.00
C PRO B 228 -50.79 -26.05 7.10
N SER B 229 -50.43 -24.78 7.01
CA SER B 229 -49.48 -24.17 7.94
C SER B 229 -50.10 -23.80 9.28
N TYR B 230 -51.43 -23.93 9.44
CA TYR B 230 -52.04 -23.55 10.71
C TYR B 230 -51.64 -24.52 11.83
N ALA B 231 -51.31 -25.76 11.49
CA ALA B 231 -50.82 -26.70 12.50
C ALA B 231 -49.43 -26.34 13.01
N LEU B 232 -48.74 -25.40 12.36
CA LEU B 232 -47.44 -24.91 12.80
C LEU B 232 -47.55 -23.79 13.82
N VAL B 233 -48.74 -23.57 14.40
CA VAL B 233 -48.91 -22.53 15.40
C VAL B 233 -48.43 -22.99 16.77
N GLN B 234 -48.70 -24.24 17.13
CA GLN B 234 -48.41 -24.73 18.48
C GLN B 234 -47.00 -25.30 18.61
N GLY C 1 14.50 -22.54 -10.41
CA GLY C 1 14.88 -23.81 -11.04
C GLY C 1 14.14 -25.03 -10.51
N ASN C 2 13.00 -25.33 -11.10
CA ASN C 2 12.10 -26.37 -10.61
C ASN C 2 11.28 -26.88 -11.80
N LYS C 3 10.21 -27.63 -11.51
CA LYS C 3 9.22 -28.08 -12.49
C LYS C 3 9.83 -28.97 -13.57
N ILE C 4 10.18 -30.19 -13.15
CA ILE C 4 10.82 -31.18 -14.04
C ILE C 4 9.93 -31.51 -15.24
N HIS C 5 10.55 -32.09 -16.26
CA HIS C 5 9.94 -32.23 -17.57
C HIS C 5 8.62 -32.98 -17.48
N PRO C 6 7.55 -32.49 -18.14
CA PRO C 6 6.27 -33.24 -18.10
C PRO C 6 6.27 -34.51 -18.91
N ILE C 7 6.85 -34.50 -20.12
CA ILE C 7 6.89 -35.73 -20.92
C ILE C 7 7.73 -36.78 -20.22
N GLY C 8 8.99 -36.45 -19.91
CA GLY C 8 9.85 -37.41 -19.23
C GLY C 8 9.26 -37.91 -17.94
N PHE C 9 8.41 -37.11 -17.29
CA PHE C 9 7.71 -37.55 -16.10
C PHE C 9 6.75 -38.69 -16.43
N ARG C 10 6.07 -38.61 -17.58
CA ARG C 10 4.96 -39.48 -17.92
C ARG C 10 5.33 -40.58 -18.90
N LEU C 11 6.63 -40.86 -19.10
CA LEU C 11 7.02 -41.88 -20.07
C LEU C 11 6.50 -43.26 -19.69
N GLY C 12 6.25 -43.49 -18.40
CA GLY C 12 5.68 -44.77 -18.00
C GLY C 12 4.22 -44.89 -18.37
N ILE C 13 3.40 -43.93 -17.95
CA ILE C 13 1.95 -43.97 -18.14
C ILE C 13 1.51 -42.68 -18.79
N THR C 14 0.59 -42.79 -19.76
CA THR C 14 0.01 -41.70 -20.54
C THR C 14 1.03 -40.99 -21.41
N ARG C 15 2.13 -41.67 -21.72
CA ARG C 15 3.03 -41.22 -22.79
C ARG C 15 3.91 -42.40 -23.16
N ASP C 16 4.13 -42.57 -24.45
CA ASP C 16 4.97 -43.65 -24.95
C ASP C 16 6.27 -43.06 -25.50
N TRP C 17 7.18 -43.95 -25.86
CA TRP C 17 8.48 -43.52 -26.35
C TRP C 17 8.42 -43.17 -27.82
N GLU C 18 9.28 -42.22 -28.22
CA GLU C 18 9.44 -41.91 -29.64
C GLU C 18 10.26 -42.97 -30.35
N SER C 19 11.12 -43.69 -29.61
CA SER C 19 11.86 -44.83 -30.13
C SER C 19 11.44 -46.05 -29.33
N ARG C 20 10.90 -47.06 -30.02
CA ARG C 20 10.55 -48.33 -29.39
C ARG C 20 11.21 -49.46 -30.17
N TRP C 21 12.32 -49.96 -29.65
CA TRP C 21 13.01 -51.15 -30.16
C TRP C 21 13.89 -51.68 -29.04
N TYR C 22 14.65 -52.74 -29.34
CA TYR C 22 15.48 -53.42 -28.36
C TYR C 22 16.90 -53.52 -28.89
N ALA C 23 17.87 -53.57 -27.97
CA ALA C 23 19.26 -53.65 -28.36
C ALA C 23 20.10 -54.13 -27.17
N GLY C 24 21.31 -54.59 -27.47
CA GLY C 24 22.24 -55.01 -26.46
C GLY C 24 23.24 -53.92 -26.11
N LYS C 25 24.25 -54.30 -25.33
CA LYS C 25 25.31 -53.37 -24.96
C LYS C 25 26.12 -52.94 -26.18
N LYS C 26 26.21 -53.79 -27.20
CA LYS C 26 27.00 -53.52 -28.39
C LYS C 26 26.19 -52.85 -29.49
N GLN C 27 24.88 -52.71 -29.31
CA GLN C 27 24.01 -52.20 -30.36
C GLN C 27 23.40 -50.84 -30.03
N TYR C 28 22.89 -50.69 -28.82
CA TYR C 28 22.17 -49.49 -28.38
C TYR C 28 22.86 -48.19 -28.73
N ARG C 29 24.20 -48.15 -28.63
CA ARG C 29 24.94 -46.94 -28.93
C ARG C 29 24.61 -46.39 -30.31
N HIS C 30 24.77 -47.22 -31.35
CA HIS C 30 24.70 -46.74 -32.73
C HIS C 30 23.27 -46.66 -33.24
N LEU C 31 22.39 -47.57 -32.81
CA LEU C 31 20.99 -47.47 -33.18
C LEU C 31 20.38 -46.17 -32.67
N LEU C 32 20.83 -45.72 -31.50
CA LEU C 32 20.37 -44.43 -30.98
C LEU C 32 20.95 -43.27 -31.78
N LEU C 33 22.21 -43.40 -32.23
CA LEU C 33 22.78 -42.39 -33.10
C LEU C 33 22.01 -42.32 -34.41
N GLU C 34 21.55 -43.47 -34.92
CA GLU C 34 20.78 -43.48 -36.15
C GLU C 34 19.46 -42.75 -35.97
N ASP C 35 18.73 -43.05 -34.89
CA ASP C 35 17.48 -42.35 -34.60
C ASP C 35 17.69 -40.84 -34.56
N GLN C 36 18.81 -40.40 -33.99
CA GLN C 36 19.06 -38.98 -33.82
C GLN C 36 19.37 -38.31 -35.15
N ARG C 37 20.05 -39.00 -36.06
CA ARG C 37 20.29 -38.44 -37.39
C ARG C 37 19.00 -38.36 -38.18
N ILE C 38 18.13 -39.36 -38.01
CA ILE C 38 16.84 -39.39 -38.68
C ILE C 38 15.99 -38.22 -38.23
N ARG C 39 15.71 -38.13 -36.92
CA ARG C 39 14.93 -37.03 -36.39
C ARG C 39 15.52 -35.69 -36.79
N GLY C 40 16.84 -35.55 -36.66
CA GLY C 40 17.50 -34.31 -37.05
C GLY C 40 17.27 -33.97 -38.51
N LEU C 41 17.48 -34.95 -39.40
CA LEU C 41 17.34 -34.68 -40.83
C LEU C 41 15.90 -34.31 -41.20
N LEU C 42 14.92 -34.86 -40.49
CA LEU C 42 13.53 -34.53 -40.80
C LEU C 42 13.16 -33.13 -40.34
N GLU C 43 13.65 -32.72 -39.18
CA GLU C 43 13.30 -31.40 -38.65
C GLU C 43 13.86 -30.29 -39.53
N LYS C 44 14.95 -30.52 -40.25
CA LYS C 44 15.42 -29.52 -41.22
C LYS C 44 14.46 -29.45 -42.41
N GLU C 45 14.13 -30.61 -43.00
CA GLU C 45 13.42 -30.62 -44.26
C GLU C 45 11.92 -30.41 -44.08
N LEU C 46 11.33 -30.96 -43.02
CA LEU C 46 9.88 -31.00 -42.88
C LEU C 46 9.31 -29.90 -41.98
N TYR C 47 10.13 -28.97 -41.51
CA TYR C 47 9.60 -27.91 -40.64
C TYR C 47 8.44 -27.18 -41.30
N SER C 48 8.55 -26.95 -42.61
CA SER C 48 7.47 -26.30 -43.36
C SER C 48 6.21 -27.14 -43.35
N ALA C 49 6.35 -28.47 -43.31
CA ALA C 49 5.18 -29.34 -43.28
C ALA C 49 4.46 -29.34 -41.94
N GLY C 50 5.13 -28.88 -40.88
CA GLY C 50 4.55 -28.85 -39.56
C GLY C 50 4.49 -30.21 -38.91
N LEU C 51 5.65 -30.79 -38.59
CA LEU C 51 5.71 -32.12 -37.98
C LEU C 51 5.66 -32.01 -36.46
N ALA C 52 4.99 -32.98 -35.84
CA ALA C 52 4.87 -33.02 -34.39
C ALA C 52 5.77 -34.06 -33.77
N ARG C 53 5.67 -35.31 -34.22
CA ARG C 53 6.42 -36.41 -33.62
C ARG C 53 7.05 -37.26 -34.70
N VAL C 54 8.18 -37.88 -34.36
CA VAL C 54 8.86 -38.85 -35.21
C VAL C 54 8.96 -40.14 -34.40
N ASP C 55 8.25 -41.18 -34.86
CA ASP C 55 8.21 -42.47 -34.17
C ASP C 55 9.06 -43.47 -34.96
N ILE C 56 10.11 -43.96 -34.32
CA ILE C 56 11.05 -44.88 -34.95
C ILE C 56 10.95 -46.23 -34.24
N GLU C 57 10.55 -47.26 -34.98
CA GLU C 57 10.45 -48.61 -34.47
C GLU C 57 11.31 -49.55 -35.31
N ARG C 58 11.92 -50.53 -34.64
CA ARG C 58 12.71 -51.55 -35.31
C ARG C 58 12.33 -52.91 -34.76
N ALA C 59 12.08 -53.86 -35.65
CA ALA C 59 11.98 -55.26 -35.24
C ALA C 59 13.32 -55.95 -35.43
N ALA C 60 13.81 -56.00 -36.67
CA ALA C 60 15.13 -56.55 -36.94
C ALA C 60 15.62 -56.00 -38.27
N ASP C 61 16.56 -55.04 -38.21
CA ASP C 61 17.17 -54.45 -39.38
C ASP C 61 16.17 -53.63 -40.21
N ASN C 62 14.91 -53.62 -39.78
CA ASN C 62 13.88 -52.82 -40.41
C ASN C 62 13.62 -51.58 -39.56
N VAL C 63 13.23 -50.50 -40.23
CA VAL C 63 13.01 -49.22 -39.60
C VAL C 63 11.59 -48.76 -39.95
N ALA C 64 10.81 -48.42 -38.92
CA ALA C 64 9.38 -48.17 -39.06
C ALA C 64 9.01 -46.71 -38.85
N VAL C 65 9.83 -45.79 -39.39
CA VAL C 65 9.63 -44.36 -39.18
C VAL C 65 8.22 -43.95 -39.58
N THR C 66 7.53 -43.26 -38.67
CA THR C 66 6.18 -42.76 -38.90
C THR C 66 6.11 -41.31 -38.48
N VAL C 67 5.95 -40.41 -39.45
CA VAL C 67 5.99 -38.97 -39.22
C VAL C 67 4.56 -38.46 -39.10
N HIS C 68 4.24 -37.86 -37.96
CA HIS C 68 2.93 -37.25 -37.75
C HIS C 68 3.02 -35.78 -38.13
N VAL C 69 2.30 -35.40 -39.18
CA VAL C 69 2.43 -34.08 -39.80
C VAL C 69 1.07 -33.39 -39.82
N ALA C 70 1.12 -32.06 -39.73
CA ALA C 70 -0.12 -31.28 -39.77
C ALA C 70 -0.74 -31.27 -41.15
N LYS C 71 0.08 -31.09 -42.20
CA LYS C 71 -0.38 -31.12 -43.59
C LYS C 71 0.34 -32.24 -44.32
N PRO C 72 -0.22 -33.46 -44.33
CA PRO C 72 0.43 -34.57 -45.02
C PRO C 72 0.64 -34.36 -46.51
N GLY C 73 -0.08 -33.40 -47.13
CA GLY C 73 0.16 -33.12 -48.53
C GLY C 73 1.57 -32.62 -48.80
N VAL C 74 2.10 -31.80 -47.90
CA VAL C 74 3.45 -31.25 -48.08
C VAL C 74 4.46 -32.39 -48.13
N VAL C 75 4.24 -33.42 -47.33
CA VAL C 75 5.16 -34.55 -47.27
C VAL C 75 5.19 -35.28 -48.60
N ILE C 76 4.03 -35.80 -49.02
CA ILE C 76 3.96 -36.67 -50.19
C ILE C 76 4.44 -35.93 -51.44
N GLY C 77 4.14 -34.64 -51.54
CA GLY C 77 4.40 -33.91 -52.77
C GLY C 77 3.29 -34.18 -53.78
N ARG C 78 3.52 -33.69 -55.00
CA ARG C 78 2.56 -33.88 -56.07
C ARG C 78 2.75 -35.27 -56.67
N GLY C 79 1.74 -36.13 -56.51
CA GLY C 79 1.80 -37.47 -57.06
C GLY C 79 2.89 -38.34 -56.47
N GLY C 80 3.30 -38.09 -55.24
CA GLY C 80 4.34 -38.89 -54.61
C GLY C 80 5.74 -38.49 -55.01
N GLU C 81 6.00 -37.18 -55.15
CA GLU C 81 7.30 -36.73 -55.62
C GLU C 81 8.31 -36.59 -54.49
N ARG C 82 7.95 -35.86 -53.43
CA ARG C 82 8.93 -35.61 -52.39
C ARG C 82 9.16 -36.84 -51.52
N ILE C 83 8.16 -37.71 -51.39
CA ILE C 83 8.30 -38.92 -50.59
C ILE C 83 9.16 -39.94 -51.30
N ARG C 84 9.71 -39.58 -52.46
CA ARG C 84 10.69 -40.39 -53.17
C ARG C 84 12.10 -39.84 -52.97
N VAL C 85 12.29 -38.53 -53.15
CA VAL C 85 13.61 -37.92 -53.06
C VAL C 85 14.22 -38.16 -51.69
N LEU C 86 13.48 -37.80 -50.63
CA LEU C 86 14.04 -37.84 -49.29
C LEU C 86 13.87 -39.20 -48.61
N ARG C 87 12.96 -40.05 -49.11
CA ARG C 87 12.91 -41.43 -48.64
C ARG C 87 14.04 -42.26 -49.24
N GLU C 88 14.55 -41.86 -50.39
CA GLU C 88 15.80 -42.45 -50.89
C GLU C 88 16.99 -41.81 -50.18
N GLU C 89 16.92 -40.49 -49.91
CA GLU C 89 17.98 -39.80 -49.19
C GLU C 89 18.14 -40.31 -47.77
N LEU C 90 17.11 -40.95 -47.22
CA LEU C 90 17.20 -41.48 -45.86
C LEU C 90 17.95 -42.81 -45.82
N ALA C 91 17.75 -43.67 -46.81
CA ALA C 91 18.47 -44.93 -46.87
C ALA C 91 19.89 -44.78 -47.41
N LYS C 92 20.30 -43.57 -47.80
CA LYS C 92 21.69 -43.34 -48.18
C LYS C 92 22.57 -43.08 -46.96
N LEU C 93 22.07 -42.28 -46.01
CA LEU C 93 22.79 -42.06 -44.76
C LEU C 93 22.94 -43.36 -43.97
N THR C 94 21.82 -44.06 -43.78
CA THR C 94 21.79 -45.34 -43.07
C THR C 94 21.51 -46.44 -44.08
N GLY C 95 22.39 -47.45 -44.11
CA GLY C 95 22.26 -48.50 -45.10
C GLY C 95 21.10 -49.46 -44.86
N LYS C 96 20.19 -49.12 -43.96
CA LYS C 96 19.16 -50.05 -43.53
C LYS C 96 18.06 -50.28 -44.56
N ASN C 97 18.02 -49.49 -45.65
CA ASN C 97 17.03 -49.64 -46.71
C ASN C 97 15.61 -49.49 -46.16
N VAL C 98 15.39 -48.38 -45.48
CA VAL C 98 14.24 -48.19 -44.59
C VAL C 98 13.05 -47.66 -45.38
N ALA C 99 11.86 -48.14 -45.01
CA ALA C 99 10.60 -47.68 -45.57
C ALA C 99 9.97 -46.66 -44.63
N LEU C 100 9.12 -45.80 -45.20
CA LEU C 100 8.62 -44.61 -44.54
C LEU C 100 7.09 -44.54 -44.63
N ASN C 101 6.46 -44.12 -43.54
CA ASN C 101 5.01 -43.95 -43.47
C ASN C 101 4.69 -42.53 -43.01
N VAL C 102 3.52 -42.04 -43.42
CA VAL C 102 3.07 -40.69 -43.10
C VAL C 102 1.71 -40.75 -42.42
N GLN C 103 1.48 -39.87 -41.45
CA GLN C 103 0.27 -39.86 -40.65
C GLN C 103 -0.26 -38.43 -40.53
N GLU C 104 -1.57 -38.27 -40.67
CA GLU C 104 -2.15 -36.95 -40.46
C GLU C 104 -2.28 -36.67 -38.97
N VAL C 105 -2.42 -35.40 -38.65
CA VAL C 105 -2.77 -34.95 -37.31
C VAL C 105 -3.98 -34.03 -37.44
N GLN C 106 -5.06 -34.36 -36.74
CA GLN C 106 -6.24 -33.52 -36.72
C GLN C 106 -6.11 -32.47 -35.62
N ASN C 107 -6.60 -31.27 -35.92
CA ASN C 107 -6.42 -30.09 -35.09
C ASN C 107 -4.94 -29.86 -34.79
N PRO C 108 -4.18 -29.30 -35.74
CA PRO C 108 -2.80 -28.87 -35.44
C PRO C 108 -2.72 -27.98 -34.21
N ASN C 109 -3.80 -27.26 -33.88
CA ASN C 109 -3.85 -26.49 -32.66
C ASN C 109 -4.01 -27.36 -31.42
N LEU C 110 -4.08 -28.68 -31.54
CA LEU C 110 -4.20 -29.56 -30.39
C LEU C 110 -2.92 -30.34 -30.10
N SER C 111 -1.90 -30.21 -30.94
CA SER C 111 -0.60 -30.80 -30.68
C SER C 111 0.30 -29.73 -30.10
N ALA C 112 0.77 -29.95 -28.87
CA ALA C 112 1.59 -28.95 -28.19
C ALA C 112 2.78 -28.47 -29.01
N PRO C 113 3.65 -29.33 -29.56
CA PRO C 113 4.83 -28.82 -30.29
C PRO C 113 4.45 -28.00 -31.50
N LEU C 114 3.25 -28.16 -32.03
CA LEU C 114 2.77 -27.33 -33.13
C LEU C 114 2.37 -25.94 -32.65
N VAL C 115 1.59 -25.88 -31.57
CA VAL C 115 1.19 -24.59 -31.02
C VAL C 115 2.43 -23.80 -30.64
N ALA C 116 3.47 -24.48 -30.16
CA ALA C 116 4.72 -23.81 -29.84
C ALA C 116 5.36 -23.23 -31.10
N GLN C 117 5.53 -24.06 -32.14
CA GLN C 117 6.09 -23.59 -33.40
C GLN C 117 5.30 -22.39 -33.92
N ARG C 118 3.98 -22.42 -33.74
CA ARG C 118 3.14 -21.32 -34.21
C ARG C 118 3.49 -20.02 -33.48
N VAL C 119 3.50 -20.06 -32.15
CA VAL C 119 3.82 -18.87 -31.37
C VAL C 119 5.24 -18.40 -31.67
N ALA C 120 6.19 -19.35 -31.76
CA ALA C 120 7.56 -18.97 -32.05
C ALA C 120 7.70 -18.36 -33.44
N GLU C 121 6.86 -18.79 -34.38
CA GLU C 121 6.88 -18.17 -35.71
C GLU C 121 6.54 -16.69 -35.60
N GLN C 122 5.45 -16.38 -34.91
CA GLN C 122 4.99 -15.00 -34.81
C GLN C 122 6.01 -14.11 -34.11
N ILE C 123 6.88 -14.68 -33.28
CA ILE C 123 7.87 -13.87 -32.59
C ILE C 123 9.02 -13.49 -33.51
N GLU C 124 9.40 -14.40 -34.41
CA GLU C 124 10.44 -14.08 -35.39
C GLU C 124 9.98 -12.98 -36.35
N ARG C 125 8.67 -12.82 -36.51
CA ARG C 125 8.09 -11.71 -37.26
C ARG C 125 7.68 -10.54 -36.37
N ARG C 126 7.90 -10.64 -35.07
CA ARG C 126 7.68 -9.54 -34.12
C ARG C 126 6.23 -9.08 -34.12
N PHE C 127 5.37 -9.97 -33.63
CA PHE C 127 4.03 -9.59 -33.24
C PHE C 127 4.01 -9.25 -31.76
N ALA C 128 2.85 -8.81 -31.28
CA ALA C 128 2.65 -8.64 -29.84
C ALA C 128 2.61 -10.02 -29.20
N VAL C 129 3.41 -10.21 -28.15
CA VAL C 129 3.53 -11.55 -27.58
C VAL C 129 2.28 -11.94 -26.81
N ARG C 130 1.72 -11.00 -26.03
CA ARG C 130 0.63 -11.37 -25.13
C ARG C 130 -0.63 -11.70 -25.91
N ARG C 131 -0.89 -10.95 -26.98
CA ARG C 131 -1.95 -11.35 -27.91
C ARG C 131 -1.65 -12.72 -28.50
N ALA C 132 -0.47 -12.87 -29.11
CA ALA C 132 -0.06 -14.14 -29.69
C ALA C 132 -0.23 -15.28 -28.70
N ILE C 133 -0.06 -15.01 -27.41
CA ILE C 133 -0.20 -16.05 -26.39
C ILE C 133 -1.66 -16.35 -26.11
N LYS C 134 -2.40 -15.35 -25.63
CA LYS C 134 -3.80 -15.59 -25.30
C LYS C 134 -4.60 -16.02 -26.53
N GLN C 135 -4.19 -15.58 -27.72
CA GLN C 135 -4.75 -16.14 -28.94
C GLN C 135 -4.46 -17.63 -29.03
N ALA C 136 -3.19 -18.01 -28.90
CA ALA C 136 -2.82 -19.41 -29.02
C ALA C 136 -3.57 -20.28 -28.02
N VAL C 137 -3.83 -19.76 -26.82
CA VAL C 137 -4.62 -20.51 -25.86
C VAL C 137 -6.02 -20.74 -26.40
N GLN C 138 -6.59 -19.74 -27.08
CA GLN C 138 -7.94 -19.89 -27.63
C GLN C 138 -8.00 -21.00 -28.68
N ARG C 139 -7.10 -20.95 -29.67
CA ARG C 139 -7.05 -22.01 -30.67
C ARG C 139 -6.99 -23.38 -30.02
N VAL C 140 -6.24 -23.50 -28.93
CA VAL C 140 -6.18 -24.76 -28.19
C VAL C 140 -7.43 -24.95 -27.34
N MET C 141 -7.84 -23.89 -26.63
CA MET C 141 -8.95 -24.03 -25.68
C MET C 141 -10.28 -24.26 -26.39
N GLU C 142 -10.48 -23.63 -27.55
CA GLU C 142 -11.76 -23.72 -28.23
C GLU C 142 -12.04 -25.09 -28.83
N SER C 143 -11.11 -26.02 -28.72
CA SER C 143 -11.27 -27.38 -29.27
C SER C 143 -10.92 -28.40 -28.20
N GLY C 144 -11.92 -28.92 -27.50
CA GLY C 144 -11.67 -29.87 -26.42
C GLY C 144 -10.84 -29.23 -25.32
N ALA C 145 -9.73 -29.89 -24.97
CA ALA C 145 -8.62 -29.24 -24.27
C ALA C 145 -9.08 -28.63 -22.94
N LYS C 146 -9.37 -29.51 -21.97
CA LYS C 146 -9.79 -29.08 -20.64
C LYS C 146 -8.76 -28.17 -19.94
N GLY C 147 -7.60 -27.94 -20.56
CA GLY C 147 -6.67 -26.95 -20.07
C GLY C 147 -5.57 -26.67 -21.07
N ALA C 148 -4.98 -25.48 -20.93
CA ALA C 148 -3.88 -25.08 -21.79
C ALA C 148 -3.06 -23.98 -21.12
N LYS C 149 -1.78 -23.89 -21.50
CA LYS C 149 -0.84 -22.93 -20.92
C LYS C 149 0.31 -22.68 -21.87
N VAL C 150 0.65 -21.41 -22.06
CA VAL C 150 1.74 -21.01 -22.95
C VAL C 150 2.71 -20.13 -22.18
N ILE C 151 4.00 -20.34 -22.41
CA ILE C 151 5.07 -19.65 -21.71
C ILE C 151 6.05 -19.07 -22.73
N VAL C 152 6.46 -17.82 -22.51
CA VAL C 152 7.48 -17.19 -23.34
C VAL C 152 8.62 -16.74 -22.43
N SER C 153 9.83 -16.78 -22.96
CA SER C 153 11.05 -16.52 -22.21
C SER C 153 11.41 -15.04 -22.30
N GLY C 154 12.67 -14.70 -22.00
CA GLY C 154 13.10 -13.32 -21.87
C GLY C 154 13.37 -12.59 -23.18
N ARG C 155 13.67 -11.30 -23.03
CA ARG C 155 13.87 -10.36 -24.14
C ARG C 155 12.60 -10.17 -24.96
N ILE C 156 11.43 -10.26 -24.31
CA ILE C 156 10.16 -10.13 -25.00
C ILE C 156 10.09 -8.79 -25.72
N GLY C 157 9.63 -8.82 -26.97
CA GLY C 157 9.50 -7.61 -27.76
C GLY C 157 10.81 -6.88 -27.95
N GLY C 158 11.92 -7.61 -27.92
CA GLY C 158 13.22 -6.97 -28.02
C GLY C 158 13.59 -6.11 -26.84
N ALA C 159 12.95 -6.32 -25.68
CA ALA C 159 13.26 -5.54 -24.51
C ALA C 159 14.65 -5.86 -23.98
N GLU C 160 15.29 -4.85 -23.39
CA GLU C 160 16.64 -5.04 -22.84
C GLU C 160 16.63 -6.00 -21.67
N GLN C 161 15.59 -5.93 -20.83
CA GLN C 161 15.46 -6.80 -19.66
C GLN C 161 14.66 -8.04 -20.03
N ALA C 162 15.19 -9.21 -19.67
CA ALA C 162 14.49 -10.46 -19.93
C ALA C 162 13.24 -10.57 -19.05
N ARG C 163 12.15 -11.05 -19.65
CA ARG C 163 10.88 -11.16 -18.95
C ARG C 163 10.31 -12.57 -19.10
N THR C 164 9.05 -12.76 -18.70
CA THR C 164 8.40 -14.06 -18.78
C THR C 164 6.91 -13.85 -18.98
N GLU C 165 6.30 -14.61 -19.89
CA GLU C 165 4.89 -14.42 -20.19
C GLU C 165 4.12 -15.73 -19.99
N TRP C 166 2.81 -15.63 -20.15
CA TRP C 166 1.89 -16.29 -19.23
C TRP C 166 0.57 -16.69 -19.87
N ALA C 167 -0.50 -16.61 -19.05
CA ALA C 167 -1.87 -16.78 -19.50
C ALA C 167 -2.20 -18.19 -19.91
N ALA C 168 -2.24 -19.09 -18.93
CA ALA C 168 -2.96 -20.35 -19.09
C ALA C 168 -4.47 -20.13 -18.94
N GLN C 169 -5.23 -21.12 -19.40
CA GLN C 169 -6.67 -21.18 -19.21
C GLN C 169 -7.08 -22.62 -18.92
N GLY C 170 -8.25 -22.76 -18.31
CA GLY C 170 -8.68 -24.09 -17.90
C GLY C 170 -7.83 -24.58 -16.74
N ARG C 171 -7.40 -25.85 -16.81
CA ARG C 171 -6.57 -26.43 -15.77
C ARG C 171 -5.43 -27.19 -16.40
N VAL C 172 -4.21 -26.90 -15.96
CA VAL C 172 -3.02 -27.64 -16.38
C VAL C 172 -2.32 -28.17 -15.13
N PRO C 173 -2.73 -29.33 -14.63
CA PRO C 173 -2.18 -29.88 -13.36
C PRO C 173 -0.95 -30.75 -13.54
N LEU C 174 0.22 -30.11 -13.68
CA LEU C 174 1.46 -30.85 -13.91
C LEU C 174 1.73 -31.87 -12.80
N HIS C 175 1.32 -31.56 -11.57
CA HIS C 175 1.73 -32.36 -10.42
C HIS C 175 1.07 -33.72 -10.37
N THR C 176 -0.14 -33.85 -10.89
CA THR C 176 -0.80 -35.13 -11.01
C THR C 176 -0.37 -35.80 -12.31
N LEU C 177 0.22 -36.97 -12.19
CA LEU C 177 0.58 -37.77 -13.35
C LEU C 177 -0.59 -38.71 -13.64
N ARG C 178 -1.67 -38.13 -14.12
CA ARG C 178 -2.76 -39.00 -14.54
C ARG C 178 -3.14 -38.70 -15.97
N ALA C 179 -3.30 -37.42 -16.29
CA ALA C 179 -4.27 -37.01 -17.31
C ALA C 179 -3.66 -36.50 -18.61
N ASN C 180 -2.49 -37.02 -19.01
CA ASN C 180 -1.98 -36.88 -20.38
C ASN C 180 -1.85 -35.41 -20.81
N ILE C 181 -0.93 -34.72 -20.17
CA ILE C 181 -0.61 -33.36 -20.57
C ILE C 181 0.39 -33.44 -21.71
N ASP C 182 0.06 -32.84 -22.85
CA ASP C 182 0.98 -32.77 -23.97
C ASP C 182 1.90 -31.57 -23.82
N TYR C 183 3.14 -31.73 -24.27
CA TYR C 183 4.15 -30.70 -24.09
C TYR C 183 4.97 -30.57 -25.36
N GLY C 184 5.33 -29.34 -25.69
CA GLY C 184 6.19 -29.08 -26.82
C GLY C 184 7.01 -27.85 -26.57
N PHE C 185 8.16 -27.78 -27.23
CA PHE C 185 9.06 -26.65 -27.08
C PHE C 185 9.36 -26.07 -28.45
N ALA C 186 9.44 -24.75 -28.52
CA ALA C 186 9.80 -24.04 -29.73
C ALA C 186 10.89 -23.03 -29.42
N LEU C 187 11.71 -22.76 -30.43
CA LEU C 187 12.85 -21.88 -30.32
C LEU C 187 12.70 -20.77 -31.35
N ALA C 188 12.55 -19.53 -30.87
CA ALA C 188 12.44 -18.35 -31.72
C ALA C 188 13.75 -17.59 -31.65
N ARG C 189 14.40 -17.43 -32.81
CA ARG C 189 15.65 -16.68 -32.92
C ARG C 189 15.41 -15.38 -33.66
N THR C 190 15.83 -14.27 -33.06
CA THR C 190 15.63 -12.94 -33.61
C THR C 190 16.94 -12.16 -33.56
N THR C 191 16.92 -10.94 -34.09
CA THR C 191 18.13 -10.12 -34.08
C THR C 191 18.53 -9.75 -32.67
N TYR C 192 17.57 -9.58 -31.76
CA TYR C 192 17.93 -9.25 -30.39
C TYR C 192 18.41 -10.46 -29.60
N GLY C 193 18.05 -11.66 -30.01
CA GLY C 193 18.53 -12.84 -29.31
C GLY C 193 17.58 -14.01 -29.50
N VAL C 194 17.47 -14.81 -28.44
CA VAL C 194 16.75 -16.08 -28.46
C VAL C 194 15.57 -16.00 -27.50
N LEU C 195 14.51 -16.74 -27.84
CA LEU C 195 13.33 -16.84 -26.99
C LEU C 195 12.82 -18.26 -26.97
N GLY C 196 12.62 -18.80 -25.77
CA GLY C 196 12.04 -20.13 -25.62
C GLY C 196 10.53 -20.08 -25.52
N VAL C 197 9.88 -21.05 -26.16
CA VAL C 197 8.43 -21.13 -26.19
C VAL C 197 8.00 -22.51 -25.70
N LYS C 198 7.30 -22.54 -24.58
CA LYS C 198 6.77 -23.78 -24.01
C LYS C 198 5.27 -23.84 -24.21
N ALA C 199 4.78 -25.02 -24.56
CA ALA C 199 3.35 -25.21 -24.86
C ALA C 199 2.83 -26.36 -24.02
N TYR C 200 1.82 -26.08 -23.19
CA TYR C 200 1.13 -27.10 -22.41
C TYR C 200 -0.30 -27.22 -22.89
N ILE C 201 -0.73 -28.45 -23.19
CA ILE C 201 -2.11 -28.75 -23.55
C ILE C 201 -2.58 -29.91 -22.68
N PHE C 202 -3.76 -29.75 -22.08
CA PHE C 202 -4.33 -30.73 -21.17
C PHE C 202 -5.56 -31.35 -21.80
N LEU C 203 -5.57 -32.69 -21.85
CA LEU C 203 -6.65 -33.41 -22.52
C LEU C 203 -6.79 -34.78 -21.88
N GLY C 204 -8.03 -35.18 -21.63
CA GLY C 204 -8.32 -36.48 -21.08
C GLY C 204 -8.04 -36.57 -19.60
N GLU C 205 -8.62 -37.59 -18.97
CA GLU C 205 -8.48 -37.79 -17.52
C GLU C 205 -7.76 -39.09 -17.18
N VAL C 206 -8.29 -40.25 -17.59
CA VAL C 206 -7.68 -41.51 -17.20
C VAL C 206 -6.97 -42.12 -18.39
N GLY D 1 6.06 34.09 -49.03
CA GLY D 1 5.83 33.09 -50.05
C GLY D 1 5.34 31.77 -49.49
N ARG D 2 4.23 31.27 -50.05
CA ARG D 2 3.58 30.07 -49.54
C ARG D 2 4.49 28.86 -49.73
N TYR D 3 3.99 27.71 -49.27
CA TYR D 3 4.78 26.48 -49.37
C TYR D 3 5.01 26.13 -50.82
N ILE D 4 6.28 25.97 -51.18
CA ILE D 4 6.68 25.56 -52.53
C ILE D 4 7.58 24.34 -52.38
N GLY D 5 7.08 23.19 -52.79
CA GLY D 5 7.80 21.94 -52.65
C GLY D 5 6.89 20.79 -53.02
N PRO D 6 7.36 19.56 -52.81
CA PRO D 6 6.55 18.38 -53.18
C PRO D 6 5.16 18.41 -52.53
N VAL D 7 4.16 17.94 -53.27
CA VAL D 7 2.77 18.11 -52.91
C VAL D 7 2.06 16.77 -52.73
N CYS D 8 2.16 15.88 -53.72
CA CYS D 8 1.54 14.56 -53.63
C CYS D 8 2.19 13.77 -52.48
N ARG D 9 3.16 14.37 -51.79
CA ARG D 9 3.62 13.91 -50.48
C ARG D 9 2.67 14.31 -49.36
N LEU D 10 1.97 15.43 -49.51
CA LEU D 10 1.03 15.87 -48.49
C LEU D 10 -0.32 15.20 -48.64
N CYS D 11 -0.67 14.83 -49.88
CA CYS D 11 -1.75 13.88 -50.14
C CYS D 11 -1.57 12.69 -49.18
N ARG D 12 -0.30 12.30 -48.96
CA ARG D 12 0.01 11.08 -48.22
C ARG D 12 -0.12 11.29 -46.71
N ARG D 13 0.47 12.35 -46.16
CA ARG D 13 0.49 12.51 -44.71
C ARG D 13 -0.91 12.73 -44.15
N GLU D 14 -1.78 13.39 -44.91
CA GLU D 14 -3.15 13.54 -44.44
C GLU D 14 -3.97 12.27 -44.60
N GLY D 15 -3.50 11.31 -45.40
CA GLY D 15 -4.24 10.10 -45.66
C GLY D 15 -5.45 10.28 -46.56
N VAL D 16 -5.63 11.48 -47.11
CA VAL D 16 -6.75 11.81 -47.99
C VAL D 16 -6.17 12.36 -49.29
N LYS D 17 -6.87 12.13 -50.39
CA LYS D 17 -6.46 12.72 -51.65
C LYS D 17 -6.54 14.25 -51.56
N LEU D 18 -5.44 14.90 -51.88
CA LEU D 18 -5.40 16.35 -52.02
C LEU D 18 -5.21 16.67 -53.48
N TYR D 19 -6.02 17.59 -53.99
CA TYR D 19 -6.08 17.86 -55.41
C TYR D 19 -5.23 19.04 -55.81
N LEU D 20 -4.22 19.38 -55.00
CA LEU D 20 -3.36 20.51 -55.32
C LEU D 20 -2.60 20.32 -56.62
N LYS D 21 -2.40 19.07 -57.04
CA LYS D 21 -1.67 18.79 -58.27
C LYS D 21 -2.47 19.11 -59.53
N GLY D 22 -3.75 19.44 -59.41
CA GLY D 22 -4.59 19.63 -60.58
C GLY D 22 -5.01 18.32 -61.20
N GLU D 23 -4.59 18.08 -62.45
CA GLU D 23 -4.75 16.76 -63.04
C GLU D 23 -3.74 15.80 -62.40
N ARG D 24 -3.83 14.52 -62.76
CA ARG D 24 -2.92 13.47 -62.29
C ARG D 24 -3.15 13.16 -60.81
N CYS D 25 -3.86 14.04 -60.09
CA CYS D 25 -4.52 13.62 -58.87
C CYS D 25 -5.81 12.89 -59.21
N TYR D 26 -6.26 13.00 -60.45
CA TYR D 26 -7.34 12.19 -61.01
C TYR D 26 -6.82 10.92 -61.66
N SER D 27 -5.73 11.02 -62.44
CA SER D 27 -5.15 9.85 -63.08
C SER D 27 -4.55 8.91 -62.03
N PRO D 28 -4.45 7.62 -62.35
CA PRO D 28 -3.88 6.65 -61.38
C PRO D 28 -2.39 6.83 -61.22
N LYS D 29 -1.99 8.03 -60.79
CA LYS D 29 -0.62 8.32 -60.39
C LYS D 29 -0.51 9.14 -59.10
N CYS D 30 -1.64 9.52 -58.46
CA CYS D 30 -1.63 10.51 -57.38
C CYS D 30 -0.74 10.11 -56.23
N ALA D 31 -0.33 8.85 -56.19
CA ALA D 31 0.47 8.25 -55.13
C ALA D 31 -0.40 8.08 -53.90
N MET D 32 -1.59 8.68 -53.91
CA MET D 32 -2.65 8.15 -53.08
C MET D 32 -3.17 6.86 -53.68
N GLU D 33 -2.85 6.62 -54.96
CA GLU D 33 -3.02 5.33 -55.58
C GLU D 33 -1.79 4.48 -55.28
N ARG D 34 -2.00 3.36 -54.62
CA ARG D 34 -0.96 2.38 -54.29
C ARG D 34 0.15 2.97 -53.42
N ARG D 35 -0.11 4.08 -52.73
CA ARG D 35 0.80 4.49 -51.65
C ARG D 35 0.10 5.38 -50.63
N PRO D 36 -1.02 4.94 -50.05
CA PRO D 36 -1.79 5.84 -49.16
C PRO D 36 -1.10 6.09 -47.82
N TYR D 37 0.03 5.48 -47.54
CA TYR D 37 0.66 5.67 -46.25
C TYR D 37 1.53 6.92 -46.25
N PRO D 38 1.74 7.53 -45.08
CA PRO D 38 2.45 8.82 -45.00
C PRO D 38 3.89 8.72 -45.50
N PRO D 39 4.54 9.85 -45.74
CA PRO D 39 5.90 9.82 -46.30
C PRO D 39 6.94 9.54 -45.23
N GLY D 40 8.16 9.27 -45.71
CA GLY D 40 9.30 9.09 -44.84
C GLY D 40 9.61 7.63 -44.57
N GLN D 41 10.64 7.44 -43.75
CA GLN D 41 11.13 6.10 -43.44
C GLN D 41 10.12 5.29 -42.63
N HIS D 42 9.36 5.95 -41.77
CA HIS D 42 8.40 5.29 -40.90
C HIS D 42 6.99 5.33 -41.45
N GLY D 43 6.84 5.52 -42.77
CA GLY D 43 5.51 5.59 -43.35
C GLY D 43 4.75 4.29 -43.22
N GLN D 44 5.39 3.17 -43.51
CA GLN D 44 4.73 1.87 -43.49
C GLN D 44 4.61 1.27 -42.11
N LYS D 45 5.10 1.95 -41.07
CA LYS D 45 4.97 1.40 -39.72
C LYS D 45 3.58 1.68 -39.17
N ARG D 46 3.11 0.77 -38.32
CA ARG D 46 1.80 0.90 -37.71
C ARG D 46 1.74 2.13 -36.81
N ALA D 47 0.79 3.02 -37.09
CA ALA D 47 0.72 4.28 -36.40
C ALA D 47 0.13 4.11 -35.00
N ARG D 48 0.59 4.94 -34.08
CA ARG D 48 0.08 4.94 -32.71
C ARG D 48 -1.21 5.75 -32.62
N ARG D 49 -2.08 5.34 -31.70
CA ARG D 49 -3.34 6.03 -31.47
C ARG D 49 -3.07 7.52 -31.21
N PRO D 50 -3.66 8.40 -32.01
CA PRO D 50 -3.28 9.82 -31.93
C PRO D 50 -3.81 10.48 -30.67
N SER D 51 -3.05 11.47 -30.19
CA SER D 51 -3.50 12.25 -29.05
C SER D 51 -4.67 13.13 -29.45
N ASP D 52 -5.46 13.53 -28.45
CA ASP D 52 -6.56 14.46 -28.70
C ASP D 52 -6.07 15.71 -29.41
N TYR D 53 -4.85 16.15 -29.11
CA TYR D 53 -4.27 17.26 -29.85
C TYR D 53 -3.93 16.85 -31.28
N ALA D 54 -3.27 15.69 -31.43
CA ALA D 54 -2.80 15.25 -32.74
C ALA D 54 -3.92 15.25 -33.76
N VAL D 55 -5.13 14.86 -33.34
CA VAL D 55 -6.28 14.86 -34.24
C VAL D 55 -6.58 16.28 -34.72
N ARG D 56 -6.77 17.18 -33.75
CA ARG D 56 -7.12 18.56 -34.08
C ARG D 56 -6.05 19.22 -34.93
N LEU D 57 -4.78 18.87 -34.73
CA LEU D 57 -3.70 19.47 -35.51
C LEU D 57 -3.74 18.99 -36.96
N ARG D 58 -3.85 17.67 -37.17
CA ARG D 58 -3.87 17.15 -38.52
C ARG D 58 -5.09 17.62 -39.30
N GLU D 59 -6.15 18.03 -38.61
CA GLU D 59 -7.37 18.45 -39.29
C GLU D 59 -7.23 19.86 -39.83
N LYS D 60 -6.63 20.76 -39.06
CA LYS D 60 -6.37 22.11 -39.58
C LYS D 60 -5.42 22.06 -40.76
N GLN D 61 -4.32 21.32 -40.63
CA GLN D 61 -3.40 21.14 -41.75
C GLN D 61 -4.12 20.58 -42.96
N LYS D 62 -5.01 19.60 -42.75
CA LYS D 62 -5.83 19.09 -43.83
C LYS D 62 -6.54 20.21 -44.55
N LEU D 63 -7.02 21.21 -43.80
CA LEU D 63 -7.75 22.32 -44.39
C LEU D 63 -6.81 23.37 -44.96
N ARG D 64 -5.80 23.78 -44.17
CA ARG D 64 -4.92 24.85 -44.62
C ARG D 64 -4.13 24.43 -45.85
N ARG D 65 -3.62 23.20 -45.86
CA ARG D 65 -2.85 22.75 -47.02
C ARG D 65 -3.72 22.68 -48.27
N ILE D 66 -5.03 22.46 -48.10
CA ILE D 66 -5.91 22.37 -49.26
C ILE D 66 -5.96 23.70 -50.01
N TYR D 67 -6.04 24.80 -49.26
CA TYR D 67 -6.17 26.12 -49.87
C TYR D 67 -4.83 26.77 -50.18
N GLY D 68 -3.72 26.14 -49.79
CA GLY D 68 -2.40 26.65 -50.08
C GLY D 68 -2.15 28.00 -49.46
N ILE D 69 -2.34 28.11 -48.15
CA ILE D 69 -2.19 29.37 -47.44
C ILE D 69 -1.18 29.19 -46.32
N SER D 70 -0.44 30.27 -46.05
CA SER D 70 0.41 30.31 -44.88
C SER D 70 -0.44 30.40 -43.62
N GLU D 71 0.10 29.85 -42.53
CA GLU D 71 -0.61 29.89 -41.25
C GLU D 71 -0.99 31.31 -40.88
N ARG D 72 -0.17 32.29 -41.26
CA ARG D 72 -0.45 33.69 -40.96
C ARG D 72 -1.80 34.10 -41.50
N GLN D 73 -1.96 34.11 -42.82
CA GLN D 73 -3.24 34.50 -43.40
C GLN D 73 -4.35 33.56 -42.93
N PHE D 74 -4.02 32.28 -42.76
CA PHE D 74 -5.01 31.31 -42.31
C PHE D 74 -5.55 31.67 -40.94
N ARG D 75 -4.67 31.97 -39.99
CA ARG D 75 -5.09 32.28 -38.62
C ARG D 75 -5.86 33.60 -38.57
N ASN D 76 -5.40 34.61 -39.32
CA ASN D 76 -6.14 35.87 -39.36
C ASN D 76 -7.55 35.67 -39.86
N LEU D 77 -7.71 34.94 -40.96
CA LEU D 77 -9.03 34.61 -41.48
C LEU D 77 -9.93 34.03 -40.41
N PHE D 78 -9.40 33.09 -39.63
CA PHE D 78 -10.23 32.43 -38.63
C PHE D 78 -10.64 33.39 -37.53
N GLU D 79 -9.68 34.14 -36.99
CA GLU D 79 -10.04 35.08 -35.93
C GLU D 79 -11.03 36.11 -36.43
N GLU D 80 -11.02 36.39 -37.72
CA GLU D 80 -12.04 37.24 -38.33
C GLU D 80 -13.43 36.63 -38.19
N ALA D 81 -13.55 35.33 -38.54
CA ALA D 81 -14.87 34.70 -38.57
C ALA D 81 -15.49 34.55 -37.18
N SER D 82 -14.67 34.33 -36.14
CA SER D 82 -15.23 34.19 -34.81
C SER D 82 -15.84 35.49 -34.29
N LYS D 83 -15.52 36.62 -34.92
CA LYS D 83 -16.09 37.91 -34.57
C LYS D 83 -17.40 38.17 -35.31
N LYS D 84 -17.46 37.82 -36.59
CA LYS D 84 -18.65 38.07 -37.39
C LYS D 84 -19.82 37.23 -36.89
N LYS D 85 -21.02 37.78 -37.03
CA LYS D 85 -22.21 37.06 -36.61
C LYS D 85 -22.38 35.80 -37.47
N GLY D 86 -22.86 34.73 -36.85
CA GLY D 86 -23.07 33.48 -37.54
C GLY D 86 -22.07 32.41 -37.14
N VAL D 87 -22.32 31.21 -37.65
CA VAL D 87 -21.53 30.05 -37.26
C VAL D 87 -20.08 30.26 -37.65
N THR D 88 -19.21 30.33 -36.63
CA THR D 88 -17.77 30.44 -36.87
C THR D 88 -17.28 29.36 -37.83
N GLY D 89 -17.87 28.17 -37.77
CA GLY D 89 -17.44 27.08 -38.62
C GLY D 89 -17.62 27.36 -40.09
N SER D 90 -18.86 27.50 -40.53
CA SER D 90 -19.12 27.66 -41.96
C SER D 90 -18.58 28.98 -42.49
N VAL D 91 -18.77 30.07 -41.73
CA VAL D 91 -18.29 31.39 -42.15
C VAL D 91 -16.82 31.34 -42.56
N PHE D 92 -16.01 30.63 -41.78
CA PHE D 92 -14.60 30.44 -42.12
C PHE D 92 -14.46 29.90 -43.54
N LEU D 93 -15.20 28.84 -43.85
CA LEU D 93 -15.11 28.25 -45.18
C LEU D 93 -15.47 29.26 -46.26
N GLY D 94 -16.60 29.95 -46.09
CA GLY D 94 -17.03 30.95 -47.07
C GLY D 94 -16.00 32.02 -47.33
N LEU D 95 -15.12 32.27 -46.36
CA LEU D 95 -14.08 33.27 -46.54
C LEU D 95 -12.92 32.72 -47.37
N LEU D 96 -12.53 31.46 -47.13
CA LEU D 96 -11.51 30.84 -47.98
C LEU D 96 -12.04 30.63 -49.39
N GLU D 97 -13.31 30.23 -49.51
CA GLU D 97 -13.89 30.07 -50.83
C GLU D 97 -14.09 31.40 -51.53
N SER D 98 -14.02 32.52 -50.81
CA SER D 98 -14.09 33.83 -51.44
C SER D 98 -12.73 34.34 -51.92
N ARG D 99 -11.64 33.67 -51.59
CA ARG D 99 -10.35 34.04 -52.15
C ARG D 99 -10.37 33.98 -53.66
N LEU D 100 -9.80 35.01 -54.28
CA LEU D 100 -9.79 35.08 -55.74
C LEU D 100 -9.05 33.89 -56.34
N ASP D 101 -7.88 33.55 -55.79
CA ASP D 101 -7.12 32.44 -56.34
C ASP D 101 -7.93 31.15 -56.32
N ASN D 102 -8.64 30.88 -55.23
CA ASN D 102 -9.48 29.70 -55.17
C ASN D 102 -10.68 29.83 -56.11
N VAL D 103 -11.27 31.03 -56.19
CA VAL D 103 -12.41 31.23 -57.09
C VAL D 103 -12.01 30.90 -58.52
N VAL D 104 -10.83 31.35 -58.94
CA VAL D 104 -10.35 31.07 -60.30
C VAL D 104 -10.26 29.57 -60.54
N TYR D 105 -9.76 28.83 -59.54
CA TYR D 105 -9.75 27.37 -59.66
C TYR D 105 -11.16 26.83 -59.74
N ARG D 106 -12.01 27.18 -58.77
CA ARG D 106 -13.38 26.67 -58.73
C ARG D 106 -14.10 26.93 -60.05
N LEU D 107 -13.79 28.05 -60.72
CA LEU D 107 -14.40 28.36 -62.00
C LEU D 107 -13.78 27.61 -63.16
N GLY D 108 -12.79 26.74 -62.90
CA GLY D 108 -12.20 25.97 -63.97
C GLY D 108 -11.36 26.75 -64.96
N PHE D 109 -10.98 27.98 -64.63
CA PHE D 109 -10.03 28.71 -65.47
C PHE D 109 -8.64 28.11 -65.37
N ALA D 110 -8.29 27.53 -64.23
CA ALA D 110 -7.02 26.86 -64.06
C ALA D 110 -7.25 25.46 -63.53
N VAL D 111 -6.26 24.59 -63.77
CA VAL D 111 -6.40 23.18 -63.44
C VAL D 111 -6.40 22.99 -61.92
N SER D 112 -5.46 23.62 -61.25
CA SER D 112 -5.24 23.43 -59.82
C SER D 112 -5.47 24.73 -59.07
N ARG D 113 -5.34 24.66 -57.74
CA ARG D 113 -5.24 25.88 -56.96
C ARG D 113 -3.97 26.63 -57.29
N ARG D 114 -2.83 25.93 -57.26
CA ARG D 114 -1.54 26.58 -57.45
C ARG D 114 -1.44 27.26 -58.80
N GLN D 115 -1.97 26.61 -59.85
CA GLN D 115 -1.99 27.22 -61.17
C GLN D 115 -2.87 28.45 -61.18
N ALA D 116 -4.04 28.37 -60.54
CA ALA D 116 -4.90 29.55 -60.42
C ALA D 116 -4.17 30.68 -59.70
N ARG D 117 -3.34 30.34 -58.73
CA ARG D 117 -2.55 31.37 -58.04
C ARG D 117 -1.67 32.10 -59.04
N GLN D 118 -0.94 31.35 -59.88
CA GLN D 118 -0.03 32.01 -60.83
C GLN D 118 -0.79 32.83 -61.86
N LEU D 119 -2.01 32.41 -62.23
CA LEU D 119 -2.77 33.18 -63.20
C LEU D 119 -3.18 34.54 -62.64
N VAL D 120 -3.57 34.58 -61.37
CA VAL D 120 -3.90 35.85 -60.75
C VAL D 120 -2.65 36.71 -60.61
N ARG D 121 -1.62 36.14 -59.98
CA ARG D 121 -0.38 36.87 -59.71
C ARG D 121 0.20 37.51 -60.97
N HIS D 122 -0.08 36.94 -62.14
CA HIS D 122 0.44 37.43 -63.40
C HIS D 122 -0.56 38.28 -64.17
N GLY D 123 -1.66 38.67 -63.53
CA GLY D 123 -2.58 39.65 -64.09
C GLY D 123 -3.52 39.12 -65.15
N HIS D 124 -3.58 37.81 -65.36
CA HIS D 124 -4.45 37.28 -66.38
C HIS D 124 -5.93 37.33 -65.98
N ILE D 125 -6.25 37.76 -64.76
CA ILE D 125 -7.61 37.67 -64.24
C ILE D 125 -8.19 39.06 -64.07
N THR D 126 -9.43 39.23 -64.53
CA THR D 126 -10.19 40.46 -64.48
C THR D 126 -11.24 40.36 -63.39
N VAL D 127 -11.40 41.42 -62.62
CA VAL D 127 -12.49 41.54 -61.67
C VAL D 127 -13.29 42.77 -62.04
N ASN D 128 -14.51 42.54 -62.57
CA ASN D 128 -15.42 43.60 -62.96
C ASN D 128 -14.81 44.53 -64.01
N GLY D 129 -13.94 44.00 -64.86
CA GLY D 129 -13.29 44.75 -65.91
C GLY D 129 -11.87 45.19 -65.59
N ARG D 130 -11.54 45.37 -64.32
CA ARG D 130 -10.19 45.75 -63.92
C ARG D 130 -9.34 44.51 -63.66
N ARG D 131 -8.03 44.67 -63.83
CA ARG D 131 -7.09 43.62 -63.47
C ARG D 131 -6.91 43.58 -61.96
N VAL D 132 -6.79 42.37 -61.42
CA VAL D 132 -6.45 42.14 -60.03
C VAL D 132 -5.38 41.06 -59.99
N ASP D 133 -4.20 41.39 -59.45
CA ASP D 133 -3.10 40.44 -59.40
C ASP D 133 -2.83 39.92 -57.98
N LEU D 134 -3.78 40.08 -57.07
CA LEU D 134 -3.63 39.60 -55.70
C LEU D 134 -4.45 38.35 -55.49
N PRO D 135 -3.84 37.23 -55.12
CA PRO D 135 -4.64 36.02 -54.87
C PRO D 135 -5.48 36.13 -53.62
N SER D 136 -5.01 36.87 -52.62
CA SER D 136 -5.74 36.98 -51.36
C SER D 136 -6.99 37.83 -51.47
N TYR D 137 -7.13 38.61 -52.53
CA TYR D 137 -8.30 39.47 -52.72
C TYR D 137 -9.58 38.69 -52.47
N ARG D 138 -10.49 39.28 -51.71
CA ARG D 138 -11.75 38.62 -51.41
C ARG D 138 -12.81 39.03 -52.42
N VAL D 139 -13.39 38.04 -53.06
CA VAL D 139 -14.45 38.26 -54.03
C VAL D 139 -15.75 38.55 -53.28
N ARG D 140 -16.44 39.62 -53.70
CA ARG D 140 -17.76 39.93 -53.20
C ARG D 140 -18.82 39.19 -53.99
N PRO D 141 -20.03 39.05 -53.45
CA PRO D 141 -21.12 38.44 -54.22
C PRO D 141 -21.61 39.38 -55.30
N GLY D 142 -21.62 38.88 -56.54
CA GLY D 142 -22.03 39.63 -57.70
C GLY D 142 -20.91 39.98 -58.66
N ASP D 143 -19.66 39.95 -58.21
CA ASP D 143 -18.53 40.38 -59.04
C ASP D 143 -18.33 39.43 -60.22
N GLU D 144 -17.91 40.01 -61.35
CA GLU D 144 -17.62 39.25 -62.57
C GLU D 144 -16.13 38.95 -62.66
N ILE D 145 -15.78 37.67 -62.63
CA ILE D 145 -14.39 37.23 -62.70
C ILE D 145 -14.15 36.68 -64.09
N ALA D 146 -13.47 37.45 -64.92
CA ALA D 146 -13.27 37.11 -66.31
C ALA D 146 -11.79 36.88 -66.59
N VAL D 147 -11.50 36.54 -67.84
CA VAL D 147 -10.14 36.39 -68.33
C VAL D 147 -9.79 37.63 -69.14
N ALA D 148 -8.63 38.21 -68.86
CA ALA D 148 -8.18 39.39 -69.60
C ALA D 148 -7.95 39.02 -71.06
N GLU D 149 -8.60 39.76 -71.97
CA GLU D 149 -8.53 39.46 -73.40
C GLU D 149 -7.10 39.42 -73.91
N LYS D 150 -6.16 40.03 -73.19
CA LYS D 150 -4.76 39.89 -73.55
C LYS D 150 -4.31 38.44 -73.52
N SER D 151 -4.82 37.67 -72.57
CA SER D 151 -4.47 36.26 -72.44
C SER D 151 -5.53 35.34 -73.02
N ARG D 152 -6.65 35.87 -73.53
CA ARG D 152 -7.69 35.02 -74.07
C ARG D 152 -7.21 34.20 -75.25
N ASN D 153 -6.15 34.61 -75.90
CA ASN D 153 -5.55 33.83 -76.98
C ASN D 153 -4.49 32.87 -76.49
N LEU D 154 -4.17 32.89 -75.19
CA LEU D 154 -3.13 32.03 -74.64
C LEU D 154 -3.58 30.58 -74.63
N GLU D 155 -2.67 29.68 -74.99
CA GLU D 155 -3.05 28.29 -75.16
C GLU D 155 -3.34 27.59 -73.85
N LEU D 156 -2.80 28.07 -72.72
CA LEU D 156 -3.12 27.45 -71.45
C LEU D 156 -4.57 27.73 -71.05
N ILE D 157 -5.10 28.90 -71.41
CA ILE D 157 -6.47 29.25 -71.06
C ILE D 157 -7.45 28.54 -71.98
N ARG D 158 -7.22 28.60 -73.30
CA ARG D 158 -8.05 27.84 -74.21
C ARG D 158 -7.99 26.36 -73.91
N GLN D 159 -6.86 25.88 -73.38
CA GLN D 159 -6.76 24.48 -72.97
C GLN D 159 -7.74 24.17 -71.84
N ASN D 160 -7.70 24.97 -70.78
CA ASN D 160 -8.51 24.66 -69.60
C ASN D 160 -9.99 24.89 -69.87
N LEU D 161 -10.33 25.92 -70.65
CA LEU D 161 -11.73 26.14 -70.99
C LEU D 161 -12.23 25.15 -72.04
N GLU D 162 -11.34 24.55 -72.82
CA GLU D 162 -11.75 23.47 -73.70
C GLU D 162 -12.37 22.34 -72.90
N ALA D 163 -11.65 21.85 -71.89
CA ALA D 163 -12.18 20.79 -71.03
C ALA D 163 -13.33 21.23 -70.15
N MET D 164 -13.64 22.53 -70.13
CA MET D 164 -14.73 23.04 -69.32
C MET D 164 -16.06 23.07 -70.05
N LYS D 165 -16.07 22.77 -71.35
CA LYS D 165 -17.33 22.68 -72.08
C LYS D 165 -18.18 21.57 -71.50
N GLY D 166 -19.38 21.91 -71.02
CA GLY D 166 -20.30 20.94 -70.50
C GLY D 166 -20.09 20.53 -69.06
N ARG D 167 -18.90 20.77 -68.50
CA ARG D 167 -18.70 20.54 -67.08
C ARG D 167 -19.53 21.51 -66.27
N LYS D 168 -20.13 21.03 -65.18
CA LYS D 168 -20.98 21.87 -64.37
C LYS D 168 -20.15 22.66 -63.36
N VAL D 169 -20.73 23.75 -62.87
CA VAL D 169 -20.05 24.65 -61.95
C VAL D 169 -20.85 24.72 -60.65
N GLY D 170 -20.19 25.22 -59.60
CA GLY D 170 -20.77 25.30 -58.29
C GLY D 170 -22.08 26.07 -58.25
N PRO D 171 -22.99 25.64 -57.36
CA PRO D 171 -24.28 26.35 -57.23
C PRO D 171 -24.16 27.80 -56.79
N TRP D 172 -23.01 28.22 -56.31
CA TRP D 172 -22.76 29.62 -56.01
C TRP D 172 -21.94 30.31 -57.10
N LEU D 173 -21.67 29.60 -58.19
CA LEU D 173 -20.92 30.15 -59.31
C LEU D 173 -21.69 29.94 -60.60
N SER D 174 -21.28 30.68 -61.63
CA SER D 174 -21.72 30.45 -63.00
C SER D 174 -20.70 31.11 -63.91
N LEU D 175 -20.57 30.58 -65.12
CA LEU D 175 -19.55 31.09 -66.02
C LEU D 175 -20.04 31.02 -67.46
N ASP D 176 -19.60 31.99 -68.25
CA ASP D 176 -19.72 31.95 -69.70
C ASP D 176 -18.41 31.40 -70.26
N VAL D 177 -18.50 30.33 -71.05
CA VAL D 177 -17.28 29.64 -71.44
C VAL D 177 -16.62 30.29 -72.65
N GLU D 178 -17.38 30.93 -73.52
CA GLU D 178 -16.82 31.49 -74.76
C GLU D 178 -16.09 32.80 -74.51
N GLY D 179 -16.80 33.80 -73.99
CA GLY D 179 -16.16 35.05 -73.60
C GLY D 179 -15.29 34.96 -72.36
N MET D 180 -15.21 33.79 -71.75
CA MET D 180 -14.32 33.51 -70.62
C MET D 180 -14.68 34.34 -69.39
N LYS D 181 -15.96 34.68 -69.25
CA LYS D 181 -16.45 35.41 -68.09
C LYS D 181 -16.73 34.44 -66.94
N GLY D 182 -17.36 34.94 -65.88
CA GLY D 182 -17.68 34.12 -64.73
C GLY D 182 -18.18 34.97 -63.58
N LYS D 183 -19.08 34.41 -62.76
CA LYS D 183 -19.70 35.22 -61.74
C LYS D 183 -19.76 34.47 -60.42
N PHE D 184 -19.55 35.24 -59.33
CA PHE D 184 -19.64 34.76 -57.95
C PHE D 184 -21.02 35.13 -57.44
N LEU D 185 -21.95 34.17 -57.49
CA LEU D 185 -23.35 34.49 -57.23
C LEU D 185 -23.58 34.78 -55.75
N ARG D 186 -23.15 33.89 -54.87
CA ARG D 186 -23.34 34.07 -53.44
C ARG D 186 -22.25 33.29 -52.71
N LEU D 187 -22.17 33.51 -51.41
CA LEU D 187 -21.28 32.73 -50.57
C LEU D 187 -21.72 31.28 -50.53
N PRO D 188 -20.81 30.33 -50.48
CA PRO D 188 -21.19 28.92 -50.39
C PRO D 188 -21.53 28.53 -48.96
N ASP D 189 -22.41 27.54 -48.86
CA ASP D 189 -22.81 27.00 -47.57
C ASP D 189 -21.93 25.81 -47.22
N ARG D 190 -21.99 25.41 -45.95
CA ARG D 190 -21.31 24.18 -45.53
C ARG D 190 -21.68 23.02 -46.45
N GLU D 191 -22.98 22.83 -46.71
CA GLU D 191 -23.41 21.75 -47.58
C GLU D 191 -22.85 21.87 -48.99
N ASP D 192 -22.64 23.11 -49.45
CA ASP D 192 -22.18 23.33 -50.82
C ASP D 192 -20.78 22.73 -51.04
N LEU D 193 -19.98 22.66 -49.98
CA LEU D 193 -18.61 22.16 -50.06
C LEU D 193 -18.53 20.69 -49.74
N ALA D 194 -17.76 19.95 -50.52
CA ALA D 194 -17.50 18.54 -50.30
C ALA D 194 -16.18 18.29 -49.59
N LEU D 195 -15.61 19.31 -48.96
CA LEU D 195 -14.26 19.20 -48.44
C LEU D 195 -14.21 18.18 -47.31
N PRO D 196 -13.24 17.28 -47.30
CA PRO D 196 -13.18 16.21 -46.30
C PRO D 196 -12.63 16.69 -44.96
N VAL D 197 -13.28 17.72 -44.40
CA VAL D 197 -12.75 18.42 -43.23
C VAL D 197 -13.87 18.63 -42.23
N ASN D 198 -13.58 18.36 -40.97
CA ASN D 198 -14.48 18.65 -39.85
C ASN D 198 -14.08 19.99 -39.26
N GLU D 199 -14.88 21.02 -39.54
CA GLU D 199 -14.52 22.36 -39.05
C GLU D 199 -14.52 22.40 -37.53
N GLN D 200 -15.50 21.76 -36.89
CA GLN D 200 -15.56 21.76 -35.42
C GLN D 200 -14.25 21.31 -34.81
N LEU D 201 -13.50 20.45 -35.51
CA LEU D 201 -12.17 20.09 -35.06
C LEU D 201 -11.21 21.25 -35.17
N VAL D 202 -11.40 22.11 -36.17
CA VAL D 202 -10.50 23.24 -36.35
C VAL D 202 -10.81 24.35 -35.37
N ILE D 203 -12.10 24.63 -35.15
CA ILE D 203 -12.46 25.58 -34.09
C ILE D 203 -11.86 25.12 -32.78
N GLU D 204 -11.92 23.81 -32.50
CA GLU D 204 -11.39 23.26 -31.27
C GLU D 204 -9.87 23.31 -31.24
N PHE D 205 -9.23 23.43 -32.40
CA PHE D 205 -7.77 23.57 -32.40
C PHE D 205 -7.34 24.91 -31.86
N TYR D 206 -8.11 25.96 -32.14
CA TYR D 206 -7.77 27.30 -31.72
C TYR D 206 -8.34 27.68 -30.36
N SER D 207 -9.17 26.82 -29.75
CA SER D 207 -9.63 27.08 -28.39
C SER D 207 -8.46 27.14 -27.43
N ARG D 208 -7.45 26.30 -27.66
CA ARG D 208 -6.22 26.30 -26.90
C ARG D 208 -5.29 27.43 -27.35
N ASP E 1 -23.99 1.40 -33.25
CA ASP E 1 -24.84 1.68 -32.10
C ASP E 1 -24.11 2.44 -30.98
N PHE E 2 -23.00 1.88 -30.49
CA PHE E 2 -22.36 2.37 -29.28
C PHE E 2 -20.87 2.66 -29.53
N GLU E 3 -20.44 3.87 -29.21
CA GLU E 3 -19.08 4.31 -29.41
C GLU E 3 -18.41 4.39 -28.04
N GLU E 4 -17.18 3.87 -27.95
CA GLU E 4 -16.43 3.93 -26.71
C GLU E 4 -15.10 4.62 -26.94
N LYS E 5 -14.79 5.58 -26.05
CA LYS E 5 -13.55 6.33 -26.06
C LYS E 5 -12.90 6.17 -24.70
N MET E 6 -11.60 5.95 -24.69
CA MET E 6 -10.88 5.50 -23.50
C MET E 6 -10.17 6.67 -22.82
N ILE E 7 -10.50 6.91 -21.54
CA ILE E 7 -10.03 8.10 -20.84
C ILE E 7 -8.59 7.93 -20.39
N LEU E 8 -8.32 6.97 -19.50
CA LEU E 8 -6.94 6.71 -19.08
C LEU E 8 -6.80 5.26 -18.64
N ILE E 9 -5.54 4.83 -18.57
CA ILE E 9 -5.16 3.53 -18.03
C ILE E 9 -4.01 3.76 -17.07
N ARG E 10 -3.83 2.85 -16.13
CA ARG E 10 -2.77 3.05 -15.15
C ARG E 10 -2.26 1.72 -14.60
N ARG E 11 -1.13 1.80 -13.87
CA ARG E 11 -0.30 0.67 -13.46
C ARG E 11 -0.60 0.14 -12.06
N THR E 12 -0.96 1.01 -11.12
CA THR E 12 -1.52 0.63 -9.81
C THR E 12 -0.93 -0.66 -9.21
N ALA E 13 0.35 -0.64 -8.86
CA ALA E 13 0.97 -1.82 -8.28
C ALA E 13 0.74 -1.94 -6.78
N ARG E 14 0.77 -3.18 -6.30
CA ARG E 14 0.61 -3.49 -4.89
C ARG E 14 1.77 -4.36 -4.43
N MET E 15 2.12 -4.25 -3.15
CA MET E 15 3.35 -4.80 -2.61
C MET E 15 3.11 -6.17 -2.00
N GLN E 16 3.97 -7.12 -2.35
CA GLN E 16 3.93 -8.45 -1.79
C GLN E 16 5.37 -8.85 -1.51
N ALA E 17 5.54 -9.82 -0.62
CA ALA E 17 6.89 -10.32 -0.35
C ALA E 17 7.51 -10.81 -1.66
N GLY E 18 8.75 -10.41 -1.89
CA GLY E 18 9.43 -10.76 -3.12
C GLY E 18 9.33 -9.74 -4.24
N GLY E 19 8.32 -8.88 -4.24
CA GLY E 19 8.27 -7.82 -5.22
C GLY E 19 6.86 -7.31 -5.43
N ARG E 20 6.71 -6.48 -6.46
CA ARG E 20 5.45 -5.85 -6.76
C ARG E 20 4.55 -6.77 -7.59
N ARG E 21 3.23 -6.54 -7.47
CA ARG E 21 2.23 -7.19 -8.31
C ARG E 21 1.16 -6.16 -8.66
N PHE E 22 0.95 -5.94 -9.95
CA PHE E 22 0.16 -4.82 -10.41
C PHE E 22 -1.12 -5.27 -11.10
N ARG E 23 -2.14 -4.42 -10.99
CA ARG E 23 -3.35 -4.48 -11.79
C ARG E 23 -3.33 -3.33 -12.79
N PHE E 24 -4.40 -3.19 -13.56
CA PHE E 24 -4.52 -2.13 -14.54
C PHE E 24 -5.90 -1.52 -14.41
N GLY E 25 -5.95 -0.21 -14.16
CA GLY E 25 -7.21 0.50 -14.15
C GLY E 25 -7.52 1.06 -15.53
N ALA E 26 -8.80 1.02 -15.90
CA ALA E 26 -9.24 1.41 -17.23
C ALA E 26 -10.50 2.26 -17.14
N LEU E 27 -10.43 3.50 -17.60
CA LEU E 27 -11.58 4.40 -17.64
C LEU E 27 -12.07 4.53 -19.07
N VAL E 28 -13.31 4.12 -19.30
CA VAL E 28 -13.89 4.08 -20.64
C VAL E 28 -15.24 4.78 -20.62
N VAL E 29 -15.45 5.69 -21.58
CA VAL E 29 -16.74 6.32 -21.79
C VAL E 29 -17.45 5.60 -22.91
N VAL E 30 -18.77 5.49 -22.78
CA VAL E 30 -19.63 4.85 -23.77
C VAL E 30 -20.76 5.82 -24.09
N GLY E 31 -21.01 6.06 -25.37
CA GLY E 31 -22.04 7.01 -25.74
C GLY E 31 -22.51 6.79 -27.16
N ASP E 32 -23.76 7.19 -27.44
CA ASP E 32 -24.36 7.08 -28.76
C ASP E 32 -24.43 8.40 -29.51
N ARG E 33 -23.98 9.50 -28.90
CA ARG E 33 -24.06 10.84 -29.49
C ARG E 33 -25.50 11.29 -29.70
N GLN E 34 -26.46 10.64 -29.05
CA GLN E 34 -27.86 11.01 -29.10
C GLN E 34 -28.39 11.44 -27.73
N GLY E 35 -27.52 11.66 -26.77
CA GLY E 35 -27.95 12.04 -25.43
C GLY E 35 -27.82 10.96 -24.39
N ARG E 36 -27.15 9.84 -24.69
CA ARG E 36 -26.95 8.76 -23.74
C ARG E 36 -25.46 8.49 -23.62
N VAL E 37 -24.91 8.68 -22.40
CA VAL E 37 -23.51 8.35 -22.11
C VAL E 37 -23.44 7.42 -20.91
N GLY E 38 -22.34 6.69 -20.85
CA GLY E 38 -22.03 5.87 -19.69
C GLY E 38 -20.55 5.93 -19.37
N LEU E 39 -20.24 5.78 -18.09
CA LEU E 39 -18.87 5.76 -17.62
C LEU E 39 -18.60 4.41 -16.96
N GLY E 40 -17.35 3.95 -17.08
CA GLY E 40 -16.99 2.67 -16.51
C GLY E 40 -15.51 2.56 -16.15
N PHE E 41 -15.23 2.01 -14.97
CA PHE E 41 -13.87 1.87 -14.48
C PHE E 41 -13.58 0.39 -14.25
N GLY E 42 -12.82 -0.19 -15.16
CA GLY E 42 -12.50 -1.62 -15.11
C GLY E 42 -11.06 -1.84 -14.69
N LYS E 43 -10.85 -2.89 -13.89
CA LYS E 43 -9.56 -3.20 -13.31
C LYS E 43 -9.28 -4.68 -13.55
N ALA E 44 -8.08 -5.00 -14.05
CA ALA E 44 -7.76 -6.35 -14.48
C ALA E 44 -6.26 -6.55 -14.44
N PRO E 45 -5.80 -7.82 -14.41
CA PRO E 45 -4.35 -8.07 -14.35
C PRO E 45 -3.60 -7.78 -15.63
N GLU E 46 -4.23 -7.92 -16.79
CA GLU E 46 -3.65 -7.48 -18.05
C GLU E 46 -4.54 -6.39 -18.64
N VAL E 47 -3.93 -5.52 -19.45
CA VAL E 47 -4.55 -4.27 -19.89
C VAL E 47 -5.87 -4.48 -20.64
N PRO E 48 -5.91 -5.29 -21.71
CA PRO E 48 -7.13 -5.33 -22.52
C PRO E 48 -8.33 -5.84 -21.76
N LEU E 49 -8.13 -6.79 -20.85
CA LEU E 49 -9.24 -7.30 -20.05
C LEU E 49 -9.82 -6.21 -19.16
N ALA E 50 -9.03 -5.19 -18.81
CA ALA E 50 -9.55 -4.08 -18.04
C ALA E 50 -10.43 -3.20 -18.90
N VAL E 51 -10.06 -3.04 -20.17
CA VAL E 51 -10.86 -2.22 -21.07
C VAL E 51 -12.19 -2.91 -21.38
N GLN E 52 -12.20 -4.25 -21.38
CA GLN E 52 -13.46 -4.97 -21.52
C GLN E 52 -14.40 -4.63 -20.37
N LYS E 53 -13.96 -4.93 -19.13
CA LYS E 53 -14.78 -4.67 -17.95
C LYS E 53 -15.30 -3.24 -17.95
N ALA E 54 -14.40 -2.28 -18.21
CA ALA E 54 -14.80 -0.89 -18.27
C ALA E 54 -15.89 -0.68 -19.30
N GLY E 55 -15.66 -1.18 -20.52
CA GLY E 55 -16.70 -1.12 -21.54
C GLY E 55 -18.00 -1.71 -21.07
N TYR E 56 -17.93 -2.77 -20.26
CA TYR E 56 -19.13 -3.43 -19.77
C TYR E 56 -19.76 -2.67 -18.61
N TYR E 57 -18.95 -2.25 -17.63
CA TYR E 57 -19.48 -1.45 -16.54
C TYR E 57 -20.13 -0.17 -17.06
N ALA E 58 -19.66 0.33 -18.20
CA ALA E 58 -20.13 1.61 -18.70
C ALA E 58 -21.48 1.50 -19.40
N ARG E 59 -21.83 0.34 -19.96
CA ARG E 59 -23.13 0.18 -20.57
C ARG E 59 -24.23 0.07 -19.53
N ARG E 60 -23.93 -0.48 -18.36
CA ARG E 60 -24.72 -0.19 -17.18
C ARG E 60 -24.29 1.18 -16.65
N ASN E 61 -25.10 1.74 -15.76
CA ASN E 61 -24.82 3.07 -15.21
C ASN E 61 -24.77 4.11 -16.33
N MET E 62 -25.93 4.28 -16.98
CA MET E 62 -26.08 5.24 -18.06
C MET E 62 -26.75 6.51 -17.55
N VAL E 63 -26.76 7.54 -18.39
CA VAL E 63 -27.37 8.83 -18.08
C VAL E 63 -28.10 9.32 -19.31
N GLU E 64 -29.35 9.78 -19.13
CA GLU E 64 -30.11 10.43 -20.19
C GLU E 64 -29.80 11.93 -20.17
N VAL E 65 -29.13 12.41 -21.20
CA VAL E 65 -28.63 13.79 -21.23
C VAL E 65 -29.57 14.60 -22.08
N PRO E 66 -30.33 15.54 -21.52
CA PRO E 66 -31.33 16.28 -22.29
C PRO E 66 -30.75 17.41 -23.13
N LEU E 67 -30.19 17.04 -24.28
CA LEU E 67 -29.60 18.02 -25.19
C LEU E 67 -30.64 19.00 -25.71
N GLN E 68 -30.21 20.23 -25.95
CA GLN E 68 -31.06 21.28 -26.50
C GLN E 68 -30.26 22.00 -27.57
N ASN E 69 -30.41 21.57 -28.82
CA ASN E 69 -29.71 22.14 -29.96
C ASN E 69 -28.20 21.86 -29.88
N GLY E 70 -27.86 20.74 -29.26
CA GLY E 70 -26.47 20.35 -29.10
C GLY E 70 -25.78 20.90 -27.87
N THR E 71 -26.52 21.40 -26.88
CA THR E 71 -25.90 21.96 -25.69
C THR E 71 -26.77 21.63 -24.48
N ILE E 72 -26.28 22.02 -23.32
CA ILE E 72 -26.96 21.84 -22.04
C ILE E 72 -28.14 22.80 -21.95
N PRO E 73 -29.18 22.48 -21.18
CA PRO E 73 -30.24 23.47 -20.90
C PRO E 73 -29.87 24.54 -19.89
N HIS E 74 -28.91 24.30 -19.01
CA HIS E 74 -28.55 25.28 -17.97
C HIS E 74 -27.16 24.97 -17.45
N GLU E 75 -26.65 25.87 -16.62
CA GLU E 75 -25.32 25.69 -16.02
C GLU E 75 -25.42 24.89 -14.72
N ILE E 76 -24.36 24.18 -14.39
CA ILE E 76 -24.28 23.50 -13.10
C ILE E 76 -22.83 23.42 -12.65
N GLU E 77 -22.62 23.61 -11.36
CA GLU E 77 -21.38 23.20 -10.70
C GLU E 77 -21.65 21.94 -9.90
N VAL E 78 -20.70 21.01 -9.94
CA VAL E 78 -20.83 19.74 -9.24
C VAL E 78 -19.52 19.43 -8.55
N GLU E 79 -19.57 19.16 -7.25
CA GLU E 79 -18.40 18.78 -6.49
C GLU E 79 -18.45 17.27 -6.25
N PHE E 80 -17.43 16.57 -6.73
CA PHE E 80 -17.20 15.18 -6.37
C PHE E 80 -15.90 15.13 -5.59
N GLY E 81 -16.00 15.00 -4.28
CA GLY E 81 -14.81 15.04 -3.45
C GLY E 81 -14.23 16.44 -3.45
N ALA E 82 -12.94 16.54 -3.78
CA ALA E 82 -12.29 17.83 -3.92
C ALA E 82 -12.26 18.31 -5.36
N SER E 83 -12.90 17.58 -6.27
CA SER E 83 -12.97 17.95 -7.68
C SER E 83 -14.29 18.64 -7.97
N LYS E 84 -14.22 19.73 -8.73
CA LYS E 84 -15.40 20.48 -9.11
C LYS E 84 -15.38 20.66 -10.62
N ILE E 85 -16.53 20.49 -11.24
CA ILE E 85 -16.67 20.70 -12.67
C ILE E 85 -17.74 21.75 -12.88
N VAL E 86 -17.51 22.63 -13.83
CA VAL E 86 -18.43 23.70 -14.17
C VAL E 86 -18.84 23.51 -15.62
N LEU E 87 -20.14 23.45 -15.87
CA LEU E 87 -20.67 23.36 -17.22
C LEU E 87 -21.56 24.58 -17.48
N LYS E 88 -21.37 25.19 -18.64
CA LYS E 88 -22.15 26.34 -19.07
C LYS E 88 -22.57 26.16 -20.53
N PRO E 89 -23.82 26.46 -20.86
CA PRO E 89 -24.29 26.20 -22.23
C PRO E 89 -23.76 27.20 -23.24
N ALA E 90 -23.54 26.73 -24.46
CA ALA E 90 -22.89 27.50 -25.51
C ALA E 90 -23.72 27.55 -26.77
N ALA E 91 -23.71 28.71 -27.43
CA ALA E 91 -24.41 28.88 -28.69
C ALA E 91 -23.65 28.17 -29.81
N PRO E 92 -24.37 27.66 -30.81
CA PRO E 92 -23.72 26.85 -31.84
C PRO E 92 -22.67 27.63 -32.62
N GLY E 93 -21.67 26.91 -33.11
CA GLY E 93 -20.49 27.53 -33.67
C GLY E 93 -19.39 27.77 -32.67
N THR E 94 -19.41 27.06 -31.54
CA THR E 94 -18.43 27.24 -30.47
C THR E 94 -17.54 26.01 -30.31
N GLY E 95 -18.15 24.84 -30.19
CA GLY E 95 -17.40 23.62 -29.95
C GLY E 95 -17.42 23.23 -28.49
N VAL E 96 -16.80 22.09 -28.21
CA VAL E 96 -16.60 21.63 -26.84
C VAL E 96 -15.30 22.25 -26.35
N ILE E 97 -15.40 23.19 -25.42
CA ILE E 97 -14.24 23.81 -24.79
C ILE E 97 -14.13 23.17 -23.41
N ALA E 98 -13.24 22.19 -23.28
CA ALA E 98 -13.19 21.40 -22.06
C ALA E 98 -11.85 20.69 -21.98
N GLY E 99 -11.55 20.19 -20.78
CA GLY E 99 -10.36 19.39 -20.58
C GLY E 99 -10.42 18.09 -21.34
N ALA E 100 -9.33 17.30 -21.28
CA ALA E 100 -9.31 16.02 -21.97
C ALA E 100 -10.48 15.13 -21.53
N VAL E 101 -10.70 15.07 -20.21
CA VAL E 101 -11.67 14.16 -19.63
C VAL E 101 -13.10 14.58 -19.96
N PRO E 102 -13.57 15.78 -19.60
CA PRO E 102 -14.99 16.08 -19.86
C PRO E 102 -15.29 16.18 -21.35
N ARG E 103 -14.30 16.53 -22.17
CA ARG E 103 -14.50 16.50 -23.61
C ARG E 103 -14.94 15.12 -24.08
N ALA E 104 -14.25 14.08 -23.62
CA ALA E 104 -14.58 12.73 -24.05
C ALA E 104 -15.99 12.34 -23.65
N ILE E 105 -16.43 12.73 -22.46
CA ILE E 105 -17.78 12.43 -22.03
C ILE E 105 -18.80 13.27 -22.78
N LEU E 106 -18.63 14.60 -22.77
CA LEU E 106 -19.60 15.47 -23.42
C LEU E 106 -19.70 15.19 -24.92
N GLU E 107 -18.62 14.74 -25.55
CA GLU E 107 -18.69 14.44 -26.98
C GLU E 107 -19.56 13.22 -27.23
N LEU E 108 -19.33 12.14 -26.48
CA LEU E 108 -20.15 10.96 -26.67
C LEU E 108 -21.59 11.17 -26.22
N ALA E 109 -21.84 12.16 -25.36
CA ALA E 109 -23.23 12.51 -25.09
C ALA E 109 -23.87 13.21 -26.27
N GLY E 110 -23.07 13.67 -27.22
CA GLY E 110 -23.57 14.40 -28.35
C GLY E 110 -23.50 15.90 -28.21
N VAL E 111 -22.97 16.41 -27.09
CA VAL E 111 -22.80 17.85 -26.95
C VAL E 111 -21.84 18.34 -28.01
N THR E 112 -22.28 19.29 -28.83
CA THR E 112 -21.41 19.89 -29.82
C THR E 112 -20.90 21.26 -29.41
N ASP E 113 -21.60 21.97 -28.53
CA ASP E 113 -21.20 23.31 -28.12
C ASP E 113 -21.41 23.44 -26.62
N ILE E 114 -20.33 23.74 -25.88
CA ILE E 114 -20.40 23.84 -24.43
C ILE E 114 -19.13 24.46 -23.88
N LEU E 115 -19.23 25.12 -22.72
CA LEU E 115 -18.10 25.71 -22.02
C LEU E 115 -17.88 25.00 -20.69
N THR E 116 -16.62 24.86 -20.29
CA THR E 116 -16.25 24.02 -19.16
C THR E 116 -15.14 24.66 -18.36
N LYS E 117 -15.10 24.36 -17.06
CA LYS E 117 -13.91 24.64 -16.28
C LYS E 117 -13.77 23.60 -15.19
N GLU E 118 -12.67 22.84 -15.22
CA GLU E 118 -12.31 21.99 -14.08
C GLU E 118 -11.76 22.86 -12.95
N LEU E 119 -12.11 22.50 -11.72
CA LEU E 119 -11.69 23.27 -10.56
C LEU E 119 -11.37 22.34 -9.40
N GLY E 120 -10.59 22.85 -8.46
CA GLY E 120 -10.17 22.03 -7.33
C GLY E 120 -9.23 20.93 -7.76
N SER E 121 -9.37 19.76 -7.13
CA SER E 121 -8.62 18.59 -7.54
C SER E 121 -8.88 18.30 -9.01
N ARG E 122 -7.80 18.08 -9.77
CA ARG E 122 -7.88 17.87 -11.20
C ARG E 122 -7.81 16.38 -11.58
N ASN E 123 -8.02 15.48 -10.61
CA ASN E 123 -7.88 14.04 -10.82
C ASN E 123 -8.85 13.56 -11.89
N PRO E 124 -8.37 12.86 -12.92
CA PRO E 124 -9.28 12.43 -14.01
C PRO E 124 -10.44 11.60 -13.52
N ILE E 125 -10.21 10.65 -12.61
CA ILE E 125 -11.29 9.79 -12.15
C ILE E 125 -12.39 10.62 -11.48
N ASN E 126 -12.01 11.46 -10.53
CA ASN E 126 -13.01 12.26 -9.84
C ASN E 126 -13.67 13.27 -10.77
N ILE E 127 -12.90 13.82 -11.71
CA ILE E 127 -13.46 14.75 -12.68
C ILE E 127 -14.51 14.04 -13.54
N ALA E 128 -14.16 12.86 -14.05
CA ALA E 128 -15.11 12.05 -14.81
C ALA E 128 -16.39 11.84 -14.03
N TYR E 129 -16.28 11.18 -12.88
CA TYR E 129 -17.43 10.99 -11.98
C TYR E 129 -18.20 12.30 -11.77
N ALA E 130 -17.49 13.40 -11.58
CA ALA E 130 -18.16 14.68 -11.35
C ALA E 130 -18.90 15.14 -12.60
N THR E 131 -18.33 14.91 -13.77
CA THR E 131 -19.00 15.31 -15.00
C THR E 131 -20.28 14.50 -15.23
N MET E 132 -20.22 13.20 -14.95
CA MET E 132 -21.42 12.36 -15.01
C MET E 132 -22.51 12.89 -14.09
N GLU E 133 -22.18 13.09 -12.82
CA GLU E 133 -23.19 13.54 -11.86
C GLU E 133 -23.72 14.93 -12.22
N ALA E 134 -22.90 15.76 -12.86
CA ALA E 134 -23.41 16.99 -13.45
C ALA E 134 -24.52 16.69 -14.46
N LEU E 135 -24.28 15.72 -15.33
CA LEU E 135 -25.29 15.35 -16.32
C LEU E 135 -26.49 14.66 -15.68
N ARG E 136 -26.29 13.94 -14.57
CA ARG E 136 -27.42 13.33 -13.89
C ARG E 136 -28.37 14.37 -13.29
N GLN E 137 -27.89 15.60 -13.07
CA GLN E 137 -28.67 16.66 -12.45
C GLN E 137 -29.25 17.66 -13.45
N LEU E 138 -29.08 17.43 -14.75
CA LEU E 138 -29.66 18.34 -15.73
C LEU E 138 -31.17 18.15 -15.78
N ARG E 139 -31.90 19.27 -15.77
CA ARG E 139 -33.35 19.28 -15.87
C ARG E 139 -33.76 20.23 -16.97
N THR E 140 -34.95 20.00 -17.52
CA THR E 140 -35.47 20.75 -18.66
C THR E 140 -36.71 21.53 -18.24
N LYS E 141 -37.01 22.58 -19.00
CA LYS E 141 -38.20 23.39 -18.73
C LYS E 141 -39.39 22.50 -18.48
N ALA E 142 -39.50 21.41 -19.23
CA ALA E 142 -40.55 20.44 -18.98
C ALA E 142 -40.41 19.81 -17.61
N ASP E 143 -39.18 19.49 -17.21
CA ASP E 143 -38.96 18.73 -15.98
C ASP E 143 -39.26 19.57 -14.75
N VAL E 144 -38.90 20.86 -14.79
CA VAL E 144 -39.14 21.68 -13.61
C VAL E 144 -40.60 22.10 -13.55
N GLU E 145 -41.24 22.24 -14.70
CA GLU E 145 -42.67 22.50 -14.70
C GLU E 145 -43.42 21.33 -14.06
N ARG E 146 -43.05 20.11 -14.41
CA ARG E 146 -43.78 18.95 -13.89
C ARG E 146 -43.49 18.72 -12.40
N LEU E 147 -42.42 19.32 -11.87
CA LEU E 147 -42.18 19.23 -10.43
C LEU E 147 -43.07 20.18 -9.65
N ARG E 148 -43.30 21.38 -10.17
CA ARG E 148 -44.02 22.42 -9.45
C ARG E 148 -45.49 22.50 -9.79
N LYS E 149 -45.97 21.69 -10.73
CA LYS E 149 -47.39 21.72 -11.09
C LYS E 149 -48.27 21.46 -9.86
N GLY E 150 -47.91 20.45 -9.06
CA GLY E 150 -48.67 20.12 -7.87
C GLY E 150 -50.11 19.70 -8.16
N MET F 1 -27.68 35.82 62.99
CA MET F 1 -27.13 34.72 63.76
C MET F 1 -27.56 33.38 63.19
N ARG F 2 -26.59 32.50 62.97
CA ARG F 2 -26.85 31.14 62.50
C ARG F 2 -26.69 30.16 63.65
N ARG F 3 -27.05 28.90 63.37
CA ARG F 3 -27.06 27.84 64.37
C ARG F 3 -25.92 26.88 64.09
N TYR F 4 -25.13 26.60 65.13
CA TYR F 4 -24.00 25.69 65.05
C TYR F 4 -24.14 24.62 66.11
N GLU F 5 -23.35 23.56 65.96
CA GLU F 5 -23.21 22.53 66.96
C GLU F 5 -21.77 22.51 67.43
N VAL F 6 -21.57 22.59 68.75
CA VAL F 6 -20.26 22.59 69.38
C VAL F 6 -20.01 21.20 69.95
N ASN F 7 -18.94 20.56 69.51
CA ASN F 7 -18.50 19.28 70.05
C ASN F 7 -17.23 19.49 70.85
N ILE F 8 -17.22 18.98 72.08
CA ILE F 8 -16.13 19.20 73.02
C ILE F 8 -15.79 17.88 73.69
N VAL F 9 -14.55 17.41 73.48
CA VAL F 9 -14.01 16.24 74.16
C VAL F 9 -12.99 16.71 75.18
N LEU F 10 -13.09 16.22 76.41
CA LEU F 10 -12.16 16.58 77.46
C LEU F 10 -11.63 15.34 78.14
N ASN F 11 -10.59 15.55 78.95
CA ASN F 11 -9.85 14.46 79.58
C ASN F 11 -10.74 13.63 80.48
N PRO F 12 -10.87 12.31 80.26
CA PRO F 12 -11.78 11.51 81.08
C PRO F 12 -11.19 11.05 82.41
N ASN F 13 -10.50 11.93 83.15
CA ASN F 13 -9.96 11.56 84.46
C ASN F 13 -10.34 12.56 85.54
N LEU F 14 -11.23 13.49 85.24
CA LEU F 14 -11.49 14.61 86.13
C LEU F 14 -12.48 14.22 87.23
N ASP F 15 -12.24 14.73 88.43
CA ASP F 15 -13.22 14.57 89.51
C ASP F 15 -14.31 15.62 89.34
N GLN F 16 -15.19 15.76 90.34
CA GLN F 16 -16.29 16.69 90.20
C GLN F 16 -15.88 18.14 90.37
N SER F 17 -14.87 18.41 91.21
CA SER F 17 -14.34 19.76 91.32
C SER F 17 -13.87 20.27 89.96
N GLN F 18 -13.15 19.43 89.20
CA GLN F 18 -12.53 19.84 87.96
C GLN F 18 -13.51 19.83 86.79
N LEU F 19 -14.37 18.82 86.73
CA LEU F 19 -15.33 18.73 85.63
C LEU F 19 -16.35 19.86 85.69
N ALA F 20 -16.81 20.20 86.90
CA ALA F 20 -17.75 21.31 87.02
C ALA F 20 -17.11 22.63 86.64
N LEU F 21 -15.83 22.81 86.97
CA LEU F 21 -15.15 24.06 86.65
C LEU F 21 -14.93 24.21 85.16
N GLU F 22 -14.42 23.15 84.51
CA GLU F 22 -14.17 23.22 83.07
C GLU F 22 -15.46 23.43 82.30
N LYS F 23 -16.59 22.94 82.82
CA LYS F 23 -17.86 23.12 82.14
C LYS F 23 -18.44 24.51 82.38
N GLU F 24 -18.35 25.01 83.61
CA GLU F 24 -18.77 26.39 83.87
C GLU F 24 -17.81 27.39 83.25
N ILE F 25 -16.59 26.97 82.91
CA ILE F 25 -15.71 27.79 82.09
C ILE F 25 -16.22 27.85 80.65
N ILE F 26 -16.78 26.74 80.17
CA ILE F 26 -17.39 26.71 78.84
C ILE F 26 -18.66 27.58 78.83
N GLN F 27 -19.46 27.51 79.90
CA GLN F 27 -20.61 28.39 80.01
C GLN F 27 -20.20 29.85 79.96
N ARG F 28 -19.12 30.20 80.68
CA ARG F 28 -18.67 31.58 80.76
C ARG F 28 -18.24 32.11 79.39
N ALA F 29 -17.48 31.32 78.64
CA ALA F 29 -17.00 31.77 77.33
C ALA F 29 -18.13 31.90 76.33
N LEU F 30 -19.18 31.08 76.45
CA LEU F 30 -20.31 31.20 75.55
C LEU F 30 -21.07 32.50 75.79
N GLU F 31 -21.33 32.83 77.06
CA GLU F 31 -21.96 34.10 77.38
C GLU F 31 -21.17 35.27 76.81
N ASN F 32 -19.84 35.17 76.81
CA ASN F 32 -19.00 36.27 76.37
C ASN F 32 -19.00 36.45 74.87
N TYR F 33 -19.40 35.43 74.11
CA TYR F 33 -19.46 35.53 72.67
C TYR F 33 -20.89 35.55 72.12
N GLY F 34 -21.88 35.66 73.01
CA GLY F 34 -23.26 35.86 72.59
C GLY F 34 -23.99 34.62 72.14
N ALA F 35 -23.56 33.44 72.58
CA ALA F 35 -24.11 32.18 72.10
C ALA F 35 -25.28 31.76 72.99
N ARG F 36 -26.49 31.92 72.47
CA ARG F 36 -27.67 31.38 73.14
C ARG F 36 -27.72 29.87 72.93
N VAL F 37 -28.03 29.12 73.99
CA VAL F 37 -28.08 27.66 73.92
C VAL F 37 -29.49 27.22 73.57
N GLU F 38 -29.60 26.11 72.85
CA GLU F 38 -30.90 25.54 72.50
C GLU F 38 -31.13 24.17 73.11
N LYS F 39 -30.16 23.28 73.00
CA LYS F 39 -30.22 22.02 73.73
C LYS F 39 -28.81 21.45 73.85
N VAL F 40 -28.66 20.47 74.73
CA VAL F 40 -27.36 19.92 75.12
C VAL F 40 -27.49 18.41 75.31
N GLU F 41 -26.49 17.67 74.84
CA GLU F 41 -26.40 16.23 75.05
C GLU F 41 -25.02 15.93 75.62
N GLU F 42 -24.99 15.38 76.83
CA GLU F 42 -23.74 15.03 77.51
C GLU F 42 -23.57 13.52 77.47
N LEU F 43 -22.67 13.04 76.61
CA LEU F 43 -22.47 11.61 76.41
C LEU F 43 -21.43 11.00 77.34
N GLY F 44 -20.51 11.80 77.87
CA GLY F 44 -19.57 11.33 78.87
C GLY F 44 -18.45 10.45 78.34
N LEU F 45 -18.07 9.45 79.14
CA LEU F 45 -16.97 8.56 78.76
C LEU F 45 -17.33 7.77 77.51
N ARG F 46 -16.42 7.77 76.55
CA ARG F 46 -16.62 7.08 75.28
C ARG F 46 -15.30 6.48 74.82
N ARG F 47 -15.34 5.23 74.38
CA ARG F 47 -14.13 4.57 73.88
C ARG F 47 -13.71 5.24 72.58
N LEU F 48 -12.47 5.72 72.53
CA LEU F 48 -11.94 6.35 71.34
C LEU F 48 -11.38 5.29 70.39
N ALA F 49 -11.49 5.58 69.09
CA ALA F 49 -10.97 4.69 68.07
C ALA F 49 -9.45 4.76 67.93
N TYR F 50 -8.84 5.82 68.45
CA TYR F 50 -7.40 5.97 68.51
C TYR F 50 -7.07 6.76 69.76
N PRO F 51 -5.89 6.56 70.35
CA PRO F 51 -5.54 7.34 71.54
C PRO F 51 -5.44 8.83 71.24
N ILE F 52 -6.09 9.64 72.07
CA ILE F 52 -6.02 11.09 71.98
C ILE F 52 -5.34 11.58 73.25
N ALA F 53 -4.19 12.24 73.08
CA ALA F 53 -3.37 12.70 74.20
C ALA F 53 -3.03 11.55 75.14
N LYS F 54 -2.58 10.43 74.55
CA LYS F 54 -2.11 9.23 75.23
C LYS F 54 -3.21 8.53 76.00
N ASP F 55 -4.44 9.01 75.96
CA ASP F 55 -5.54 8.49 76.75
C ASP F 55 -6.52 7.73 75.86
N PRO F 56 -6.85 6.48 76.20
CA PRO F 56 -7.69 5.67 75.30
C PRO F 56 -9.16 6.04 75.27
N GLN F 57 -9.60 7.05 76.04
CA GLN F 57 -11.01 7.43 76.09
C GLN F 57 -11.15 8.94 76.02
N GLY F 58 -12.39 9.40 75.94
CA GLY F 58 -12.70 10.82 75.98
C GLY F 58 -14.04 11.07 76.62
N TYR F 59 -14.20 12.29 77.12
CA TYR F 59 -15.45 12.74 77.72
C TYR F 59 -16.10 13.76 76.79
N PHE F 60 -17.35 13.51 76.42
CA PHE F 60 -17.97 14.18 75.28
C PHE F 60 -19.05 15.17 75.71
N LEU F 61 -19.09 16.31 75.00
CA LEU F 61 -20.07 17.36 75.19
C LEU F 61 -20.55 17.83 73.84
N TRP F 62 -21.86 18.01 73.71
CA TRP F 62 -22.46 18.50 72.47
C TRP F 62 -23.44 19.60 72.78
N TYR F 63 -23.32 20.72 72.07
CA TYR F 63 -24.15 21.89 72.28
C TYR F 63 -24.74 22.33 70.96
N GLN F 64 -26.03 22.66 70.96
CA GLN F 64 -26.68 23.28 69.82
C GLN F 64 -26.98 24.72 70.19
N VAL F 65 -26.33 25.65 69.49
CA VAL F 65 -26.38 27.06 69.87
C VAL F 65 -26.76 27.91 68.66
N GLU F 66 -27.17 29.14 68.97
CA GLU F 66 -27.38 30.20 67.99
C GLU F 66 -26.55 31.38 68.42
N MET F 67 -25.56 31.74 67.61
CA MET F 67 -24.63 32.80 67.95
C MET F 67 -24.33 33.61 66.71
N PRO F 68 -23.73 34.79 66.84
CA PRO F 68 -23.32 35.55 65.66
C PRO F 68 -22.23 34.82 64.89
N GLU F 69 -22.27 34.94 63.57
CA GLU F 69 -21.40 34.16 62.71
C GLU F 69 -19.96 34.67 62.73
N ASP F 70 -19.78 35.99 62.79
CA ASP F 70 -18.45 36.58 62.80
C ASP F 70 -17.63 36.18 64.02
N ARG F 71 -18.27 35.65 65.06
CA ARG F 71 -17.63 35.39 66.34
C ARG F 71 -17.34 33.91 66.56
N VAL F 72 -17.52 33.06 65.56
CA VAL F 72 -17.38 31.63 65.78
C VAL F 72 -15.91 31.26 65.96
N ASN F 73 -15.04 31.75 65.07
CA ASN F 73 -13.63 31.38 65.18
C ASN F 73 -13.00 31.91 66.45
N ASP F 74 -13.41 33.10 66.91
CA ASP F 74 -12.91 33.59 68.19
C ASP F 74 -13.44 32.75 69.34
N LEU F 75 -14.60 32.13 69.19
CA LEU F 75 -15.09 31.22 70.21
C LEU F 75 -14.25 29.94 70.25
N ALA F 76 -13.91 29.39 69.08
CA ALA F 76 -13.06 28.21 69.03
C ALA F 76 -11.71 28.48 69.68
N ARG F 77 -11.06 29.58 69.30
CA ARG F 77 -9.77 29.93 69.88
C ARG F 77 -9.84 29.94 71.40
N GLU F 78 -10.90 30.51 71.96
CA GLU F 78 -11.02 30.60 73.41
C GLU F 78 -11.27 29.25 74.06
N LEU F 79 -11.99 28.35 73.38
CA LEU F 79 -12.26 27.05 73.96
C LEU F 79 -11.01 26.18 74.01
N ARG F 80 -10.17 26.27 72.98
CA ARG F 80 -9.01 25.40 72.89
C ARG F 80 -7.89 25.78 73.85
N ILE F 81 -8.03 26.90 74.56
CA ILE F 81 -6.96 27.37 75.44
C ILE F 81 -6.73 26.37 76.56
N ARG F 82 -7.80 25.91 77.20
CA ARG F 82 -7.70 25.07 78.38
C ARG F 82 -6.94 23.79 78.08
N ASP F 83 -6.11 23.37 79.05
CA ASP F 83 -5.37 22.13 78.90
C ASP F 83 -6.33 20.95 78.74
N ASN F 84 -7.31 20.85 79.64
CA ASN F 84 -8.23 19.71 79.66
C ASN F 84 -9.11 19.64 78.42
N VAL F 85 -9.14 20.67 77.61
CA VAL F 85 -9.85 20.61 76.33
C VAL F 85 -8.91 19.99 75.29
N ARG F 86 -9.41 18.98 74.59
CA ARG F 86 -8.62 18.21 73.64
C ARG F 86 -9.10 18.38 72.21
N ARG F 87 -10.40 18.23 71.96
CA ARG F 87 -10.99 18.47 70.64
C ARG F 87 -12.05 19.54 70.75
N VAL F 88 -12.02 20.49 69.82
CA VAL F 88 -13.12 21.42 69.59
C VAL F 88 -13.47 21.34 68.12
N MET F 89 -14.70 20.92 67.82
CA MET F 89 -15.20 20.94 66.46
C MET F 89 -16.56 21.63 66.45
N VAL F 90 -16.63 22.77 65.77
CA VAL F 90 -17.85 23.56 65.69
C VAL F 90 -18.36 23.48 64.27
N VAL F 91 -19.49 22.81 64.09
CA VAL F 91 -20.07 22.57 62.78
C VAL F 91 -21.31 23.44 62.63
N LYS F 92 -21.52 23.97 61.43
CA LYS F 92 -22.78 24.61 61.11
C LYS F 92 -23.88 23.56 61.12
N SER F 93 -24.96 23.82 61.87
CA SER F 93 -26.08 22.90 61.92
C SER F 93 -26.66 22.69 60.53
N GLN F 94 -27.09 21.46 60.24
CA GLN F 94 -27.65 21.12 58.95
C GLN F 94 -28.95 20.35 59.13
N GLU F 95 -29.65 20.16 58.00
CA GLU F 95 -30.88 19.38 57.99
C GLU F 95 -30.55 17.89 58.02
N PRO F 96 -31.33 17.08 58.73
CA PRO F 96 -30.99 15.66 58.86
C PRO F 96 -31.27 14.86 57.60
N PHE F 97 -30.31 14.84 56.68
CA PHE F 97 -30.48 14.10 55.43
C PHE F 97 -30.70 12.61 55.69
N LEU F 98 -31.88 12.12 55.34
CA LEU F 98 -32.24 10.73 55.57
C LEU F 98 -31.80 9.84 54.42
N ALA F 99 -31.52 8.58 54.74
CA ALA F 99 -31.11 7.60 53.75
C ALA F 99 -31.87 6.31 53.98
N ASN F 100 -31.97 5.50 52.92
CA ASN F 100 -32.76 4.27 52.95
C ASN F 100 -34.17 4.55 53.46
N ALA F 101 -34.71 5.69 53.05
CA ALA F 101 -35.99 6.18 53.54
C ALA F 101 -37.17 5.37 53.00
N ALA G 1 10.50 -32.92 20.92
CA ALA G 1 9.06 -33.18 20.85
C ALA G 1 8.21 -31.90 20.97
N ARG G 2 7.99 -31.20 19.86
CA ARG G 2 7.15 -30.01 19.96
C ARG G 2 5.67 -30.35 19.88
N ARG G 3 5.28 -31.30 19.03
CA ARG G 3 3.86 -31.63 18.91
C ARG G 3 3.39 -32.56 20.03
N ARG G 4 3.92 -33.78 20.07
CA ARG G 4 3.37 -34.88 20.83
C ARG G 4 4.11 -35.06 22.15
N ARG G 5 3.83 -36.16 22.84
CA ARG G 5 4.48 -36.49 24.10
C ARG G 5 5.70 -37.37 23.92
N ALA G 6 5.97 -37.89 22.72
CA ALA G 6 7.15 -38.70 22.44
C ALA G 6 7.18 -39.93 23.36
N GLU G 7 6.21 -40.82 23.11
CA GLU G 7 6.06 -42.04 23.90
C GLU G 7 7.38 -42.77 24.10
N VAL G 8 7.47 -43.47 25.24
CA VAL G 8 8.68 -44.18 25.62
C VAL G 8 8.78 -45.48 24.83
N ARG G 9 10.01 -45.85 24.47
CA ARG G 9 10.23 -47.15 23.84
C ARG G 9 10.05 -48.26 24.86
N GLN G 10 9.34 -49.32 24.47
CA GLN G 10 9.13 -50.48 25.31
C GLN G 10 10.12 -51.54 24.89
N LEU G 11 11.08 -51.84 25.75
CA LEU G 11 12.14 -52.76 25.39
C LEU G 11 11.68 -54.21 25.56
N GLN G 12 12.40 -55.11 24.90
CA GLN G 12 12.10 -56.53 24.98
C GLN G 12 12.48 -57.07 26.35
N PRO G 13 11.63 -57.87 26.98
CA PRO G 13 12.04 -58.55 28.21
C PRO G 13 13.28 -59.41 27.97
N ASP G 14 14.03 -59.60 29.05
CA ASP G 14 15.32 -60.25 28.94
C ASP G 14 15.16 -61.72 28.56
N LEU G 15 16.13 -62.23 27.80
CA LEU G 15 16.12 -63.64 27.42
C LEU G 15 16.41 -64.53 28.62
N VAL G 16 17.19 -64.04 29.58
CA VAL G 16 17.65 -64.84 30.72
C VAL G 16 16.77 -64.56 31.93
N TYR G 17 16.73 -63.31 32.36
CA TYR G 17 15.98 -62.95 33.56
C TYR G 17 14.55 -62.51 33.28
N GLY G 18 14.17 -62.35 32.00
CA GLY G 18 12.85 -61.88 31.69
C GLY G 18 12.54 -60.49 32.22
N ASP G 19 13.57 -59.71 32.51
CA ASP G 19 13.41 -58.38 33.04
C ASP G 19 13.79 -57.34 31.99
N VAL G 20 13.00 -56.28 31.91
CA VAL G 20 13.24 -55.23 30.93
C VAL G 20 14.38 -54.32 31.37
N LEU G 21 14.60 -54.15 32.67
CA LEU G 21 15.70 -53.32 33.13
C LEU G 21 17.05 -53.91 32.77
N VAL G 22 17.13 -55.24 32.70
CA VAL G 22 18.37 -55.89 32.25
C VAL G 22 18.68 -55.49 30.82
N THR G 23 17.75 -55.76 29.90
CA THR G 23 17.95 -55.42 28.49
C THR G 23 18.38 -53.96 28.34
N ALA G 24 17.67 -53.06 29.01
CA ALA G 24 18.00 -51.64 28.94
C ALA G 24 19.44 -51.38 29.40
N PHE G 25 19.89 -52.08 30.44
CA PHE G 25 21.27 -51.97 30.87
C PHE G 25 22.22 -52.61 29.86
N ILE G 26 21.81 -53.72 29.26
CA ILE G 26 22.63 -54.34 28.21
C ILE G 26 22.83 -53.36 27.07
N ASN G 27 21.77 -52.64 26.68
CA ASN G 27 21.86 -51.73 25.55
C ASN G 27 22.86 -50.61 25.82
N LYS G 28 22.93 -50.11 27.05
CA LYS G 28 23.92 -49.08 27.36
C LYS G 28 25.34 -49.63 27.28
N ILE G 29 25.52 -50.92 27.53
CA ILE G 29 26.83 -51.53 27.36
C ILE G 29 27.18 -51.63 25.89
N MET G 30 26.19 -51.84 25.03
CA MET G 30 26.44 -52.04 23.61
C MET G 30 27.10 -50.82 23.00
N ARG G 31 28.08 -51.06 22.15
CA ARG G 31 28.69 -50.02 21.33
C ARG G 31 28.80 -50.53 19.90
N ASP G 32 28.63 -49.61 18.95
CA ASP G 32 28.68 -49.92 17.52
C ASP G 32 27.68 -51.01 17.12
N GLY G 33 26.64 -51.22 17.92
CA GLY G 33 25.59 -52.15 17.55
C GLY G 33 25.96 -53.61 17.68
N LYS G 34 26.88 -53.93 18.56
CA LYS G 34 27.26 -55.32 18.84
C LYS G 34 26.52 -55.73 20.11
N LYS G 35 25.26 -56.14 19.96
CA LYS G 35 24.48 -56.52 21.13
C LYS G 35 24.86 -57.90 21.62
N ASN G 36 25.39 -58.74 20.74
CA ASN G 36 25.83 -60.06 21.17
C ASN G 36 27.02 -59.96 22.10
N LEU G 37 27.99 -59.11 21.77
CA LEU G 37 29.13 -58.90 22.65
C LEU G 37 28.69 -58.27 23.98
N ALA G 38 27.80 -57.27 23.91
CA ALA G 38 27.39 -56.57 25.11
C ALA G 38 26.60 -57.46 26.06
N ALA G 39 25.86 -58.42 25.53
CA ALA G 39 25.16 -59.36 26.41
C ALA G 39 26.15 -60.29 27.09
N ARG G 40 27.09 -60.86 26.33
CA ARG G 40 28.07 -61.76 26.91
C ARG G 40 28.90 -61.08 27.99
N ILE G 41 29.12 -59.76 27.86
CA ILE G 41 29.73 -59.01 28.95
C ILE G 41 28.86 -59.11 30.20
N PHE G 42 27.61 -58.66 30.10
CA PHE G 42 26.74 -58.57 31.26
C PHE G 42 26.53 -59.94 31.92
N TYR G 43 26.26 -60.96 31.11
CA TYR G 43 25.97 -62.28 31.67
C TYR G 43 27.23 -62.91 32.27
N ASP G 44 28.38 -62.75 31.61
CA ASP G 44 29.62 -63.21 32.23
C ASP G 44 29.92 -62.38 33.47
N ALA G 45 29.48 -61.13 33.51
CA ALA G 45 29.60 -60.34 34.72
C ALA G 45 28.63 -60.80 35.80
N CYS G 46 27.56 -61.49 35.43
CA CYS G 46 26.67 -62.07 36.43
C CYS G 46 27.26 -63.31 37.07
N LYS G 47 28.08 -64.06 36.32
CA LYS G 47 28.80 -65.17 36.93
C LYS G 47 29.79 -64.67 37.97
N ILE G 48 30.46 -63.55 37.67
CA ILE G 48 31.45 -62.99 38.59
C ILE G 48 30.79 -62.58 39.90
N ILE G 49 29.68 -61.85 39.79
CA ILE G 49 29.03 -61.29 40.98
C ILE G 49 28.42 -62.40 41.82
N GLN G 50 28.02 -63.51 41.20
CA GLN G 50 27.37 -64.62 41.89
C GLN G 50 28.36 -65.63 42.47
N GLU G 51 29.59 -65.66 41.98
CA GLU G 51 30.63 -66.50 42.56
C GLU G 51 31.34 -65.78 43.70
N LYS G 52 31.95 -64.64 43.40
CA LYS G 52 32.63 -63.87 44.43
C LYS G 52 31.69 -63.44 45.54
N THR G 53 30.39 -63.42 45.29
CA THR G 53 29.38 -63.15 46.30
C THR G 53 28.30 -64.20 46.22
N GLY G 54 27.88 -64.73 47.36
CA GLY G 54 26.92 -65.81 47.37
C GLY G 54 25.48 -65.37 47.20
N GLN G 55 25.25 -64.27 46.49
CA GLN G 55 23.92 -63.68 46.33
C GLN G 55 23.46 -63.76 44.88
N GLU G 56 22.19 -63.38 44.66
CA GLU G 56 21.57 -63.48 43.35
C GLU G 56 21.89 -62.25 42.52
N PRO G 57 22.55 -62.39 41.38
CA PRO G 57 22.94 -61.21 40.59
C PRO G 57 21.78 -60.31 40.20
N LEU G 58 20.59 -60.88 39.97
CA LEU G 58 19.43 -60.05 39.66
C LEU G 58 19.15 -59.06 40.77
N LYS G 59 19.11 -59.51 42.03
CA LYS G 59 18.78 -58.61 43.13
C LYS G 59 19.88 -57.59 43.37
N VAL G 60 21.14 -57.97 43.13
CA VAL G 60 22.23 -57.01 43.31
C VAL G 60 22.22 -55.98 42.19
N PHE G 61 21.91 -56.40 40.97
CA PHE G 61 21.78 -55.46 39.86
C PHE G 61 20.74 -54.39 40.17
N LYS G 62 19.56 -54.80 40.64
CA LYS G 62 18.52 -53.84 41.02
C LYS G 62 18.95 -53.00 42.21
N GLN G 63 19.43 -53.66 43.27
CA GLN G 63 19.88 -52.93 44.46
C GLN G 63 21.00 -51.94 44.12
N ALA G 64 21.86 -52.29 43.15
CA ALA G 64 22.86 -51.33 42.69
C ALA G 64 22.20 -50.18 41.97
N VAL G 65 21.35 -50.48 40.98
CA VAL G 65 20.66 -49.45 40.22
C VAL G 65 19.90 -48.49 41.14
N GLU G 66 19.30 -49.03 42.21
CA GLU G 66 18.53 -48.19 43.11
C GLU G 66 19.42 -47.16 43.80
N ASN G 67 20.60 -47.57 44.26
CA ASN G 67 21.46 -46.67 45.01
C ASN G 67 22.04 -45.55 44.15
N VAL G 68 21.99 -45.68 42.82
CA VAL G 68 22.49 -44.64 41.93
C VAL G 68 21.39 -43.71 41.43
N LYS G 69 20.14 -43.98 41.75
CA LYS G 69 19.05 -43.10 41.31
C LYS G 69 19.12 -41.80 42.06
N PRO G 70 19.20 -40.66 41.36
CA PRO G 70 19.22 -39.36 42.05
C PRO G 70 17.82 -38.82 42.26
N ARG G 71 17.55 -38.34 43.47
CA ARG G 71 16.23 -37.80 43.75
C ARG G 71 16.09 -36.34 43.33
N MET G 72 17.20 -35.60 43.20
CA MET G 72 17.13 -34.26 42.65
C MET G 72 18.38 -33.98 41.82
N GLU G 73 18.28 -32.94 40.99
CA GLU G 73 19.37 -32.51 40.13
C GLU G 73 19.16 -31.03 39.83
N VAL G 74 20.12 -30.44 39.11
CA VAL G 74 20.12 -29.02 38.80
C VAL G 74 20.04 -28.83 37.29
N ARG G 75 19.32 -27.79 36.87
CA ARG G 75 19.26 -27.36 35.48
C ARG G 75 19.48 -25.86 35.43
N SER G 76 19.71 -25.35 34.22
CA SER G 76 19.92 -23.92 34.01
C SER G 76 18.65 -23.27 33.49
N ARG G 77 18.48 -21.99 33.82
CA ARG G 77 17.33 -21.22 33.33
C ARG G 77 17.74 -19.76 33.19
N ARG G 78 17.53 -19.21 32.00
CA ARG G 78 17.92 -17.83 31.71
C ARG G 78 17.03 -16.86 32.46
N VAL G 79 17.63 -16.09 33.37
CA VAL G 79 16.90 -15.12 34.20
C VAL G 79 17.76 -13.86 34.36
N GLY G 80 17.26 -12.73 33.88
CA GLY G 80 17.87 -11.42 34.10
C GLY G 80 19.36 -11.33 33.83
N GLY G 81 19.79 -11.67 32.62
CA GLY G 81 21.21 -11.75 32.32
C GLY G 81 21.70 -13.19 32.37
N ALA G 82 22.76 -13.43 33.13
CA ALA G 82 23.29 -14.78 33.28
C ALA G 82 22.28 -15.68 33.99
N ASN G 83 22.30 -16.97 33.63
CA ASN G 83 21.33 -17.93 34.11
C ASN G 83 21.79 -18.53 35.45
N TYR G 84 20.98 -19.45 35.98
CA TYR G 84 21.18 -20.01 37.31
C TYR G 84 21.01 -21.53 37.28
N GLN G 85 21.76 -22.20 38.15
CA GLN G 85 21.59 -23.62 38.40
C GLN G 85 20.38 -23.82 39.32
N VAL G 86 19.32 -24.42 38.80
CA VAL G 86 18.04 -24.47 39.50
C VAL G 86 17.79 -25.90 39.95
N PRO G 87 17.64 -26.14 41.25
CA PRO G 87 17.37 -27.49 41.74
C PRO G 87 15.92 -27.88 41.53
N MET G 88 15.71 -29.12 41.12
CA MET G 88 14.36 -29.63 40.94
C MET G 88 14.39 -31.14 40.91
N GLU G 89 13.22 -31.74 41.15
CA GLU G 89 13.11 -33.19 41.24
C GLU G 89 13.46 -33.85 39.93
N VAL G 90 13.69 -35.16 40.00
CA VAL G 90 14.02 -35.97 38.84
C VAL G 90 12.84 -36.88 38.54
N SER G 91 12.37 -36.82 37.30
CA SER G 91 11.32 -37.72 36.85
C SER G 91 11.73 -39.16 37.11
N PRO G 92 10.80 -40.04 37.51
CA PRO G 92 11.16 -41.45 37.68
C PRO G 92 11.71 -42.10 36.42
N ARG G 93 11.32 -41.60 35.23
CA ARG G 93 11.93 -42.09 34.00
C ARG G 93 13.38 -41.65 33.88
N ARG G 94 13.69 -40.41 34.27
CA ARG G 94 15.06 -39.95 34.13
C ARG G 94 15.99 -40.61 35.14
N GLN G 95 15.48 -40.94 36.32
CA GLN G 95 16.28 -41.71 37.27
C GLN G 95 16.71 -43.05 36.68
N GLN G 96 15.90 -43.61 35.78
CA GLN G 96 16.28 -44.80 35.05
C GLN G 96 17.53 -44.56 34.20
N SER G 97 17.44 -43.64 33.24
CA SER G 97 18.52 -43.48 32.28
C SER G 97 19.80 -43.00 32.94
N LEU G 98 19.68 -42.15 33.96
CA LEU G 98 20.87 -41.59 34.59
C LEU G 98 21.61 -42.66 35.40
N ALA G 99 20.89 -43.41 36.22
CA ALA G 99 21.53 -44.45 37.00
C ALA G 99 22.19 -45.48 36.10
N LEU G 100 21.50 -45.91 35.04
CA LEU G 100 22.06 -46.90 34.14
C LEU G 100 23.28 -46.36 33.40
N ARG G 101 23.15 -45.16 32.81
CA ARG G 101 24.28 -44.58 32.10
C ARG G 101 25.48 -44.41 33.03
N TRP G 102 25.24 -43.96 34.25
CA TRP G 102 26.35 -43.72 35.18
C TRP G 102 27.08 -45.02 35.53
N LEU G 103 26.32 -46.10 35.79
CA LEU G 103 26.94 -47.38 36.13
C LEU G 103 27.89 -47.85 35.03
N VAL G 104 27.44 -47.77 33.78
CA VAL G 104 28.29 -48.21 32.67
C VAL G 104 29.50 -47.29 32.54
N GLN G 105 29.29 -45.97 32.64
CA GLN G 105 30.39 -45.04 32.54
C GLN G 105 31.39 -45.23 33.67
N ALA G 106 30.90 -45.39 34.90
CA ALA G 106 31.79 -45.59 36.03
C ALA G 106 32.63 -46.84 35.85
N ALA G 107 31.98 -47.97 35.49
CA ALA G 107 32.69 -49.23 35.37
C ALA G 107 33.81 -49.16 34.34
N ASN G 108 33.64 -48.37 33.28
CA ASN G 108 34.71 -48.29 32.30
C ASN G 108 35.80 -47.32 32.71
N GLN G 109 35.58 -46.55 33.78
CA GLN G 109 36.66 -45.80 34.41
C GLN G 109 37.50 -46.66 35.35
N ARG G 110 37.17 -47.94 35.49
CA ARG G 110 37.76 -48.79 36.50
C ARG G 110 39.13 -49.32 36.10
N PRO G 111 39.93 -49.75 37.08
CA PRO G 111 41.26 -50.29 36.76
C PRO G 111 41.24 -51.63 36.07
N GLU G 112 40.23 -52.47 36.36
CA GLU G 112 40.25 -53.87 35.95
C GLU G 112 40.39 -54.03 34.44
N ARG G 113 41.09 -55.08 34.03
CA ARG G 113 41.44 -55.24 32.62
C ARG G 113 40.23 -55.58 31.77
N ARG G 114 39.58 -56.70 32.06
CA ARG G 114 38.49 -57.19 31.21
C ARG G 114 37.18 -56.47 31.54
N ALA G 115 36.29 -56.42 30.55
CA ALA G 115 35.07 -55.65 30.68
C ALA G 115 34.15 -56.21 31.76
N ALA G 116 33.79 -57.49 31.64
CA ALA G 116 32.83 -58.08 32.57
C ALA G 116 33.29 -57.98 34.02
N VAL G 117 34.60 -58.03 34.24
CA VAL G 117 35.16 -57.81 35.58
C VAL G 117 34.74 -56.45 36.11
N ARG G 118 34.86 -55.42 35.27
CA ARG G 118 34.58 -54.06 35.71
C ARG G 118 33.09 -53.87 35.98
N ILE G 119 32.22 -54.44 35.14
CA ILE G 119 30.78 -54.35 35.38
C ILE G 119 30.44 -54.94 36.73
N ALA G 120 30.82 -56.20 36.95
CA ALA G 120 30.47 -56.90 38.18
C ALA G 120 31.01 -56.14 39.40
N HIS G 121 32.28 -55.77 39.38
CA HIS G 121 32.87 -55.07 40.51
C HIS G 121 32.15 -53.75 40.77
N GLU G 122 31.79 -53.02 39.72
CA GLU G 122 31.05 -51.78 39.90
C GLU G 122 29.69 -52.04 40.53
N LEU G 123 28.90 -52.93 39.92
CA LEU G 123 27.60 -53.29 40.47
C LEU G 123 27.70 -53.65 41.95
N MET G 124 28.71 -54.44 42.32
CA MET G 124 28.88 -54.80 43.72
C MET G 124 29.15 -53.57 44.58
N ASP G 125 30.12 -52.75 44.17
CA ASP G 125 30.43 -51.56 44.96
C ASP G 125 29.25 -50.61 45.01
N ALA G 126 28.53 -50.48 43.89
CA ALA G 126 27.37 -49.60 43.87
C ALA G 126 26.28 -50.10 44.80
N ALA G 127 26.02 -51.40 44.80
CA ALA G 127 25.02 -51.93 45.71
C ALA G 127 25.42 -51.79 47.16
N GLU G 128 26.71 -51.64 47.45
CA GLU G 128 27.18 -51.44 48.82
C GLU G 128 27.26 -49.98 49.21
N GLY G 129 26.91 -49.05 48.31
CA GLY G 129 26.91 -47.63 48.63
C GLY G 129 28.17 -46.89 48.26
N LYS G 130 29.15 -47.57 47.67
CA LYS G 130 30.41 -46.97 47.24
C LYS G 130 30.55 -47.16 45.73
N GLY G 131 31.73 -46.84 45.21
CA GLY G 131 32.00 -46.99 43.79
C GLY G 131 31.70 -45.72 43.01
N GLY G 132 32.21 -45.71 41.77
CA GLY G 132 32.23 -44.49 40.99
C GLY G 132 30.86 -43.94 40.64
N ALA G 133 29.88 -44.82 40.44
CA ALA G 133 28.57 -44.35 40.01
C ALA G 133 27.83 -43.63 41.13
N VAL G 134 27.87 -44.19 42.34
CA VAL G 134 27.22 -43.56 43.48
C VAL G 134 27.85 -42.22 43.80
N LYS G 135 29.11 -42.00 43.40
CA LYS G 135 29.71 -40.69 43.57
C LYS G 135 29.03 -39.65 42.68
N LYS G 136 28.83 -39.98 41.40
CA LYS G 136 28.13 -39.05 40.51
C LYS G 136 26.73 -38.77 41.02
N LYS G 137 26.09 -39.73 41.69
CA LYS G 137 24.77 -39.49 42.25
C LYS G 137 24.83 -38.64 43.50
N GLU G 138 25.74 -38.95 44.43
CA GLU G 138 25.82 -38.16 45.64
C GLU G 138 26.34 -36.76 45.36
N ASP G 139 27.09 -36.58 44.26
CA ASP G 139 27.59 -35.26 43.89
C ASP G 139 26.51 -34.41 43.24
N VAL G 140 25.57 -35.04 42.52
CA VAL G 140 24.48 -34.29 41.91
C VAL G 140 23.52 -33.77 42.97
N GLU G 141 23.03 -34.67 43.84
CA GLU G 141 22.18 -34.22 44.94
C GLU G 141 22.87 -33.19 45.80
N ARG G 142 24.19 -33.03 45.67
CA ARG G 142 24.90 -31.95 46.35
C ARG G 142 24.75 -30.62 45.61
N MET G 143 24.53 -30.65 44.30
CA MET G 143 24.27 -29.41 43.58
C MET G 143 22.97 -28.77 44.05
N ALA G 144 21.87 -29.51 43.94
CA ALA G 144 20.69 -29.19 44.72
C ALA G 144 21.05 -29.18 46.19
N GLU G 145 20.23 -28.52 46.99
CA GLU G 145 20.47 -28.40 48.42
C GLU G 145 21.72 -27.57 48.69
N ALA G 146 22.40 -27.16 47.62
CA ALA G 146 23.42 -26.11 47.65
C ALA G 146 22.90 -24.86 46.95
N ASN G 147 22.42 -25.02 45.73
CA ASN G 147 21.65 -23.98 45.09
C ASN G 147 20.18 -23.96 45.56
N ARG G 148 19.93 -24.50 46.76
CA ARG G 148 18.58 -24.52 47.33
C ARG G 148 17.97 -23.12 47.40
N ALA G 149 18.80 -22.08 47.28
CA ALA G 149 18.33 -20.71 47.28
C ALA G 149 17.53 -20.34 46.05
N TYR G 150 17.50 -21.19 45.02
CA TYR G 150 16.76 -20.92 43.79
C TYR G 150 15.61 -21.89 43.60
N ALA G 151 15.10 -22.47 44.69
CA ALA G 151 13.94 -23.35 44.65
C ALA G 151 12.65 -22.62 44.30
N HIS G 152 12.69 -21.31 44.14
CA HIS G 152 11.52 -20.57 43.70
C HIS G 152 11.45 -20.40 42.19
N TYR G 153 12.50 -20.78 41.46
CA TYR G 153 12.50 -20.79 40.01
C TYR G 153 12.06 -22.12 39.42
N ARG G 154 11.27 -22.91 40.17
CA ARG G 154 11.03 -24.32 39.85
C ARG G 154 10.82 -24.61 38.37
N TRP G 155 9.87 -23.92 37.75
CA TRP G 155 9.50 -24.16 36.34
C TRP G 155 9.19 -25.63 36.07
N MET H 1 -30.43 36.61 20.38
CA MET H 1 -31.17 37.23 19.28
C MET H 1 -30.86 36.53 17.97
N LEU H 2 -31.82 36.52 17.06
CA LEU H 2 -31.55 36.02 15.72
C LEU H 2 -30.85 37.10 14.90
N THR H 3 -29.99 36.65 13.99
CA THR H 3 -29.07 37.55 13.32
C THR H 3 -29.62 38.04 11.99
N ASP H 4 -29.94 37.12 11.07
CA ASP H 4 -30.61 37.45 9.81
C ASP H 4 -31.86 36.59 9.71
N PRO H 5 -33.02 37.12 10.09
CA PRO H 5 -34.22 36.28 10.15
C PRO H 5 -34.59 35.64 8.83
N ILE H 6 -34.28 36.29 7.71
CA ILE H 6 -34.66 35.74 6.41
C ILE H 6 -33.82 34.51 6.08
N ALA H 7 -32.49 34.64 6.16
CA ALA H 7 -31.64 33.47 5.96
C ALA H 7 -32.04 32.37 6.93
N ASP H 8 -32.38 32.75 8.16
CA ASP H 8 -32.88 31.78 9.12
C ASP H 8 -34.07 31.03 8.55
N MET H 9 -35.04 31.77 8.01
CA MET H 9 -36.19 31.12 7.40
C MET H 9 -35.78 30.28 6.20
N LEU H 10 -34.99 30.85 5.30
CA LEU H 10 -34.52 30.09 4.15
C LEU H 10 -33.87 28.79 4.58
N THR H 11 -33.16 28.81 5.72
CA THR H 11 -32.47 27.61 6.19
C THR H 11 -33.43 26.64 6.85
N ARG H 12 -34.35 27.14 7.70
CA ARG H 12 -35.39 26.29 8.24
C ARG H 12 -36.01 25.45 7.13
N ILE H 13 -36.35 26.10 6.02
CA ILE H 13 -36.85 25.39 4.84
C ILE H 13 -35.78 24.47 4.27
N ARG H 14 -34.54 24.95 4.17
CA ARG H 14 -33.49 24.14 3.57
C ARG H 14 -33.27 22.85 4.37
N ASN H 15 -33.09 22.99 5.69
CA ASN H 15 -32.85 21.82 6.53
C ASN H 15 -34.06 20.91 6.60
N ALA H 16 -35.27 21.48 6.55
CA ALA H 16 -36.47 20.66 6.68
C ALA H 16 -36.70 19.81 5.44
N THR H 17 -36.36 20.33 4.27
CA THR H 17 -36.60 19.56 3.06
C THR H 17 -35.64 18.39 2.93
N ARG H 18 -34.41 18.51 3.44
CA ARG H 18 -33.44 17.44 3.28
C ARG H 18 -33.79 16.19 4.08
N VAL H 19 -34.61 16.33 5.12
CA VAL H 19 -35.14 15.17 5.84
C VAL H 19 -36.59 14.90 5.47
N TYR H 20 -37.13 15.65 4.51
CA TYR H 20 -38.46 15.42 3.94
C TYR H 20 -39.57 15.65 4.95
N LYS H 21 -39.40 16.68 5.78
CA LYS H 21 -40.48 17.11 6.66
C LYS H 21 -41.71 17.46 5.83
N GLU H 22 -42.88 17.23 6.40
CA GLU H 22 -44.09 17.70 5.75
C GLU H 22 -44.28 19.19 5.98
N SER H 23 -44.02 19.65 7.20
CA SER H 23 -44.21 21.05 7.55
C SER H 23 -43.04 21.53 8.37
N THR H 24 -42.93 22.86 8.50
CA THR H 24 -41.90 23.51 9.28
C THR H 24 -42.37 24.90 9.69
N ASP H 25 -42.08 25.27 10.93
CA ASP H 25 -42.48 26.57 11.47
C ASP H 25 -41.32 27.55 11.38
N VAL H 26 -41.65 28.79 11.03
CA VAL H 26 -40.66 29.86 11.08
C VAL H 26 -41.29 31.01 11.86
N PRO H 27 -40.53 31.74 12.69
CA PRO H 27 -41.12 32.84 13.44
C PRO H 27 -41.72 33.86 12.50
N ALA H 28 -42.86 34.41 12.90
CA ALA H 28 -43.71 35.14 11.97
C ALA H 28 -43.28 36.59 11.82
N SER H 29 -43.09 37.01 10.57
CA SER H 29 -42.84 38.40 10.21
C SER H 29 -43.46 38.64 8.84
N ARG H 30 -43.99 39.85 8.64
CA ARG H 30 -44.67 40.16 7.39
C ARG H 30 -43.74 40.01 6.20
N PHE H 31 -42.51 40.53 6.31
CA PHE H 31 -41.57 40.40 5.20
C PHE H 31 -41.36 38.94 4.84
N LYS H 32 -41.06 38.11 5.85
CA LYS H 32 -40.99 36.67 5.62
C LYS H 32 -42.24 36.17 4.89
N GLU H 33 -43.41 36.64 5.31
CA GLU H 33 -44.64 36.17 4.70
C GLU H 33 -44.70 36.54 3.22
N GLU H 34 -44.10 37.66 2.83
CA GLU H 34 -44.11 38.04 1.43
C GLU H 34 -43.15 37.20 0.61
N ILE H 35 -42.06 36.72 1.20
CA ILE H 35 -41.22 35.75 0.51
C ILE H 35 -41.99 34.46 0.27
N LEU H 36 -42.55 33.90 1.35
CA LEU H 36 -43.35 32.68 1.27
C LEU H 36 -44.45 32.78 0.22
N ARG H 37 -44.99 33.97 0.01
CA ARG H 37 -46.01 34.12 -1.02
C ARG H 37 -45.44 33.89 -2.40
N ILE H 38 -44.25 34.45 -2.69
CA ILE H 38 -43.67 34.25 -4.01
C ILE H 38 -43.36 32.77 -4.25
N LEU H 39 -42.83 32.09 -3.23
CA LEU H 39 -42.55 30.67 -3.38
C LEU H 39 -43.82 29.89 -3.63
N ALA H 40 -44.86 30.16 -2.85
CA ALA H 40 -46.14 29.49 -3.03
C ALA H 40 -46.69 29.74 -4.43
N ARG H 41 -46.58 30.97 -4.91
CA ARG H 41 -47.02 31.27 -6.26
C ARG H 41 -46.16 30.53 -7.28
N GLU H 42 -44.87 30.43 -7.03
CA GLU H 42 -43.97 29.86 -8.02
C GLU H 42 -43.96 28.35 -8.00
N GLY H 43 -44.63 27.72 -7.03
CA GLY H 43 -44.75 26.27 -7.00
C GLY H 43 -43.67 25.54 -6.23
N PHE H 44 -42.86 26.25 -5.45
CA PHE H 44 -41.80 25.63 -4.65
C PHE H 44 -42.31 25.07 -3.34
N ILE H 45 -43.44 25.57 -2.85
CA ILE H 45 -44.09 25.01 -1.68
C ILE H 45 -45.56 24.80 -2.00
N LYS H 46 -46.16 23.82 -1.32
CA LYS H 46 -47.62 23.74 -1.31
C LYS H 46 -48.21 25.06 -0.86
N GLY H 47 -47.64 25.63 0.19
CA GLY H 47 -48.07 26.93 0.69
C GLY H 47 -47.78 27.04 2.18
N TYR H 48 -48.25 28.14 2.75
CA TYR H 48 -48.02 28.46 4.14
C TYR H 48 -49.32 28.90 4.80
N GLU H 49 -49.32 28.90 6.13
CA GLU H 49 -50.41 29.49 6.88
C GLU H 49 -49.91 29.97 8.24
N ARG H 50 -50.50 31.07 8.71
CA ARG H 50 -50.20 31.54 10.05
C ARG H 50 -50.72 30.56 11.08
N VAL H 51 -50.06 30.54 12.22
CA VAL H 51 -50.43 29.64 13.31
C VAL H 51 -49.71 30.12 14.56
N ASP H 52 -50.32 29.87 15.71
CA ASP H 52 -49.68 30.21 16.97
C ASP H 52 -49.01 28.97 17.56
N VAL H 53 -47.95 29.22 18.31
CA VAL H 53 -47.21 28.16 19.00
C VAL H 53 -46.80 28.72 20.36
N ASP H 54 -47.51 28.31 21.41
CA ASP H 54 -47.29 28.82 22.76
C ASP H 54 -47.49 30.34 22.82
N GLY H 55 -48.55 30.81 22.17
CA GLY H 55 -48.95 32.21 22.19
C GLY H 55 -48.36 33.05 21.06
N LYS H 56 -47.16 32.70 20.59
CA LYS H 56 -46.48 33.57 19.63
C LYS H 56 -46.72 33.09 18.20
N PRO H 57 -46.88 34.03 17.27
CA PRO H 57 -47.22 33.65 15.90
C PRO H 57 -46.06 32.98 15.20
N TYR H 58 -46.39 32.06 14.31
CA TYR H 58 -45.41 31.40 13.46
C TYR H 58 -46.03 31.23 12.08
N LEU H 59 -45.28 30.59 11.18
CA LEU H 59 -45.76 30.31 9.84
C LEU H 59 -45.42 28.85 9.52
N ARG H 60 -46.45 28.00 9.41
CA ARG H 60 -46.24 26.66 8.89
C ARG H 60 -45.96 26.74 7.40
N VAL H 61 -44.89 26.11 6.95
CA VAL H 61 -44.57 26.03 5.54
C VAL H 61 -44.74 24.58 5.10
N TYR H 62 -45.57 24.36 4.10
CA TYR H 62 -45.90 23.02 3.63
C TYR H 62 -45.07 22.75 2.37
N LEU H 63 -43.99 22.00 2.54
CA LEU H 63 -43.05 21.74 1.46
C LEU H 63 -43.64 20.71 0.49
N LYS H 64 -43.04 20.62 -0.69
CA LYS H 64 -43.44 19.61 -1.66
C LYS H 64 -42.20 18.98 -2.27
N TYR H 65 -42.36 17.73 -2.72
CA TYR H 65 -41.27 16.93 -3.27
C TYR H 65 -41.79 16.14 -4.45
N GLY H 66 -40.86 15.54 -5.19
CA GLY H 66 -41.21 14.76 -6.35
C GLY H 66 -41.80 13.41 -6.02
N PRO H 67 -41.93 12.55 -7.02
CA PRO H 67 -42.37 11.19 -6.78
C PRO H 67 -41.24 10.32 -6.24
N ARG H 68 -41.64 9.33 -5.46
CA ARG H 68 -40.70 8.34 -4.96
C ARG H 68 -39.98 7.66 -6.11
N ARG H 69 -38.67 7.51 -5.98
CA ARG H 69 -37.83 7.09 -7.08
C ARG H 69 -37.58 5.58 -7.04
N GLN H 70 -36.88 5.10 -8.07
CA GLN H 70 -36.62 3.68 -8.29
C GLN H 70 -35.52 3.20 -7.36
N GLY H 71 -34.81 2.14 -7.74
CA GLY H 71 -33.85 1.48 -6.86
C GLY H 71 -32.84 2.44 -6.25
N PRO H 72 -31.87 1.91 -5.47
CA PRO H 72 -31.49 2.37 -4.13
C PRO H 72 -31.57 3.86 -3.91
N ASP H 73 -31.86 4.25 -2.67
CA ASP H 73 -32.21 5.62 -2.32
C ASP H 73 -33.49 6.05 -3.02
N PRO H 74 -34.64 5.52 -2.57
CA PRO H 74 -35.92 5.91 -3.17
C PRO H 74 -36.32 7.35 -2.89
N ARG H 75 -35.63 8.04 -2.00
CA ARG H 75 -36.07 9.37 -1.58
C ARG H 75 -36.34 10.26 -2.79
N PRO H 76 -37.41 11.05 -2.77
CA PRO H 76 -37.85 11.74 -3.97
C PRO H 76 -36.88 12.84 -4.37
N GLU H 77 -37.05 13.30 -5.61
CA GLU H 77 -36.39 14.52 -6.04
C GLU H 77 -36.91 15.69 -5.23
N GLN H 78 -36.08 16.71 -5.07
CA GLN H 78 -36.51 17.91 -4.37
C GLN H 78 -37.20 18.86 -5.33
N VAL H 79 -38.15 19.64 -4.80
CA VAL H 79 -38.65 20.76 -5.58
C VAL H 79 -37.72 21.95 -5.41
N ILE H 80 -37.22 22.17 -4.20
CA ILE H 80 -36.22 23.18 -3.91
C ILE H 80 -34.86 22.48 -3.87
N HIS H 81 -34.16 22.50 -5.00
CA HIS H 81 -32.83 21.90 -5.04
C HIS H 81 -31.80 22.77 -4.34
N HIS H 82 -32.00 24.09 -4.36
CA HIS H 82 -31.00 25.05 -3.94
C HIS H 82 -31.71 26.31 -3.47
N ILE H 83 -31.43 26.73 -2.25
CA ILE H 83 -31.90 28.01 -1.73
C ILE H 83 -30.70 28.69 -1.10
N ARG H 84 -30.47 29.95 -1.48
CA ARG H 84 -29.27 30.63 -1.01
C ARG H 84 -29.55 32.10 -0.83
N ARG H 85 -29.39 32.58 0.40
CA ARG H 85 -29.43 34.00 0.70
C ARG H 85 -28.32 34.72 -0.07
N ILE H 86 -28.68 35.88 -0.63
CA ILE H 86 -27.70 36.65 -1.40
C ILE H 86 -27.28 37.91 -0.66
N SER H 87 -28.23 38.81 -0.44
CA SER H 87 -27.91 40.05 0.25
C SER H 87 -28.11 39.82 1.72
N LYS H 88 -27.01 39.62 2.44
CA LYS H 88 -27.00 39.40 3.87
C LYS H 88 -26.68 40.70 4.59
N PRO H 89 -26.93 40.78 5.91
CA PRO H 89 -26.37 41.90 6.68
C PRO H 89 -24.87 41.88 6.57
N GLY H 90 -24.25 43.04 6.79
CA GLY H 90 -22.81 43.07 6.70
C GLY H 90 -22.24 42.94 5.31
N ARG H 91 -23.06 42.57 4.32
CA ARG H 91 -22.75 42.88 2.91
C ARG H 91 -24.05 42.87 2.11
N ARG H 92 -24.60 44.06 1.88
CA ARG H 92 -25.89 44.19 1.24
C ARG H 92 -25.73 44.31 -0.27
N VAL H 93 -26.67 43.73 -1.01
CA VAL H 93 -26.56 43.56 -2.46
C VAL H 93 -27.78 44.15 -3.15
N TYR H 94 -27.60 45.27 -3.85
CA TYR H 94 -28.68 45.88 -4.63
C TYR H 94 -28.32 45.86 -6.11
N VAL H 95 -29.32 45.67 -6.96
CA VAL H 95 -29.10 45.62 -8.39
C VAL H 95 -30.09 46.53 -9.10
N GLY H 96 -29.60 47.24 -10.12
CA GLY H 96 -30.48 47.96 -11.02
C GLY H 96 -31.27 46.99 -11.88
N VAL H 97 -32.19 47.54 -12.67
CA VAL H 97 -33.07 46.68 -13.44
C VAL H 97 -32.30 45.91 -14.50
N LYS H 98 -31.18 46.46 -14.98
CA LYS H 98 -30.37 45.75 -15.96
C LYS H 98 -29.38 44.79 -15.31
N GLU H 99 -29.14 44.95 -14.01
CA GLU H 99 -28.23 44.08 -13.26
C GLU H 99 -28.94 42.87 -12.65
N ILE H 100 -30.22 42.68 -12.96
CA ILE H 100 -30.99 41.55 -12.44
C ILE H 100 -30.59 40.27 -13.15
N PRO H 101 -30.21 39.22 -12.42
CA PRO H 101 -29.62 38.03 -13.04
C PRO H 101 -30.65 37.06 -13.58
N ARG H 102 -30.21 36.22 -14.52
CA ARG H 102 -31.03 35.13 -15.06
C ARG H 102 -30.66 33.84 -14.32
N VAL H 103 -31.58 33.34 -13.52
CA VAL H 103 -31.28 32.28 -12.56
C VAL H 103 -31.49 30.91 -13.21
N ARG H 104 -30.41 30.14 -13.32
CA ARG H 104 -30.44 28.81 -13.93
C ARG H 104 -31.05 28.89 -15.33
N ARG H 105 -30.58 29.87 -16.10
CA ARG H 105 -31.03 30.10 -17.48
C ARG H 105 -32.55 30.10 -17.58
N GLY H 106 -33.20 30.66 -16.58
CA GLY H 106 -34.63 30.83 -16.57
C GLY H 106 -35.39 29.82 -15.74
N LEU H 107 -34.77 28.70 -15.39
CA LEU H 107 -35.49 27.66 -14.68
C LEU H 107 -35.59 27.90 -13.18
N GLY H 108 -34.90 28.93 -12.65
CA GLY H 108 -35.06 29.35 -11.27
C GLY H 108 -35.63 30.75 -11.16
N ILE H 109 -35.59 31.27 -9.92
CA ILE H 109 -36.03 32.62 -9.64
C ILE H 109 -34.93 33.35 -8.87
N ALA H 110 -35.08 34.66 -8.78
CA ALA H 110 -34.31 35.48 -7.85
C ALA H 110 -35.29 36.46 -7.23
N ILE H 111 -35.51 36.32 -5.93
CA ILE H 111 -36.52 37.11 -5.24
C ILE H 111 -35.94 38.48 -4.93
N LEU H 112 -36.44 39.50 -5.61
CA LEU H 112 -36.02 40.88 -5.38
C LEU H 112 -36.99 41.58 -4.45
N SER H 113 -36.45 42.34 -3.51
CA SER H 113 -37.24 43.33 -2.80
C SER H 113 -37.06 44.67 -3.50
N THR H 114 -38.16 45.21 -4.02
CA THR H 114 -38.13 46.46 -4.75
C THR H 114 -39.07 47.47 -4.10
N SER H 115 -38.89 48.74 -4.48
CA SER H 115 -39.81 49.78 -4.05
C SER H 115 -41.23 49.53 -4.50
N LYS H 116 -41.43 48.62 -5.45
CA LYS H 116 -42.77 48.19 -5.85
C LYS H 116 -43.18 46.88 -5.19
N GLY H 117 -42.36 46.36 -4.29
CA GLY H 117 -42.71 45.18 -3.53
C GLY H 117 -41.79 44.00 -3.83
N VAL H 118 -41.97 42.95 -3.03
CA VAL H 118 -41.18 41.74 -3.19
C VAL H 118 -41.61 41.05 -4.47
N LEU H 119 -40.71 40.99 -5.47
CA LEU H 119 -41.05 40.44 -6.78
C LEU H 119 -40.06 39.37 -7.17
N THR H 120 -40.51 38.46 -8.04
CA THR H 120 -39.54 37.63 -8.72
C THR H 120 -38.82 38.46 -9.77
N ASP H 121 -37.70 37.92 -10.27
CA ASP H 121 -36.93 38.62 -11.29
C ASP H 121 -37.80 38.97 -12.50
N ARG H 122 -38.50 37.97 -13.05
CA ARG H 122 -39.33 38.23 -14.23
C ARG H 122 -40.31 39.36 -13.98
N GLU H 123 -41.03 39.29 -12.85
CA GLU H 123 -42.00 40.34 -12.53
C GLU H 123 -41.31 41.68 -12.39
N ALA H 124 -40.08 41.70 -11.85
CA ALA H 124 -39.39 42.96 -11.66
C ALA H 124 -38.87 43.53 -12.98
N ARG H 125 -38.31 42.67 -13.84
CA ARG H 125 -37.90 43.14 -15.16
C ARG H 125 -39.10 43.63 -15.95
N LYS H 126 -40.24 42.96 -15.82
CA LYS H 126 -41.41 43.41 -16.52
C LYS H 126 -41.95 44.70 -15.91
N LEU H 127 -41.92 44.80 -14.58
CA LEU H 127 -42.27 46.06 -13.92
C LEU H 127 -41.22 47.14 -14.12
N GLY H 128 -40.04 46.78 -14.63
CA GLY H 128 -38.98 47.74 -14.90
C GLY H 128 -38.36 48.37 -13.68
N VAL H 129 -38.15 47.61 -12.60
CA VAL H 129 -37.55 48.13 -11.39
C VAL H 129 -36.55 47.13 -10.84
N GLY H 130 -35.49 47.65 -10.21
CA GLY H 130 -34.55 46.85 -9.47
C GLY H 130 -34.71 47.02 -7.97
N GLY H 131 -33.74 46.49 -7.24
CA GLY H 131 -33.78 46.59 -5.79
C GLY H 131 -32.77 45.65 -5.14
N GLU H 132 -33.06 45.29 -3.89
CA GLU H 132 -32.18 44.42 -3.13
C GLU H 132 -32.45 42.97 -3.48
N LEU H 133 -31.39 42.23 -3.76
CA LEU H 133 -31.48 40.84 -4.21
C LEU H 133 -31.49 39.94 -3.00
N ILE H 134 -32.63 39.30 -2.73
CA ILE H 134 -32.78 38.53 -1.49
C ILE H 134 -32.19 37.13 -1.62
N CYS H 135 -32.44 36.43 -2.72
CA CYS H 135 -31.95 35.06 -2.83
C CYS H 135 -32.20 34.48 -4.22
N GLU H 136 -31.37 33.49 -4.56
CA GLU H 136 -31.64 32.55 -5.63
C GLU H 136 -32.48 31.41 -5.07
N VAL H 137 -33.37 30.88 -5.90
CA VAL H 137 -34.11 29.65 -5.61
C VAL H 137 -34.24 28.90 -6.92
N TRP H 138 -33.77 27.66 -6.96
CA TRP H 138 -33.91 26.89 -8.18
C TRP H 138 -33.96 25.39 -7.93
N GLU I 1 -0.21 -84.84 11.44
CA GLU I 1 1.02 -85.44 10.94
C GLU I 1 2.12 -84.39 10.80
N GLN I 2 1.80 -83.25 10.18
CA GLN I 2 2.78 -82.21 9.93
C GLN I 2 2.10 -80.88 9.71
N TYR I 3 2.76 -79.81 10.17
CA TYR I 3 2.19 -78.47 10.12
C TYR I 3 3.29 -77.49 9.77
N TYR I 4 2.92 -76.45 9.02
CA TYR I 4 3.91 -75.58 8.38
C TYR I 4 3.47 -74.13 8.38
N GLY I 5 4.46 -73.24 8.47
CA GLY I 5 4.26 -71.82 8.27
C GLY I 5 5.53 -71.22 7.70
N THR I 6 5.38 -70.08 7.02
CA THR I 6 6.51 -69.51 6.26
C THR I 6 7.45 -68.67 7.12
N GLY I 7 6.95 -67.58 7.67
CA GLY I 7 7.81 -66.72 8.49
C GLY I 7 8.79 -65.91 7.68
N ARG I 8 8.93 -64.62 7.96
CA ARG I 8 9.79 -63.74 7.19
C ARG I 8 10.19 -62.55 8.05
N ARG I 9 11.45 -62.12 7.91
CA ARG I 9 11.93 -60.95 8.64
C ARG I 9 13.14 -60.37 7.91
N LYS I 10 12.99 -59.16 7.37
CA LYS I 10 14.13 -58.34 6.97
C LYS I 10 15.01 -59.07 5.95
N GLU I 11 14.38 -59.47 4.85
CA GLU I 11 15.05 -60.17 3.75
C GLU I 11 15.59 -61.53 4.20
N ALA I 12 14.73 -62.33 4.83
CA ALA I 12 15.11 -63.66 5.30
C ALA I 12 13.87 -64.53 5.46
N VAL I 13 13.98 -65.79 5.04
CA VAL I 13 12.88 -66.74 5.10
C VAL I 13 13.36 -68.02 5.80
N ALA I 14 12.45 -68.67 6.51
CA ALA I 14 12.76 -69.89 7.25
C ALA I 14 11.53 -70.79 7.25
N ARG I 15 11.52 -71.79 6.36
CA ARG I 15 10.40 -72.73 6.32
C ARG I 15 10.39 -73.57 7.58
N VAL I 16 9.27 -73.57 8.29
CA VAL I 16 9.13 -74.27 9.56
C VAL I 16 8.21 -75.46 9.34
N PHE I 17 8.76 -76.68 9.47
CA PHE I 17 8.00 -77.92 9.38
C PHE I 17 7.91 -78.51 10.79
N LEU I 18 6.75 -78.39 11.41
CA LEU I 18 6.52 -78.90 12.74
C LEU I 18 5.99 -80.32 12.68
N ARG I 19 6.61 -81.21 13.44
CA ARG I 19 6.21 -82.61 13.46
C ARG I 19 6.24 -83.10 14.90
N PRO I 20 5.23 -83.82 15.35
CA PRO I 20 5.19 -84.25 16.75
C PRO I 20 6.32 -85.23 17.07
N GLY I 21 7.09 -84.93 18.11
CA GLY I 21 8.24 -85.75 18.44
C GLY I 21 8.95 -85.40 19.75
N ASN I 22 10.24 -85.73 19.82
CA ASN I 22 10.99 -85.64 21.07
C ASN I 22 11.24 -84.19 21.48
N GLY I 23 11.42 -83.29 20.51
CA GLY I 23 11.68 -81.91 20.84
C GLY I 23 13.01 -81.40 20.31
N LYS I 24 13.59 -82.15 19.38
CA LYS I 24 14.85 -81.79 18.76
C LYS I 24 14.59 -81.03 17.45
N VAL I 25 15.41 -80.02 17.20
CA VAL I 25 15.19 -79.06 16.11
C VAL I 25 16.39 -79.09 15.19
N THR I 26 16.13 -79.25 13.89
CA THR I 26 17.18 -79.32 12.87
C THR I 26 17.06 -78.11 11.96
N VAL I 27 18.19 -77.47 11.68
CA VAL I 27 18.22 -76.29 10.83
C VAL I 27 19.32 -76.46 9.79
N ASN I 28 18.95 -76.54 8.52
CA ASN I 28 19.91 -76.64 7.43
C ASN I 28 20.81 -77.86 7.59
N GLY I 29 20.23 -78.98 7.98
CA GLY I 29 21.02 -80.18 8.18
C GLY I 29 21.99 -80.10 9.33
N GLN I 30 21.82 -79.14 10.24
CA GLN I 30 22.63 -79.03 11.43
C GLN I 30 21.73 -78.96 12.65
N ASP I 31 22.33 -79.24 13.81
CA ASP I 31 21.62 -79.03 15.06
C ASP I 31 21.23 -77.57 15.19
N PHE I 32 20.15 -77.32 15.94
CA PHE I 32 19.74 -75.94 16.21
C PHE I 32 20.88 -75.15 16.83
N ASN I 33 21.61 -75.76 17.75
CA ASN I 33 22.67 -75.11 18.50
C ASN I 33 24.04 -75.23 17.83
N GLU I 34 24.15 -75.96 16.72
CA GLU I 34 25.39 -75.91 15.95
C GLU I 34 25.36 -74.79 14.91
N TYR I 35 24.17 -74.29 14.59
CA TYR I 35 23.97 -73.14 13.71
C TYR I 35 24.02 -71.84 14.49
N PHE I 36 23.29 -71.78 15.61
CA PHE I 36 23.26 -70.71 16.58
C PHE I 36 24.25 -71.01 17.71
N GLN I 37 23.98 -70.50 18.91
CA GLN I 37 24.77 -70.87 20.08
C GLN I 37 26.18 -70.32 19.99
N GLY I 38 26.24 -69.04 20.28
CA GLY I 38 27.34 -68.13 20.07
C GLY I 38 26.56 -66.87 19.83
N LEU I 39 25.23 -67.04 19.74
CA LEU I 39 24.28 -65.94 19.56
C LEU I 39 23.27 -66.02 20.70
N VAL I 40 23.24 -64.99 21.55
CA VAL I 40 22.44 -65.06 22.76
C VAL I 40 20.95 -65.07 22.42
N ARG I 41 20.53 -64.26 21.46
CA ARG I 41 19.12 -64.10 21.09
C ARG I 41 18.49 -65.35 20.51
N ALA I 42 19.24 -66.45 20.36
CA ALA I 42 18.78 -67.59 19.57
C ALA I 42 17.49 -68.18 20.13
N VAL I 43 17.38 -68.25 21.47
CA VAL I 43 16.24 -68.89 22.10
C VAL I 43 14.93 -68.16 21.87
N ALA I 44 14.99 -66.93 21.34
CA ALA I 44 13.75 -66.21 21.04
C ALA I 44 12.95 -66.94 19.97
N ALA I 45 13.62 -67.57 19.01
CA ALA I 45 12.92 -68.23 17.91
C ALA I 45 11.94 -69.27 18.42
N LEU I 46 12.20 -69.85 19.58
CA LEU I 46 11.37 -70.89 20.16
C LEU I 46 10.39 -70.38 21.20
N GLU I 47 10.32 -69.06 21.39
CA GLU I 47 9.33 -68.50 22.30
C GLU I 47 7.88 -68.82 21.94
N PRO I 48 7.49 -69.01 20.68
CA PRO I 48 6.11 -69.47 20.44
C PRO I 48 5.77 -70.78 21.11
N LEU I 49 6.72 -71.72 21.15
CA LEU I 49 6.44 -73.01 21.77
C LEU I 49 6.35 -72.89 23.29
N ARG I 50 7.14 -71.99 23.89
CA ARG I 50 7.13 -71.82 25.33
C ARG I 50 5.87 -71.12 25.79
N ALA I 51 5.29 -70.25 24.96
CA ALA I 51 4.05 -69.57 25.31
C ALA I 51 2.90 -70.56 25.41
N VAL I 52 2.87 -71.58 24.56
CA VAL I 52 1.84 -72.59 24.59
C VAL I 52 2.32 -73.90 25.22
N ASP I 53 3.53 -73.92 25.79
CA ASP I 53 4.10 -75.11 26.42
C ASP I 53 4.19 -76.27 25.44
N ALA I 54 4.58 -75.96 24.20
CA ALA I 54 4.70 -76.95 23.15
C ALA I 54 6.12 -77.47 22.98
N LEU I 55 6.99 -77.25 23.98
CA LEU I 55 8.39 -77.62 23.87
C LEU I 55 8.57 -79.10 23.50
N GLY I 56 8.11 -80.00 24.38
CA GLY I 56 8.35 -81.42 24.22
C GLY I 56 7.42 -82.15 23.28
N HIS I 57 6.48 -81.44 22.66
CA HIS I 57 5.53 -82.11 21.78
C HIS I 57 6.08 -82.29 20.37
N PHE I 58 6.77 -81.29 19.84
CA PHE I 58 7.14 -81.24 18.43
C PHE I 58 8.64 -81.35 18.21
N ASP I 59 9.00 -81.98 17.10
CA ASP I 59 10.28 -81.74 16.45
C ASP I 59 10.10 -80.63 15.42
N ALA I 60 11.21 -80.18 14.83
CA ALA I 60 11.13 -79.11 13.84
C ALA I 60 12.28 -79.24 12.85
N TYR I 61 11.96 -79.20 11.57
CA TYR I 61 12.95 -79.21 10.51
C TYR I 61 12.79 -77.91 9.73
N ILE I 62 13.85 -77.11 9.70
CA ILE I 62 13.79 -75.73 9.23
C ILE I 62 14.81 -75.51 8.13
N THR I 63 14.44 -74.68 7.15
CA THR I 63 15.30 -74.28 6.05
C THR I 63 15.35 -72.76 6.02
N VAL I 64 16.51 -72.21 6.36
CA VAL I 64 16.69 -70.77 6.46
C VAL I 64 17.72 -70.32 5.43
N ARG I 65 17.36 -69.32 4.63
CA ARG I 65 18.27 -68.76 3.64
C ARG I 65 17.90 -67.31 3.38
N GLY I 66 18.91 -66.45 3.33
CA GLY I 66 18.66 -65.04 3.11
C GLY I 66 18.86 -64.22 4.37
N GLY I 67 19.38 -63.01 4.20
CA GLY I 67 19.68 -62.12 5.30
C GLY I 67 20.85 -62.60 6.15
N GLY I 68 20.93 -62.04 7.36
CA GLY I 68 21.87 -62.49 8.35
C GLY I 68 21.18 -63.32 9.43
N LYS I 69 22.00 -63.84 10.35
CA LYS I 69 21.49 -64.89 11.24
C LYS I 69 20.47 -64.37 12.25
N SER I 70 20.56 -63.11 12.65
CA SER I 70 19.62 -62.60 13.65
C SER I 70 18.22 -62.43 13.07
N GLY I 71 18.13 -61.93 11.83
CA GLY I 71 16.84 -61.94 11.15
C GLY I 71 16.36 -63.33 10.85
N GLN I 72 17.27 -64.27 10.60
CA GLN I 72 16.90 -65.67 10.48
C GLN I 72 16.21 -66.17 11.75
N ILE I 73 16.65 -65.69 12.90
CA ILE I 73 16.04 -66.11 14.16
C ILE I 73 14.61 -65.58 14.28
N ASP I 74 14.39 -64.34 13.85
CA ASP I 74 13.05 -63.79 13.87
C ASP I 74 12.15 -64.47 12.84
N ALA I 75 12.71 -64.83 11.68
CA ALA I 75 11.92 -65.50 10.64
C ALA I 75 11.50 -66.89 11.09
N ILE I 76 12.38 -67.59 11.81
CA ILE I 76 12.00 -68.85 12.43
C ILE I 76 10.85 -68.64 13.41
N LYS I 77 10.99 -67.63 14.28
CA LYS I 77 9.96 -67.33 15.27
C LYS I 77 8.58 -67.21 14.63
N LEU I 78 8.51 -66.58 13.45
CA LEU I 78 7.22 -66.42 12.78
C LEU I 78 6.76 -67.74 12.18
N GLY I 79 7.63 -68.41 11.43
CA GLY I 79 7.25 -69.70 10.85
C GLY I 79 6.83 -70.70 11.91
N ILE I 80 7.48 -70.67 13.07
CA ILE I 80 7.07 -71.54 14.17
C ILE I 80 5.69 -71.13 14.69
N ALA I 81 5.44 -69.83 14.81
CA ALA I 81 4.13 -69.39 15.26
C ALA I 81 3.05 -69.66 14.23
N ARG I 82 3.40 -69.58 12.93
CA ARG I 82 2.41 -69.79 11.88
C ARG I 82 1.96 -71.25 11.83
N ALA I 83 2.92 -72.18 11.79
CA ALA I 83 2.58 -73.60 11.83
C ALA I 83 1.81 -73.93 13.08
N LEU I 84 2.16 -73.29 14.20
CA LEU I 84 1.53 -73.57 15.48
C LEU I 84 0.04 -73.25 15.45
N VAL I 85 -0.38 -72.27 14.64
CA VAL I 85 -1.80 -71.94 14.54
C VAL I 85 -2.50 -72.88 13.57
N GLN I 86 -1.81 -73.30 12.51
CA GLN I 86 -2.41 -74.26 11.59
C GLN I 86 -2.69 -75.59 12.27
N TYR I 87 -1.87 -75.97 13.26
CA TYR I 87 -2.19 -77.13 14.09
C TYR I 87 -3.50 -76.92 14.83
N ASN I 88 -3.53 -75.94 15.72
CA ASN I 88 -4.73 -75.62 16.49
C ASN I 88 -5.07 -74.16 16.27
N PRO I 89 -6.14 -73.85 15.54
CA PRO I 89 -6.53 -72.44 15.36
C PRO I 89 -6.98 -71.76 16.64
N ASP I 90 -7.24 -72.51 17.71
CA ASP I 90 -7.53 -71.90 19.00
C ASP I 90 -6.30 -71.24 19.62
N TYR I 91 -5.10 -71.55 19.11
CA TYR I 91 -3.86 -70.96 19.60
C TYR I 91 -3.67 -69.53 19.13
N ARG I 92 -4.55 -69.02 18.27
CA ARG I 92 -4.49 -67.62 17.90
C ARG I 92 -4.71 -66.73 19.11
N ALA I 93 -5.76 -66.99 19.87
CA ALA I 93 -6.12 -66.13 21.00
C ALA I 93 -5.02 -66.06 22.03
N LYS I 94 -4.19 -67.10 22.15
CA LYS I 94 -3.08 -67.08 23.08
C LYS I 94 -1.83 -66.44 22.47
N LEU I 95 -1.55 -66.73 21.20
CA LEU I 95 -0.35 -66.25 20.55
C LEU I 95 -0.41 -64.77 20.16
N LYS I 96 -1.61 -64.22 20.00
CA LYS I 96 -1.81 -62.90 19.45
C LYS I 96 -1.41 -61.76 20.40
N PRO I 97 -1.74 -61.82 21.70
CA PRO I 97 -1.28 -60.73 22.59
C PRO I 97 0.23 -60.54 22.60
N LEU I 98 0.99 -61.63 22.44
CA LEU I 98 2.44 -61.53 22.35
C LEU I 98 2.90 -61.01 21.00
N GLY I 99 2.06 -61.12 19.98
CA GLY I 99 2.39 -60.61 18.66
C GLY I 99 3.35 -61.47 17.88
N PHE I 100 3.47 -62.75 18.21
CA PHE I 100 4.41 -63.61 17.49
C PHE I 100 4.00 -63.79 16.03
N LEU I 101 2.71 -63.71 15.75
CA LEU I 101 2.20 -63.88 14.39
C LEU I 101 2.25 -62.61 13.57
N THR I 102 2.82 -61.53 14.12
CA THR I 102 2.97 -60.28 13.39
C THR I 102 4.29 -60.28 12.63
N ARG I 103 4.23 -59.93 11.34
CA ARG I 103 5.44 -59.76 10.56
C ARG I 103 6.08 -58.43 10.91
N ASP I 104 7.41 -58.41 10.99
CA ASP I 104 8.13 -57.19 11.30
C ASP I 104 8.52 -56.50 9.99
N ALA I 105 7.84 -55.42 9.68
CA ALA I 105 7.95 -54.77 8.37
C ALA I 105 9.17 -53.87 8.26
N ARG I 106 10.02 -53.83 9.26
CA ARG I 106 11.16 -52.91 9.26
C ARG I 106 12.28 -53.48 8.41
N VAL I 107 12.64 -52.75 7.35
CA VAL I 107 13.71 -53.14 6.44
C VAL I 107 14.64 -51.95 6.24
N VAL I 108 15.88 -52.27 5.83
CA VAL I 108 16.93 -51.29 5.61
C VAL I 108 16.42 -50.18 4.71
N GLU I 109 16.48 -48.95 5.20
CA GLU I 109 15.99 -47.80 4.46
C GLU I 109 16.99 -47.42 3.38
N ARG I 110 16.46 -47.14 2.19
CA ARG I 110 17.27 -46.95 0.99
C ARG I 110 18.13 -45.70 1.07
N LYS I 111 19.38 -45.81 0.62
CA LYS I 111 20.29 -44.67 0.61
C LYS I 111 19.82 -43.60 -0.36
N LYS I 112 20.03 -42.34 0.01
CA LYS I 112 19.49 -41.21 -0.74
C LYS I 112 20.59 -40.26 -1.16
N TYR I 113 20.49 -39.78 -2.41
CA TYR I 113 21.51 -38.92 -2.99
C TYR I 113 21.59 -37.60 -2.23
N GLY I 114 22.82 -37.12 -2.05
CA GLY I 114 23.07 -35.91 -1.30
C GLY I 114 23.32 -36.12 0.18
N LYS I 115 22.98 -37.30 0.69
CA LYS I 115 23.32 -37.67 2.05
C LYS I 115 24.50 -38.63 2.01
N HIS I 116 24.86 -39.20 3.17
CA HIS I 116 25.90 -40.22 3.21
C HIS I 116 25.31 -41.62 3.27
N LYS I 117 24.46 -41.88 4.28
CA LYS I 117 23.70 -43.14 4.33
C LYS I 117 22.23 -42.83 4.68
N ALA I 118 21.48 -42.35 3.70
CA ALA I 118 20.02 -42.31 3.69
C ALA I 118 19.38 -41.40 4.72
N ARG I 119 20.11 -41.02 5.78
CA ARG I 119 19.66 -39.95 6.66
C ARG I 119 20.82 -39.04 7.04
N ARG I 120 22.00 -39.63 7.24
CA ARG I 120 23.16 -38.89 7.71
C ARG I 120 23.60 -37.89 6.66
N ALA I 121 23.50 -36.61 6.99
CA ALA I 121 23.78 -35.43 6.17
C ALA I 121 25.26 -35.08 6.25
N PRO I 122 25.87 -34.75 5.11
CA PRO I 122 27.27 -34.33 5.14
C PRO I 122 27.43 -33.07 5.99
N GLN I 123 28.49 -33.04 6.78
CA GLN I 123 28.71 -31.95 7.73
C GLN I 123 29.28 -30.74 7.00
N TYR I 124 28.87 -29.55 7.45
CA TYR I 124 29.24 -28.30 6.80
C TYR I 124 29.89 -27.38 7.82
N SER I 125 30.45 -26.27 7.32
CA SER I 125 31.23 -25.35 8.14
C SER I 125 30.62 -23.95 8.23
N LYS I 126 30.19 -23.38 7.10
CA LYS I 126 29.63 -22.04 7.02
C LYS I 126 30.72 -20.99 7.19
N ARG I 127 31.93 -21.44 7.54
CA ARG I 127 33.12 -20.61 7.75
C ARG I 127 34.22 -21.46 8.39
N LYS J 1 14.27 -80.58 -27.50
CA LYS J 1 14.77 -79.38 -26.82
C LYS J 1 14.66 -78.15 -27.72
N ILE J 2 13.73 -77.26 -27.38
CA ILE J 2 13.46 -76.04 -28.14
C ILE J 2 13.39 -74.90 -27.12
N ARG J 3 14.46 -74.13 -26.99
CA ARG J 3 14.49 -72.98 -26.09
C ARG J 3 14.10 -71.73 -26.86
N ILE J 4 13.22 -70.92 -26.26
CA ILE J 4 12.79 -69.66 -26.85
C ILE J 4 12.98 -68.58 -25.79
N LYS J 5 13.90 -67.66 -26.05
CA LYS J 5 14.33 -66.66 -25.07
C LYS J 5 13.77 -65.30 -25.48
N LEU J 6 12.81 -64.80 -24.71
CA LEU J 6 12.16 -63.52 -24.98
C LEU J 6 12.77 -62.44 -24.10
N ARG J 7 13.06 -61.29 -24.69
CA ARG J 7 13.71 -60.18 -24.01
C ARG J 7 13.16 -58.88 -24.56
N GLY J 8 12.99 -57.89 -23.69
CA GLY J 8 12.45 -56.61 -24.10
C GLY J 8 12.40 -55.65 -22.93
N PHE J 9 12.36 -54.37 -23.27
CA PHE J 9 12.33 -53.33 -22.24
C PHE J 9 10.93 -53.10 -21.69
N ASP J 10 9.90 -53.59 -22.38
CA ASP J 10 8.52 -53.42 -21.95
C ASP J 10 7.96 -54.77 -21.56
N HIS J 11 7.54 -54.88 -20.28
CA HIS J 11 6.95 -56.11 -19.77
C HIS J 11 5.60 -56.42 -20.40
N LYS J 12 4.90 -55.42 -20.91
CA LYS J 12 3.64 -55.67 -21.61
C LYS J 12 3.87 -56.25 -23.00
N THR J 13 5.00 -55.90 -23.62
CA THR J 13 5.33 -56.43 -24.94
C THR J 13 5.67 -57.92 -24.88
N LEU J 14 6.41 -58.33 -23.85
CA LEU J 14 6.78 -59.74 -23.72
C LEU J 14 5.54 -60.60 -23.48
N ASP J 15 4.73 -60.24 -22.47
CA ASP J 15 3.53 -61.02 -22.20
C ASP J 15 2.59 -61.03 -23.40
N ALA J 16 2.52 -59.91 -24.12
CA ALA J 16 1.75 -59.88 -25.37
C ALA J 16 2.41 -60.71 -26.45
N SER J 17 3.72 -60.91 -26.37
CA SER J 17 4.43 -61.75 -27.32
C SER J 17 4.49 -63.21 -26.88
N ALA J 18 4.59 -63.46 -25.57
CA ALA J 18 4.66 -64.83 -25.08
C ALA J 18 3.29 -65.52 -25.14
N GLN J 19 2.26 -64.87 -24.60
CA GLN J 19 0.93 -65.47 -24.60
C GLN J 19 0.48 -65.85 -26.01
N LYS J 20 0.82 -65.03 -27.00
CA LYS J 20 0.48 -65.35 -28.38
C LYS J 20 1.19 -66.61 -28.86
N ILE J 21 2.36 -66.91 -28.32
CA ILE J 21 3.13 -68.06 -28.77
C ILE J 21 2.59 -69.36 -28.15
N VAL J 22 2.13 -69.29 -26.90
CA VAL J 22 1.55 -70.48 -26.27
C VAL J 22 0.20 -70.81 -26.88
N GLU J 23 -0.58 -69.79 -27.26
CA GLU J 23 -1.89 -70.04 -27.87
C GLU J 23 -1.78 -70.69 -29.24
N ALA J 24 -0.62 -70.59 -29.90
CA ALA J 24 -0.40 -71.29 -31.15
C ALA J 24 0.15 -72.69 -30.92
N ALA J 25 1.00 -72.86 -29.90
CA ALA J 25 1.64 -74.15 -29.64
C ALA J 25 0.78 -75.08 -28.78
N ARG J 26 -0.22 -74.55 -28.07
CA ARG J 26 -1.10 -75.41 -27.28
C ARG J 26 -2.17 -76.08 -28.12
N ARG J 27 -2.46 -75.56 -29.32
CA ARG J 27 -3.40 -76.21 -30.21
C ARG J 27 -2.80 -77.43 -30.89
N SER J 28 -1.47 -77.56 -30.87
CA SER J 28 -0.79 -78.68 -31.52
C SER J 28 0.03 -79.52 -30.55
N GLY J 29 0.94 -78.90 -29.79
CA GLY J 29 1.94 -79.61 -29.05
C GLY J 29 1.42 -80.15 -27.72
N ALA J 30 2.36 -80.71 -26.96
CA ALA J 30 2.03 -81.23 -25.64
C ALA J 30 1.77 -80.07 -24.69
N GLN J 31 1.47 -80.39 -23.43
CA GLN J 31 1.35 -79.35 -22.42
C GLN J 31 2.66 -78.59 -22.34
N VAL J 32 2.65 -77.33 -22.78
CA VAL J 32 3.87 -76.55 -22.78
C VAL J 32 4.25 -76.22 -21.35
N SER J 33 5.56 -76.11 -21.11
CA SER J 33 6.04 -75.71 -19.79
C SER J 33 5.40 -74.41 -19.34
N GLY J 34 5.54 -73.36 -20.13
CA GLY J 34 4.77 -72.17 -19.86
C GLY J 34 5.60 -70.91 -19.83
N PRO J 35 4.94 -69.77 -19.76
CA PRO J 35 5.66 -68.49 -19.72
C PRO J 35 6.36 -68.27 -18.39
N ILE J 36 7.52 -68.89 -18.21
CA ILE J 36 8.27 -68.80 -16.96
C ILE J 36 9.08 -67.51 -16.96
N PRO J 37 8.93 -66.64 -15.94
CA PRO J 37 9.62 -65.34 -15.95
C PRO J 37 11.03 -65.38 -15.35
N LEU J 38 12.04 -64.92 -16.13
CA LEU J 38 13.39 -64.87 -15.62
C LEU J 38 13.66 -63.49 -15.01
N PRO J 39 14.62 -63.38 -14.08
CA PRO J 39 14.83 -62.10 -13.39
C PRO J 39 15.29 -61.00 -14.34
N THR J 40 15.13 -59.77 -13.88
CA THR J 40 15.37 -58.58 -14.70
C THR J 40 16.78 -58.04 -14.48
N ARG J 41 17.43 -57.61 -15.57
CA ARG J 41 18.70 -56.91 -15.52
C ARG J 41 18.42 -55.42 -15.58
N VAL J 42 18.72 -54.71 -14.49
CA VAL J 42 18.36 -53.31 -14.31
C VAL J 42 19.64 -52.48 -14.32
N ARG J 43 19.90 -51.80 -15.43
CA ARG J 43 21.00 -50.84 -15.51
C ARG J 43 20.52 -49.49 -15.00
N ARG J 44 21.27 -48.92 -14.06
CA ARG J 44 20.92 -47.62 -13.50
C ARG J 44 21.94 -46.58 -13.93
N PHE J 45 21.46 -45.36 -14.13
CA PHE J 45 22.29 -44.21 -14.49
C PHE J 45 21.92 -43.07 -13.57
N THR J 46 22.84 -42.70 -12.68
CA THR J 46 22.67 -41.52 -11.84
C THR J 46 23.37 -40.35 -12.50
N VAL J 47 22.69 -39.21 -12.58
CA VAL J 47 23.21 -38.06 -13.30
C VAL J 47 22.87 -36.80 -12.52
N ILE J 48 23.86 -35.92 -12.36
CA ILE J 48 23.65 -34.65 -11.70
C ILE J 48 22.63 -33.84 -12.49
N ARG J 49 21.70 -33.20 -11.77
CA ARG J 49 20.48 -32.74 -12.42
C ARG J 49 20.73 -31.62 -13.42
N GLY J 50 21.61 -30.69 -13.10
CA GLY J 50 21.91 -29.62 -14.01
C GLY J 50 23.27 -29.72 -14.68
N PRO J 51 23.64 -28.72 -15.44
CA PRO J 51 25.05 -28.54 -15.81
C PRO J 51 25.76 -27.76 -14.72
N PHE J 52 27.08 -27.95 -14.63
CA PHE J 52 27.89 -26.99 -13.87
C PHE J 52 27.46 -26.85 -12.42
N LYS J 53 28.06 -27.59 -11.49
CA LYS J 53 27.53 -28.29 -10.33
C LYS J 53 26.32 -27.69 -9.61
N HIS J 54 26.12 -28.05 -8.35
CA HIS J 54 24.89 -28.57 -7.75
C HIS J 54 24.96 -30.07 -7.90
N LYS J 55 26.15 -30.56 -7.51
CA LYS J 55 26.43 -31.97 -7.29
C LYS J 55 25.34 -32.69 -6.52
N ASP J 56 24.72 -32.04 -5.55
CA ASP J 56 23.82 -32.73 -4.63
C ASP J 56 22.37 -32.70 -5.07
N SER J 57 22.10 -32.72 -6.38
CA SER J 57 20.73 -32.66 -6.88
C SER J 57 20.40 -33.78 -7.87
N ARG J 58 21.26 -34.79 -8.00
CA ARG J 58 21.14 -35.74 -9.09
C ARG J 58 19.78 -36.44 -9.11
N GLU J 59 19.31 -36.75 -10.31
CA GLU J 59 18.18 -37.64 -10.55
C GLU J 59 18.68 -38.83 -11.36
N HIS J 60 18.15 -40.02 -11.11
CA HIS J 60 18.60 -41.20 -11.84
C HIS J 60 17.46 -41.86 -12.59
N PHE J 61 17.86 -42.60 -13.64
CA PHE J 61 16.96 -43.36 -14.49
C PHE J 61 17.40 -44.81 -14.51
N GLU J 62 16.46 -45.69 -14.85
CA GLU J 62 16.76 -47.11 -14.94
C GLU J 62 16.17 -47.67 -16.23
N LEU J 63 16.88 -48.63 -16.81
CA LEU J 63 16.48 -49.34 -18.02
C LEU J 63 16.47 -50.84 -17.72
N ARG J 64 15.29 -51.45 -17.78
CA ARG J 64 15.09 -52.81 -17.30
C ARG J 64 14.85 -53.74 -18.48
N THR J 65 15.54 -54.89 -18.49
CA THR J 65 15.39 -55.92 -19.51
C THR J 65 14.71 -57.12 -18.87
N HIS J 66 13.44 -57.31 -19.18
CA HIS J 66 12.71 -58.45 -18.66
C HIS J 66 12.91 -59.66 -19.57
N ASN J 67 12.90 -60.84 -18.98
CA ASN J 67 13.20 -62.06 -19.71
C ASN J 67 12.12 -63.11 -19.45
N ARG J 68 11.89 -63.95 -20.46
CA ARG J 68 10.89 -65.01 -20.41
C ARG J 68 11.42 -66.25 -21.10
N LEU J 69 10.84 -67.40 -20.73
CA LEU J 69 11.17 -68.70 -21.33
C LEU J 69 9.88 -69.39 -21.78
N VAL J 70 10.00 -70.27 -22.77
CA VAL J 70 8.83 -70.83 -23.44
C VAL J 70 8.80 -72.36 -23.36
N ASP J 71 9.76 -73.02 -24.02
CA ASP J 71 9.99 -74.46 -23.88
C ASP J 71 8.76 -75.30 -24.26
N ILE J 72 8.48 -75.33 -25.56
CA ILE J 72 7.54 -76.31 -26.10
C ILE J 72 8.16 -77.71 -26.05
N ILE J 73 7.42 -78.67 -25.51
CA ILE J 73 7.90 -80.04 -25.35
C ILE J 73 7.22 -80.91 -26.40
N ASN J 74 8.03 -81.54 -27.24
CA ASN J 74 7.59 -82.39 -28.35
C ASN J 74 6.67 -81.66 -29.33
N PRO J 75 7.13 -80.59 -29.98
CA PRO J 75 6.37 -79.99 -31.07
C PRO J 75 6.88 -80.44 -32.42
N ASN J 76 5.97 -80.73 -33.35
CA ASN J 76 6.38 -81.25 -34.64
C ASN J 76 6.04 -80.33 -35.80
N ARG J 77 4.76 -80.17 -36.16
CA ARG J 77 4.45 -79.29 -37.27
C ARG J 77 3.41 -78.23 -36.96
N LYS J 78 2.22 -78.67 -36.54
CA LYS J 78 1.13 -77.72 -36.33
C LYS J 78 1.47 -76.72 -35.23
N THR J 79 2.53 -76.97 -34.48
CA THR J 79 3.14 -75.95 -33.64
C THR J 79 3.89 -74.94 -34.50
N ILE J 80 4.88 -75.41 -35.26
CA ILE J 80 5.66 -74.54 -36.14
C ILE J 80 4.83 -73.96 -37.26
N GLU J 81 3.61 -74.46 -37.48
CA GLU J 81 2.73 -73.94 -38.53
C GLU J 81 2.42 -72.47 -38.29
N GLN J 82 1.90 -72.15 -37.10
CA GLN J 82 1.56 -70.77 -36.75
C GLN J 82 2.76 -69.97 -36.27
N LEU J 83 3.97 -70.52 -36.35
CA LEU J 83 5.15 -69.95 -35.73
C LEU J 83 6.17 -69.39 -36.72
N MET J 84 5.80 -69.21 -37.97
CA MET J 84 6.78 -68.69 -38.94
C MET J 84 6.86 -67.17 -38.88
N THR J 85 5.77 -66.47 -39.23
CA THR J 85 5.71 -65.03 -39.06
C THR J 85 4.25 -64.65 -38.85
N LEU J 86 3.83 -64.54 -37.59
CA LEU J 86 2.51 -64.05 -37.25
C LEU J 86 2.51 -63.02 -36.13
N ASP J 87 3.66 -62.72 -35.53
CA ASP J 87 3.68 -61.91 -34.31
C ASP J 87 3.56 -60.43 -34.65
N LEU J 88 2.79 -59.72 -33.82
CA LEU J 88 2.65 -58.26 -33.87
C LEU J 88 3.77 -57.50 -33.16
N PRO J 89 4.16 -57.87 -31.93
CA PRO J 89 4.98 -56.95 -31.12
C PRO J 89 6.30 -56.57 -31.77
N THR J 90 6.67 -55.29 -31.59
CA THR J 90 7.83 -54.68 -32.25
C THR J 90 9.05 -54.62 -31.34
N GLY J 91 8.92 -54.01 -30.16
CA GLY J 91 10.02 -53.91 -29.21
C GLY J 91 10.45 -55.23 -28.60
N VAL J 92 9.75 -56.32 -28.90
CA VAL J 92 10.17 -57.63 -28.43
C VAL J 92 11.33 -58.14 -29.28
N GLU J 93 12.07 -59.09 -28.74
CA GLU J 93 13.21 -59.68 -29.44
C GLU J 93 13.32 -61.14 -29.03
N ILE J 94 13.44 -62.03 -30.00
CA ILE J 94 13.31 -63.47 -29.79
C ILE J 94 14.56 -64.18 -30.29
N GLU J 95 15.04 -65.13 -29.51
CA GLU J 95 16.14 -66.02 -29.89
C GLU J 95 15.69 -67.46 -29.75
N ILE J 96 16.29 -68.34 -30.54
CA ILE J 96 15.95 -69.76 -30.53
C ILE J 96 17.24 -70.58 -30.48
N LYS J 97 17.28 -71.57 -29.58
CA LYS J 97 18.40 -72.48 -29.47
C LYS J 97 17.87 -73.91 -29.40
N THR J 98 18.68 -74.85 -29.90
CA THR J 98 18.30 -76.26 -29.88
C THR J 98 19.44 -77.11 -29.31
N LYS K 1 18.32 -15.63 79.50
CA LYS K 1 18.43 -15.19 80.89
C LYS K 1 17.26 -14.32 81.32
N ARG K 2 16.16 -14.39 80.57
CA ARG K 2 14.98 -13.56 80.84
C ARG K 2 13.73 -14.38 81.11
N GLN K 3 13.50 -15.45 80.33
CA GLN K 3 12.32 -16.33 80.47
C GLN K 3 11.01 -15.57 80.23
N VAL K 4 10.85 -15.12 78.98
CA VAL K 4 9.67 -14.36 78.57
C VAL K 4 8.53 -15.26 78.13
N ALA K 5 8.81 -16.29 77.33
CA ALA K 5 7.88 -17.39 77.06
C ALA K 5 6.66 -17.01 76.24
N SER K 6 6.51 -15.74 75.87
CA SER K 6 5.43 -15.28 75.01
C SER K 6 5.78 -13.89 74.50
N GLY K 7 5.54 -13.65 73.21
CA GLY K 7 5.94 -12.36 72.67
C GLY K 7 5.61 -12.23 71.20
N ARG K 8 6.20 -11.21 70.58
CA ARG K 8 5.89 -10.81 69.21
C ARG K 8 7.08 -11.07 68.30
N ALA K 9 6.79 -11.46 67.06
CA ALA K 9 7.79 -11.64 66.01
C ALA K 9 7.43 -10.74 64.84
N TYR K 10 8.26 -9.72 64.61
CA TYR K 10 8.09 -8.81 63.49
C TYR K 10 8.89 -9.33 62.29
N ILE K 11 8.21 -9.53 61.16
CA ILE K 11 8.86 -9.89 59.91
C ILE K 11 8.91 -8.64 59.03
N HIS K 12 10.11 -8.18 58.73
CA HIS K 12 10.31 -7.03 57.85
C HIS K 12 10.82 -7.56 56.50
N ALA K 13 9.93 -7.60 55.52
CA ALA K 13 10.24 -8.15 54.20
C ALA K 13 10.34 -7.02 53.20
N SER K 14 11.51 -6.88 52.58
CA SER K 14 11.69 -6.01 51.43
C SER K 14 12.25 -6.84 50.29
N TYR K 15 12.28 -6.24 49.10
CA TYR K 15 12.71 -6.99 47.93
C TYR K 15 14.18 -7.37 47.99
N ASN K 16 14.97 -6.72 48.84
CA ASN K 16 16.39 -6.97 48.94
C ASN K 16 16.79 -7.81 50.14
N ASN K 17 15.90 -7.99 51.10
CA ASN K 17 16.23 -8.74 52.32
C ASN K 17 14.97 -8.93 53.15
N THR K 18 15.00 -10.00 53.94
CA THR K 18 13.99 -10.25 54.96
C THR K 18 14.71 -10.37 56.29
N ILE K 19 14.19 -9.71 57.32
CA ILE K 19 14.81 -9.75 58.64
C ILE K 19 13.73 -9.79 59.73
N VAL K 20 14.00 -10.56 60.79
CA VAL K 20 13.01 -10.97 61.78
C VAL K 20 13.48 -10.56 63.16
N THR K 21 12.62 -9.85 63.89
CA THR K 21 12.89 -9.46 65.27
C THR K 21 11.86 -10.07 66.20
N ILE K 22 12.30 -10.57 67.34
CA ILE K 22 11.43 -11.26 68.28
C ILE K 22 11.52 -10.56 69.64
N THR K 23 10.39 -10.02 70.09
CA THR K 23 10.33 -9.12 71.24
C THR K 23 9.45 -9.70 72.34
N ASP K 24 9.52 -9.08 73.51
CA ASP K 24 8.63 -9.40 74.60
C ASP K 24 7.28 -8.69 74.38
N PRO K 25 6.24 -9.09 75.11
CA PRO K 25 4.89 -8.59 74.78
C PRO K 25 4.74 -7.07 74.80
N ASP K 26 5.64 -6.31 75.40
CA ASP K 26 5.56 -4.86 75.34
C ASP K 26 6.52 -4.26 74.31
N GLY K 27 7.13 -5.08 73.47
CA GLY K 27 7.78 -4.63 72.25
C GLY K 27 9.29 -4.62 72.27
N ASN K 28 9.92 -4.66 73.44
CA ASN K 28 11.38 -4.63 73.52
C ASN K 28 11.94 -5.94 72.95
N PRO K 29 12.85 -5.89 71.98
CA PRO K 29 13.28 -7.13 71.30
C PRO K 29 14.10 -8.04 72.20
N ILE K 30 14.21 -9.29 71.78
CA ILE K 30 14.94 -10.32 72.52
C ILE K 30 16.12 -10.81 71.68
N THR K 31 15.80 -11.35 70.50
CA THR K 31 16.80 -11.78 69.54
C THR K 31 16.35 -11.38 68.14
N TRP K 32 17.24 -11.56 67.18
CA TRP K 32 16.88 -11.24 65.81
C TRP K 32 17.83 -11.95 64.86
N SER K 33 17.43 -11.97 63.59
CA SER K 33 18.17 -12.65 62.54
C SER K 33 17.78 -12.01 61.21
N SER K 34 18.50 -12.39 60.16
CA SER K 34 18.24 -11.85 58.82
C SER K 34 18.93 -12.74 57.81
N GLY K 35 18.65 -12.44 56.53
CA GLY K 35 19.34 -13.13 55.45
C GLY K 35 20.85 -12.92 55.48
N GLY K 36 21.30 -11.78 56.03
CA GLY K 36 22.73 -11.58 56.19
C GLY K 36 23.29 -12.20 57.45
N VAL K 37 22.46 -12.39 58.47
CA VAL K 37 22.95 -12.98 59.72
C VAL K 37 23.28 -14.44 59.51
N ILE K 38 22.44 -15.15 58.77
CA ILE K 38 22.78 -16.45 58.21
C ILE K 38 23.72 -16.15 57.04
N GLY K 39 24.35 -17.19 56.49
CA GLY K 39 25.53 -17.00 55.67
C GLY K 39 25.41 -16.01 54.52
N TYR K 40 24.19 -15.82 53.99
CA TYR K 40 24.01 -15.18 52.69
C TYR K 40 24.51 -13.74 52.67
N LYS K 41 25.03 -13.32 51.51
CA LYS K 41 25.67 -12.01 51.41
C LYS K 41 24.95 -11.07 50.46
N GLY K 42 24.79 -11.44 49.20
CA GLY K 42 24.34 -10.48 48.22
C GLY K 42 22.85 -10.46 48.00
N SER K 43 22.47 -10.55 46.73
CA SER K 43 21.06 -10.65 46.35
C SER K 43 20.38 -11.89 46.91
N ARG K 44 21.16 -12.90 47.33
CA ARG K 44 20.57 -14.10 47.91
C ARG K 44 19.88 -13.85 49.24
N LYS K 45 20.07 -12.68 49.86
CA LYS K 45 19.34 -12.37 51.09
C LYS K 45 17.84 -12.21 50.84
N GLY K 46 17.49 -11.54 49.74
CA GLY K 46 16.09 -11.34 49.39
C GLY K 46 15.46 -12.54 48.71
N THR K 47 16.02 -13.72 48.94
CA THR K 47 15.39 -14.94 48.48
C THR K 47 14.48 -15.50 49.57
N PRO K 48 13.44 -16.25 49.18
CA PRO K 48 12.59 -16.91 50.19
C PRO K 48 13.34 -17.91 51.06
N TYR K 49 14.34 -18.60 50.52
CA TYR K 49 15.11 -19.53 51.33
C TYR K 49 15.80 -18.80 52.46
N ALA K 50 16.47 -17.68 52.15
CA ALA K 50 17.08 -16.89 53.21
C ALA K 50 16.03 -16.46 54.23
N ALA K 51 14.86 -16.03 53.75
CA ALA K 51 13.79 -15.69 54.67
C ALA K 51 13.46 -16.86 55.59
N GLN K 52 13.44 -18.07 55.05
CA GLN K 52 13.21 -19.25 55.89
C GLN K 52 14.26 -19.36 56.98
N LEU K 53 15.54 -19.51 56.59
CA LEU K 53 16.60 -19.70 57.57
C LEU K 53 16.70 -18.53 58.52
N ALA K 54 16.32 -17.32 58.09
CA ALA K 54 16.34 -16.16 58.96
C ALA K 54 15.31 -16.32 60.08
N ALA K 55 14.05 -16.53 59.70
CA ALA K 55 13.00 -16.78 60.69
C ALA K 55 13.41 -17.91 61.64
N LEU K 56 13.93 -19.00 61.08
CA LEU K 56 14.27 -20.15 61.91
C LEU K 56 15.42 -19.85 62.86
N ASP K 57 16.37 -19.03 62.44
CA ASP K 57 17.50 -18.72 63.31
C ASP K 57 17.05 -17.88 64.49
N ALA K 58 16.22 -16.86 64.22
CA ALA K 58 15.65 -16.07 65.29
C ALA K 58 14.70 -16.89 66.16
N ALA K 59 14.07 -17.91 65.56
CA ALA K 59 13.18 -18.78 66.33
C ALA K 59 13.96 -19.59 67.35
N LYS K 60 15.00 -20.30 66.90
CA LYS K 60 15.83 -21.07 67.83
C LYS K 60 16.52 -20.17 68.85
N LYS K 61 16.82 -18.93 68.46
CA LYS K 61 17.41 -17.98 69.40
C LYS K 61 16.42 -17.63 70.51
N ALA K 62 15.13 -17.53 70.17
CA ALA K 62 14.13 -17.23 71.17
C ALA K 62 13.76 -18.45 72.01
N MET K 63 14.00 -19.67 71.50
CA MET K 63 13.81 -20.85 72.34
C MET K 63 14.75 -20.81 73.54
N ALA K 64 15.97 -20.33 73.34
CA ALA K 64 16.93 -20.23 74.43
C ALA K 64 16.38 -19.41 75.59
N TYR K 65 15.70 -18.30 75.31
CA TYR K 65 15.04 -17.54 76.35
C TYR K 65 13.72 -18.16 76.78
N GLY K 66 13.35 -19.30 76.20
CA GLY K 66 12.18 -20.03 76.63
C GLY K 66 10.87 -19.65 76.00
N MET K 67 10.89 -19.01 74.83
CA MET K 67 9.65 -18.61 74.19
C MET K 67 8.86 -19.84 73.72
N GLN K 68 7.55 -19.78 73.86
CA GLN K 68 6.64 -20.73 73.22
C GLN K 68 5.63 -20.05 72.32
N SER K 69 4.92 -19.04 72.81
CA SER K 69 3.86 -18.39 72.05
C SER K 69 4.34 -17.12 71.36
N VAL K 70 3.83 -16.89 70.15
CA VAL K 70 4.30 -15.80 69.29
C VAL K 70 3.13 -15.14 68.58
N ASP K 71 3.13 -13.81 68.57
CA ASP K 71 2.19 -13.00 67.80
C ASP K 71 2.95 -12.37 66.64
N VAL K 72 2.61 -12.78 65.42
CA VAL K 72 3.38 -12.42 64.23
C VAL K 72 2.90 -11.08 63.70
N ILE K 73 3.86 -10.19 63.42
CA ILE K 73 3.61 -8.88 62.82
C ILE K 73 4.41 -8.82 61.53
N VAL K 74 3.76 -8.46 60.43
CA VAL K 74 4.37 -8.51 59.11
C VAL K 74 4.35 -7.13 58.49
N ARG K 75 5.50 -6.67 58.00
CA ARG K 75 5.61 -5.38 57.33
C ARG K 75 6.36 -5.56 56.02
N GLY K 76 5.78 -5.06 54.94
CA GLY K 76 6.44 -4.97 53.66
C GLY K 76 5.95 -6.01 52.68
N THR K 77 6.11 -5.68 51.40
CA THR K 77 5.99 -6.64 50.33
C THR K 77 7.38 -7.11 49.97
N GLY K 78 7.57 -8.42 49.87
CA GLY K 78 8.85 -8.97 49.50
C GLY K 78 8.77 -10.47 49.31
N ALA K 79 9.66 -11.01 48.47
CA ALA K 79 9.78 -12.44 48.34
C ALA K 79 10.09 -13.05 49.70
N GLY K 80 9.57 -14.25 49.93
CA GLY K 80 9.78 -14.86 51.23
C GLY K 80 9.13 -14.13 52.37
N ARG K 81 8.16 -13.25 52.09
CA ARG K 81 7.29 -12.80 53.16
C ARG K 81 6.44 -13.95 53.67
N GLU K 82 5.72 -14.61 52.76
CA GLU K 82 4.95 -15.80 53.13
C GLU K 82 5.87 -16.94 53.55
N GLN K 83 7.00 -17.10 52.85
CA GLN K 83 7.91 -18.19 53.16
C GLN K 83 8.51 -18.06 54.56
N ALA K 84 8.63 -16.84 55.07
CA ALA K 84 9.17 -16.67 56.41
C ALA K 84 8.12 -16.96 57.48
N ILE K 85 6.86 -16.60 57.22
CA ILE K 85 5.79 -16.97 58.15
C ILE K 85 5.68 -18.49 58.22
N ARG K 86 5.61 -19.15 57.06
CA ARG K 86 5.49 -20.61 57.05
C ARG K 86 6.62 -21.26 57.83
N ALA K 87 7.81 -20.64 57.82
CA ALA K 87 8.89 -21.15 58.66
C ALA K 87 8.58 -20.96 60.14
N LEU K 88 7.98 -19.82 60.50
CA LEU K 88 7.71 -19.55 61.91
C LEU K 88 6.65 -20.51 62.46
N GLN K 89 5.67 -20.87 61.65
CA GLN K 89 4.66 -21.81 62.12
C GLN K 89 5.30 -23.16 62.42
N ALA K 90 6.11 -23.66 61.49
CA ALA K 90 6.76 -24.95 61.66
C ALA K 90 7.89 -24.93 62.68
N SER K 91 8.34 -23.76 63.11
CA SER K 91 9.52 -23.65 63.97
C SER K 91 9.30 -24.27 65.35
N GLY K 92 8.07 -24.58 65.72
CA GLY K 92 7.73 -25.03 67.04
C GLY K 92 7.09 -23.96 67.90
N LEU K 93 7.50 -22.72 67.71
CA LEU K 93 6.80 -21.60 68.35
C LEU K 93 5.35 -21.60 67.91
N GLN K 94 4.43 -21.78 68.87
CA GLN K 94 3.02 -21.69 68.55
C GLN K 94 2.68 -20.26 68.11
N VAL K 95 2.03 -20.15 66.95
CA VAL K 95 1.74 -18.86 66.35
C VAL K 95 0.36 -18.41 66.81
N LYS K 96 0.32 -17.41 67.69
CA LYS K 96 -0.94 -16.92 68.26
C LYS K 96 -1.82 -16.28 67.19
N SER K 97 -1.32 -15.20 66.57
CA SER K 97 -2.06 -14.47 65.55
C SER K 97 -1.08 -13.88 64.55
N ILE K 98 -1.60 -13.49 63.39
CA ILE K 98 -0.80 -12.89 62.33
C ILE K 98 -1.48 -11.62 61.85
N VAL K 99 -0.72 -10.53 61.78
CA VAL K 99 -1.24 -9.21 61.44
C VAL K 99 -0.30 -8.56 60.44
N ASP K 100 -0.85 -7.98 59.38
CA ASP K 100 -0.06 -7.22 58.42
C ASP K 100 -0.18 -5.74 58.73
N ASP K 101 0.93 -5.16 59.20
CA ASP K 101 0.97 -3.77 59.67
C ASP K 101 1.84 -2.90 58.77
N THR K 102 1.96 -3.23 57.49
CA THR K 102 2.79 -2.48 56.56
C THR K 102 2.40 -1.00 56.56
N PRO K 103 3.34 -0.09 56.84
CA PRO K 103 2.99 1.33 56.92
C PRO K 103 2.84 1.95 55.54
N VAL K 104 1.65 2.45 55.25
CA VAL K 104 1.36 3.16 54.02
C VAL K 104 1.05 4.61 54.40
N PRO K 105 1.70 5.58 53.78
CA PRO K 105 1.39 6.98 54.09
C PRO K 105 0.07 7.39 53.48
N HIS K 106 -0.47 8.49 53.99
CA HIS K 106 -1.66 9.08 53.38
C HIS K 106 -1.27 10.07 52.30
N ASN K 107 -0.21 9.74 51.56
CA ASN K 107 0.40 10.52 50.49
C ASN K 107 1.02 11.81 50.99
N GLY K 108 2.08 11.67 51.79
CA GLY K 108 2.71 12.81 52.39
C GLY K 108 4.10 13.20 51.91
N CYS K 109 4.97 12.24 51.60
CA CYS K 109 6.36 12.53 51.29
C CYS K 109 6.70 12.13 49.85
N ARG K 110 7.39 13.01 49.13
CA ARG K 110 7.61 12.74 47.72
C ARG K 110 8.53 11.54 47.57
N PRO K 111 8.16 10.55 46.78
CA PRO K 111 8.97 9.35 46.66
C PRO K 111 10.16 9.56 45.75
N LYS K 112 11.22 8.79 46.03
CA LYS K 112 12.38 8.75 45.16
C LYS K 112 11.93 8.41 43.74
N LYS K 113 12.68 8.92 42.75
CA LYS K 113 12.32 8.72 41.35
C LYS K 113 12.09 7.25 41.05
N LYS K 114 12.79 6.35 41.75
CA LYS K 114 12.61 4.91 41.57
C LYS K 114 11.15 4.49 41.76
N PHE K 115 10.42 5.14 42.65
CA PHE K 115 9.08 4.73 43.04
C PHE K 115 7.98 5.60 42.47
N ARG K 116 8.25 6.34 41.40
CA ARG K 116 7.19 7.11 40.75
C ARG K 116 6.94 6.65 39.32
N PRO L 1 -12.23 35.28 5.87
CA PRO L 1 -12.23 36.67 6.33
C PRO L 1 -13.55 37.36 6.05
N THR L 2 -14.20 37.89 7.08
CA THR L 2 -15.47 38.59 6.86
C THR L 2 -15.27 39.74 5.87
N ILE L 3 -16.35 40.09 5.18
CA ILE L 3 -16.30 41.24 4.29
C ILE L 3 -15.76 42.46 5.03
N ASN L 4 -16.29 42.72 6.23
CA ASN L 4 -15.76 43.77 7.08
C ASN L 4 -14.24 43.65 7.19
N GLN L 5 -13.75 42.44 7.44
CA GLN L 5 -12.30 42.26 7.52
C GLN L 5 -11.62 42.68 6.23
N LEU L 6 -12.22 42.35 5.08
CA LEU L 6 -11.62 42.78 3.81
C LEU L 6 -11.65 44.29 3.66
N VAL L 7 -12.69 44.94 4.19
CA VAL L 7 -12.73 46.40 4.17
C VAL L 7 -11.66 46.98 5.09
N ARG L 8 -11.34 46.27 6.17
CA ARG L 8 -10.37 46.78 7.13
C ARG L 8 -8.93 46.54 6.68
N LYS L 9 -8.63 45.35 6.18
CA LYS L 9 -7.27 44.97 5.83
C LYS L 9 -7.11 44.66 4.35
N GLY L 10 -7.99 43.86 3.77
CA GLY L 10 -7.95 43.62 2.35
C GLY L 10 -6.88 42.63 1.94
N ARG L 11 -6.98 42.17 0.70
CA ARG L 11 -6.02 41.23 0.16
C ARG L 11 -4.69 41.92 -0.09
N GLU L 12 -3.65 41.10 -0.24
CA GLU L 12 -2.27 41.57 -0.36
C GLU L 12 -1.67 40.97 -1.62
N LYS L 13 -1.39 41.82 -2.61
CA LYS L 13 -0.84 41.32 -3.86
C LYS L 13 0.53 40.73 -3.62
N VAL L 14 0.79 39.58 -4.23
CA VAL L 14 2.02 38.84 -3.98
C VAL L 14 3.12 39.42 -4.88
N ARG L 15 4.21 39.88 -4.25
CA ARG L 15 5.33 40.47 -4.96
C ARG L 15 6.26 39.37 -5.44
N LYS L 16 6.47 39.28 -6.75
CA LYS L 16 7.32 38.24 -7.34
C LYS L 16 8.77 38.73 -7.38
N LYS L 17 9.66 37.93 -6.80
CA LYS L 17 11.08 38.25 -6.75
C LYS L 17 11.76 37.75 -8.01
N SER L 18 12.79 38.47 -8.44
CA SER L 18 13.45 38.16 -9.71
C SER L 18 14.44 37.02 -9.54
N LYS L 19 14.41 36.08 -10.49
CA LYS L 19 15.37 34.98 -10.52
C LYS L 19 16.68 35.39 -11.16
N VAL L 20 16.74 36.54 -11.81
CA VAL L 20 17.91 36.98 -12.54
C VAL L 20 18.19 38.43 -12.14
N PRO L 21 19.02 38.67 -11.14
CA PRO L 21 19.51 40.03 -10.92
C PRO L 21 20.64 40.45 -11.88
N ALA L 22 20.35 40.32 -13.18
CA ALA L 22 21.03 41.10 -14.20
C ALA L 22 20.39 42.47 -14.14
N LEU L 23 21.06 43.41 -13.47
CA LEU L 23 20.44 44.67 -13.08
C LEU L 23 19.93 45.42 -14.31
N LYS L 24 19.18 46.49 -14.05
CA LYS L 24 18.32 47.14 -15.04
C LYS L 24 17.42 46.13 -15.73
N GLY L 25 17.27 44.94 -15.15
CA GLY L 25 16.45 43.88 -15.70
C GLY L 25 16.65 43.69 -17.20
N ALA L 26 17.87 43.91 -17.67
CA ALA L 26 18.15 43.91 -19.10
C ALA L 26 18.07 42.50 -19.68
N PRO L 27 17.94 42.39 -21.01
CA PRO L 27 17.91 41.06 -21.63
C PRO L 27 19.25 40.37 -21.62
N PHE L 28 20.35 41.12 -21.72
CA PHE L 28 21.69 40.58 -21.57
C PHE L 28 22.53 41.60 -20.83
N ARG L 29 23.71 41.16 -20.41
CA ARG L 29 24.65 42.06 -19.78
C ARG L 29 26.04 41.54 -20.09
N ARG L 30 26.97 42.44 -20.38
CA ARG L 30 28.32 42.02 -20.70
C ARG L 30 29.23 42.18 -19.50
N GLY L 31 30.19 41.27 -19.39
CA GLY L 31 31.15 41.31 -18.31
C GLY L 31 32.49 40.75 -18.75
N VAL L 32 33.46 40.90 -17.86
CA VAL L 32 34.81 40.40 -18.07
C VAL L 32 35.03 39.23 -17.14
N CYS L 33 35.71 38.19 -17.65
CA CYS L 33 35.90 36.97 -16.88
C CYS L 33 36.94 37.19 -15.77
N THR L 34 36.71 36.53 -14.64
CA THR L 34 37.67 36.50 -13.54
C THR L 34 38.41 35.16 -13.49
N VAL L 35 37.67 34.05 -13.48
CA VAL L 35 38.24 32.72 -13.52
C VAL L 35 37.50 31.93 -14.59
N VAL L 36 38.14 30.84 -15.03
CA VAL L 36 37.48 29.78 -15.79
C VAL L 36 37.73 28.49 -15.04
N ARG L 37 36.64 27.86 -14.59
CA ARG L 37 36.72 26.70 -13.73
C ARG L 37 36.00 25.51 -14.36
N THR L 38 36.07 24.37 -13.66
CA THR L 38 35.29 23.19 -13.96
C THR L 38 34.81 22.61 -12.64
N VAL L 39 33.49 22.47 -12.50
CA VAL L 39 32.86 22.19 -11.22
C VAL L 39 32.13 20.86 -11.27
N THR L 40 32.15 20.16 -10.14
CA THR L 40 31.35 18.95 -9.97
C THR L 40 29.89 19.32 -9.73
N PRO L 41 28.94 18.58 -10.32
CA PRO L 41 27.51 18.91 -10.20
C PRO L 41 26.79 18.28 -9.01
N LYS L 42 25.48 18.47 -8.93
CA LYS L 42 24.65 17.95 -7.85
C LYS L 42 24.54 16.43 -7.94
N LYS L 43 23.92 15.84 -6.91
CA LYS L 43 24.00 14.42 -6.58
C LYS L 43 23.77 13.47 -7.74
N PRO L 44 22.64 13.50 -8.44
CA PRO L 44 22.33 12.41 -9.38
C PRO L 44 23.23 12.36 -10.61
N ASN L 45 24.07 13.36 -10.85
CA ASN L 45 24.93 13.41 -12.03
C ASN L 45 26.41 13.54 -11.64
N SER L 46 27.27 13.45 -12.65
CA SER L 46 28.72 13.66 -12.49
C SER L 46 29.30 14.03 -13.85
N ALA L 47 30.14 15.05 -13.86
CA ALA L 47 30.84 15.51 -15.07
C ALA L 47 31.85 16.57 -14.65
N LEU L 48 32.42 17.26 -15.63
CA LEU L 48 33.21 18.47 -15.42
C LEU L 48 32.55 19.59 -16.21
N ARG L 49 31.77 20.43 -15.53
CA ARG L 49 31.04 21.51 -16.19
C ARG L 49 31.90 22.77 -16.20
N LYS L 50 32.00 23.40 -17.36
CA LYS L 50 32.83 24.59 -17.52
C LYS L 50 32.02 25.83 -17.19
N VAL L 51 32.54 26.66 -16.29
CA VAL L 51 31.88 27.89 -15.83
C VAL L 51 32.90 29.03 -15.86
N ALA L 52 32.44 30.22 -15.46
CA ALA L 52 33.33 31.38 -15.36
C ALA L 52 32.75 32.40 -14.38
N LYS L 53 33.62 32.94 -13.53
CA LYS L 53 33.27 34.12 -12.74
C LYS L 53 33.38 35.36 -13.62
N VAL L 54 32.42 36.27 -13.47
CA VAL L 54 32.30 37.42 -14.36
C VAL L 54 32.02 38.66 -13.53
N ARG L 55 32.79 39.72 -13.76
CA ARG L 55 32.46 41.05 -13.26
C ARG L 55 31.57 41.73 -14.30
N LEU L 56 30.41 42.20 -13.87
CA LEU L 56 29.38 42.67 -14.77
C LEU L 56 29.34 44.20 -14.85
N THR L 57 28.85 44.71 -15.99
CA THR L 57 28.58 46.14 -16.09
C THR L 57 27.50 46.59 -15.12
N SER L 58 26.81 45.65 -14.46
CA SER L 58 25.84 45.95 -13.43
C SER L 58 26.47 46.15 -12.06
N GLY L 59 27.78 45.95 -11.95
CA GLY L 59 28.46 46.00 -10.68
C GLY L 59 28.45 44.69 -9.91
N TYR L 60 28.00 43.59 -10.53
CA TYR L 60 27.86 42.30 -9.88
C TYR L 60 28.99 41.38 -10.32
N GLU L 61 29.24 40.36 -9.50
CA GLU L 61 30.19 39.30 -9.81
C GLU L 61 29.49 37.96 -9.63
N VAL L 62 29.28 37.23 -10.72
CA VAL L 62 28.46 36.02 -10.71
C VAL L 62 29.09 34.97 -11.62
N THR L 63 28.73 33.71 -11.38
CA THR L 63 29.14 32.60 -12.21
C THR L 63 28.23 32.47 -13.43
N ALA L 64 28.79 31.94 -14.51
CA ALA L 64 28.04 31.76 -15.75
C ALA L 64 28.47 30.47 -16.41
N TYR L 65 27.51 29.79 -17.04
CA TYR L 65 27.80 28.52 -17.68
C TYR L 65 28.30 28.74 -19.10
N ILE L 66 29.33 27.99 -19.47
CA ILE L 66 29.87 28.01 -20.83
C ILE L 66 29.26 26.86 -21.60
N PRO L 67 28.29 27.10 -22.47
CA PRO L 67 27.67 26.00 -23.23
C PRO L 67 28.61 25.45 -24.29
N GLY L 68 28.20 24.31 -24.85
CA GLY L 68 28.89 23.74 -25.98
C GLY L 68 29.99 22.76 -25.59
N GLU L 69 30.54 22.10 -26.61
CA GLU L 69 31.52 21.05 -26.41
C GLU L 69 32.91 21.58 -26.13
N GLY L 70 33.28 22.74 -26.69
CA GLY L 70 34.56 23.33 -26.38
C GLY L 70 34.48 24.84 -26.39
N HIS L 71 35.38 25.47 -25.63
CA HIS L 71 35.37 26.92 -25.52
C HIS L 71 36.79 27.48 -25.64
N ASN L 72 36.86 28.73 -26.10
CA ASN L 72 38.09 29.51 -26.17
C ASN L 72 38.19 30.52 -25.04
N LEU L 73 37.31 30.44 -24.05
CA LEU L 73 37.25 31.46 -23.00
C LEU L 73 38.45 31.37 -22.08
N GLN L 74 39.12 32.50 -21.88
CA GLN L 74 40.31 32.57 -21.07
C GLN L 74 40.03 33.38 -19.80
N GLU L 75 41.10 33.64 -19.04
CA GLU L 75 40.95 34.34 -17.78
C GLU L 75 40.44 35.76 -18.00
N HIS L 76 40.89 36.42 -19.08
CA HIS L 76 40.63 37.85 -19.26
C HIS L 76 39.67 38.16 -20.39
N SER L 77 39.06 37.17 -21.02
CA SER L 77 38.16 37.44 -22.13
C SER L 77 36.88 38.12 -21.65
N VAL L 78 36.28 38.90 -22.55
CA VAL L 78 35.03 39.62 -22.28
C VAL L 78 33.90 38.89 -22.99
N VAL L 79 32.73 38.88 -22.37
CA VAL L 79 31.67 37.95 -22.73
C VAL L 79 30.33 38.63 -22.50
N LEU L 80 29.25 38.01 -22.99
CA LEU L 80 27.89 38.46 -22.79
C LEU L 80 27.08 37.40 -22.06
N ILE L 81 26.31 37.86 -21.06
CA ILE L 81 25.59 37.00 -20.13
C ILE L 81 24.13 36.89 -20.58
N ARG L 82 23.57 35.69 -20.46
CA ARG L 82 22.26 35.40 -21.03
C ARG L 82 21.18 35.19 -19.98
N GLY L 83 21.47 34.46 -18.94
CA GLY L 83 20.34 34.17 -18.07
C GLY L 83 19.69 32.84 -18.42
N GLY L 84 19.04 32.24 -17.44
CA GLY L 84 18.65 30.85 -17.52
C GLY L 84 19.65 29.98 -16.78
N ARG L 85 19.16 29.14 -15.89
CA ARG L 85 20.02 28.46 -14.93
C ARG L 85 20.53 27.14 -15.47
N VAL L 86 21.53 26.61 -14.80
CA VAL L 86 21.97 25.23 -14.99
C VAL L 86 21.49 24.46 -13.78
N LYS L 87 20.49 23.62 -13.98
CA LYS L 87 19.81 22.94 -12.88
C LYS L 87 20.76 22.27 -11.92
N 0TD L 88 21.76 21.57 -12.44
CA 0TD L 88 22.35 20.49 -11.66
C 0TD L 88 23.70 21.01 -11.07
O 0TD L 88 24.44 20.25 -10.41
CSB 0TD L 88 21.32 17.59 -10.78
SB 0TD L 88 22.86 17.74 -11.69
CB 0TD L 88 22.47 19.27 -12.58
CG 0TD L 88 23.63 19.47 -13.57
OD2 0TD L 88 24.22 18.45 -13.97
OD1 0TD L 88 23.91 20.65 -13.91
N LEU L 89 24.02 22.28 -11.33
CA LEU L 89 25.04 23.00 -10.57
C LEU L 89 24.33 24.04 -9.73
N PRO L 90 24.59 24.04 -8.42
CA PRO L 90 23.94 25.04 -7.57
C PRO L 90 24.61 26.39 -7.71
N GLY L 91 23.79 27.45 -7.65
CA GLY L 91 24.28 28.81 -7.67
C GLY L 91 24.76 29.32 -9.01
N VAL L 92 24.40 28.65 -10.11
CA VAL L 92 24.74 29.09 -11.45
C VAL L 92 23.43 29.47 -12.13
N ARG L 93 23.15 30.77 -12.23
CA ARG L 93 21.84 31.24 -12.67
C ARG L 93 21.84 31.81 -14.09
N TYR L 94 22.99 32.12 -14.67
CA TYR L 94 23.08 32.79 -15.96
C TYR L 94 23.96 31.98 -16.89
N HIS L 95 23.62 32.00 -18.18
CA HIS L 95 24.43 31.37 -19.20
C HIS L 95 25.28 32.42 -19.90
N ILE L 96 26.11 31.93 -20.82
CA ILE L 96 26.97 32.76 -21.65
C ILE L 96 26.51 32.63 -23.09
N VAL L 97 26.46 33.76 -23.79
CA VAL L 97 26.12 33.76 -25.20
C VAL L 97 27.35 33.38 -26.01
N ARG L 98 27.25 32.32 -26.80
CA ARG L 98 28.34 31.92 -27.66
C ARG L 98 28.17 32.61 -29.01
N GLY L 99 29.29 33.03 -29.59
CA GLY L 99 29.23 33.88 -30.77
C GLY L 99 29.15 35.36 -30.44
N VAL L 100 29.53 35.75 -29.24
CA VAL L 100 29.58 37.14 -28.83
C VAL L 100 31.04 37.49 -28.59
N TYR L 101 31.31 38.72 -28.13
CA TYR L 101 32.55 39.44 -28.38
C TYR L 101 33.80 38.55 -28.44
N ASP L 102 34.13 37.88 -27.33
CA ASP L 102 35.37 37.11 -27.25
C ASP L 102 35.14 35.62 -27.04
N ALA L 103 33.90 35.17 -27.05
CA ALA L 103 33.55 33.77 -26.88
C ALA L 103 33.13 33.23 -28.24
N ALA L 104 34.06 32.55 -28.91
CA ALA L 104 33.77 32.06 -30.25
C ALA L 104 32.59 31.10 -30.23
N GLY L 105 32.02 30.88 -31.42
CA GLY L 105 31.03 29.83 -31.56
C GLY L 105 31.66 28.46 -31.61
N VAL L 106 30.83 27.44 -31.46
CA VAL L 106 31.33 26.07 -31.39
C VAL L 106 31.63 25.57 -32.79
N LYS L 107 32.86 25.13 -33.01
CA LYS L 107 33.24 24.61 -34.32
C LYS L 107 32.51 23.30 -34.61
N ASP L 108 32.29 23.04 -35.90
CA ASP L 108 31.77 21.76 -36.39
C ASP L 108 30.39 21.44 -35.82
N ARG L 109 29.64 22.46 -35.43
CA ARG L 109 28.29 22.27 -34.92
C ARG L 109 27.33 22.34 -36.11
N LYS L 110 26.62 21.25 -36.37
CA LYS L 110 25.79 21.19 -37.56
C LYS L 110 24.28 21.14 -37.28
N LYS L 111 23.84 20.99 -36.03
CA LYS L 111 22.40 20.87 -35.81
C LYS L 111 21.73 22.14 -35.27
N SER L 112 22.09 22.58 -34.08
CA SER L 112 21.36 23.68 -33.44
C SER L 112 22.30 24.87 -33.37
N ARG L 113 22.38 25.63 -34.46
CA ARG L 113 23.45 26.61 -34.57
C ARG L 113 23.06 28.01 -34.10
N SER L 114 21.77 28.29 -33.90
CA SER L 114 21.36 29.55 -33.31
C SER L 114 21.89 29.67 -31.90
N LYS L 115 21.47 28.77 -31.03
CA LYS L 115 22.22 28.46 -29.83
C LYS L 115 23.60 27.98 -30.23
N TYR L 116 24.61 28.31 -29.41
CA TYR L 116 26.03 27.96 -29.61
C TYR L 116 26.69 28.80 -30.71
N GLY L 117 25.96 29.70 -31.38
CA GLY L 117 26.53 30.76 -32.20
C GLY L 117 27.54 30.38 -33.28
N THR L 118 27.11 29.59 -34.27
CA THR L 118 27.96 29.17 -35.37
C THR L 118 27.27 29.46 -36.70
N LYS L 119 28.08 29.74 -37.72
CA LYS L 119 27.56 30.22 -38.99
C LYS L 119 27.00 29.06 -39.82
N LYS L 120 26.66 29.34 -41.08
CA LYS L 120 26.16 28.32 -41.99
C LYS L 120 27.25 27.88 -42.93
N PRO L 121 27.57 26.59 -43.01
CA PRO L 121 28.65 26.13 -43.89
C PRO L 121 28.17 25.92 -45.32
N LYS L 122 29.14 25.66 -46.20
CA LYS L 122 28.90 25.39 -47.61
C LYS L 122 28.93 23.90 -47.88
N GLU L 123 28.22 23.49 -48.93
CA GLU L 123 28.18 22.09 -49.35
C GLU L 123 28.59 22.01 -50.82
N ALA L 124 29.62 21.23 -51.09
CA ALA L 124 30.15 21.08 -52.45
C ALA L 124 29.41 20.01 -53.24
N ALA M 1 70.25 -61.58 26.35
CA ALA M 1 70.81 -62.41 25.28
C ALA M 1 71.20 -61.55 24.07
N ARG M 2 72.47 -61.61 23.69
CA ARG M 2 73.01 -60.76 22.62
C ARG M 2 72.99 -61.53 21.31
N ILE M 3 72.20 -61.04 20.35
CA ILE M 3 72.01 -61.74 19.08
C ILE M 3 72.82 -61.08 17.97
N ALA M 4 72.48 -59.85 17.64
CA ALA M 4 73.15 -59.11 16.58
C ALA M 4 74.33 -58.36 17.20
N GLY M 5 74.87 -57.40 16.48
CA GLY M 5 75.65 -56.37 17.15
C GLY M 5 74.81 -55.91 18.33
N VAL M 6 75.44 -55.33 19.36
CA VAL M 6 74.95 -55.43 20.73
C VAL M 6 73.44 -55.19 20.77
N GLU M 7 72.70 -56.20 21.20
CA GLU M 7 71.24 -56.23 21.05
C GLU M 7 70.69 -57.21 22.07
N ILE M 8 69.87 -56.72 23.00
CA ILE M 8 69.47 -57.55 24.13
C ILE M 8 67.96 -57.46 24.32
N PRO M 9 67.18 -58.34 23.68
CA PRO M 9 65.77 -58.48 24.05
C PRO M 9 65.64 -59.42 25.24
N ARG M 10 64.53 -59.29 25.96
CA ARG M 10 64.43 -60.06 27.20
C ARG M 10 62.97 -60.27 27.59
N ASN M 11 62.72 -61.42 28.22
CA ASN M 11 61.51 -61.70 28.99
C ASN M 11 60.24 -61.82 28.14
N LYS M 12 60.31 -61.58 26.84
CA LYS M 12 59.17 -61.66 25.95
C LYS M 12 59.36 -62.82 24.99
N ARG M 13 58.32 -63.10 24.19
CA ARG M 13 58.43 -64.13 23.17
C ARG M 13 59.55 -63.78 22.21
N VAL M 14 60.28 -64.81 21.77
CA VAL M 14 61.53 -64.59 21.04
C VAL M 14 61.27 -63.94 19.69
N ASP M 15 60.29 -64.46 18.94
CA ASP M 15 59.96 -63.88 17.65
C ASP M 15 59.66 -62.39 17.77
N VAL M 16 58.81 -62.02 18.72
CA VAL M 16 58.50 -60.61 18.93
C VAL M 16 59.71 -59.86 19.47
N ALA M 17 60.61 -60.55 20.15
CA ALA M 17 61.78 -59.89 20.73
C ALA M 17 62.85 -59.62 19.69
N LEU M 18 62.96 -60.45 18.65
CA LEU M 18 63.90 -60.19 17.58
C LEU M 18 63.54 -58.91 16.83
N THR M 19 62.25 -58.53 16.84
CA THR M 19 61.83 -57.29 16.20
C THR M 19 62.63 -56.10 16.69
N TYR M 20 63.11 -56.19 17.95
CA TYR M 20 63.95 -55.17 18.56
C TYR M 20 65.32 -55.08 17.92
N ILE M 21 65.64 -55.96 16.98
CA ILE M 21 66.83 -55.83 16.15
C ILE M 21 66.50 -54.95 14.96
N TYR M 22 67.52 -54.33 14.38
CA TYR M 22 67.28 -53.30 13.38
C TYR M 22 66.75 -53.90 12.08
N GLY M 23 67.55 -54.74 11.42
CA GLY M 23 67.10 -55.25 10.14
C GLY M 23 66.11 -56.40 10.20
N ILE M 24 65.41 -56.57 11.32
CA ILE M 24 64.50 -57.70 11.51
C ILE M 24 63.11 -57.16 11.81
N GLY M 25 62.14 -57.56 10.98
CA GLY M 25 60.74 -57.41 11.28
C GLY M 25 60.11 -58.75 11.65
N LYS M 26 58.77 -58.74 11.66
CA LYS M 26 58.05 -59.99 11.95
C LYS M 26 58.36 -61.06 10.91
N ALA M 27 58.59 -60.64 9.66
CA ALA M 27 58.82 -61.58 8.58
C ALA M 27 60.14 -62.31 8.76
N ARG M 28 61.20 -61.58 9.13
CA ARG M 28 62.52 -62.19 9.23
C ARG M 28 62.65 -63.01 10.52
N ALA M 29 62.04 -62.56 11.61
CA ALA M 29 62.08 -63.34 12.84
C ALA M 29 61.32 -64.65 12.70
N LYS M 30 60.14 -64.60 12.08
CA LYS M 30 59.41 -65.83 11.82
C LYS M 30 60.21 -66.76 10.92
N GLU M 31 61.11 -66.21 10.09
CA GLU M 31 61.95 -67.05 9.23
C GLU M 31 63.11 -67.64 10.00
N ALA M 32 63.77 -66.85 10.85
CA ALA M 32 64.87 -67.39 11.63
C ALA M 32 64.39 -68.43 12.63
N LEU M 33 63.28 -68.15 13.33
CA LEU M 33 62.71 -69.14 14.24
C LEU M 33 62.33 -70.42 13.52
N GLU M 34 62.07 -70.33 12.20
CA GLU M 34 61.78 -71.51 11.41
C GLU M 34 63.05 -72.27 11.05
N LYS M 35 63.97 -71.61 10.33
CA LYS M 35 65.16 -72.28 9.82
C LYS M 35 66.11 -72.71 10.92
N THR M 36 66.01 -72.12 12.11
CA THR M 36 66.81 -72.55 13.25
C THR M 36 66.07 -73.55 14.13
N GLY M 37 64.80 -73.84 13.84
CA GLY M 37 64.04 -74.82 14.58
C GLY M 37 63.91 -74.49 16.05
N ILE M 38 63.42 -73.29 16.37
CA ILE M 38 63.21 -72.85 17.74
C ILE M 38 61.76 -72.49 17.89
N ASN M 39 61.14 -72.94 18.98
CA ASN M 39 59.76 -72.59 19.27
C ASN M 39 59.66 -71.09 19.40
N PRO M 40 58.81 -70.42 18.62
CA PRO M 40 58.69 -68.96 18.75
C PRO M 40 58.15 -68.52 20.10
N ALA M 41 57.29 -69.34 20.72
CA ALA M 41 56.54 -68.94 21.91
C ALA M 41 57.38 -68.89 23.19
N THR M 42 58.62 -69.37 23.16
CA THR M 42 59.41 -69.43 24.38
C THR M 42 59.88 -68.05 24.80
N ARG M 43 59.89 -67.82 26.11
CA ARG M 43 60.43 -66.57 26.64
C ARG M 43 61.92 -66.48 26.36
N VAL M 44 62.41 -65.26 26.21
CA VAL M 44 63.83 -65.05 25.92
C VAL M 44 64.69 -65.58 27.06
N LYS M 45 64.22 -65.40 28.29
CA LYS M 45 64.99 -65.87 29.45
C LYS M 45 65.11 -67.39 29.48
N ASP M 46 64.18 -68.11 28.87
CA ASP M 46 64.18 -69.57 28.88
C ASP M 46 64.96 -70.16 27.71
N LEU M 47 65.68 -69.33 26.96
CA LEU M 47 66.33 -69.78 25.74
C LEU M 47 67.60 -70.56 26.05
N THR M 48 67.72 -71.74 25.46
CA THR M 48 68.96 -72.50 25.52
C THR M 48 70.07 -71.73 24.83
N GLU M 49 71.26 -71.72 25.43
CA GLU M 49 72.39 -71.06 24.78
C GLU M 49 72.75 -71.78 23.49
N ALA M 50 72.53 -73.11 23.44
CA ALA M 50 72.76 -73.85 22.21
C ALA M 50 71.81 -73.40 21.11
N GLU M 51 70.60 -72.99 21.46
CA GLU M 51 69.70 -72.35 20.50
C GLU M 51 70.10 -70.90 20.25
N VAL M 52 70.57 -70.20 21.29
CA VAL M 52 70.96 -68.81 21.15
C VAL M 52 72.15 -68.68 20.21
N VAL M 53 73.11 -69.61 20.31
CA VAL M 53 74.24 -69.56 19.40
C VAL M 53 73.79 -69.91 17.99
N ARG M 54 72.84 -70.85 17.85
CA ARG M 54 72.29 -71.15 16.53
C ARG M 54 71.57 -69.96 15.93
N LEU M 55 70.88 -69.18 16.75
CA LEU M 55 70.22 -67.97 16.26
C LEU M 55 71.24 -66.93 15.81
N ARG M 56 72.20 -66.61 16.68
CA ARG M 56 73.25 -65.66 16.33
C ARG M 56 73.93 -66.08 15.02
N GLU M 57 74.25 -67.37 14.88
CA GLU M 57 74.90 -67.86 13.66
C GLU M 57 74.12 -67.50 12.42
N TYR M 58 72.84 -67.86 12.38
CA TYR M 58 72.01 -67.52 11.22
C TYR M 58 71.95 -66.01 11.03
N VAL M 59 71.39 -65.31 12.03
CA VAL M 59 70.99 -63.93 11.85
C VAL M 59 72.20 -63.05 11.53
N GLU M 60 73.30 -63.24 12.26
CA GLU M 60 74.45 -62.33 12.15
C GLU M 60 74.93 -62.21 10.70
N ASN M 61 75.30 -63.33 10.09
CA ASN M 61 75.62 -63.32 8.66
C ASN M 61 74.60 -64.18 7.92
N THR M 62 73.42 -63.62 7.73
CA THR M 62 72.56 -63.98 6.61
C THR M 62 72.17 -62.69 5.89
N TRP M 63 71.75 -61.69 6.67
CA TRP M 63 71.38 -60.36 6.18
C TRP M 63 72.27 -59.30 6.83
N LYS M 64 72.54 -58.24 6.07
CA LYS M 64 73.17 -57.06 6.65
C LYS M 64 72.21 -56.40 7.64
N LEU M 65 72.78 -55.80 8.68
CA LEU M 65 72.03 -55.53 9.90
C LEU M 65 72.45 -54.18 10.47
N GLU M 66 72.21 -54.02 11.78
CA GLU M 66 72.06 -52.74 12.46
C GLU M 66 73.06 -51.66 12.04
N GLY M 67 74.35 -51.87 12.32
CA GLY M 67 75.33 -50.85 12.00
C GLY M 67 75.47 -50.63 10.50
N GLU M 68 75.73 -51.72 9.77
CA GLU M 68 75.95 -51.61 8.33
C GLU M 68 74.72 -51.07 7.62
N LEU M 69 73.53 -51.51 8.03
CA LEU M 69 72.31 -51.07 7.36
C LEU M 69 72.18 -49.56 7.38
N ARG M 70 72.24 -48.97 8.56
CA ARG M 70 72.15 -47.51 8.68
C ARG M 70 73.18 -46.84 7.79
N ALA M 71 74.40 -47.37 7.76
CA ALA M 71 75.43 -46.82 6.90
C ALA M 71 75.06 -46.99 5.44
N GLU M 72 74.62 -48.20 5.06
CA GLU M 72 74.26 -48.46 3.67
C GLU M 72 73.12 -47.57 3.21
N VAL M 73 72.07 -47.48 4.03
CA VAL M 73 70.96 -46.58 3.71
C VAL M 73 71.48 -45.16 3.57
N ALA M 74 72.21 -44.69 4.58
CA ALA M 74 72.73 -43.33 4.52
C ALA M 74 73.64 -43.13 3.31
N ALA M 75 74.45 -44.15 2.99
CA ALA M 75 75.26 -44.05 1.79
C ALA M 75 74.42 -44.15 0.53
N ASN M 76 73.28 -44.82 0.60
CA ASN M 76 72.34 -44.86 -0.51
C ASN M 76 71.61 -43.53 -0.71
N ILE M 77 71.67 -42.63 0.26
CA ILE M 77 71.14 -41.29 0.05
C ILE M 77 72.18 -40.42 -0.63
N LYS M 78 73.32 -40.22 0.03
CA LYS M 78 74.43 -39.45 -0.52
C LYS M 78 74.63 -39.77 -2.00
N ARG M 79 74.53 -41.05 -2.34
CA ARG M 79 74.72 -41.48 -3.73
C ARG M 79 73.75 -40.76 -4.67
N LEU M 80 72.44 -40.84 -4.38
CA LEU M 80 71.52 -40.10 -5.23
C LEU M 80 71.43 -38.62 -4.86
N MET M 81 72.13 -38.18 -3.82
CA MET M 81 72.31 -36.76 -3.56
C MET M 81 73.52 -36.18 -4.28
N ASP M 82 74.61 -36.96 -4.34
CA ASP M 82 75.83 -36.47 -4.96
C ASP M 82 75.71 -36.44 -6.47
N ILE M 83 74.91 -37.32 -7.06
CA ILE M 83 74.46 -37.10 -8.42
C ILE M 83 73.32 -36.08 -8.41
N GLY M 84 73.05 -35.51 -9.57
CA GLY M 84 72.06 -34.45 -9.63
C GLY M 84 70.62 -34.91 -9.53
N CYS M 85 70.41 -36.14 -9.06
CA CYS M 85 69.09 -36.77 -9.13
C CYS M 85 68.01 -35.91 -8.50
N TYR M 86 66.82 -35.89 -9.12
CA TYR M 86 65.68 -35.17 -8.56
C TYR M 86 65.32 -35.73 -7.20
N ARG M 87 65.23 -37.06 -7.11
CA ARG M 87 65.01 -37.73 -5.83
C ARG M 87 65.98 -37.22 -4.78
N GLY M 88 67.23 -36.93 -5.16
CA GLY M 88 68.18 -36.37 -4.22
C GLY M 88 67.91 -34.93 -3.87
N LEU M 89 67.33 -34.17 -4.80
CA LEU M 89 66.92 -32.81 -4.47
C LEU M 89 65.84 -32.81 -3.40
N ARG M 90 64.81 -33.65 -3.56
CA ARG M 90 63.75 -33.73 -2.56
C ARG M 90 64.29 -34.19 -1.22
N HIS M 91 65.37 -34.98 -1.21
CA HIS M 91 66.00 -35.37 0.04
C HIS M 91 66.74 -34.19 0.67
N ARG M 92 67.31 -33.31 -0.15
CA ARG M 92 68.05 -32.17 0.37
C ARG M 92 67.12 -31.21 1.12
N ARG M 93 66.09 -30.73 0.44
CA ARG M 93 65.18 -29.76 1.04
C ARG M 93 64.26 -30.37 2.08
N GLY M 94 64.33 -31.69 2.31
CA GLY M 94 63.51 -32.32 3.32
C GLY M 94 62.04 -32.41 2.97
N LEU M 95 61.72 -32.75 1.73
CA LEU M 95 60.36 -32.84 1.24
C LEU M 95 60.01 -34.29 0.91
N PRO M 96 58.72 -34.61 0.77
CA PRO M 96 58.35 -35.97 0.36
C PRO M 96 58.99 -36.33 -0.99
N VAL M 97 59.16 -37.63 -1.20
CA VAL M 97 59.92 -38.14 -2.32
C VAL M 97 59.05 -38.95 -3.28
N ARG M 98 58.16 -39.80 -2.75
CA ARG M 98 57.30 -40.73 -3.49
C ARG M 98 56.23 -40.02 -4.39
N GLY M 99 56.33 -38.70 -4.54
CA GLY M 99 55.44 -37.99 -5.43
C GLY M 99 54.13 -37.63 -4.76
N GLN M 100 54.20 -37.26 -3.50
CA GLN M 100 53.00 -36.84 -2.78
C GLN M 100 52.75 -35.36 -3.05
N ARG M 101 51.70 -34.85 -2.41
CA ARG M 101 51.38 -33.44 -2.50
C ARG M 101 51.98 -32.71 -1.30
N THR M 102 52.54 -31.52 -1.55
CA THR M 102 53.12 -30.70 -0.50
C THR M 102 52.25 -29.52 -0.12
N ARG M 103 51.26 -29.15 -0.96
CA ARG M 103 50.43 -27.99 -0.65
C ARG M 103 49.76 -28.14 0.71
N THR M 104 49.51 -29.37 1.14
CA THR M 104 49.15 -29.67 2.53
C THR M 104 49.80 -30.98 2.91
N ASN M 105 49.83 -31.26 4.20
CA ASN M 105 50.09 -32.60 4.72
C ASN M 105 51.46 -33.12 4.32
N ALA M 106 52.49 -32.29 4.47
CA ALA M 106 53.86 -32.77 4.36
C ALA M 106 54.48 -33.05 5.72
N ARG M 107 53.65 -33.13 6.76
CA ARG M 107 54.11 -32.89 8.13
C ARG M 107 55.19 -33.88 8.55
N THR M 108 55.04 -35.15 8.19
CA THR M 108 56.01 -36.15 8.64
C THR M 108 57.39 -35.85 8.07
N ARG M 109 57.44 -35.51 6.78
CA ARG M 109 58.72 -35.20 6.17
C ARG M 109 59.19 -33.77 6.42
N LYS M 110 58.28 -32.85 6.77
CA LYS M 110 58.55 -31.42 6.66
C LYS M 110 58.72 -30.71 8.00
N GLY M 111 58.81 -31.42 9.13
CA GLY M 111 59.16 -30.71 10.33
C GLY M 111 58.05 -29.82 10.86
N PRO M 112 57.10 -30.40 11.62
CA PRO M 112 55.77 -29.80 11.81
C PRO M 112 55.67 -28.28 11.97
N ARG M 113 54.46 -27.77 11.68
CA ARG M 113 54.22 -26.46 11.07
C ARG M 113 55.03 -25.33 11.67
N LYS M 114 55.43 -24.41 10.79
CA LYS M 114 56.09 -23.15 11.13
C LYS M 114 55.35 -22.04 10.39
N THR M 115 54.54 -21.29 11.13
CA THR M 115 53.50 -20.45 10.54
C THR M 115 54.00 -19.05 10.21
N VAL M 116 53.37 -18.44 9.19
CA VAL M 116 53.67 -17.07 8.77
C VAL M 116 52.39 -16.22 8.83
N ALA M 117 52.50 -14.95 8.42
CA ALA M 117 51.38 -14.02 8.47
C ALA M 117 50.55 -14.06 7.18
N GLY M 118 49.42 -13.36 7.17
CA GLY M 118 48.54 -13.32 6.02
C GLY M 118 47.98 -11.95 5.70
N ALA N 1 32.36 -28.81 -27.49
CA ALA N 1 33.50 -27.92 -27.30
C ALA N 1 33.91 -27.30 -28.63
N ARG N 2 35.20 -27.43 -28.95
CA ARG N 2 35.76 -26.88 -30.17
C ARG N 2 35.62 -27.88 -31.31
N LYS N 3 35.37 -27.37 -32.53
CA LYS N 3 35.27 -28.26 -33.68
C LYS N 3 36.56 -29.05 -33.89
N ALA N 4 37.71 -28.38 -33.72
CA ALA N 4 38.99 -29.04 -33.97
C ALA N 4 39.24 -30.17 -32.99
N LEU N 5 38.63 -30.12 -31.81
CA LEU N 5 38.79 -31.16 -30.80
C LEU N 5 37.91 -32.36 -31.03
N ILE N 6 37.14 -32.36 -32.12
CA ILE N 6 36.34 -33.52 -32.50
C ILE N 6 37.18 -34.34 -33.49
N GLU N 7 38.50 -34.15 -33.42
CA GLU N 7 39.46 -35.03 -34.05
C GLU N 7 39.48 -36.42 -33.43
N LYS N 8 38.85 -36.62 -32.27
CA LYS N 8 38.69 -37.97 -31.75
C LYS N 8 38.01 -38.87 -32.78
N ALA N 9 36.98 -38.34 -33.45
CA ALA N 9 36.22 -39.14 -34.40
C ALA N 9 37.12 -39.70 -35.49
N LYS N 10 38.10 -38.91 -35.94
CA LYS N 10 38.98 -39.31 -37.02
C LYS N 10 40.17 -40.12 -36.54
N ARG N 11 40.04 -40.79 -35.39
CA ARG N 11 41.17 -40.99 -34.48
C ARG N 11 42.48 -41.31 -35.18
N THR N 12 42.57 -42.48 -35.85
CA THR N 12 43.86 -43.01 -36.30
C THR N 12 44.89 -42.63 -35.25
N PRO N 13 44.61 -42.89 -33.97
CA PRO N 13 45.19 -42.05 -32.91
C PRO N 13 46.69 -42.17 -32.75
N LYS N 14 47.34 -43.10 -33.46
CA LYS N 14 48.78 -43.31 -33.43
C LYS N 14 49.19 -44.03 -32.14
N PHE N 15 48.27 -44.10 -31.19
CA PHE N 15 48.41 -44.84 -29.94
C PHE N 15 47.00 -45.10 -29.43
N LYS N 16 46.68 -46.36 -29.14
CA LYS N 16 45.32 -46.69 -28.70
C LYS N 16 44.91 -45.87 -27.48
N VAL N 17 45.85 -45.53 -26.59
CA VAL N 17 45.53 -44.88 -25.33
C VAL N 17 44.98 -43.47 -25.49
N ARG N 18 45.03 -42.91 -26.69
CA ARG N 18 44.55 -41.56 -26.88
C ARG N 18 43.10 -41.51 -27.33
N ALA N 19 42.42 -42.65 -27.37
CA ALA N 19 41.00 -42.70 -27.69
C ALA N 19 40.18 -42.30 -26.47
N TYR N 20 39.32 -41.28 -26.62
CA TYR N 20 38.44 -40.88 -25.53
C TYR N 20 37.02 -40.71 -26.04
N THR N 21 36.10 -40.57 -25.08
CA THR N 21 34.69 -40.90 -25.34
C THR N 21 34.02 -39.85 -26.21
N ARG N 22 34.05 -38.57 -25.81
CA ARG N 22 33.61 -37.46 -26.66
C ARG N 22 32.14 -37.57 -27.05
N CYS N 23 31.26 -37.34 -26.06
CA CYS N 23 29.81 -37.35 -26.29
C CYS N 23 29.43 -36.79 -27.67
N VAL N 24 28.65 -37.57 -28.39
CA VAL N 24 28.46 -37.33 -29.82
C VAL N 24 27.56 -36.12 -30.06
N ARG N 25 26.52 -35.95 -29.24
CA ARG N 25 25.49 -34.97 -29.55
C ARG N 25 25.99 -33.55 -29.34
N CYS N 26 26.47 -33.25 -28.13
CA CYS N 26 26.90 -31.90 -27.79
C CYS N 26 28.41 -31.73 -27.89
N GLY N 27 29.14 -32.77 -28.24
CA GLY N 27 30.59 -32.68 -28.27
C GLY N 27 31.21 -32.59 -26.89
N ARG N 28 30.52 -33.09 -25.87
CA ARG N 28 31.05 -33.04 -24.51
C ARG N 28 32.35 -33.81 -24.41
N ALA N 29 33.30 -33.23 -23.68
CA ALA N 29 34.56 -33.90 -23.39
C ALA N 29 34.46 -34.73 -22.10
N ARG N 30 33.89 -34.17 -21.03
CA ARG N 30 34.20 -34.64 -19.69
C ARG N 30 33.44 -35.91 -19.31
N SER N 31 32.13 -35.84 -19.19
CA SER N 31 31.36 -36.92 -18.58
C SER N 31 30.50 -37.61 -19.63
N VAL N 32 31.00 -38.70 -20.19
CA VAL N 32 30.35 -39.36 -21.32
C VAL N 32 30.05 -40.80 -20.93
N TYR N 33 28.77 -41.11 -20.78
CA TYR N 33 28.34 -42.48 -20.55
C TYR N 33 28.64 -43.32 -21.79
N ARG N 34 29.20 -44.51 -21.58
CA ARG N 34 29.70 -45.30 -22.69
C ARG N 34 28.61 -46.11 -23.39
N PHE N 35 27.48 -46.32 -22.73
CA PHE N 35 26.41 -47.16 -23.29
C PHE N 35 25.50 -46.40 -24.24
N PHE N 36 25.27 -45.12 -23.96
CA PHE N 36 24.54 -44.26 -24.88
C PHE N 36 25.46 -43.46 -25.78
N GLY N 37 26.77 -43.46 -25.52
CA GLY N 37 27.69 -42.58 -26.21
C GLY N 37 27.35 -41.12 -26.01
N LEU N 38 26.48 -40.82 -25.05
CA LEU N 38 26.02 -39.47 -24.76
C LEU N 38 26.62 -38.99 -23.45
N CYS N 39 26.70 -37.66 -23.30
CA CYS N 39 27.12 -37.12 -22.02
C CYS N 39 25.96 -37.14 -21.03
N ARG N 40 26.28 -36.87 -19.77
CA ARG N 40 25.26 -36.87 -18.73
C ARG N 40 24.20 -35.82 -18.99
N ILE N 41 24.56 -34.71 -19.64
CA ILE N 41 23.60 -33.66 -19.93
C ILE N 41 22.75 -34.03 -21.14
N CYS N 42 23.39 -34.52 -22.19
CA CYS N 42 22.63 -35.00 -23.33
C CYS N 42 21.76 -36.19 -22.95
N LEU N 43 22.30 -37.11 -22.15
CA LEU N 43 21.51 -38.25 -21.69
C LEU N 43 20.22 -37.79 -21.01
N ARG N 44 20.33 -36.81 -20.12
CA ARG N 44 19.14 -36.34 -19.41
C ARG N 44 18.16 -35.64 -20.34
N GLU N 45 18.67 -34.90 -21.32
CA GLU N 45 17.77 -34.20 -22.25
C GLU N 45 17.03 -35.18 -23.15
N LEU N 46 17.70 -36.25 -23.58
CA LEU N 46 17.06 -37.23 -24.45
C LEU N 46 16.12 -38.14 -23.68
N ALA N 47 16.43 -38.42 -22.40
CA ALA N 47 15.55 -39.23 -21.58
C ALA N 47 14.19 -38.56 -21.41
N HIS N 48 14.20 -37.31 -20.92
CA HIS N 48 12.96 -36.56 -20.76
C HIS N 48 12.19 -36.47 -22.07
N LYS N 49 12.92 -36.33 -23.19
CA LYS N 49 12.27 -36.21 -24.49
C LYS N 49 11.58 -37.52 -24.89
N GLY N 50 12.09 -38.65 -24.42
CA GLY N 50 11.51 -39.94 -24.74
C GLY N 50 12.14 -40.66 -25.91
N GLN N 51 13.29 -40.22 -26.39
CA GLN N 51 13.96 -40.81 -27.54
C GLN N 51 14.97 -41.88 -27.15
N LEU N 52 15.03 -42.27 -25.87
CA LEU N 52 15.82 -43.42 -25.41
C LEU N 52 14.87 -44.55 -25.03
N PRO N 53 14.77 -45.61 -25.83
CA PRO N 53 13.79 -46.66 -25.51
C PRO N 53 14.06 -47.31 -24.17
N GLY N 54 12.99 -47.63 -23.46
CA GLY N 54 13.05 -48.40 -22.22
C GLY N 54 13.63 -47.69 -21.03
N VAL N 55 13.99 -46.42 -21.14
CA VAL N 55 14.63 -45.66 -20.06
C VAL N 55 13.56 -44.87 -19.33
N ARG N 56 13.26 -45.29 -18.11
CA ARG N 56 12.20 -44.70 -17.31
C ARG N 56 12.80 -43.79 -16.24
N LYS N 57 11.94 -43.28 -15.35
CA LYS N 57 12.38 -42.62 -14.14
C LYS N 57 12.57 -43.65 -13.04
N ALA N 58 13.76 -43.66 -12.44
CA ALA N 58 14.06 -44.61 -11.38
C ALA N 58 13.39 -44.16 -10.09
N SER N 59 12.70 -45.09 -9.43
CA SER N 59 12.07 -44.79 -8.15
C SER N 59 11.94 -46.07 -7.34
N TRP N 60 12.41 -46.03 -6.09
CA TRP N 60 12.30 -47.17 -5.17
C TRP N 60 12.66 -46.79 -3.72
N PRO O 1 -22.92 38.08 54.03
CA PRO O 1 -23.43 38.37 52.68
C PRO O 1 -24.55 39.40 52.68
N ILE O 2 -25.58 39.15 51.87
CA ILE O 2 -26.69 40.08 51.67
C ILE O 2 -27.98 39.34 51.96
N THR O 3 -28.59 39.63 53.11
CA THR O 3 -29.83 38.96 53.48
C THR O 3 -31.04 39.63 52.81
N LYS O 4 -32.12 38.85 52.68
CA LYS O 4 -33.33 39.37 52.02
C LYS O 4 -33.92 40.55 52.76
N GLU O 5 -33.69 40.65 54.07
CA GLU O 5 -34.09 41.83 54.82
C GLU O 5 -33.49 43.09 54.21
N GLU O 6 -32.19 43.04 53.92
CA GLU O 6 -31.52 44.17 53.28
C GLU O 6 -31.94 44.32 51.83
N LYS O 7 -32.07 43.19 51.12
CA LYS O 7 -32.51 43.20 49.72
C LYS O 7 -33.80 43.98 49.56
N GLN O 8 -34.82 43.64 50.35
CA GLN O 8 -36.14 44.26 50.19
C GLN O 8 -36.10 45.75 50.48
N LYS O 9 -35.28 46.17 51.45
CA LYS O 9 -35.19 47.60 51.75
C LYS O 9 -34.67 48.38 50.55
N VAL O 10 -33.83 47.76 49.73
CA VAL O 10 -33.29 48.44 48.55
C VAL O 10 -34.31 48.46 47.42
N ILE O 11 -34.98 47.34 47.18
CA ILE O 11 -35.96 47.28 46.10
C ILE O 11 -37.12 48.24 46.39
N GLN O 12 -37.65 48.21 47.61
CA GLN O 12 -38.73 49.12 47.96
C GLN O 12 -38.28 50.58 47.94
N GLU O 13 -36.97 50.83 48.00
CA GLU O 13 -36.47 52.19 47.93
C GLU O 13 -36.42 52.70 46.50
N PHE O 14 -36.16 51.83 45.54
CA PHE O 14 -35.93 52.23 44.17
C PHE O 14 -37.04 51.83 43.21
N ALA O 15 -38.09 51.16 43.70
CA ALA O 15 -39.18 50.76 42.83
C ALA O 15 -39.91 51.98 42.28
N ARG O 16 -40.04 52.03 40.94
CA ARG O 16 -40.80 53.10 40.30
C ARG O 16 -42.25 53.12 40.75
N PHE O 17 -42.74 52.01 41.30
CA PHE O 17 -44.09 51.86 41.80
C PHE O 17 -44.11 50.59 42.64
N PRO O 18 -45.03 50.44 43.58
CA PRO O 18 -45.05 49.22 44.40
C PRO O 18 -45.26 47.98 43.53
N GLY O 19 -44.50 46.93 43.84
CA GLY O 19 -44.51 45.70 43.07
C GLY O 19 -43.52 45.64 41.94
N ASP O 20 -42.87 46.75 41.60
CA ASP O 20 -41.85 46.77 40.56
C ASP O 20 -40.57 46.16 41.11
N THR O 21 -40.15 45.04 40.52
CA THR O 21 -38.94 44.36 40.91
C THR O 21 -37.83 44.40 39.86
N GLY O 22 -38.14 44.80 38.62
CA GLY O 22 -37.18 44.67 37.55
C GLY O 22 -36.82 45.92 36.79
N SER O 23 -37.25 47.08 37.30
CA SER O 23 -36.89 48.34 36.65
C SER O 23 -35.39 48.49 36.55
N THR O 24 -34.96 49.29 35.56
CA THR O 24 -33.54 49.58 35.45
C THR O 24 -33.02 50.31 36.68
N GLU O 25 -33.88 51.12 37.32
CA GLU O 25 -33.51 51.73 38.59
C GLU O 25 -33.34 50.68 39.67
N VAL O 26 -34.22 49.68 39.70
CA VAL O 26 -34.12 48.63 40.70
C VAL O 26 -32.91 47.77 40.46
N GLN O 27 -32.61 47.47 39.19
CA GLN O 27 -31.48 46.62 38.89
C GLN O 27 -30.17 47.28 39.27
N VAL O 28 -29.97 48.53 38.86
CA VAL O 28 -28.72 49.21 39.12
C VAL O 28 -28.54 49.49 40.60
N ALA O 29 -29.64 49.70 41.33
CA ALA O 29 -29.55 49.76 42.79
C ALA O 29 -29.00 48.45 43.33
N LEU O 30 -29.70 47.34 43.05
CA LEU O 30 -29.26 46.03 43.53
C LEU O 30 -27.80 45.75 43.15
N LEU O 31 -27.46 45.93 41.87
CA LEU O 31 -26.07 45.73 41.44
C LEU O 31 -25.11 46.57 42.28
N THR O 32 -25.43 47.85 42.47
CA THR O 32 -24.51 48.73 43.16
C THR O 32 -24.23 48.25 44.58
N LEU O 33 -25.22 47.67 45.25
CA LEU O 33 -24.97 47.11 46.56
C LEU O 33 -24.02 45.92 46.47
N ARG O 34 -24.26 45.01 45.53
CA ARG O 34 -23.37 43.87 45.35
C ARG O 34 -21.95 44.32 45.01
N ILE O 35 -21.83 45.43 44.27
CA ILE O 35 -20.52 45.95 43.89
C ILE O 35 -19.75 46.41 45.13
N ASN O 36 -20.41 47.18 45.99
CA ASN O 36 -19.74 47.67 47.20
C ASN O 36 -19.39 46.51 48.13
N ARG O 37 -20.33 45.59 48.34
CA ARG O 37 -20.04 44.41 49.17
C ARG O 37 -18.79 43.68 48.67
N LEU O 38 -18.63 43.59 47.35
CA LEU O 38 -17.48 42.86 46.80
C LEU O 38 -16.21 43.67 46.92
N SER O 39 -16.26 44.96 46.57
CA SER O 39 -15.05 45.78 46.62
C SER O 39 -14.55 45.94 48.05
N GLU O 40 -15.42 45.79 49.06
CA GLU O 40 -14.93 45.79 50.43
C GLU O 40 -14.30 44.44 50.78
N HIS O 41 -14.88 43.36 50.28
CA HIS O 41 -14.27 42.04 50.38
C HIS O 41 -12.97 41.95 49.62
N LEU O 42 -12.78 42.80 48.61
CA LEU O 42 -11.56 42.82 47.83
C LEU O 42 -10.53 43.81 48.35
N LYS O 43 -10.91 44.72 49.25
CA LYS O 43 -9.95 45.62 49.87
C LYS O 43 -8.92 44.83 50.67
N VAL O 44 -9.38 44.03 51.63
CA VAL O 44 -8.64 42.87 52.14
C VAL O 44 -8.87 41.77 51.11
N HIS O 45 -8.13 40.67 51.20
CA HIS O 45 -8.28 39.57 50.23
C HIS O 45 -7.92 40.01 48.81
N LYS O 46 -6.87 40.83 48.68
CA LYS O 46 -6.47 41.31 47.35
C LYS O 46 -6.07 40.17 46.43
N LYS O 47 -5.67 39.02 46.96
CA LYS O 47 -5.20 37.91 46.15
C LYS O 47 -6.34 37.01 45.65
N ASP O 48 -7.59 37.40 45.88
CA ASP O 48 -8.74 36.61 45.43
C ASP O 48 -9.13 37.07 44.04
N HIS O 49 -8.48 36.50 43.02
CA HIS O 49 -8.69 37.01 41.67
C HIS O 49 -9.94 36.43 41.02
N HIS O 50 -10.34 35.21 41.38
CA HIS O 50 -11.57 34.65 40.80
C HIS O 50 -12.79 35.45 41.18
N SER O 51 -12.93 35.80 42.46
CA SER O 51 -14.02 36.66 42.87
C SER O 51 -13.94 37.99 42.14
N HIS O 52 -12.72 38.46 41.83
CA HIS O 52 -12.57 39.74 41.14
C HIS O 52 -13.19 39.70 39.74
N ARG O 53 -13.09 38.57 39.04
CA ARG O 53 -13.72 38.46 37.73
C ARG O 53 -15.21 38.69 37.82
N GLY O 54 -15.86 38.15 38.85
CA GLY O 54 -17.27 38.40 39.05
C GLY O 54 -17.57 39.89 39.19
N LEU O 55 -16.66 40.63 39.81
CA LEU O 55 -16.84 42.07 39.97
C LEU O 55 -16.74 42.80 38.64
N LEU O 56 -15.73 42.46 37.83
CA LEU O 56 -15.61 43.04 36.49
C LEU O 56 -16.87 42.85 35.68
N MET O 57 -17.63 41.78 35.94
CA MET O 57 -18.85 41.54 35.19
C MET O 57 -20.00 42.36 35.71
N MET O 58 -20.15 42.47 37.03
CA MET O 58 -21.20 43.30 37.58
C MET O 58 -21.00 44.75 37.18
N VAL O 59 -19.76 45.23 37.18
CA VAL O 59 -19.47 46.59 36.73
C VAL O 59 -19.94 46.78 35.30
N GLY O 60 -19.62 45.83 34.41
CA GLY O 60 -20.08 45.93 33.04
C GLY O 60 -21.59 45.92 32.93
N GLN O 61 -22.24 45.01 33.67
CA GLN O 61 -23.71 44.95 33.65
C GLN O 61 -24.32 46.26 34.10
N ARG O 62 -23.79 46.85 35.17
CA ARG O 62 -24.32 48.13 35.64
C ARG O 62 -24.17 49.21 34.57
N ARG O 63 -23.01 49.26 33.92
CA ARG O 63 -22.78 50.29 32.92
C ARG O 63 -23.69 50.11 31.70
N ARG O 64 -23.99 48.88 31.31
CA ARG O 64 -24.86 48.68 30.15
C ARG O 64 -26.26 49.20 30.44
N LEU O 65 -26.73 49.04 31.67
CA LEU O 65 -28.06 49.52 32.02
C LEU O 65 -28.08 51.05 32.12
N LEU O 66 -27.04 51.64 32.73
CA LEU O 66 -26.95 53.09 32.78
C LEU O 66 -26.85 53.67 31.38
N ARG O 67 -25.95 53.12 30.55
CA ARG O 67 -25.86 53.53 29.16
C ARG O 67 -27.21 53.44 28.47
N TYR O 68 -28.05 52.48 28.90
CA TYR O 68 -29.39 52.36 28.34
C TYR O 68 -30.31 53.45 28.86
N LEU O 69 -30.32 53.66 30.17
CA LEU O 69 -31.16 54.72 30.74
C LEU O 69 -30.79 56.08 30.17
N GLN O 70 -29.49 56.37 30.10
CA GLN O 70 -29.01 57.62 29.52
C GLN O 70 -29.65 57.88 28.15
N ARG O 71 -29.83 56.83 27.35
CA ARG O 71 -30.39 57.04 26.02
C ARG O 71 -31.88 57.31 26.07
N GLU O 72 -32.62 56.59 26.93
CA GLU O 72 -34.08 56.63 26.87
C GLU O 72 -34.65 57.85 27.59
N ASP O 73 -34.38 57.95 28.90
CA ASP O 73 -34.88 59.08 29.70
C ASP O 73 -33.75 59.67 30.52
N PRO O 74 -32.98 60.60 29.95
CA PRO O 74 -31.80 61.11 30.63
C PRO O 74 -32.08 61.77 31.97
N GLU O 75 -33.32 62.17 32.24
CA GLU O 75 -33.62 62.74 33.55
C GLU O 75 -33.56 61.68 34.63
N ARG O 76 -34.24 60.55 34.42
CA ARG O 76 -34.22 59.48 35.40
C ARG O 76 -32.81 58.92 35.61
N TYR O 77 -31.93 59.09 34.62
CA TYR O 77 -30.54 58.68 34.76
C TYR O 77 -29.78 59.63 35.68
N ARG O 78 -30.04 60.93 35.56
CA ARG O 78 -29.39 61.88 36.46
C ARG O 78 -29.84 61.66 37.90
N ALA O 79 -31.13 61.43 38.12
CA ALA O 79 -31.65 61.21 39.46
C ALA O 79 -31.12 59.91 40.04
N LEU O 80 -31.02 58.86 39.22
CA LEU O 80 -30.48 57.60 39.69
C LEU O 80 -29.01 57.76 40.08
N ILE O 81 -28.23 58.43 39.24
CA ILE O 81 -26.79 58.56 39.48
C ILE O 81 -26.53 59.33 40.76
N GLU O 82 -27.20 60.49 40.92
CA GLU O 82 -26.96 61.33 42.09
C GLU O 82 -27.47 60.66 43.37
N LYS O 83 -28.47 59.78 43.27
CA LYS O 83 -28.95 59.05 44.44
C LYS O 83 -27.96 58.00 44.89
N LEU O 84 -27.32 57.31 43.95
CA LEU O 84 -26.31 56.31 44.29
C LEU O 84 -24.90 56.87 44.38
N GLY O 85 -24.66 58.08 43.91
CA GLY O 85 -23.33 58.67 43.93
C GLY O 85 -22.36 57.89 43.07
N ILE O 86 -22.53 57.96 41.75
CA ILE O 86 -21.69 57.24 40.80
C ILE O 86 -21.21 58.22 39.73
N ARG O 87 -20.15 57.81 39.04
CA ARG O 87 -19.64 58.54 37.85
C ARG O 87 -19.33 59.99 38.16
N MET P 1 -7.33 84.43 -30.99
CA MET P 1 -8.34 84.58 -32.04
C MET P 1 -8.77 83.22 -32.54
N VAL P 2 -10.06 82.91 -32.37
CA VAL P 2 -10.57 81.61 -32.80
C VAL P 2 -10.63 81.58 -34.33
N LYS P 3 -10.28 80.44 -34.92
CA LYS P 3 -10.11 80.34 -36.36
C LYS P 3 -10.80 79.09 -36.91
N ILE P 4 -11.15 79.16 -38.18
CA ILE P 4 -11.69 78.03 -38.93
C ILE P 4 -10.64 77.56 -39.90
N ARG P 5 -10.16 76.34 -39.73
CA ARG P 5 -9.06 75.86 -40.55
C ARG P 5 -9.15 74.35 -40.71
N LEU P 6 -8.15 73.79 -41.39
CA LEU P 6 -8.07 72.37 -41.72
C LEU P 6 -7.08 71.68 -40.82
N ALA P 7 -7.42 70.45 -40.41
CA ALA P 7 -6.54 69.58 -39.65
C ALA P 7 -6.38 68.28 -40.42
N ARG P 8 -5.16 67.74 -40.42
CA ARG P 8 -4.82 66.60 -41.28
C ARG P 8 -5.11 65.31 -40.52
N PHE P 9 -5.94 64.46 -41.13
CA PHE P 9 -6.31 63.18 -40.52
C PHE P 9 -6.13 61.98 -41.45
N GLY P 10 -5.52 62.15 -42.60
CA GLY P 10 -5.31 61.03 -43.50
C GLY P 10 -4.23 60.08 -43.01
N SER P 11 -3.51 59.52 -43.98
CA SER P 11 -2.24 58.84 -43.76
C SER P 11 -1.19 59.44 -44.70
N LYS P 12 0.02 58.92 -44.64
CA LYS P 12 1.08 59.40 -45.53
C LYS P 12 0.66 59.24 -46.98
N HIS P 13 0.70 60.34 -47.74
CA HIS P 13 0.29 60.45 -49.14
C HIS P 13 -1.20 60.24 -49.34
N ASN P 14 -1.97 60.05 -48.26
CA ASN P 14 -3.43 59.96 -48.31
C ASN P 14 -3.95 61.01 -47.34
N PRO P 15 -3.97 62.28 -47.75
CA PRO P 15 -4.45 63.32 -46.82
C PRO P 15 -5.96 63.42 -46.81
N HIS P 16 -6.50 63.65 -45.61
CA HIS P 16 -7.90 63.92 -45.39
C HIS P 16 -7.99 64.97 -44.29
N TYR P 17 -8.74 66.04 -44.54
CA TYR P 17 -8.78 67.17 -43.62
C TYR P 17 -10.12 67.22 -42.90
N ARG P 18 -10.10 67.83 -41.72
CA ARG P 18 -11.32 68.12 -40.98
C ARG P 18 -11.45 69.63 -40.86
N ILE P 19 -12.38 70.21 -41.60
CA ILE P 19 -12.67 71.62 -41.41
C ILE P 19 -13.18 71.82 -40.00
N VAL P 20 -12.55 72.73 -39.28
CA VAL P 20 -12.54 72.65 -37.83
C VAL P 20 -12.42 74.04 -37.24
N VAL P 21 -13.12 74.27 -36.14
CA VAL P 21 -13.04 75.53 -35.39
C VAL P 21 -12.13 75.32 -34.20
N THR P 22 -11.10 76.16 -34.06
CA THR P 22 -10.19 76.05 -32.94
C THR P 22 -9.47 77.37 -32.73
N ASP P 23 -8.95 77.54 -31.50
CA ASP P 23 -8.11 78.67 -31.20
C ASP P 23 -6.81 78.55 -31.97
N ALA P 24 -6.41 79.64 -32.63
CA ALA P 24 -5.26 79.63 -33.53
C ALA P 24 -3.98 79.21 -32.86
N ARG P 25 -3.95 79.14 -31.54
CA ARG P 25 -2.75 78.83 -30.77
C ARG P 25 -2.54 77.34 -30.51
N ARG P 26 -3.55 76.49 -30.73
CA ARG P 26 -3.32 75.06 -30.58
C ARG P 26 -2.63 74.49 -31.81
N LYS P 27 -2.05 73.30 -31.63
CA LYS P 27 -1.48 72.55 -32.74
C LYS P 27 -2.51 72.37 -33.84
N ARG P 28 -2.04 72.20 -35.08
CA ARG P 28 -3.00 72.06 -36.17
C ARG P 28 -3.80 70.78 -36.05
N ASP P 29 -3.21 69.73 -35.47
CA ASP P 29 -3.88 68.44 -35.33
C ASP P 29 -4.45 68.21 -33.94
N GLY P 30 -4.36 69.19 -33.05
CA GLY P 30 -4.73 69.02 -31.66
C GLY P 30 -6.20 69.35 -31.39
N LYS P 31 -6.51 69.48 -30.10
CA LYS P 31 -7.87 69.67 -29.64
C LYS P 31 -8.54 70.86 -30.31
N TYR P 32 -9.81 70.70 -30.67
CA TYR P 32 -10.55 71.73 -31.37
C TYR P 32 -11.95 71.85 -30.76
N ILE P 33 -12.63 72.92 -31.16
CA ILE P 33 -13.89 73.29 -30.52
C ILE P 33 -15.05 72.54 -31.13
N GLU P 34 -15.09 72.47 -32.46
CA GLU P 34 -16.17 71.80 -33.18
C GLU P 34 -15.68 71.38 -34.56
N LYS P 35 -16.13 70.20 -35.00
CA LYS P 35 -15.86 69.75 -36.36
C LYS P 35 -17.02 70.21 -37.23
N ILE P 36 -16.70 70.98 -38.27
CA ILE P 36 -17.75 71.53 -39.12
C ILE P 36 -17.56 71.06 -40.56
N GLY P 37 -17.05 69.85 -40.76
CA GLY P 37 -16.99 69.28 -42.09
C GLY P 37 -15.66 68.60 -42.33
N TYR P 38 -15.45 68.21 -43.58
CA TYR P 38 -14.26 67.47 -43.98
C TYR P 38 -13.93 67.81 -45.42
N TYR P 39 -12.71 67.43 -45.83
CA TYR P 39 -12.20 67.76 -47.16
C TYR P 39 -11.26 66.67 -47.63
N ASP P 40 -11.57 66.08 -48.77
CA ASP P 40 -10.68 65.12 -49.41
C ASP P 40 -10.06 65.76 -50.63
N PRO P 41 -8.79 66.12 -50.60
CA PRO P 41 -8.21 66.88 -51.73
C PRO P 41 -8.09 66.06 -52.99
N ARG P 42 -7.83 64.76 -52.87
CA ARG P 42 -7.65 63.90 -54.02
C ARG P 42 -8.96 63.43 -54.60
N LYS P 43 -10.08 63.86 -54.01
CA LYS P 43 -11.41 63.66 -54.59
C LYS P 43 -11.63 62.20 -54.97
N THR P 44 -11.36 61.32 -54.00
CA THR P 44 -11.45 59.89 -54.22
C THR P 44 -12.87 59.35 -54.13
N THR P 45 -13.77 60.06 -53.45
CA THR P 45 -15.15 59.65 -53.26
C THR P 45 -16.10 60.64 -53.93
N PRO P 46 -17.31 60.21 -54.26
CA PRO P 46 -18.27 61.16 -54.85
C PRO P 46 -18.55 62.35 -53.96
N ASP P 47 -18.50 62.18 -52.64
CA ASP P 47 -18.66 63.28 -51.70
C ASP P 47 -17.32 63.48 -50.99
N TRP P 48 -16.54 64.44 -51.47
CA TRP P 48 -15.27 64.78 -50.86
C TRP P 48 -15.29 66.18 -50.26
N LEU P 49 -16.48 66.72 -49.98
CA LEU P 49 -16.58 67.99 -49.27
C LEU P 49 -17.97 68.13 -48.70
N LYS P 50 -18.06 68.39 -47.39
CA LYS P 50 -19.31 68.67 -46.71
C LYS P 50 -19.05 69.74 -45.66
N VAL P 51 -20.10 70.48 -45.28
CA VAL P 51 -19.88 71.62 -44.40
C VAL P 51 -20.81 71.70 -43.20
N ASP P 52 -22.12 71.55 -43.41
CA ASP P 52 -23.08 72.06 -42.43
C ASP P 52 -22.94 73.59 -42.38
N VAL P 53 -23.38 74.23 -43.46
CA VAL P 53 -23.31 75.69 -43.61
C VAL P 53 -23.81 76.39 -42.36
N GLU P 54 -25.03 76.07 -41.93
CA GLU P 54 -25.68 76.85 -40.88
C GLU P 54 -24.83 76.92 -39.62
N ARG P 55 -23.94 75.95 -39.43
CA ARG P 55 -23.02 75.98 -38.30
C ARG P 55 -21.79 76.83 -38.62
N ALA P 56 -21.24 76.70 -39.82
CA ALA P 56 -20.16 77.59 -40.25
C ALA P 56 -20.60 79.05 -40.21
N ARG P 57 -21.84 79.33 -40.62
CA ARG P 57 -22.35 80.69 -40.52
C ARG P 57 -22.38 81.17 -39.08
N TYR P 58 -22.58 80.27 -38.12
CA TYR P 58 -22.59 80.70 -36.72
C TYR P 58 -21.22 81.22 -36.31
N TRP P 59 -20.17 80.44 -36.55
CA TRP P 59 -18.85 80.82 -36.05
C TRP P 59 -18.34 82.10 -36.69
N LEU P 60 -18.77 82.39 -37.92
CA LEU P 60 -18.41 83.66 -38.52
C LEU P 60 -19.16 84.81 -37.86
N SER P 61 -20.35 84.55 -37.33
CA SER P 61 -21.08 85.62 -36.64
C SER P 61 -20.37 86.03 -35.35
N VAL P 62 -19.75 85.08 -34.66
CA VAL P 62 -19.05 85.39 -33.40
C VAL P 62 -17.58 85.69 -33.60
N GLY P 63 -17.09 85.72 -34.83
CA GLY P 63 -15.77 86.18 -35.11
C GLY P 63 -14.68 85.15 -35.30
N ALA P 64 -15.02 83.96 -35.78
CA ALA P 64 -13.98 83.06 -36.25
C ALA P 64 -13.39 83.60 -37.54
N GLN P 65 -12.18 83.16 -37.85
CA GLN P 65 -11.44 83.68 -39.00
C GLN P 65 -10.97 82.52 -39.85
N PRO P 66 -11.51 82.35 -41.05
CA PRO P 66 -11.08 81.23 -41.89
C PRO P 66 -9.73 81.47 -42.55
N THR P 67 -9.01 80.38 -42.75
CA THR P 67 -7.81 80.42 -43.56
C THR P 67 -8.19 80.74 -45.00
N ASP P 68 -7.18 81.07 -45.82
CA ASP P 68 -7.42 81.22 -47.25
C ASP P 68 -7.99 79.94 -47.84
N THR P 69 -7.55 78.79 -47.33
CA THR P 69 -8.08 77.53 -47.83
C THR P 69 -9.47 77.24 -47.26
N ALA P 70 -9.63 77.40 -45.95
CA ALA P 70 -10.93 77.14 -45.33
C ALA P 70 -12.01 77.98 -45.99
N ARG P 71 -11.72 79.26 -46.24
CA ARG P 71 -12.69 80.13 -46.88
C ARG P 71 -12.98 79.66 -48.30
N ARG P 72 -11.94 79.24 -49.03
CA ARG P 72 -12.12 78.73 -50.39
C ARG P 72 -13.05 77.53 -50.41
N LEU P 73 -13.04 76.73 -49.34
CA LEU P 73 -13.94 75.59 -49.26
C LEU P 73 -15.34 76.02 -48.82
N LEU P 74 -15.42 76.86 -47.79
CA LEU P 74 -16.71 77.36 -47.35
C LEU P 74 -17.46 78.07 -48.48
N ARG P 75 -16.74 78.77 -49.36
CA ARG P 75 -17.39 79.37 -50.52
C ARG P 75 -17.90 78.32 -51.48
N GLN P 76 -17.27 77.14 -51.52
CA GLN P 76 -17.70 76.08 -52.41
C GLN P 76 -19.04 75.49 -51.96
N ALA P 77 -19.22 75.33 -50.65
CA ALA P 77 -20.50 74.94 -50.09
C ALA P 77 -21.43 76.11 -49.89
N GLY P 78 -21.01 77.31 -50.29
CA GLY P 78 -21.88 78.46 -50.32
C GLY P 78 -22.28 78.97 -48.95
N VAL P 79 -21.30 79.14 -48.07
CA VAL P 79 -21.58 79.78 -46.80
C VAL P 79 -21.88 81.26 -47.02
N PHE P 80 -21.25 81.88 -48.02
CA PHE P 80 -21.35 83.32 -48.22
C PHE P 80 -22.36 83.72 -49.28
N ARG P 81 -22.77 82.78 -50.14
CA ARG P 81 -23.85 83.03 -51.10
C ARG P 81 -25.07 83.57 -50.36
N GLN P 82 -25.57 84.74 -50.80
CA GLN P 82 -26.50 85.52 -50.00
C GLN P 82 -27.84 85.81 -50.67
N GLU P 83 -28.06 85.40 -51.91
CA GLU P 83 -29.31 85.69 -52.63
C GLU P 83 -30.51 85.07 -51.93
N PRO Q 1 -24.44 73.99 -8.89
CA PRO Q 1 -24.84 73.85 -7.48
C PRO Q 1 -23.66 73.94 -6.51
N LYS Q 2 -23.66 74.97 -5.66
CA LYS Q 2 -22.76 74.98 -4.52
C LYS Q 2 -23.06 73.76 -3.65
N LYS Q 3 -22.04 72.95 -3.38
CA LYS Q 3 -22.27 71.74 -2.58
C LYS Q 3 -22.82 72.11 -1.22
N VAL Q 4 -23.85 71.37 -0.78
CA VAL Q 4 -24.45 71.54 0.53
C VAL Q 4 -24.23 70.25 1.30
N LEU Q 5 -23.71 70.37 2.52
CA LEU Q 5 -23.50 69.23 3.38
C LEU Q 5 -24.25 69.43 4.69
N THR Q 6 -24.54 68.33 5.38
CA THR Q 6 -25.17 68.40 6.69
C THR Q 6 -24.34 67.59 7.67
N GLY Q 7 -23.90 68.25 8.73
CA GLY Q 7 -23.09 67.63 9.78
C GLY Q 7 -23.38 68.21 11.14
N VAL Q 8 -22.55 67.88 12.13
CA VAL Q 8 -22.78 68.27 13.52
C VAL Q 8 -21.56 69.02 14.04
N VAL Q 9 -21.81 70.09 14.79
CA VAL Q 9 -20.75 70.95 15.32
C VAL Q 9 -20.06 70.23 16.48
N VAL Q 10 -18.74 70.05 16.35
CA VAL Q 10 -17.95 69.39 17.38
C VAL Q 10 -16.94 70.32 18.04
N SER Q 11 -16.78 71.56 17.57
CA SER Q 11 -15.81 72.47 18.16
C SER Q 11 -16.34 73.89 18.19
N ASP Q 12 -16.52 74.43 19.40
CA ASP Q 12 -16.87 75.81 19.65
C ASP Q 12 -15.66 76.71 19.75
N LYS Q 13 -14.47 76.15 19.89
CA LYS Q 13 -13.38 76.82 20.59
C LYS Q 13 -12.66 77.86 19.76
N MET Q 14 -13.11 78.15 18.55
CA MET Q 14 -12.49 79.20 17.75
C MET Q 14 -13.35 80.46 17.80
N GLN Q 15 -12.81 81.53 17.22
CA GLN Q 15 -13.54 82.79 17.07
C GLN Q 15 -14.19 82.80 15.70
N LYS Q 16 -15.52 82.98 15.68
CA LYS Q 16 -16.29 83.08 14.43
C LYS Q 16 -16.11 81.85 13.54
N THR Q 17 -15.95 80.68 14.14
CA THR Q 17 -15.72 79.46 13.39
C THR Q 17 -16.22 78.29 14.22
N VAL Q 18 -16.78 77.28 13.54
CA VAL Q 18 -17.22 76.03 14.15
C VAL Q 18 -16.72 74.87 13.29
N THR Q 19 -16.40 73.76 13.94
CA THR Q 19 -15.98 72.55 13.25
C THR Q 19 -17.21 71.66 13.07
N VAL Q 20 -17.53 71.36 11.81
CA VAL Q 20 -18.71 70.55 11.48
C VAL Q 20 -18.23 69.20 10.97
N LEU Q 21 -18.80 68.15 11.54
CA LEU Q 21 -18.42 66.77 11.21
C LEU Q 21 -19.50 66.15 10.33
N VAL Q 22 -19.13 65.78 9.11
CA VAL Q 22 -20.08 65.43 8.05
C VAL Q 22 -19.89 63.98 7.65
N GLU Q 23 -20.85 63.13 8.00
CA GLU Q 23 -20.72 61.71 7.70
C GLU Q 23 -21.20 61.41 6.28
N ARG Q 24 -20.71 60.28 5.74
CA ARG Q 24 -20.93 59.89 4.37
C ARG Q 24 -21.10 58.37 4.31
N GLN Q 25 -21.96 57.91 3.41
CA GLN Q 25 -22.26 56.48 3.26
C GLN Q 25 -22.21 56.07 1.80
N PHE Q 26 -21.62 54.91 1.52
CA PHE Q 26 -21.49 54.47 0.14
C PHE Q 26 -21.06 53.01 0.11
N PRO Q 27 -21.25 52.32 -1.02
CA PRO Q 27 -20.74 50.96 -1.15
C PRO Q 27 -19.26 50.96 -1.45
N HIS Q 28 -18.55 50.01 -0.85
CA HIS Q 28 -17.14 49.80 -1.15
C HIS Q 28 -16.99 49.37 -2.61
N PRO Q 29 -16.02 49.95 -3.33
CA PRO Q 29 -15.96 49.74 -4.79
C PRO Q 29 -15.71 48.30 -5.21
N LEU Q 30 -15.04 47.51 -4.37
CA LEU Q 30 -14.75 46.12 -4.69
C LEU Q 30 -15.54 45.14 -3.82
N TYR Q 31 -15.55 45.36 -2.51
CA TYR Q 31 -16.18 44.46 -1.57
C TYR Q 31 -17.63 44.81 -1.29
N GLY Q 32 -18.12 45.94 -1.79
CA GLY Q 32 -19.56 46.19 -1.92
C GLY Q 32 -20.33 46.70 -0.72
N LYS Q 33 -20.03 46.18 0.48
CA LYS Q 33 -20.82 46.54 1.64
C LYS Q 33 -20.85 48.06 1.82
N VAL Q 34 -21.88 48.55 2.50
CA VAL Q 34 -22.02 49.98 2.72
C VAL Q 34 -21.08 50.40 3.85
N ILE Q 35 -20.13 51.28 3.53
CA ILE Q 35 -19.16 51.74 4.51
C ILE Q 35 -19.43 53.21 4.79
N LYS Q 36 -18.89 53.68 5.92
CA LYS Q 36 -19.28 54.96 6.50
C LYS Q 36 -18.02 55.75 6.86
N ARG Q 37 -17.64 56.69 6.01
CA ARG Q 37 -16.58 57.64 6.28
C ARG Q 37 -17.20 58.96 6.75
N SER Q 38 -16.33 59.85 7.26
CA SER Q 38 -16.82 61.11 7.80
C SER Q 38 -15.65 62.10 7.88
N LYS Q 39 -15.89 63.31 7.41
CA LYS Q 39 -14.86 64.33 7.28
C LYS Q 39 -15.28 65.60 8.03
N LYS Q 40 -14.30 66.26 8.64
CA LYS Q 40 -14.54 67.51 9.37
C LYS Q 40 -14.32 68.70 8.45
N TYR Q 41 -15.30 69.61 8.44
CA TYR Q 41 -15.24 70.83 7.65
C TYR Q 41 -15.19 72.02 8.60
N LEU Q 42 -14.38 73.02 8.27
CA LEU Q 42 -14.32 74.26 9.04
C LEU Q 42 -15.27 75.27 8.43
N ALA Q 43 -16.36 75.56 9.15
CA ALA Q 43 -17.44 76.39 8.64
C ALA Q 43 -17.40 77.76 9.28
N HIS Q 44 -17.83 78.75 8.52
CA HIS Q 44 -17.83 80.14 8.97
C HIS Q 44 -19.13 80.47 9.68
N ASP Q 45 -19.02 81.02 10.90
CA ASP Q 45 -20.15 81.37 11.74
C ASP Q 45 -19.95 82.81 12.19
N PRO Q 46 -20.45 83.78 11.43
CA PRO Q 46 -20.09 85.18 11.71
C PRO Q 46 -20.75 85.74 12.96
N GLU Q 47 -21.93 85.24 13.32
CA GLU Q 47 -22.68 85.76 14.45
C GLU Q 47 -22.51 84.92 15.70
N GLU Q 48 -21.68 83.88 15.65
CA GLU Q 48 -21.48 82.95 16.76
C GLU Q 48 -22.79 82.30 17.21
N LYS Q 49 -23.78 82.25 16.32
CA LYS Q 49 -25.06 81.63 16.63
C LYS Q 49 -24.87 80.18 17.06
N TYR Q 50 -24.27 79.38 16.20
CA TYR Q 50 -24.32 77.93 16.32
C TYR Q 50 -23.41 77.45 17.45
N LYS Q 51 -23.85 76.38 18.12
CA LYS Q 51 -23.16 75.87 19.30
C LYS Q 51 -22.83 74.39 19.18
N LEU Q 52 -22.33 73.80 20.26
CA LEU Q 52 -21.95 72.40 20.27
C LEU Q 52 -23.19 71.52 20.25
N GLY Q 53 -23.16 70.49 19.40
CA GLY Q 53 -24.27 69.59 19.26
C GLY Q 53 -25.29 69.98 18.22
N ASP Q 54 -25.20 71.20 17.67
CA ASP Q 54 -26.16 71.62 16.66
C ASP Q 54 -25.87 70.91 15.35
N VAL Q 55 -26.91 70.32 14.77
CA VAL Q 55 -26.80 69.69 13.47
C VAL Q 55 -27.19 70.73 12.41
N VAL Q 56 -26.22 71.12 11.59
CA VAL Q 56 -26.37 72.26 10.70
C VAL Q 56 -26.11 71.84 9.26
N GLU Q 57 -26.76 72.53 8.33
CA GLU Q 57 -26.38 72.42 6.93
C GLU Q 57 -25.20 73.34 6.66
N ILE Q 58 -24.34 72.90 5.75
CA ILE Q 58 -23.11 73.60 5.41
C ILE Q 58 -23.07 73.76 3.90
N ILE Q 59 -22.59 74.90 3.41
CA ILE Q 59 -22.72 75.25 2.01
C ILE Q 59 -21.40 75.77 1.46
N GLU Q 60 -20.98 75.25 0.30
CA GLU Q 60 -19.75 75.65 -0.35
C GLU Q 60 -19.74 77.16 -0.58
N SER Q 61 -18.68 77.83 -0.14
CA SER Q 61 -18.65 79.28 -0.18
C SER Q 61 -17.30 79.77 -0.69
N ARG Q 62 -17.23 81.08 -0.90
CA ARG Q 62 -15.98 81.73 -1.25
C ARG Q 62 -15.03 81.65 -0.06
N PRO Q 63 -13.74 81.40 -0.29
CA PRO Q 63 -12.80 81.15 0.82
C PRO Q 63 -12.79 82.26 1.87
N ILE Q 64 -12.93 81.86 3.13
CA ILE Q 64 -12.85 82.80 4.25
C ILE Q 64 -11.43 82.89 4.80
N SER Q 65 -10.75 81.75 4.92
CA SER Q 65 -9.36 81.72 5.34
C SER Q 65 -8.69 80.54 4.63
N LYS Q 66 -7.51 80.14 5.10
CA LYS Q 66 -7.08 78.78 4.86
C LYS Q 66 -8.13 77.84 5.45
N ARG Q 67 -8.23 76.63 4.91
CA ARG Q 67 -9.05 75.62 5.56
C ARG Q 67 -10.53 75.95 5.74
N LYS Q 68 -10.97 77.12 5.27
CA LYS Q 68 -12.34 77.58 5.46
C LYS Q 68 -12.94 77.89 4.09
N ARG Q 69 -13.80 77.00 3.60
CA ARG Q 69 -14.48 77.24 2.33
C ARG Q 69 -15.98 76.99 2.41
N PHE Q 70 -16.54 76.95 3.62
CA PHE Q 70 -17.96 76.71 3.82
C PHE Q 70 -18.50 77.66 4.87
N ARG Q 71 -19.77 77.98 4.75
CA ARG Q 71 -20.51 78.76 5.73
C ARG Q 71 -21.69 77.95 6.22
N VAL Q 72 -22.18 78.31 7.40
CA VAL Q 72 -23.30 77.59 7.98
C VAL Q 72 -24.59 78.10 7.36
N LEU Q 73 -25.29 77.21 6.65
CA LEU Q 73 -26.52 77.58 5.96
C LEU Q 73 -27.65 77.81 6.95
N ARG Q 74 -28.00 76.77 7.71
CA ARG Q 74 -29.12 76.83 8.63
C ARG Q 74 -28.96 75.76 9.69
N LEU Q 75 -29.76 75.86 10.74
CA LEU Q 75 -29.79 74.87 11.82
C LEU Q 75 -30.89 73.86 11.51
N VAL Q 76 -30.48 72.62 11.23
CA VAL Q 76 -31.45 71.55 11.04
C VAL Q 76 -32.05 71.10 12.37
N GLU Q 77 -31.19 70.84 13.34
CA GLU Q 77 -31.63 70.33 14.64
C GLU Q 77 -30.61 70.75 15.68
N SER Q 78 -31.09 71.19 16.84
CA SER Q 78 -30.24 71.70 17.90
C SER Q 78 -30.01 70.67 18.99
N GLY Q 79 -28.80 70.69 19.56
CA GLY Q 79 -28.49 70.04 20.81
C GLY Q 79 -28.63 68.53 20.87
N ARG Q 80 -27.80 67.81 20.12
CA ARG Q 80 -27.63 66.37 20.36
C ARG Q 80 -26.15 66.11 20.59
N MET Q 81 -25.79 66.00 21.87
CA MET Q 81 -24.43 65.77 22.31
C MET Q 81 -24.01 64.33 22.18
N ASP Q 82 -24.96 63.40 21.98
CA ASP Q 82 -24.62 62.02 21.72
C ASP Q 82 -23.68 61.90 20.52
N LEU Q 83 -23.95 62.67 19.46
CA LEU Q 83 -23.07 62.67 18.31
C LEU Q 83 -21.70 63.24 18.66
N VAL Q 84 -21.67 64.26 19.52
CA VAL Q 84 -20.40 64.85 19.92
C VAL Q 84 -19.62 63.89 20.80
N GLU Q 85 -20.28 63.25 21.76
CA GLU Q 85 -19.57 62.34 22.64
C GLU Q 85 -19.05 61.11 21.89
N LYS Q 86 -19.73 60.68 20.83
CA LYS Q 86 -19.17 59.61 20.01
C LYS Q 86 -17.82 60.02 19.44
N TYR Q 87 -17.71 61.26 18.98
CA TYR Q 87 -16.45 61.77 18.44
C TYR Q 87 -15.45 62.08 19.55
N LEU Q 88 -15.91 62.65 20.66
CA LEU Q 88 -15.01 62.91 21.79
C LEU Q 88 -14.36 61.62 22.29
N ILE Q 89 -15.17 60.60 22.59
CA ILE Q 89 -14.66 59.33 23.08
C ILE Q 89 -13.61 58.78 22.14
N ARG Q 90 -13.91 58.81 20.84
CA ARG Q 90 -12.98 58.30 19.83
C ARG Q 90 -11.65 59.02 19.91
N ARG Q 91 -11.67 60.35 19.87
CA ARG Q 91 -10.45 61.13 20.00
C ARG Q 91 -9.72 60.80 21.30
N GLN Q 92 -10.47 60.53 22.36
CA GLN Q 92 -9.87 60.22 23.65
C GLN Q 92 -9.21 58.86 23.67
N ASN Q 93 -9.63 57.93 22.80
CA ASN Q 93 -9.01 56.61 22.76
C ASN Q 93 -7.61 56.66 22.19
N TYR Q 94 -7.28 57.73 21.44
CA TYR Q 94 -5.98 57.87 20.81
C TYR Q 94 -4.85 58.07 21.80
N GLN Q 95 -5.16 58.30 23.09
CA GLN Q 95 -4.10 58.53 24.06
C GLN Q 95 -3.43 57.23 24.45
N SER Q 96 -4.12 56.11 24.32
CA SER Q 96 -3.46 54.81 24.30
C SER Q 96 -2.93 54.60 22.88
N LEU Q 97 -2.56 53.36 22.55
CA LEU Q 97 -2.00 52.99 21.24
C LEU Q 97 -0.85 53.91 20.82
N SER Q 98 0.07 54.17 21.75
CA SER Q 98 1.34 54.81 21.39
C SER Q 98 2.57 53.97 21.73
N LYS Q 99 2.79 53.64 23.00
CA LYS Q 99 4.08 53.16 23.47
C LYS Q 99 3.96 51.80 24.16
N LYS R 1 -22.80 -11.17 47.97
CA LYS R 1 -22.82 -10.55 49.30
C LYS R 1 -23.83 -9.41 49.34
N ALA R 2 -24.26 -9.05 50.56
CA ALA R 2 -25.18 -7.94 50.73
C ALA R 2 -24.44 -6.61 50.64
N LYS R 3 -25.23 -5.55 50.45
CA LYS R 3 -24.73 -4.18 50.52
C LYS R 3 -25.20 -3.55 51.82
N VAL R 4 -24.50 -2.51 52.24
CA VAL R 4 -24.71 -1.97 53.59
C VAL R 4 -26.06 -1.28 53.69
N LYS R 5 -26.45 -0.52 52.66
CA LYS R 5 -27.77 0.12 52.67
C LYS R 5 -28.88 -0.94 52.69
N ALA R 6 -28.66 -2.08 52.04
CA ALA R 6 -29.69 -3.12 51.97
C ALA R 6 -30.04 -3.65 53.35
N THR R 7 -29.03 -3.87 54.20
CA THR R 7 -29.23 -4.34 55.57
C THR R 7 -28.95 -3.18 56.52
N LEU R 8 -29.97 -2.36 56.74
CA LEU R 8 -29.93 -1.20 57.62
C LEU R 8 -31.32 -0.58 57.64
N GLY R 9 -31.58 0.23 58.66
CA GLY R 9 -32.84 0.93 58.79
C GLY R 9 -32.81 2.28 58.10
N GLU R 10 -33.67 3.18 58.56
CA GLU R 10 -33.67 4.56 58.10
C GLU R 10 -32.77 5.36 59.02
N PHE R 11 -31.62 5.80 58.50
CA PHE R 11 -30.59 6.44 59.30
C PHE R 11 -30.23 7.80 58.71
N ASP R 12 -29.68 8.65 59.56
CA ASP R 12 -29.24 9.98 59.16
C ASP R 12 -27.83 9.90 58.59
N LEU R 13 -27.71 10.10 57.27
CA LEU R 13 -26.39 10.09 56.65
C LEU R 13 -25.55 11.29 57.07
N ARG R 14 -26.15 12.30 57.68
CA ARG R 14 -25.42 13.51 58.03
C ARG R 14 -25.00 13.56 59.49
N ASP R 15 -25.49 12.65 60.33
CA ASP R 15 -25.11 12.63 61.74
C ASP R 15 -23.76 11.95 61.88
N TYR R 16 -22.73 12.75 62.14
CA TYR R 16 -21.37 12.27 62.31
C TYR R 16 -21.16 11.54 63.63
N ARG R 17 -22.09 11.66 64.59
CA ARG R 17 -21.85 11.13 65.91
C ARG R 17 -22.38 9.72 66.11
N ASN R 18 -23.18 9.19 65.18
CA ASN R 18 -23.78 7.87 65.35
C ASN R 18 -22.80 6.83 64.86
N VAL R 19 -22.10 6.19 65.80
CA VAL R 19 -21.01 5.32 65.41
C VAL R 19 -21.52 3.94 65.01
N GLU R 20 -22.61 3.48 65.64
CA GLU R 20 -23.06 2.12 65.41
C GLU R 20 -23.38 1.88 63.95
N VAL R 21 -23.94 2.88 63.28
CA VAL R 21 -24.21 2.76 61.86
C VAL R 21 -22.99 3.16 61.02
N LEU R 22 -22.23 4.16 61.49
CA LEU R 22 -21.06 4.61 60.72
C LEU R 22 -19.98 3.54 60.70
N LYS R 23 -19.83 2.79 61.80
CA LYS R 23 -18.87 1.69 61.84
C LYS R 23 -19.17 0.66 60.76
N ARG R 24 -20.44 0.47 60.41
CA ARG R 24 -20.84 -0.50 59.40
C ARG R 24 -20.41 -0.10 57.99
N PHE R 25 -19.90 1.11 57.81
CA PHE R 25 -19.43 1.58 56.52
C PHE R 25 -17.91 1.51 56.36
N LEU R 26 -17.17 1.34 57.44
CA LEU R 26 -15.74 1.13 57.26
C LEU R 26 -15.47 -0.34 56.98
N SER R 27 -14.25 -0.62 56.51
CA SER R 27 -13.86 -1.98 56.19
C SER R 27 -13.17 -2.62 57.40
N GLU R 28 -12.52 -3.76 57.16
CA GLU R 28 -11.64 -4.37 58.16
C GLU R 28 -10.54 -3.39 58.55
N THR R 29 -9.97 -2.68 57.58
CA THR R 29 -9.20 -1.48 57.85
C THR R 29 -10.16 -0.30 57.99
N GLY R 30 -9.65 0.86 58.37
CA GLY R 30 -10.52 2.00 58.55
C GLY R 30 -11.06 2.59 57.26
N LYS R 31 -10.86 1.91 56.13
CA LYS R 31 -11.13 2.51 54.83
C LYS R 31 -12.63 2.62 54.57
N ILE R 32 -13.01 3.68 53.87
CA ILE R 32 -14.41 3.92 53.50
C ILE R 32 -14.75 3.05 52.29
N LEU R 33 -15.73 2.16 52.46
CA LEU R 33 -16.04 1.17 51.43
C LEU R 33 -16.52 1.84 50.15
N PRO R 34 -16.25 1.24 48.99
CA PRO R 34 -16.70 1.83 47.72
C PRO R 34 -18.20 1.74 47.56
N ARG R 35 -18.72 2.45 46.56
CA ARG R 35 -20.16 2.38 46.31
C ARG R 35 -20.60 0.95 45.98
N ARG R 36 -19.71 0.16 45.40
CA ARG R 36 -20.05 -1.24 45.09
C ARG R 36 -20.50 -1.97 46.34
N ARG R 37 -19.96 -1.59 47.49
CA ARG R 37 -20.21 -2.28 48.74
C ARG R 37 -21.12 -1.53 49.70
N THR R 38 -21.34 -0.24 49.49
CA THR R 38 -22.22 0.53 50.35
C THR R 38 -23.61 0.71 49.76
N GLY R 39 -23.80 0.38 48.48
CA GLY R 39 -25.09 0.50 47.82
C GLY R 39 -25.59 1.94 47.72
N LEU R 40 -24.75 2.88 48.11
CA LEU R 40 -25.18 4.26 48.15
C LEU R 40 -25.21 4.87 46.75
N SER R 41 -25.94 5.97 46.62
CA SER R 41 -26.00 6.71 45.38
C SER R 41 -24.73 7.56 45.23
N ALA R 42 -24.68 8.30 44.12
CA ALA R 42 -23.56 9.22 43.90
C ALA R 42 -23.54 10.29 44.97
N LYS R 43 -24.71 10.88 45.25
CA LYS R 43 -24.80 11.99 46.20
C LYS R 43 -24.68 11.51 47.64
N GLU R 44 -25.33 10.39 47.95
CA GLU R 44 -25.24 9.84 49.30
C GLU R 44 -23.80 9.52 49.68
N GLN R 45 -23.03 9.01 48.73
CA GLN R 45 -21.65 8.63 49.04
C GLN R 45 -20.81 9.85 49.37
N ARG R 46 -21.05 10.96 48.68
CA ARG R 46 -20.33 12.20 48.95
C ARG R 46 -20.58 12.69 50.37
N ILE R 47 -21.80 12.48 50.86
CA ILE R 47 -22.15 12.91 52.21
C ILE R 47 -21.56 11.99 53.26
N LEU R 48 -21.61 10.68 53.00
CA LEU R 48 -21.01 9.71 53.91
C LEU R 48 -19.52 9.98 54.10
N ALA R 49 -18.79 10.15 52.99
CA ALA R 49 -17.37 10.44 53.06
C ALA R 49 -17.11 11.59 54.01
N LYS R 50 -17.90 12.66 53.90
CA LYS R 50 -17.64 13.83 54.71
C LYS R 50 -18.02 13.59 56.17
N THR R 51 -19.10 12.86 56.42
CA THR R 51 -19.49 12.63 57.80
C THR R 51 -18.51 11.68 58.50
N ILE R 52 -18.04 10.65 57.79
CA ILE R 52 -17.07 9.73 58.37
C ILE R 52 -15.80 10.47 58.74
N LYS R 53 -15.31 11.31 57.83
CA LYS R 53 -14.12 12.10 58.12
C LYS R 53 -14.33 13.01 59.32
N ARG R 54 -15.55 13.50 59.53
CA ARG R 54 -15.85 14.28 60.72
C ARG R 54 -15.73 13.41 61.97
N ALA R 55 -16.34 12.23 61.94
CA ALA R 55 -16.29 11.32 63.09
C ALA R 55 -14.86 10.90 63.40
N ARG R 56 -14.01 10.78 62.36
CA ARG R 56 -12.62 10.43 62.58
C ARG R 56 -11.88 11.49 63.38
N ILE R 57 -12.26 12.76 63.24
CA ILE R 57 -11.59 13.81 63.99
C ILE R 57 -12.10 13.89 65.43
N LEU R 58 -13.38 13.55 65.66
CA LEU R 58 -13.88 13.44 67.02
C LEU R 58 -13.33 12.22 67.75
N GLY R 59 -12.56 11.36 67.08
CA GLY R 59 -12.02 10.19 67.71
C GLY R 59 -12.93 8.99 67.74
N LEU R 60 -14.02 9.02 66.99
CA LEU R 60 -15.01 7.94 67.06
C LEU R 60 -14.81 6.90 65.98
N LEU R 61 -14.36 7.31 64.80
CA LEU R 61 -14.05 6.34 63.77
C LEU R 61 -12.54 6.26 63.56
N PRO R 62 -12.00 5.08 63.29
CA PRO R 62 -10.56 4.94 63.10
C PRO R 62 -10.11 5.44 61.74
N PHE R 63 -8.93 6.08 61.72
CA PHE R 63 -8.32 6.49 60.46
C PHE R 63 -7.86 5.28 59.65
N THR R 64 -7.19 4.34 60.32
CA THR R 64 -6.72 3.11 59.69
C THR R 64 -6.60 2.04 60.77
N GLU R 65 -6.65 0.78 60.33
CA GLU R 65 -6.58 -0.36 61.23
C GLU R 65 -5.54 -1.36 60.73
N LYS R 66 -5.41 -2.45 61.48
CA LYS R 66 -4.47 -3.52 61.17
C LYS R 66 -5.27 -4.74 60.75
N LEU R 67 -4.81 -5.41 59.70
CA LEU R 67 -5.49 -6.59 59.16
C LEU R 67 -5.02 -7.84 59.89
N VAL R 68 -5.96 -8.62 60.43
CA VAL R 68 -5.64 -9.83 61.18
C VAL R 68 -5.92 -11.03 60.28
N ARG R 69 -4.92 -11.37 59.46
CA ARG R 69 -4.98 -12.50 58.54
C ARG R 69 -3.62 -12.64 57.85
N LYS R 70 -3.52 -13.54 56.87
CA LYS R 70 -2.39 -13.67 55.93
C LYS R 70 -1.29 -14.57 56.49
N PRO S 1 61.71 -48.97 -5.38
CA PRO S 1 60.49 -49.44 -6.04
C PRO S 1 60.28 -48.80 -7.41
N ARG S 2 60.97 -49.31 -8.44
CA ARG S 2 60.83 -48.84 -9.81
C ARG S 2 60.94 -50.05 -10.74
N SER S 3 60.09 -50.10 -11.77
CA SER S 3 59.89 -51.37 -12.47
C SER S 3 59.58 -51.19 -13.96
N LEU S 4 60.42 -51.79 -14.80
CA LEU S 4 60.16 -51.95 -16.22
C LEU S 4 60.15 -53.42 -16.66
N LYS S 5 60.70 -54.32 -15.84
CA LYS S 5 60.60 -55.78 -15.85
C LYS S 5 61.34 -56.54 -16.94
N LYS S 6 61.60 -55.88 -18.08
CA LYS S 6 62.34 -56.47 -19.20
C LYS S 6 62.31 -55.51 -20.39
N GLY S 7 63.26 -55.64 -21.29
CA GLY S 7 63.36 -54.69 -22.39
C GLY S 7 63.34 -53.27 -21.89
N VAL S 8 64.30 -52.93 -21.03
CA VAL S 8 64.37 -51.62 -20.37
C VAL S 8 64.26 -50.51 -21.41
N PHE S 9 63.24 -49.68 -21.27
CA PHE S 9 62.82 -48.83 -22.37
C PHE S 9 63.76 -47.65 -22.58
N VAL S 10 64.17 -47.45 -23.83
CA VAL S 10 64.92 -46.28 -24.28
C VAL S 10 64.41 -45.90 -25.67
N ASP S 11 64.18 -44.59 -25.87
CA ASP S 11 63.66 -44.11 -27.16
C ASP S 11 64.66 -44.37 -28.27
N ASP S 12 64.13 -44.59 -29.48
CA ASP S 12 64.95 -44.77 -30.66
C ASP S 12 65.53 -43.47 -31.18
N HIS S 13 65.10 -42.32 -30.66
CA HIS S 13 65.61 -41.04 -31.12
C HIS S 13 67.11 -40.94 -30.88
N LEU S 14 67.52 -41.00 -29.61
CA LEU S 14 68.93 -40.85 -29.26
C LEU S 14 69.69 -42.16 -29.31
N LEU S 15 69.01 -43.30 -29.23
CA LEU S 15 69.71 -44.58 -29.17
C LEU S 15 70.58 -44.79 -30.41
N GLU S 16 69.97 -44.72 -31.59
CA GLU S 16 70.75 -44.79 -32.83
C GLU S 16 71.67 -43.59 -32.97
N LYS S 17 71.35 -42.48 -32.31
CA LYS S 17 72.21 -41.30 -32.38
C LYS S 17 73.44 -41.46 -31.49
N VAL S 18 73.28 -42.00 -30.28
CA VAL S 18 74.40 -42.10 -29.37
C VAL S 18 75.38 -43.18 -29.81
N LEU S 19 74.87 -44.33 -30.28
CA LEU S 19 75.77 -45.43 -30.64
C LEU S 19 76.56 -45.10 -31.89
N GLU S 20 76.03 -44.23 -32.74
CA GLU S 20 76.80 -43.78 -33.90
C GLU S 20 77.84 -42.74 -33.52
N LEU S 21 77.58 -41.95 -32.47
CA LEU S 21 78.58 -40.99 -32.00
C LEU S 21 79.79 -41.70 -31.40
N ASN S 22 79.61 -42.91 -30.89
CA ASN S 22 80.73 -43.65 -30.30
C ASN S 22 81.72 -44.08 -31.37
N ALA S 23 81.23 -44.50 -32.54
CA ALA S 23 82.10 -44.90 -33.63
C ALA S 23 82.98 -43.74 -34.12
N LYS S 24 82.57 -42.51 -33.87
CA LYS S 24 83.32 -41.33 -34.27
C LYS S 24 83.96 -40.60 -33.10
N GLY S 25 83.93 -41.18 -31.91
CA GLY S 25 84.47 -40.52 -30.75
C GLY S 25 83.47 -39.56 -30.09
N GLU S 26 83.73 -39.25 -28.82
CA GLU S 26 82.81 -38.47 -28.01
C GLU S 26 82.50 -37.13 -28.66
N LYS S 27 81.22 -36.83 -28.80
CA LYS S 27 80.77 -35.59 -29.40
C LYS S 27 80.38 -34.59 -28.31
N ARG S 28 79.98 -33.40 -28.75
CA ARG S 28 79.61 -32.31 -27.87
C ARG S 28 78.13 -32.44 -27.50
N LEU S 29 77.53 -31.36 -26.97
CA LEU S 29 76.18 -31.40 -26.45
C LEU S 29 75.21 -31.97 -27.48
N ILE S 30 74.12 -32.55 -26.98
CA ILE S 30 73.12 -33.23 -27.80
C ILE S 30 71.73 -32.73 -27.40
N LYS S 31 70.86 -32.55 -28.40
CA LYS S 31 69.49 -32.09 -28.19
C LYS S 31 68.59 -33.29 -27.90
N THR S 32 67.83 -33.21 -26.82
CA THR S 32 66.95 -34.32 -26.44
C THR S 32 65.66 -33.78 -25.86
N TRP S 33 64.54 -34.18 -26.44
CA TRP S 33 63.23 -33.94 -25.86
C TRP S 33 62.64 -35.20 -25.25
N SER S 34 63.29 -36.33 -25.41
CA SER S 34 62.79 -37.61 -24.89
C SER S 34 63.48 -37.90 -23.57
N ARG S 35 62.84 -37.49 -22.48
CA ARG S 35 63.21 -37.94 -21.15
C ARG S 35 62.49 -39.22 -20.77
N ARG S 36 61.61 -39.71 -21.65
CA ARG S 36 60.98 -41.01 -21.43
C ARG S 36 62.02 -42.10 -21.20
N SER S 37 63.17 -41.99 -21.87
CA SER S 37 64.13 -43.07 -21.95
C SER S 37 64.97 -43.19 -20.68
N THR S 38 65.47 -44.40 -20.43
CA THR S 38 66.38 -44.67 -19.33
C THR S 38 67.79 -44.27 -19.75
N ILE S 39 68.79 -44.64 -18.95
CA ILE S 39 70.19 -44.44 -19.29
C ILE S 39 70.87 -45.79 -19.37
N VAL S 40 71.68 -45.98 -20.40
CA VAL S 40 72.35 -47.25 -20.64
C VAL S 40 73.87 -46.99 -20.52
N PRO S 41 74.65 -48.04 -20.29
CA PRO S 41 76.10 -47.83 -20.07
C PRO S 41 76.79 -47.02 -21.14
N GLU S 42 76.38 -47.15 -22.40
CA GLU S 42 77.10 -46.53 -23.52
C GLU S 42 76.87 -45.04 -23.63
N MET S 43 76.20 -44.42 -22.66
CA MET S 43 76.07 -42.97 -22.63
C MET S 43 77.13 -42.30 -21.77
N VAL S 44 77.78 -43.06 -20.88
CA VAL S 44 78.68 -42.46 -19.89
C VAL S 44 79.80 -41.72 -20.58
N GLY S 45 80.03 -40.47 -20.15
CA GLY S 45 81.06 -39.63 -20.69
C GLY S 45 80.57 -38.58 -21.66
N HIS S 46 79.35 -38.71 -22.16
CA HIS S 46 78.79 -37.75 -23.10
C HIS S 46 78.26 -36.54 -22.35
N THR S 47 77.58 -35.65 -23.08
CA THR S 47 76.79 -34.57 -22.51
C THR S 47 75.50 -34.48 -23.31
N ILE S 48 74.38 -34.30 -22.60
CA ILE S 48 73.06 -34.32 -23.23
C ILE S 48 72.21 -33.18 -22.67
N ALA S 49 71.65 -32.37 -23.56
CA ALA S 49 70.78 -31.27 -23.15
C ALA S 49 69.35 -31.78 -23.12
N VAL S 50 68.84 -32.01 -21.92
CA VAL S 50 67.45 -32.42 -21.73
C VAL S 50 66.59 -31.16 -21.63
N TYR S 51 65.31 -31.30 -21.98
CA TYR S 51 64.40 -30.18 -21.99
C TYR S 51 63.62 -30.12 -20.68
N ASN S 52 63.41 -28.90 -20.18
CA ASN S 52 62.58 -28.67 -19.00
C ASN S 52 61.11 -28.47 -19.35
N GLY S 53 60.78 -28.39 -20.62
CA GLY S 53 59.61 -27.68 -21.07
C GLY S 53 59.88 -26.24 -21.42
N LYS S 54 60.96 -25.65 -20.88
CA LYS S 54 61.39 -24.30 -21.21
C LYS S 54 62.77 -24.26 -21.83
N GLN S 55 63.75 -24.91 -21.20
CA GLN S 55 65.15 -24.75 -21.54
C GLN S 55 65.80 -26.11 -21.77
N HIS S 56 66.99 -26.07 -22.39
CA HIS S 56 67.82 -27.25 -22.58
C HIS S 56 69.00 -27.18 -21.61
N VAL S 57 69.12 -28.17 -20.75
CA VAL S 57 70.09 -28.15 -19.66
C VAL S 57 71.15 -29.23 -19.92
N PRO S 58 72.41 -28.86 -20.11
CA PRO S 58 73.45 -29.86 -20.31
C PRO S 58 73.56 -30.77 -19.09
N VAL S 59 73.69 -32.07 -19.35
CA VAL S 59 73.82 -33.07 -18.28
C VAL S 59 75.05 -33.92 -18.58
N TYR S 60 76.08 -33.77 -17.75
CA TYR S 60 77.19 -34.70 -17.79
C TYR S 60 76.71 -36.06 -17.28
N ILE S 61 76.95 -37.10 -18.05
CA ILE S 61 76.50 -38.44 -17.71
C ILE S 61 77.68 -39.24 -17.21
N THR S 62 77.54 -39.81 -16.00
CA THR S 62 78.63 -40.48 -15.28
C THR S 62 78.25 -41.93 -14.98
N GLU S 63 79.22 -42.67 -14.45
CA GLU S 63 79.05 -44.07 -14.13
C GLU S 63 77.91 -44.30 -13.13
N ASN S 64 77.90 -43.51 -12.05
CA ASN S 64 76.97 -43.75 -10.95
C ASN S 64 75.51 -43.55 -11.35
N MET S 65 75.24 -42.86 -12.46
CA MET S 65 73.89 -42.49 -12.82
C MET S 65 73.33 -43.31 -13.99
N VAL S 66 73.84 -44.52 -14.20
CA VAL S 66 73.39 -45.33 -15.33
C VAL S 66 71.93 -45.74 -15.16
N GLY S 67 71.54 -46.16 -13.96
CA GLY S 67 70.25 -46.79 -13.78
C GLY S 67 69.03 -45.87 -13.94
N HIS S 68 69.23 -44.57 -14.06
CA HIS S 68 68.12 -43.64 -13.97
C HIS S 68 67.65 -43.20 -15.36
N LYS S 69 66.71 -42.24 -15.38
CA LYS S 69 66.15 -41.68 -16.59
C LYS S 69 66.65 -40.25 -16.79
N LEU S 70 66.75 -39.83 -18.04
CA LEU S 70 66.95 -38.42 -18.31
C LEU S 70 65.76 -37.64 -17.77
N GLY S 71 65.99 -36.39 -17.41
CA GLY S 71 64.98 -35.61 -16.74
C GLY S 71 64.97 -35.78 -15.24
N GLU S 72 65.49 -36.89 -14.73
CA GLU S 72 65.83 -36.94 -13.32
C GLU S 72 66.85 -35.86 -12.99
N PHE S 73 67.65 -35.46 -13.98
CA PHE S 73 68.67 -34.45 -13.82
C PHE S 73 68.28 -33.13 -14.46
N ALA S 74 67.10 -33.07 -15.08
CA ALA S 74 66.54 -31.85 -15.67
C ALA S 74 65.24 -31.54 -14.94
N PRO S 75 65.32 -30.94 -13.75
CA PRO S 75 64.10 -30.64 -12.99
C PRO S 75 63.25 -29.59 -13.70
N THR S 76 61.95 -29.64 -13.40
CA THR S 76 60.94 -28.82 -14.07
C THR S 76 60.55 -27.58 -13.28
N ARG S 77 60.12 -27.76 -12.04
CA ARG S 77 59.67 -26.66 -11.20
C ARG S 77 60.79 -25.65 -10.97
N THR S 78 60.41 -24.43 -10.61
CA THR S 78 61.34 -23.39 -10.17
C THR S 78 60.84 -22.89 -8.81
N TYR S 79 61.58 -23.17 -7.74
CA TYR S 79 61.20 -22.65 -6.43
C TYR S 79 62.39 -21.96 -5.75
N ARG S 80 62.16 -20.71 -5.34
CA ARG S 80 63.03 -19.95 -4.43
C ARG S 80 64.49 -20.00 -4.80
N ARG T 1 24.55 83.35 -32.96
CA ARG T 1 24.56 84.27 -31.82
C ARG T 1 23.99 85.64 -32.19
N ASN T 2 23.81 86.49 -31.18
CA ASN T 2 23.38 87.88 -31.35
C ASN T 2 22.02 87.96 -32.05
N LEU T 3 21.01 87.44 -31.35
CA LEU T 3 19.63 87.64 -31.77
C LEU T 3 19.19 89.02 -31.33
N SER T 4 18.46 89.72 -32.20
CA SER T 4 18.09 91.10 -31.93
C SER T 4 16.75 91.23 -31.22
N ALA T 5 16.27 90.17 -30.56
CA ALA T 5 15.34 90.34 -29.45
C ALA T 5 15.99 91.00 -28.24
N LEU T 6 17.29 91.31 -28.32
CA LEU T 6 17.93 92.18 -27.35
C LEU T 6 17.28 93.56 -27.32
N LYS T 7 16.80 94.03 -28.47
CA LYS T 7 16.04 95.26 -28.52
C LYS T 7 14.88 95.25 -27.54
N ARG T 8 14.22 94.10 -27.39
CA ARG T 8 13.12 93.97 -26.44
C ARG T 8 13.60 94.21 -25.01
N HIS T 9 14.75 93.65 -24.65
CA HIS T 9 15.28 93.90 -23.32
C HIS T 9 15.65 95.35 -23.14
N ARG T 10 16.16 95.99 -24.19
CA ARG T 10 16.46 97.41 -24.12
C ARG T 10 15.22 98.20 -23.72
N GLN T 11 14.15 98.05 -24.50
CA GLN T 11 12.91 98.76 -24.21
C GLN T 11 12.36 98.40 -22.85
N SER T 12 12.54 97.14 -22.42
CA SER T 12 12.10 96.69 -21.11
C SER T 12 12.57 97.66 -20.03
N LEU T 13 13.85 98.04 -20.09
CA LEU T 13 14.44 98.86 -19.05
C LEU T 13 13.95 100.29 -19.11
N LYS T 14 13.63 100.80 -20.31
CA LYS T 14 13.00 102.10 -20.40
C LYS T 14 11.65 102.10 -19.72
N ARG T 15 10.80 101.13 -20.06
CA ARG T 15 9.48 101.05 -19.44
C ARG T 15 9.59 100.84 -17.93
N ARG T 16 10.59 100.07 -17.50
CA ARG T 16 10.86 99.92 -16.08
C ARG T 16 10.92 101.29 -15.40
N LEU T 17 11.65 102.23 -16.00
CA LEU T 17 11.83 103.54 -15.38
C LEU T 17 10.55 104.35 -15.42
N ARG T 18 9.78 104.25 -16.50
CA ARG T 18 8.54 105.02 -16.57
C ARG T 18 7.57 104.55 -15.49
N ASN T 19 7.23 103.25 -15.50
CA ASN T 19 6.32 102.70 -14.52
C ASN T 19 6.79 102.97 -13.09
N LYS T 20 8.04 102.61 -12.81
CA LYS T 20 8.63 102.81 -11.48
C LYS T 20 8.36 104.22 -10.95
N ALA T 21 8.62 105.22 -11.79
CA ALA T 21 8.53 106.60 -11.33
C ALA T 21 7.08 107.03 -11.12
N LYS T 22 6.18 106.67 -12.05
CA LYS T 22 4.77 107.01 -11.89
C LYS T 22 4.25 106.53 -10.54
N LYS T 23 4.54 105.27 -10.21
CA LYS T 23 4.06 104.70 -8.94
C LYS T 23 4.68 105.40 -7.75
N SER T 24 5.95 105.80 -7.84
CA SER T 24 6.57 106.51 -6.73
C SER T 24 5.77 107.74 -6.36
N ALA T 25 5.30 108.48 -7.37
CA ALA T 25 4.51 109.68 -7.12
C ALA T 25 3.14 109.34 -6.54
N ILE T 26 2.51 108.28 -7.04
CA ILE T 26 1.24 107.81 -6.45
C ILE T 26 1.42 107.62 -4.94
N LYS T 27 2.40 106.81 -4.55
CA LYS T 27 2.59 106.51 -3.14
C LYS T 27 2.91 107.76 -2.35
N THR T 28 3.73 108.66 -2.90
CA THR T 28 4.18 109.82 -2.14
C THR T 28 3.04 110.80 -1.91
N LEU T 29 2.08 110.89 -2.84
CA LEU T 29 0.96 111.81 -2.65
C LEU T 29 -0.13 111.20 -1.78
N SER T 30 -0.36 109.89 -1.89
CA SER T 30 -1.36 109.25 -1.06
C SER T 30 -1.00 109.38 0.41
N LYS T 31 0.24 109.07 0.75
CA LYS T 31 0.68 109.20 2.13
C LYS T 31 0.60 110.64 2.60
N LYS T 32 0.95 111.58 1.72
CA LYS T 32 0.83 113.00 2.06
C LYS T 32 -0.61 113.36 2.38
N ALA T 33 -1.55 112.86 1.57
CA ALA T 33 -2.96 113.19 1.78
C ALA T 33 -3.49 112.56 3.06
N ILE T 34 -3.19 111.29 3.29
CA ILE T 34 -3.66 110.62 4.50
C ILE T 34 -3.09 111.31 5.73
N GLN T 35 -1.85 111.77 5.66
CA GLN T 35 -1.25 112.50 6.77
C GLN T 35 -2.09 113.70 7.15
N LEU T 36 -2.51 114.50 6.16
CA LEU T 36 -3.27 115.71 6.46
C LEU T 36 -4.65 115.37 7.01
N ALA T 37 -5.26 114.29 6.54
CA ALA T 37 -6.52 113.83 7.10
C ALA T 37 -6.36 113.46 8.56
N GLN T 38 -5.32 112.69 8.88
CA GLN T 38 -5.03 112.33 10.26
C GLN T 38 -4.77 113.56 11.11
N GLU T 39 -4.27 114.64 10.50
CA GLU T 39 -3.98 115.88 11.20
C GLU T 39 -5.14 116.88 11.14
N GLY T 40 -6.32 116.45 10.69
CA GLY T 40 -7.52 117.28 10.72
C GLY T 40 -7.66 118.30 9.61
N LYS T 41 -6.58 118.63 8.89
CA LYS T 41 -6.60 119.68 7.87
C LYS T 41 -7.42 119.20 6.67
N ALA T 42 -8.67 119.65 6.57
CA ALA T 42 -9.61 119.06 5.63
C ALA T 42 -9.41 119.58 4.21
N GLU T 43 -9.24 120.89 4.05
CA GLU T 43 -9.10 121.43 2.70
C GLU T 43 -7.87 120.85 2.02
N GLU T 44 -6.72 120.93 2.68
CA GLU T 44 -5.46 120.56 2.04
C GLU T 44 -5.45 119.08 1.68
N ALA T 45 -6.03 118.24 2.54
CA ALA T 45 -6.06 116.81 2.25
C ALA T 45 -6.87 116.52 0.99
N LEU T 46 -7.99 117.20 0.82
CA LEU T 46 -8.80 116.98 -0.38
C LEU T 46 -8.08 117.44 -1.63
N LYS T 47 -7.57 118.68 -1.62
CA LYS T 47 -6.83 119.21 -2.76
C LYS T 47 -5.73 118.26 -3.21
N ILE T 48 -5.08 117.58 -2.27
CA ILE T 48 -4.05 116.61 -2.61
C ILE T 48 -4.67 115.31 -3.10
N MET T 49 -5.67 114.81 -2.38
CA MET T 49 -6.30 113.54 -2.74
C MET T 49 -6.80 113.57 -4.19
N ARG T 50 -7.27 114.72 -4.66
CA ARG T 50 -7.66 114.84 -6.06
C ARG T 50 -6.50 114.53 -7.00
N LYS T 51 -5.33 115.13 -6.74
CA LYS T 51 -4.17 114.86 -7.59
C LYS T 51 -3.78 113.39 -7.55
N ALA T 52 -3.86 112.78 -6.36
CA ALA T 52 -3.57 111.36 -6.24
C ALA T 52 -4.50 110.54 -7.14
N GLU T 53 -5.80 110.83 -7.07
CA GLU T 53 -6.77 110.18 -7.94
C GLU T 53 -6.40 110.38 -9.40
N SER T 54 -6.17 111.63 -9.80
CA SER T 54 -5.81 111.94 -11.18
C SER T 54 -4.55 111.18 -11.58
N LEU T 55 -3.55 111.19 -10.70
CA LEU T 55 -2.33 110.44 -10.98
C LEU T 55 -2.61 108.96 -11.12
N ILE T 56 -3.53 108.43 -10.31
CA ILE T 56 -3.85 107.00 -10.38
C ILE T 56 -4.52 106.68 -11.71
N ASP T 57 -5.62 107.35 -12.00
CA ASP T 57 -6.35 107.06 -13.24
C ASP T 57 -5.50 107.32 -14.47
N LYS T 58 -4.50 108.21 -14.36
CA LYS T 58 -3.60 108.44 -15.47
C LYS T 58 -2.63 107.28 -15.65
N ALA T 59 -2.20 106.66 -14.55
CA ALA T 59 -1.32 105.50 -14.68
C ALA T 59 -2.03 104.31 -15.28
N ALA T 60 -3.35 104.23 -15.11
CA ALA T 60 -4.16 103.18 -15.73
C ALA T 60 -4.28 103.37 -17.24
N LYS T 61 -4.09 104.59 -17.74
CA LYS T 61 -4.15 104.83 -19.17
C LYS T 61 -3.08 104.03 -19.91
N GLY T 62 -1.88 103.99 -19.36
CA GLY T 62 -0.81 103.17 -19.90
C GLY T 62 -0.86 101.76 -19.34
N SER T 63 0.28 101.07 -19.46
CA SER T 63 0.37 99.69 -19.01
C SER T 63 0.88 99.56 -17.59
N THR T 64 0.81 100.62 -16.79
CA THR T 64 1.30 100.59 -15.41
C THR T 64 0.28 99.93 -14.48
N LEU T 65 -0.92 100.49 -14.38
CA LEU T 65 -1.95 100.03 -13.46
C LEU T 65 -3.17 99.43 -14.15
N HIS T 66 -3.08 99.14 -15.45
CA HIS T 66 -4.21 99.13 -16.38
C HIS T 66 -5.53 98.65 -15.79
N LYS T 67 -5.48 97.66 -14.89
CA LYS T 67 -6.69 97.00 -14.46
C LYS T 67 -7.49 97.78 -13.42
N ASN T 68 -8.37 97.05 -12.75
CA ASN T 68 -8.99 97.49 -11.50
C ASN T 68 -7.95 97.84 -10.44
N ALA T 69 -6.67 97.59 -10.73
CA ALA T 69 -5.62 98.01 -9.81
C ALA T 69 -5.74 99.50 -9.49
N ALA T 70 -6.17 100.28 -10.47
CA ALA T 70 -6.37 101.70 -10.23
C ALA T 70 -7.48 101.94 -9.23
N ALA T 71 -8.58 101.20 -9.36
CA ALA T 71 -9.73 101.40 -8.49
C ALA T 71 -9.42 101.02 -7.05
N ARG T 72 -8.63 99.97 -6.84
CA ARG T 72 -8.21 99.59 -5.50
C ARG T 72 -7.63 100.78 -4.76
N ARG T 73 -6.59 101.39 -5.33
CA ARG T 73 -5.91 102.51 -4.67
C ARG T 73 -6.86 103.69 -4.47
N LYS T 74 -7.60 104.05 -5.52
CA LYS T 74 -8.59 105.09 -5.39
C LYS T 74 -9.60 104.77 -4.29
N SER T 75 -10.12 103.54 -4.30
CA SER T 75 -11.07 103.16 -3.25
C SER T 75 -10.43 103.26 -1.87
N ARG T 76 -9.27 102.62 -1.69
CA ARG T 76 -8.62 102.63 -0.39
C ARG T 76 -8.25 104.05 0.04
N LEU T 77 -7.88 104.90 -0.92
CA LEU T 77 -7.51 106.27 -0.57
C LEU T 77 -8.71 107.05 -0.05
N MET T 78 -9.77 107.15 -0.84
CA MET T 78 -10.93 107.93 -0.44
C MET T 78 -11.53 107.41 0.87
N ARG T 79 -11.50 106.10 1.07
CA ARG T 79 -11.97 105.54 2.32
C ARG T 79 -11.17 106.09 3.50
N LYS T 80 -9.85 105.97 3.45
CA LYS T 80 -9.03 106.38 4.59
C LYS T 80 -9.17 107.87 4.86
N VAL T 81 -9.30 108.69 3.82
CA VAL T 81 -9.39 110.13 4.05
C VAL T 81 -10.66 110.47 4.78
N ARG T 82 -11.81 110.03 4.25
CA ARG T 82 -13.07 110.36 4.88
C ARG T 82 -13.13 109.86 6.33
N GLN T 83 -12.57 108.66 6.59
CA GLN T 83 -12.54 108.15 7.96
C GLN T 83 -11.61 108.98 8.83
N LEU T 84 -10.36 109.17 8.40
CA LEU T 84 -9.44 110.03 9.14
C LEU T 84 -10.00 111.42 9.30
N LEU T 85 -10.79 111.87 8.32
CA LEU T 85 -11.50 113.13 8.49
C LEU T 85 -12.68 113.00 9.46
N GLU T 86 -12.87 111.85 10.12
CA GLU T 86 -13.83 111.76 11.22
C GLU T 86 -13.10 111.97 12.53
N ALA T 87 -12.54 113.17 12.64
CA ALA T 87 -12.01 113.68 13.90
C ALA T 87 -12.06 115.20 13.74
N ALA T 88 -13.11 115.83 14.29
CA ALA T 88 -13.49 117.20 13.94
C ALA T 88 -13.64 117.32 12.42
N GLY T 89 -14.66 116.62 11.91
CA GLY T 89 -14.81 116.38 10.48
C GLY T 89 -14.72 117.57 9.55
N ALA T 90 -15.77 118.40 9.52
CA ALA T 90 -15.88 119.61 8.72
C ALA T 90 -15.18 119.49 7.37
N PRO T 91 -15.68 118.63 6.44
CA PRO T 91 -14.99 118.42 5.17
C PRO T 91 -15.11 119.62 4.24
N LEU T 92 -14.20 120.58 4.41
CA LEU T 92 -14.27 121.91 3.78
C LEU T 92 -14.35 121.87 2.27
N ILE T 93 -13.31 121.38 1.59
CA ILE T 93 -13.28 121.45 0.13
C ILE T 93 -14.44 120.66 -0.46
N GLY T 94 -14.67 119.46 0.05
CA GLY T 94 -15.75 118.62 -0.43
C GLY T 94 -15.66 118.30 -1.90
N GLY T 95 -14.59 118.74 -2.55
CA GLY T 95 -14.37 118.50 -3.95
C GLY T 95 -14.42 117.03 -4.29
N GLY T 96 -13.52 116.23 -3.72
CA GLY T 96 -13.39 114.85 -4.15
C GLY T 96 -14.56 113.96 -3.75
N LEU T 97 -15.03 114.10 -2.51
CA LEU T 97 -15.97 113.14 -1.98
C LEU T 97 -17.41 113.56 -2.28
N SER T 98 -18.35 112.67 -1.97
CA SER T 98 -19.75 112.86 -2.28
C SER T 98 -20.50 113.40 -1.08
N ALA T 99 -21.52 114.21 -1.36
CA ALA T 99 -22.34 114.86 -0.33
C ALA T 99 -22.80 113.89 0.77
N GLY U 1 45.50 -51.51 12.00
CA GLY U 1 44.12 -51.49 11.56
C GLY U 1 43.98 -51.65 10.05
N LYS U 2 43.05 -50.89 9.47
CA LYS U 2 42.85 -50.92 8.03
C LYS U 2 43.95 -50.23 7.26
N GLY U 3 44.88 -49.57 7.96
CA GLY U 3 45.97 -48.88 7.29
C GLY U 3 47.18 -49.75 7.05
N ASP U 4 47.41 -50.73 7.91
CA ASP U 4 48.53 -51.65 7.74
C ASP U 4 48.23 -52.56 6.57
N ARG U 5 48.98 -52.41 5.48
CA ARG U 5 48.70 -53.21 4.29
C ARG U 5 49.14 -54.65 4.47
N ARG U 6 50.18 -54.90 5.26
CA ARG U 6 50.64 -56.26 5.51
C ARG U 6 49.91 -56.91 6.67
N THR U 7 48.73 -56.42 7.03
CA THR U 7 47.77 -57.15 7.85
C THR U 7 46.64 -57.63 6.95
N ARG U 8 45.90 -58.64 7.41
CA ARG U 8 44.81 -59.16 6.58
C ARG U 8 43.72 -58.11 6.38
N ARG U 9 43.28 -57.47 7.45
CA ARG U 9 42.19 -56.50 7.31
C ARG U 9 42.60 -55.32 6.44
N GLY U 10 43.85 -54.91 6.54
CA GLY U 10 44.35 -53.88 5.64
C GLY U 10 44.46 -54.34 4.21
N LYS U 11 44.42 -55.65 3.97
CA LYS U 11 44.39 -56.15 2.61
C LYS U 11 42.98 -56.11 2.05
N ILE U 12 41.99 -56.58 2.82
CA ILE U 12 40.61 -56.57 2.35
C ILE U 12 40.10 -55.15 2.22
N TRP U 13 40.66 -54.20 3.00
CA TRP U 13 40.24 -52.81 2.88
C TRP U 13 40.68 -52.20 1.57
N ARG U 14 41.83 -52.63 1.06
CA ARG U 14 42.30 -52.19 -0.25
C ARG U 14 41.78 -53.08 -1.38
N GLY U 15 41.15 -54.20 -1.07
CA GLY U 15 40.63 -55.09 -2.09
C GLY U 15 41.70 -55.84 -2.85
N THR U 16 42.88 -56.03 -2.26
CA THR U 16 44.01 -56.67 -2.92
C THR U 16 44.26 -58.05 -2.30
N TYR U 17 45.32 -58.70 -2.76
CA TYR U 17 45.72 -60.02 -2.27
C TYR U 17 47.24 -60.06 -2.14
N GLY U 18 47.74 -61.11 -1.49
CA GLY U 18 49.18 -61.28 -1.37
C GLY U 18 49.54 -62.33 -0.34
N LYS U 19 50.72 -62.15 0.26
CA LYS U 19 51.17 -63.08 1.28
C LYS U 19 50.33 -62.95 2.54
N TYR U 20 49.97 -61.73 2.92
CA TYR U 20 49.22 -61.51 4.14
C TYR U 20 47.72 -61.65 3.95
N ARG U 21 47.27 -62.02 2.76
CA ARG U 21 45.89 -62.41 2.49
C ARG U 21 45.83 -63.20 1.19
N PRO U 22 45.96 -64.53 1.25
CA PRO U 22 45.88 -65.32 0.01
C PRO U 22 44.46 -65.40 -0.54
N ARG U 23 44.31 -66.05 -1.69
CA ARG U 23 42.99 -66.27 -2.28
C ARG U 23 42.41 -67.63 -1.86
N LYS U 24 43.14 -68.71 -2.12
CA LYS U 24 42.74 -70.02 -1.59
C LYS U 24 43.90 -71.01 -1.68
MG MG X . -0.98 97.28 -53.22
MG MG Y . -0.59 80.05 -45.57
MG MG Z . -38.52 51.28 20.94
MG MG AA . -44.95 38.74 31.93
MG MG BA . -22.21 30.85 46.46
MG MG CA . 10.51 60.31 -10.63
MG MG DA . 15.66 59.48 -21.56
MG MG EA . -45.53 46.95 29.89
MG MG FA . 20.82 10.81 42.13
MG MG GA . 15.31 5.31 32.73
MG MG HA . 14.18 5.98 23.19
MG MG IA . 8.70 14.70 32.79
MG MG JA . -12.37 48.21 -50.94
MG MG KA . 5.74 60.88 -0.13
MG MG LA . 22.30 -30.40 21.34
MG MG MA . -6.75 26.80 0.13
MG MG NA . -14.39 34.97 -0.84
MG MG OA . -13.69 20.31 -0.42
MG MG PA . 1.52 31.99 -3.31
MG MG QA . 6.89 28.73 39.96
MG MG RA . 13.92 26.43 -61.35
MG MG SA . 6.26 20.13 -60.10
MG MG TA . 2.88 32.42 35.30
MG MG UA . 20.69 17.26 55.27
MG MG VA . 12.91 32.63 44.99
MG MG WA . -4.79 22.20 -6.08
MG MG XA . 4.90 38.65 -44.33
MG MG YA . 23.39 40.06 -41.62
MG MG ZA . -9.99 44.39 -24.36
MG MG AB . 0.02 21.27 -8.81
MG MG BB . 4.36 61.80 -21.77
MG MG CB . -6.67 35.50 -10.20
MG MG DB . 11.39 37.26 -32.53
MG MG EB . -34.06 45.76 11.79
MG MG FB . -33.86 59.61 -2.42
MG MG GB . -1.52 22.49 12.15
MG MG HB . -17.58 39.17 26.02
MG MG IB . -1.32 54.04 -13.03
MG MG JB . -20.94 49.25 21.16
MG MG KB . -8.18 27.76 22.64
MG MG LB . 11.41 31.50 21.27
MG MG MB . -26.32 59.30 -18.44
MG MG NB . -27.42 16.46 27.28
MG MG OB . -12.59 60.17 12.73
MG MG PB . -10.22 68.51 -9.47
MG MG QB . -5.26 20.20 32.09
MG MG RB . -27.34 50.81 13.92
MG MG SB . 19.26 19.87 -27.58
MG MG TB . 9.39 53.34 -43.88
MG MG UB . -23.84 8.69 5.93
MG MG VB . -11.31 4.39 3.41
MG MG WB . -13.06 -9.67 -6.69
MG MG XB . 9.79 8.14 -7.25
MG MG YB . 18.94 5.00 19.11
MG MG ZB . 2.96 16.88 12.19
MG MG AC . -8.22 -26.48 -0.57
MG MG BC . -23.95 -18.16 3.89
MG MG CC . 1.31 -0.30 7.43
MG MG DC . 1.64 -34.53 -4.86
MG MG EC . -17.08 1.42 -7.11
MG MG FC . 15.58 43.27 20.08
MG MG GC . -8.39 42.11 24.32
MG MG HC . 8.93 61.46 -31.20
MG MG IC . 19.01 75.77 -26.69
MG MG JC . 15.02 98.60 -39.99
MG MG KC . 8.07 64.60 -40.26
MG MG LC . 21.74 1.57 -20.93
MG MG MC . 4.68 12.56 -28.93
MG MG NC . 10.70 30.96 1.03
MG MG OC . 25.11 2.36 -29.41
MG MG PC . 20.26 14.48 -30.93
MG MG QC . 16.29 47.96 29.72
MG MG RC . -9.18 115.64 -18.86
MG MG SC . -15.65 83.89 -20.75
MG MG TC . 16.87 2.19 1.18
MG MG UC . -23.75 110.26 -18.43
MG MG VC . 13.92 20.50 62.10
MG MG WC . 33.03 1.81 61.53
MG MG XC . 17.87 11.43 48.08
MG MG YC . 19.03 5.01 70.33
MG MG ZC . 16.94 103.14 -4.30
MG MG AD . 1.85 81.82 -52.68
MG MG BD . 4.39 44.93 -68.36
MG MG CD . 30.19 52.14 -25.32
MG MG DD . -14.76 84.71 -56.43
MG MG ED . -15.65 56.95 -35.51
MG MG FD . 9.94 96.32 5.68
MG MG GD . 18.19 48.01 -48.16
MG MG HD . 5.01 74.39 -25.22
MG MG ID . -1.59 69.50 -58.21
MG MG JD . 2.29 94.44 -14.92
MG MG KD . 0.20 106.66 -26.94
MG MG LD . -9.98 32.94 -15.59
MG MG MD . 1.64 8.71 7.48
MG MG ND . -1.85 -21.74 8.41
MG MG OD . 14.74 47.39 10.45
MG MG PD . 19.89 -15.27 -13.50
MG MG QD . 25.78 -11.52 -11.50
MG MG RD . -13.02 24.89 47.72
MG MG SD . 41.65 -42.23 -21.94
MG MG TD . 30.02 5.61 11.94
MG MG UD . 33.44 1.50 57.32
MG MG VD . 31.36 -23.30 -29.39
MG MG WD . 23.44 -49.70 6.63
MG MG XD . -13.53 98.81 -60.53
MG MG YD . 49.04 -54.18 12.86
MG MG ZD . 42.92 -29.30 -9.58
MG MG AE . 13.45 18.84 29.50
MG MG BE . 39.14 -65.18 21.61
MG MG CE . 49.42 -30.79 -26.42
MG MG DE . -7.89 90.69 5.02
MG MG EE . 1.94 -65.55 -2.83
MG MG FE . 34.76 -49.39 -3.77
MG MG GE . 48.02 -47.09 25.56
MG MG HE . 23.91 14.94 33.29
MG MG IE . 17.10 76.99 -12.83
MG MG JE . -18.94 9.47 17.14
MG MG KE . 42.78 -32.36 10.35
MG MG LE . -9.68 -21.13 10.91
MG MG ME . 29.95 -15.16 -11.93
MG MG NE . -10.49 41.23 -25.23
MG MG OE . 6.81 117.98 -31.31
MG MG PE . 37.53 -49.37 -12.46
MG MG QE . 21.34 89.39 8.82
MG MG RE . 3.71 10.07 20.98
MG MG SE . 2.91 -30.09 3.34
MG MG TE . -32.33 62.99 -8.07
MG MG UE . 3.75 -41.49 0.69
MG MG VE . 54.51 -51.51 16.72
MG MG WE . -0.15 4.08 29.34
MG MG XE . -12.51 70.48 -13.71
MG MG YE . 21.14 -29.37 13.95
MG MG ZE . 9.47 78.52 -14.94
MG MG AF . -28.45 36.72 -25.81
MG MG BF . 1.60 35.58 13.89
MG MG CF . -9.86 27.17 49.42
MG MG DF . 16.25 10.09 23.94
MG MG EF . 21.03 3.03 24.59
MG MG FF . 13.21 59.48 -38.38
MG MG GF . 16.45 81.86 -41.16
MG MG HF . 29.70 1.31 -29.21
MG MG IF . 18.94 10.73 -31.13
MG MG JF . 8.39 79.09 11.01
MG MG KF . 9.43 109.22 -1.26
MG MG LF . 12.38 72.89 -2.97
MG MG MF . -6.75 70.04 -59.90
MG MG NF . 12.82 119.65 -29.15
MG MG OF . 22.86 113.18 -23.89
MG MG PF . 24.70 109.64 -25.77
MG MG QF . 12.14 -71.99 -12.71
MG MG RF . 19.91 -73.52 -11.99
MG MG SF . 34.20 4.71 61.74
MG MG TF . 14.11 74.34 -11.43
MG MG UF . 4.85 -8.33 12.49
MG MG VF . -8.86 -9.73 6.57
MG MG WF . -0.90 -12.75 3.96
MG MG XF . 19.13 -17.79 -17.11
MG MG YF . -25.76 35.54 -23.48
MG MG ZF . -21.47 112.64 -11.89
MG MG AG . 11.73 94.22 -33.51
MG MG BG . -14.47 29.31 11.61
MG MG CG . 5.80 33.99 -24.84
MG MG DG . 49.74 -39.63 -5.52
MG MG EG . 17.06 17.16 -41.59
MG MG FG . -23.47 24.92 16.06
MG MG GG . 9.97 19.69 7.32
MG MG HG . 28.34 -26.53 0.27
MG MG IG . -5.56 -23.55 9.53
MG MG JG . 57.79 -19.09 -0.61
MG MG KG . 18.49 86.93 9.18
MG MG LG . 24.95 88.53 -21.06
MG MG MG . 11.86 -17.09 15.31
MG MG NG . 33.34 -71.09 -6.67
MG MG OG . 41.57 -22.32 -9.20
MG MG PG . -17.74 22.46 33.61
MG MG QG . 31.81 -4.14 55.63
MG MG RG . 55.42 -39.16 21.08
MG MG SG . 29.53 -33.96 -0.78
MG MG TG . 20.50 -8.06 48.78
MG MG UG . 2.00 93.07 -25.78
MG MG VG . 66.21 -39.91 -38.75
MG MG WG . 13.44 31.00 24.58
MG MG XG . 0.34 90.48 -13.50
MG MG YG . 29.07 -1.02 24.31
MG MG ZG . 33.91 -15.53 -38.58
MG MG AH . 3.55 34.01 -14.76
MG MG BH . 12.48 -80.07 2.04
MG MG CH . 18.33 105.06 -47.08
MG MG DH . 51.41 -72.39 -4.85
MG MG EH . -15.22 58.41 -28.15
MG MG FH . -6.19 52.15 -15.02
MG MG GH . -36.63 12.87 40.89
MG MG HH . -42.55 54.72 6.38
MG MG IH . -45.31 42.28 30.64
MG MG JH . -15.92 -18.76 4.03
MG MG KH . 18.31 -69.25 -19.10
MG MG LH . 13.78 -72.31 -14.72
MG MG MH . 17.41 -70.75 -16.26
MG MG NH . -8.90 92.09 -0.98
MG MG OH . -8.31 7.39 42.88
MG MG PH . 20.63 41.50 -38.28
MG MG QH . 12.42 -35.86 11.00
MG MG RH . -8.53 91.94 18.38
MG MG SH . 35.32 129.91 -60.17
MG MG TH . 1.86 60.73 -37.78
MG MG UH . 15.22 -51.11 0.12
MG MG VH . 2.18 -44.06 3.72
MG MG WH . 2.61 -44.85 0.39
C6 EUS XH . 28.26 10.30 8.93
O1 EUS XH . 29.69 10.45 6.65
C11 EUS XH . 29.43 17.47 3.12
C12 EUS XH . 28.87 13.50 6.43
C13 EUS XH . 27.98 15.51 8.92
C21 EUS XH . 28.53 17.89 2.00
C22 EUS XH . 30.03 13.31 5.50
C23 EUS XH . 26.84 15.16 9.82
C31 EUS XH . 28.86 17.01 0.81
C32 EUS XH . 29.75 14.05 4.20
C33 EUS XH . 25.59 15.92 9.36
C41 EUS XH . 30.23 17.02 0.56
C42 EUS XH . 29.62 15.51 4.50
C43 EUS XH . 25.87 17.38 9.42
C51 EUS XH . 31.15 17.35 1.55
C52 EUS XH . 28.50 15.73 5.51
C53 EUS XH . 27.04 17.68 8.52
C61 EUS XH . 32.52 17.35 1.28
C62 EUS XH . 28.76 14.94 6.77
C83 EUS XH . 24.64 18.13 8.92
C93 EUS XH . 23.56 14.70 9.46
N12 EUS XH . 28.98 12.72 7.68
N21 EUS XH . 27.13 17.70 2.39
N32 EUS XH . 30.78 13.81 3.17
N33 EUS XH . 24.42 15.63 10.18
N61 EUS XH . 33.09 16.02 1.59
O11 EUS XH . 29.23 16.08 3.26
O2 EUS XH . 27.28 11.15 6.55
O23 EUS XH . 26.64 13.75 9.69
O43 EUS XH . 26.13 17.78 10.80
O51 EUS XH . 30.81 17.73 2.82
O52 EUS XH . 28.35 17.13 5.85
O53 EUS XH . 28.19 16.95 8.94
O62 EUS XH . 27.64 15.08 7.62
S EUS XH . 28.56 11.16 7.40
MG MG YH . 10.42 12.67 -8.23
MG MG ZH . -2.84 90.43 -41.00
MG MG AI . -5.65 92.75 -36.60
MG MG BI . -15.39 96.43 -32.02
MG MG CI . -22.97 89.97 -30.76
MG MG DI . -14.26 80.36 -18.76
MG MG EI . 8.55 113.15 -59.67
MG MG FI . -43.09 36.74 43.25
MG MG GI . -2.60 5.69 46.53
MG MG HI . 24.48 9.31 54.60
MG MG II . 22.62 -9.95 22.96
MG MG JI . 15.55 17.77 20.29
MG MG KI . 7.29 17.66 17.73
MG MG LI . 10.91 28.34 10.69
MG MG MI . 12.66 25.16 12.34
MG MG NI . -16.65 44.22 -8.50
MG MG OI . -26.70 56.68 -22.32
MG MG PI . -20.14 17.73 -2.14
MG MG QI . 1.64 62.15 -24.48
MG MG RI . -2.97 54.79 -29.25
MG MG SI . 22.41 100.50 -29.92
MG MG TI . -33.31 21.84 18.67
MG MG UI . 7.21 49.41 -3.98
MG MG VI . 13.01 61.49 -4.48
MG MG WI . 9.64 62.13 -1.04
MG MG XI . 3.49 68.22 -1.00
MG MG YI . 0.38 68.80 10.37
MG MG ZI . 9.66 70.16 12.49
MG MG AJ . 8.70 72.13 10.75
MG MG BJ . 10.92 74.73 11.33
MG MG CJ . -1.19 0.37 30.85
MG MG DJ . 2.14 40.08 8.46
MG MG EJ . 25.20 20.23 57.25
MG MG FJ . 3.49 11.76 0.30
MG MG GJ . -4.53 48.49 -11.95
MG MG HJ . -43.53 66.86 6.66
MG MG IJ . -21.50 37.56 27.95
MG MG JJ . -26.86 27.07 20.44
MG MG KJ . -30.03 32.92 32.90
MG MG LJ . -3.45 51.86 -12.17
MG MG MJ . 1.92 53.36 -13.17
MG MG NJ . -7.47 65.71 -3.50
MG MG OJ . 2.78 83.09 -7.10
MG MG PJ . 6.89 78.22 -17.04
MG MG QJ . 59.23 -16.75 0.36
MG MG RJ . 34.83 -17.46 -17.70
MG MG SJ . -11.61 15.01 35.63
MG MG TJ . -6.84 9.94 44.66
MG MG UJ . 21.43 -28.98 -28.05
MG MG VJ . 10.88 22.59 9.82
MG MG WJ . -6.68 114.76 -47.99
MG MG XJ . -5.89 110.95 -44.24
MG MG YJ . -0.86 112.72 -48.08
MG MG ZJ . -7.37 71.21 -15.96
MG MG AK . 0.08 74.21 -22.91
MG MG BK . -34.89 34.41 34.27
MG MG CK . 27.94 60.44 -14.07
MG MG DK . 27.30 53.36 -15.30
MG MG EK . 6.08 21.39 42.01
MG MG FK . 20.87 -6.92 21.04
MG MG GK . 1.11 10.55 30.70
MG MG HK . -3.10 21.95 30.02
MG MG IK . 15.29 14.52 18.17
MG MG JK . 12.05 22.48 14.68
MG MG KK . 13.17 24.75 17.38
MG MG LK . 16.10 25.61 19.43
MG MG MK . 16.27 24.06 15.49
MG MG NK . -27.06 52.21 -11.05
MG MG OK . -12.54 54.45 -0.75
MG MG PK . -8.52 52.42 0.65
MG MG QK . -5.80 52.91 -0.42
MG MG RK . 14.83 20.39 8.85
MG MG SK . 13.69 19.88 5.86
MG MG TK . 17.34 17.99 6.92
MG MG UK . 18.40 22.87 10.84
MG MG VK . 18.79 26.19 13.04
MG MG WK . 12.13 19.99 11.55
MG MG XK . 9.22 32.44 5.06
MG MG YK . 23.35 34.12 31.87
MG MG ZK . 16.88 34.45 22.00
MG MG AL . -9.81 49.75 31.77
MG MG BL . -23.99 1.27 21.53
MG MG CL . -23.24 -1.88 17.57
MG MG DL . -19.63 -0.63 17.73
MG MG EL . -14.09 -6.17 20.70
MG MG FL . -16.81 -1.59 26.42
MG MG GL . -13.39 -0.69 26.09
MG MG HL . -11.70 0.44 19.10
MG MG IL . -12.04 -3.08 20.04
MG MG JL . -12.94 -4.90 17.08
MG MG KL . -15.87 4.75 7.93
MG MG LL . -16.17 8.21 3.85
MG MG ML . 1.51 8.46 -10.55
MG MG NL . 0.72 9.92 -13.46
MG MG OL . 8.55 18.84 12.57
MG MG PL . 14.11 -11.95 14.72
MG MG QL . 13.75 -10.90 4.67
MG MG RL . 4.63 19.56 9.69
MG MG SL . 5.08 19.38 13.79
MG MG TL . 7.62 63.87 -30.05
MG MG UL . 37.46 17.96 22.66
MG MG VL . 36.89 16.70 25.51
MG MG WL . 36.15 12.41 19.23
MG MG XL . 35.23 2.81 12.04
MG MG YL . 31.58 -12.71 1.82
MG MG ZL . 31.97 -14.84 5.05
MG MG AM . -6.17 117.74 -11.13
MG MG BM . -20.69 103.47 5.50
MG MG CM . 22.98 4.52 53.64
MG MG DM . 9.27 6.41 66.87
MG MG EM . -23.18 32.05 -9.61
MG MG FM . -32.30 46.03 -29.60
MG MG GM . -7.99 26.44 52.58
MG MG HM . 3.70 39.57 -72.20
MG MG IM . 14.32 21.11 25.79
MG MG JM . 17.17 18.69 25.75
MG MG KM . 37.28 -47.86 -5.87
MG MG LM . 16.57 -31.21 -4.49
MG MG MM . 16.89 -28.47 0.96
MG MG NM . -4.07 2.16 35.93
MG MG OM . -24.35 35.57 -33.26
MG MG PM . -27.22 38.16 -28.37
MG MG QM . 21.36 83.96 -25.92
MG MG RM . 13.33 72.95 -7.22
MG MG SM . 15.01 30.11 -17.86
MG MG TM . 10.88 15.41 12.33
MG MG UM . 21.79 30.63 28.50
MG MG VM . -1.06 27.44 19.39
MG MG WM . -22.56 37.54 -4.22
MG MG XM . -11.18 60.96 7.07
MG MG YM . -37.83 -7.66 14.89
MG MG ZM . -25.33 -5.60 18.05
MG MG AN . 5.44 -8.11 -28.21
MG MG BN . -1.76 -35.68 -17.06
MG MG CN . 6.38 -3.93 -20.18
MG MG DN . 2.00 -6.48 -18.56
MG MG EN . -0.14 -4.86 -23.87
ZN ZN FN . -2.07 14.04 -55.32
MG MG GN . -25.33 30.34 -53.31
MG MG HN . -18.71 33.81 -34.84
MG MG IN . -24.86 42.50 -29.74
MG MG JN . -8.47 31.87 -27.12
MG MG KN . -13.98 22.30 -59.51
MG MG LN . -33.16 14.01 -18.14
MG MG MN . 0.81 1.21 -19.41
MG MG NN . -16.59 11.27 -2.14
MG MG ON . -18.77 5.89 -7.70
MG MG PN . -5.94 22.59 74.79
MG MG QN . 22.56 -12.11 25.95
MG MG RN . 22.39 -16.25 29.57
MG MG SN . 25.46 -19.90 32.73
MG MG TN . 24.64 -20.11 37.09
MG MG UN . -41.43 47.79 -19.67
MG MG VN . -30.04 9.75 -8.13
MG MG WN . -26.74 36.36 -15.23
MG MG XN . -25.34 39.49 -10.08
MG MG YN . -34.10 45.07 -26.17
MG MG ZN . -37.03 45.15 -23.66
MG MG AO . -38.23 35.87 -28.27
MG MG BO . -29.05 28.84 -24.44
MG MG CO . 29.26 -34.61 -7.30
MG MG DO . 3.83 7.61 40.72
MG MG EO . 3.65 3.45 42.05
MG MG FO . 4.36 -0.79 42.86
MG MG GO . 10.09 1.78 49.97
MG MG HO . 6.61 2.39 40.42
MG MG IO . 3.19 2.25 45.59
MG MG JO . 3.21 12.96 47.17
MG MG KO . 2.34 8.89 47.91
MG MG LO . -0.37 5.47 49.67
MG MG MO . 5.81 16.86 45.48
MG MG NO . -3.07 45.34 1.92
MG MG OO . 27.92 50.39 -11.94
MG MG PO . 16.46 46.98 -10.22
MG MG QO . 25.60 48.20 -7.75
ZN ZN RO . 26.37 -34.12 -24.59
MG MG SO . 27.66 -32.63 -32.92
MG MG TO . -3.60 77.04 -25.84
MG MG UO . -23.33 85.17 -43.92
MG MG VO . -31.79 87.78 -54.04
MG MG WO . -20.07 67.53 -40.14
MG MG XO . -22.39 70.73 -48.04
MG MG YO . -19.55 68.65 -54.21
MG MG ZO . -17.48 80.10 18.77
MG MG AP . -10.97 48.64 -6.77
MG MG BP . -33.08 76.69 3.14
MG MG CP . -34.25 76.53 -0.27
MG MG DP . -25.77 82.89 4.97
MG MG EP . -13.36 51.01 8.19
MG MG FP . -18.70 59.52 14.29
MG MG GP . -25.53 63.06 10.14
MG MG HP . 23.97 87.84 -27.83
MG MG IP . 10.57 3.63 -9.20
MG MG JP . 31.79 0.43 4.81
#